data_8TL4
#
_entry.id   8TL4
#
_cell.length_a   1.00
_cell.length_b   1.00
_cell.length_c   1.00
_cell.angle_alpha   90.00
_cell.angle_beta   90.00
_cell.angle_gamma   90.00
#
_symmetry.space_group_name_H-M   'P 1'
#
loop_
_entity.id
_entity.type
_entity.pdbx_description
1 polymer 'BG505 DS-SOSIP Surface protein gp120'
2 polymer 'BG505 DS-SOSIP Transmembrane protein gp41'
3 polymer 'DJ85-e.01 FAB HEAVY CHAIN'
4 polymer 'DJ85-e.01 FAB LIGHT CHAIN'
5 branched 2-acetamido-2-deoxy-beta-D-glucopyranose-(1-4)-2-acetamido-2-deoxy-beta-D-glucopyranose
6 branched alpha-D-mannopyranose-(1-2)-alpha-D-mannopyranose-(1-3)-beta-D-mannopyranose-(1-4)-2-acetamido-2-deoxy-beta-D-glucopyranose-(1-4)-2-acetamido-2-deoxy-beta-D-glucopyranose
7 non-polymer 2-acetamido-2-deoxy-beta-D-glucopyranose
#
loop_
_entity_poly.entity_id
_entity_poly.type
_entity_poly.pdbx_seq_one_letter_code
_entity_poly.pdbx_strand_id
1 'polypeptide(L)'
;AENLWVTVYYGVPVWKDAETTLFCASDAKAYETEKHNVWATHACVPTDPNPQEIHLENVTEEFNMWKNNMVEQMHTDIIS
LWDQSLKPCVKLTPLCVTLQCTNVTNNITDDMRGELKNCSFNMTTELRDKKQKVYSLFYRLDVVQINENQGNRSNNSNKE
YRLINCNTSACTQACPKVSFEPIPIHYCAPAGFAILKCKDKKFNGTGPCPSVSTVQCTHGIKPVVSTQLLLNGSLAEEEV
MIRSENITNNAKNILVQFNTPVQINCTRPNNNTRKSIRIGPGQAFYATGDIIGDIRQAHCNVSKATWNETLGKVVKQLRK
HFGNNTIIRFANSSGGDLEVTTHSFNCGGEFFYCNTSGLFNSTWISNTSVQGSNSTGSNDSITLPCRIKQIINMWQRIGQ
CMYAPPIQGVIRCVSNITGLILTRDGGSTNSTTETFRPGGGDMRDNWRSELYKYKVVKIEPLGVAPTRCKRRVVGRRRRR
R
;
A,C,E
2 'polypeptide(L)'
;AVGIGAVFLGFLGAAGSTMGAASMTLTVQARNLLSGIVQQQSNLLRAPEAQQHLLKLTVWGIKQLQARVLAVERYLRDQQ
LLGIWGCSGKLICCTNVPWNSSWSNRNLSEIWDNMTWLQWDKEISNYTQIIYGLLEESQNQQEKNEQDLLALD
;
B,D,F
3 'polypeptide(L)'
;QVWLRESGPGLVKSSETLSLTCAVSGASVGGNYYWNWIRQFPGKGLEWMGNVHGGSGNTEYNPSLKGRLTISRDTSRGHF
LLHLDSVTAADTAVYYCSTQYWRHTGYDSSFFDSWGQGALVTVSSASTKGPSVFPLAPSSRSTSESTAALGCLVKDYFPE
PVTVSWNSGSLTSGVHTFPAVLQSSGLYSLSSVVTVPSSSLGTQTYVCNVNHKPSNTKVDKRVEIKTCGGLEVLFQ
;
G,I,K
4 'polypeptide(L)'
;DVQMTQSPSSLSASVGDRVSITCRASEDITTDLEWYQQKPGKAPNLLIYDVSSLQSGVPSRFSGSRSGTEFTLTINSLQP
EDFATYFCLQYNSYPWTFGQGTKVDIKRTVAAPSVFIFPPSEDQVKSGTVSVVCLLNNFYPREASVKWKVDGALKTGNSQ
ESVTEQDSKDNTYSLSSTLTLSSTEYQSHKVYACEVTHQGLSSPVTKSFNRGEC
;
H,J,L
#
loop_
_chem_comp.id
_chem_comp.type
_chem_comp.name
_chem_comp.formula
BMA D-saccharide, beta linking beta-D-mannopyranose 'C6 H12 O6'
MAN D-saccharide, alpha linking alpha-D-mannopyranose 'C6 H12 O6'
NAG D-saccharide, beta linking 2-acetamido-2-deoxy-beta-D-glucopyranose 'C8 H15 N O6'
#
# COMPACT_ATOMS: atom_id res chain seq x y z
N ALA A 1 3.49 13.88 46.36
CA ALA A 1 4.55 13.02 46.88
C ALA A 1 5.10 12.13 45.77
N GLU A 2 4.23 11.27 45.22
CA GLU A 2 4.65 10.36 44.16
C GLU A 2 5.10 11.14 42.92
N ASN A 3 4.32 12.16 42.53
CA ASN A 3 4.58 13.02 41.38
C ASN A 3 5.05 12.23 40.16
N LEU A 4 4.21 11.29 39.74
CA LEU A 4 4.48 10.44 38.60
C LEU A 4 3.59 10.84 37.42
N TRP A 5 4.13 10.66 36.22
CA TRP A 5 3.48 11.11 34.98
C TRP A 5 3.63 10.02 33.94
N VAL A 6 2.76 10.08 32.92
CA VAL A 6 2.74 9.06 31.88
C VAL A 6 3.89 9.30 30.92
N THR A 7 4.50 8.20 30.46
CA THR A 7 5.58 8.24 29.48
C THR A 7 5.37 7.14 28.46
N VAL A 8 5.65 7.48 27.20
CA VAL A 8 5.39 6.60 26.06
C VAL A 8 6.71 6.00 25.59
N TYR A 9 6.73 4.68 25.46
CA TYR A 9 7.87 3.95 24.92
C TYR A 9 7.46 3.25 23.64
N TYR A 10 8.26 3.41 22.59
CA TYR A 10 8.04 2.78 21.30
C TYR A 10 9.15 1.76 21.06
N GLY A 11 8.75 0.55 20.68
CA GLY A 11 9.67 -0.55 20.51
C GLY A 11 9.65 -1.58 21.63
N VAL A 12 8.62 -1.59 22.47
CA VAL A 12 8.57 -2.51 23.62
C VAL A 12 8.47 -3.94 23.11
N PRO A 13 9.19 -4.92 23.70
CA PRO A 13 9.03 -6.32 23.25
C PRO A 13 7.82 -7.01 23.89
N VAL A 14 6.65 -6.79 23.30
CA VAL A 14 5.40 -7.41 23.73
C VAL A 14 4.67 -7.93 22.51
N TRP A 15 4.07 -9.11 22.65
CA TRP A 15 3.37 -9.76 21.55
C TRP A 15 2.03 -10.27 22.04
N LYS A 16 1.14 -10.52 21.08
CA LYS A 16 -0.19 -11.06 21.34
C LYS A 16 -0.52 -12.12 20.29
N ASP A 17 -1.35 -13.08 20.70
CA ASP A 17 -1.78 -14.11 19.77
C ASP A 17 -2.62 -13.49 18.65
N ALA A 18 -2.40 -13.95 17.42
CA ALA A 18 -3.08 -13.40 16.27
C ALA A 18 -3.08 -14.42 15.14
N GLU A 19 -3.99 -14.20 14.19
CA GLU A 19 -4.11 -15.03 13.00
C GLU A 19 -3.78 -14.17 11.78
N THR A 20 -2.88 -14.67 10.92
CA THR A 20 -2.45 -13.96 9.74
C THR A 20 -2.32 -14.96 8.59
N THR A 21 -1.72 -14.52 7.50
CA THR A 21 -1.53 -15.33 6.29
C THR A 21 -0.03 -15.46 6.02
N LEU A 22 0.53 -16.60 6.40
CA LEU A 22 1.94 -16.87 6.11
C LEU A 22 2.12 -17.21 4.63
N PHE A 23 3.32 -16.97 4.13
CA PHE A 23 3.65 -17.22 2.73
C PHE A 23 4.74 -18.28 2.62
N CYS A 24 4.98 -18.71 1.39
CA CYS A 24 5.85 -19.84 1.10
C CYS A 24 7.30 -19.39 0.87
N ALA A 25 8.22 -20.31 1.15
CA ALA A 25 9.63 -20.10 0.86
C ALA A 25 10.25 -21.48 0.65
N SER A 26 11.05 -21.62 -0.41
CA SER A 26 11.66 -22.90 -0.75
C SER A 26 13.04 -22.66 -1.36
N ASP A 27 13.90 -23.66 -1.24
CA ASP A 27 15.26 -23.57 -1.76
C ASP A 27 15.25 -23.51 -3.29
N HIS A 36 9.29 -29.74 -12.91
CA HIS A 36 7.84 -29.63 -12.79
C HIS A 36 7.31 -30.56 -11.70
N ASN A 37 6.52 -30.00 -10.79
CA ASN A 37 5.92 -30.77 -9.71
C ASN A 37 4.61 -30.13 -9.30
N VAL A 38 3.80 -30.91 -8.58
CA VAL A 38 2.48 -30.42 -8.19
C VAL A 38 2.60 -29.29 -7.18
N TRP A 39 3.57 -29.39 -6.27
CA TRP A 39 3.77 -28.39 -5.22
C TRP A 39 4.72 -27.34 -5.78
N ALA A 40 4.13 -26.38 -6.51
CA ALA A 40 4.90 -25.40 -7.27
C ALA A 40 5.82 -24.57 -6.39
N THR A 41 7.13 -24.76 -6.53
CA THR A 41 8.13 -23.94 -5.86
C THR A 41 8.60 -22.77 -6.72
N HIS A 42 8.08 -22.64 -7.95
CA HIS A 42 8.49 -21.54 -8.82
C HIS A 42 8.05 -20.20 -8.23
N ALA A 43 6.84 -20.15 -7.68
CA ALA A 43 6.28 -18.92 -7.12
C ALA A 43 6.53 -18.79 -5.63
N CYS A 44 7.60 -19.40 -5.13
CA CYS A 44 7.98 -19.35 -3.71
C CYS A 44 9.29 -18.58 -3.57
N VAL A 45 9.35 -17.71 -2.58
CA VAL A 45 10.55 -16.88 -2.40
C VAL A 45 11.74 -17.77 -2.08
N PRO A 46 12.94 -17.51 -2.62
CA PRO A 46 14.10 -18.31 -2.21
C PRO A 46 14.36 -18.19 -0.71
N THR A 47 14.77 -19.31 -0.11
CA THR A 47 15.07 -19.33 1.31
C THR A 47 16.50 -18.86 1.56
N ASP A 48 16.70 -18.19 2.68
CA ASP A 48 18.03 -17.69 3.02
C ASP A 48 18.95 -18.88 3.32
N PRO A 49 20.23 -18.80 2.94
CA PRO A 49 21.12 -19.94 3.19
C PRO A 49 21.32 -20.25 4.67
N ASN A 50 21.30 -19.22 5.52
CA ASN A 50 21.59 -19.35 6.95
C ASN A 50 20.42 -18.76 7.73
N PRO A 51 19.39 -19.54 8.05
CA PRO A 51 18.26 -18.99 8.82
C PRO A 51 18.70 -18.55 10.21
N GLN A 52 18.03 -17.51 10.71
CA GLN A 52 18.36 -16.92 12.00
C GLN A 52 17.32 -17.33 13.03
N GLU A 53 17.80 -17.85 14.17
CA GLU A 53 16.94 -18.25 15.28
C GLU A 53 17.45 -17.56 16.54
N ILE A 54 16.56 -16.91 17.27
CA ILE A 54 16.91 -16.14 18.47
C ILE A 54 16.23 -16.81 19.65
N HIS A 55 17.01 -17.44 20.52
CA HIS A 55 16.46 -18.06 21.72
C HIS A 55 16.08 -16.97 22.72
N LEU A 56 14.94 -17.16 23.39
CA LEU A 56 14.44 -16.21 24.38
C LEU A 56 14.72 -16.78 25.77
N GLU A 57 15.50 -16.04 26.56
CA GLU A 57 15.91 -16.49 27.88
C GLU A 57 14.85 -16.11 28.92
N ASN A 58 14.47 -17.08 29.75
CA ASN A 58 13.47 -16.88 30.80
C ASN A 58 12.13 -16.42 30.22
N VAL A 59 11.66 -17.11 29.19
CA VAL A 59 10.36 -16.86 28.57
C VAL A 59 9.62 -18.18 28.46
N THR A 60 8.48 -18.28 29.12
CA THR A 60 7.61 -19.44 29.07
C THR A 60 6.33 -19.06 28.36
N GLU A 61 6.01 -19.77 27.28
CA GLU A 61 4.83 -19.48 26.46
C GLU A 61 3.77 -20.54 26.67
N GLU A 62 2.58 -20.29 26.14
CA GLU A 62 1.47 -21.22 26.16
C GLU A 62 1.28 -21.78 24.76
N PHE A 63 1.23 -23.10 24.64
CA PHE A 63 1.11 -23.76 23.35
C PHE A 63 -0.06 -24.72 23.34
N ASN A 64 -0.65 -24.91 22.15
CA ASN A 64 -1.78 -25.82 21.98
C ASN A 64 -1.81 -26.23 20.51
N MET A 65 -1.52 -27.51 20.25
CA MET A 65 -1.45 -28.00 18.87
C MET A 65 -2.81 -28.35 18.29
N TRP A 66 -3.84 -28.47 19.12
CA TRP A 66 -5.16 -28.91 18.65
C TRP A 66 -6.06 -27.74 18.24
N LYS A 67 -5.57 -26.51 18.30
CA LYS A 67 -6.32 -25.34 17.83
C LYS A 67 -5.40 -24.42 17.04
N ASN A 68 -4.50 -25.01 16.26
CA ASN A 68 -3.55 -24.25 15.45
C ASN A 68 -4.18 -23.89 14.11
N ASN A 69 -4.11 -22.61 13.76
CA ASN A 69 -4.62 -22.11 12.49
C ASN A 69 -3.68 -22.38 11.32
N MET A 70 -2.42 -22.73 11.60
CA MET A 70 -1.48 -23.04 10.52
C MET A 70 -1.89 -24.30 9.77
N VAL A 71 -2.48 -25.27 10.47
CA VAL A 71 -2.88 -26.52 9.82
C VAL A 71 -3.96 -26.26 8.77
N GLU A 72 -4.95 -25.43 9.10
CA GLU A 72 -6.00 -25.12 8.14
C GLU A 72 -5.44 -24.40 6.93
N GLN A 73 -4.53 -23.44 7.15
CA GLN A 73 -3.93 -22.73 6.03
C GLN A 73 -3.13 -23.67 5.15
N MET A 74 -2.36 -24.58 5.76
CA MET A 74 -1.59 -25.54 4.97
C MET A 74 -2.50 -26.44 4.16
N HIS A 75 -3.60 -26.91 4.77
CA HIS A 75 -4.54 -27.77 4.06
C HIS A 75 -5.15 -27.02 2.86
N THR A 76 -5.57 -25.78 3.08
CA THR A 76 -6.16 -25.00 2.00
C THR A 76 -5.16 -24.75 0.89
N ASP A 77 -3.92 -24.41 1.24
CA ASP A 77 -2.89 -24.17 0.23
C ASP A 77 -2.59 -25.43 -0.57
N ILE A 78 -2.51 -26.58 0.11
CA ILE A 78 -2.23 -27.83 -0.58
C ILE A 78 -3.36 -28.15 -1.56
N ILE A 79 -4.60 -28.00 -1.12
CA ILE A 79 -5.73 -28.28 -2.00
C ILE A 79 -5.73 -27.32 -3.18
N SER A 80 -5.46 -26.04 -2.94
CA SER A 80 -5.44 -25.06 -4.01
C SER A 80 -4.35 -25.37 -5.03
N LEU A 81 -3.15 -25.74 -4.56
CA LEU A 81 -2.08 -26.09 -5.48
C LEU A 81 -2.42 -27.34 -6.28
N TRP A 82 -3.02 -28.34 -5.63
CA TRP A 82 -3.41 -29.56 -6.34
C TRP A 82 -4.44 -29.24 -7.43
N ASP A 83 -5.42 -28.40 -7.12
CA ASP A 83 -6.42 -28.01 -8.11
C ASP A 83 -5.78 -27.22 -9.25
N GLN A 84 -4.85 -26.32 -8.91
CA GLN A 84 -4.19 -25.51 -9.94
C GLN A 84 -3.39 -26.37 -10.90
N SER A 85 -2.66 -27.36 -10.38
CA SER A 85 -1.78 -28.16 -11.22
C SER A 85 -2.52 -28.96 -12.27
N LEU A 86 -3.80 -29.28 -12.04
CA LEU A 86 -4.56 -30.13 -12.95
C LEU A 86 -5.33 -29.33 -14.00
N LYS A 87 -5.28 -28.00 -13.97
CA LYS A 87 -6.06 -27.21 -14.93
C LYS A 87 -5.62 -27.45 -16.36
N PRO A 88 -4.33 -27.32 -16.72
CA PRO A 88 -3.93 -27.56 -18.12
C PRO A 88 -3.57 -29.03 -18.40
N CYS A 89 -4.60 -29.88 -18.45
CA CYS A 89 -4.40 -31.29 -18.72
C CYS A 89 -5.62 -31.82 -19.45
N VAL A 90 -5.45 -33.01 -20.06
CA VAL A 90 -6.50 -33.57 -20.91
C VAL A 90 -7.70 -33.97 -20.06
N LYS A 91 -8.89 -33.70 -20.60
CA LYS A 91 -10.15 -34.11 -20.00
C LYS A 91 -10.63 -35.36 -20.72
N LEU A 92 -10.87 -36.44 -19.96
CA LEU A 92 -11.26 -37.72 -20.54
C LEU A 92 -12.78 -37.86 -20.65
N THR A 93 -13.42 -36.85 -21.25
CA THR A 93 -14.85 -36.96 -21.54
C THR A 93 -15.18 -38.09 -22.52
N PRO A 94 -14.47 -38.25 -23.64
CA PRO A 94 -14.85 -39.33 -24.58
C PRO A 94 -14.71 -40.74 -24.00
N LEU A 95 -13.92 -40.91 -22.95
CA LEU A 95 -13.67 -42.25 -22.42
C LEU A 95 -14.90 -42.91 -21.82
N CYS A 96 -15.97 -42.16 -21.55
CA CYS A 96 -17.19 -42.73 -20.98
C CYS A 96 -17.98 -43.38 -22.11
N VAL A 97 -17.55 -44.59 -22.48
CA VAL A 97 -18.18 -45.39 -23.51
C VAL A 97 -18.26 -46.83 -23.01
N THR A 98 -19.26 -47.56 -23.50
CA THR A 98 -19.44 -48.94 -23.11
C THR A 98 -18.25 -49.77 -23.57
N LEU A 99 -17.73 -50.61 -22.68
CA LEU A 99 -16.59 -51.47 -22.95
C LEU A 99 -17.04 -52.92 -23.06
N GLN A 100 -16.22 -53.73 -23.73
CA GLN A 100 -16.41 -55.17 -23.80
C GLN A 100 -15.15 -55.83 -23.25
N CYS A 101 -15.28 -56.49 -22.10
CA CYS A 101 -14.14 -56.95 -21.33
C CYS A 101 -14.12 -58.47 -21.20
N THR A 102 -12.90 -59.01 -21.17
CA THR A 102 -12.65 -60.41 -20.91
C THR A 102 -11.60 -60.52 -19.81
N ASN A 103 -11.36 -61.76 -19.37
CA ASN A 103 -10.42 -62.01 -18.28
C ASN A 103 -9.01 -62.22 -18.83
N VAL A 104 -8.02 -61.71 -18.09
CA VAL A 104 -6.61 -61.94 -18.40
C VAL A 104 -6.16 -63.14 -17.59
N THR A 105 -5.85 -64.25 -18.28
CA THR A 105 -5.56 -65.52 -17.63
C THR A 105 -4.35 -66.19 -18.27
N ASN A 106 -3.28 -65.43 -18.48
CA ASN A 106 -2.00 -65.97 -18.93
C ASN A 106 -0.91 -65.62 -17.93
N ASN A 107 -0.11 -66.63 -17.58
CA ASN A 107 1.03 -66.48 -16.67
C ASN A 107 0.64 -65.76 -15.38
N ILE A 108 -0.54 -66.10 -14.85
CA ILE A 108 -1.05 -65.51 -13.62
C ILE A 108 -0.91 -66.52 -12.48
N THR A 109 -0.81 -65.99 -11.26
CA THR A 109 -0.74 -66.81 -10.06
C THR A 109 -2.15 -67.03 -9.50
N ASP A 110 -2.24 -67.62 -8.32
CA ASP A 110 -3.53 -67.98 -7.74
C ASP A 110 -4.20 -66.84 -6.98
N ASP A 111 -3.51 -65.72 -6.75
CA ASP A 111 -4.07 -64.59 -6.04
C ASP A 111 -4.42 -63.42 -6.96
N MET A 112 -3.72 -63.28 -8.07
CA MET A 112 -4.05 -62.27 -9.08
C MET A 112 -4.98 -62.86 -10.14
N ARG A 113 -6.09 -63.44 -9.68
CA ARG A 113 -7.09 -64.08 -10.55
C ARG A 113 -8.31 -63.17 -10.62
N GLY A 114 -8.61 -62.69 -11.82
CA GLY A 114 -9.73 -61.79 -12.02
C GLY A 114 -9.47 -60.35 -11.67
N GLU A 115 -8.25 -60.01 -11.24
CA GLU A 115 -7.92 -58.65 -10.85
C GLU A 115 -7.61 -57.75 -12.03
N LEU A 116 -7.52 -58.30 -13.24
CA LEU A 116 -7.24 -57.53 -14.45
C LEU A 116 -8.26 -57.89 -15.52
N LYS A 117 -8.64 -56.89 -16.31
CA LYS A 117 -9.63 -57.04 -17.37
C LYS A 117 -9.08 -56.48 -18.67
N ASN A 118 -9.26 -57.25 -19.74
CA ASN A 118 -8.85 -56.87 -21.09
C ASN A 118 -10.09 -56.33 -21.79
N CYS A 119 -10.16 -55.00 -21.94
CA CYS A 119 -11.37 -54.33 -22.40
C CYS A 119 -11.13 -53.67 -23.75
N SER A 120 -11.97 -53.99 -24.72
CA SER A 120 -11.96 -53.37 -26.04
C SER A 120 -13.15 -52.43 -26.17
N PHE A 121 -12.95 -51.37 -26.95
CA PHE A 121 -13.98 -50.35 -27.14
C PHE A 121 -13.68 -49.56 -28.41
N ASN A 122 -14.61 -48.66 -28.72
CA ASN A 122 -14.47 -47.74 -29.85
C ASN A 122 -14.03 -46.37 -29.31
N MET A 123 -13.24 -45.66 -30.10
CA MET A 123 -12.69 -44.37 -29.71
C MET A 123 -12.73 -43.41 -30.89
N THR A 124 -12.75 -42.12 -30.58
CA THR A 124 -12.72 -41.08 -31.59
C THR A 124 -11.30 -40.94 -32.15
N THR A 125 -11.15 -40.06 -33.14
CA THR A 125 -9.87 -39.80 -33.77
C THR A 125 -9.74 -38.30 -33.97
N GLU A 126 -8.63 -37.88 -34.58
CA GLU A 126 -8.41 -36.46 -34.82
C GLU A 126 -9.48 -35.88 -35.74
N LEU A 127 -9.87 -36.62 -36.79
CA LEU A 127 -10.97 -36.23 -37.65
C LEU A 127 -12.28 -36.57 -36.96
N ARG A 128 -13.24 -35.65 -37.01
CA ARG A 128 -14.49 -35.78 -36.26
C ARG A 128 -15.54 -36.63 -36.98
N ASP A 129 -15.18 -37.36 -38.03
CA ASP A 129 -16.09 -38.25 -38.73
C ASP A 129 -15.52 -39.64 -38.91
N LYS A 130 -14.50 -40.00 -38.12
CA LYS A 130 -13.86 -41.31 -38.20
C LYS A 130 -13.70 -41.87 -36.79
N LYS A 131 -13.77 -43.20 -36.69
CA LYS A 131 -13.67 -43.92 -35.43
C LYS A 131 -12.63 -45.03 -35.55
N GLN A 132 -12.07 -45.40 -34.40
CA GLN A 132 -11.09 -46.48 -34.31
C GLN A 132 -11.53 -47.47 -33.25
N LYS A 133 -10.99 -48.68 -33.33
CA LYS A 133 -11.24 -49.73 -32.34
C LYS A 133 -9.94 -49.98 -31.59
N VAL A 134 -9.98 -49.85 -30.27
CA VAL A 134 -8.79 -49.97 -29.43
C VAL A 134 -9.10 -50.88 -28.25
N TYR A 135 -8.05 -51.24 -27.52
CA TYR A 135 -8.18 -52.09 -26.35
C TYR A 135 -7.18 -51.64 -25.29
N SER A 136 -7.43 -52.06 -24.05
CA SER A 136 -6.63 -51.65 -22.91
C SER A 136 -6.78 -52.67 -21.80
N LEU A 137 -5.94 -52.53 -20.78
CA LEU A 137 -5.99 -53.34 -19.57
C LEU A 137 -6.41 -52.47 -18.41
N PHE A 138 -7.44 -52.90 -17.69
CA PHE A 138 -8.00 -52.16 -16.57
C PHE A 138 -7.98 -53.00 -15.30
N TYR A 139 -7.95 -52.33 -14.17
CA TYR A 139 -8.05 -53.02 -12.88
C TYR A 139 -9.52 -53.21 -12.52
N ARG A 140 -9.80 -54.31 -11.80
CA ARG A 140 -11.18 -54.64 -11.47
C ARG A 140 -11.85 -53.57 -10.61
N LEU A 141 -11.07 -52.80 -9.85
CA LEU A 141 -11.63 -51.74 -9.03
C LEU A 141 -12.07 -50.52 -9.84
N ASP A 142 -11.70 -50.44 -11.12
CA ASP A 142 -12.02 -49.28 -11.95
C ASP A 142 -13.23 -49.47 -12.84
N VAL A 143 -13.65 -50.72 -13.08
CA VAL A 143 -14.76 -51.02 -13.98
C VAL A 143 -15.90 -51.64 -13.19
N VAL A 144 -17.12 -51.41 -13.66
CA VAL A 144 -18.32 -51.97 -13.06
C VAL A 144 -19.21 -52.49 -14.18
N GLN A 145 -19.83 -53.65 -13.95
CA GLN A 145 -20.69 -54.26 -14.96
C GLN A 145 -21.94 -53.43 -15.17
N ILE A 146 -22.38 -53.36 -16.43
CA ILE A 146 -23.58 -52.62 -16.80
C ILE A 146 -24.66 -53.61 -17.23
N LYS A 159 -20.89 -59.22 -19.97
CA LYS A 159 -19.64 -59.00 -20.70
C LYS A 159 -19.45 -57.53 -21.08
N GLU A 160 -20.31 -56.64 -20.55
CA GLU A 160 -20.24 -55.21 -20.81
C GLU A 160 -19.95 -54.50 -19.50
N TYR A 161 -18.98 -53.58 -19.53
CA TYR A 161 -18.51 -52.86 -18.36
C TYR A 161 -18.41 -51.37 -18.69
N ARG A 162 -18.32 -50.56 -17.63
CA ARG A 162 -18.13 -49.12 -17.79
C ARG A 162 -17.31 -48.60 -16.61
N LEU A 163 -16.65 -47.48 -16.81
CA LEU A 163 -15.86 -46.88 -15.74
C LEU A 163 -16.77 -46.43 -14.60
N ILE A 164 -16.26 -46.56 -13.37
CA ILE A 164 -17.08 -46.35 -12.19
C ILE A 164 -17.57 -44.90 -12.11
N ASN A 165 -16.72 -43.95 -12.51
CA ASN A 165 -17.01 -42.54 -12.31
C ASN A 165 -17.95 -41.95 -13.36
N CYS A 166 -18.35 -42.72 -14.37
CA CYS A 166 -19.11 -42.16 -15.48
C CYS A 166 -20.47 -41.60 -15.05
N ASN A 167 -21.09 -42.18 -14.02
CA ASN A 167 -22.38 -41.71 -13.53
C ASN A 167 -22.24 -40.63 -12.47
N THR A 168 -21.01 -40.20 -12.16
CA THR A 168 -20.75 -39.12 -11.21
C THR A 168 -20.13 -37.90 -11.85
N SER A 169 -19.04 -38.07 -12.60
CA SER A 169 -18.34 -36.96 -13.24
C SER A 169 -17.29 -37.53 -14.18
N ALA A 170 -16.82 -36.68 -15.09
CA ALA A 170 -15.69 -36.98 -15.96
C ALA A 170 -14.52 -36.11 -15.54
N CYS A 171 -13.40 -36.74 -15.20
CA CYS A 171 -12.25 -36.06 -14.62
C CYS A 171 -11.08 -36.06 -15.58
N THR A 172 -10.08 -35.23 -15.27
CA THR A 172 -8.94 -35.06 -16.15
C THR A 172 -7.90 -36.15 -15.92
N GLN A 173 -7.08 -36.37 -16.94
CA GLN A 173 -5.92 -37.25 -16.84
C GLN A 173 -4.74 -36.44 -16.33
N ALA A 174 -4.03 -36.97 -15.34
CA ALA A 174 -2.86 -36.28 -14.81
C ALA A 174 -1.81 -36.15 -15.90
N CYS A 175 -1.27 -34.95 -16.04
CA CYS A 175 -0.25 -34.71 -17.06
C CYS A 175 0.99 -35.53 -16.75
N PRO A 176 1.60 -36.20 -17.73
CA PRO A 176 2.66 -37.16 -17.42
C PRO A 176 4.02 -36.54 -17.12
N LYS A 177 4.13 -35.21 -17.08
CA LYS A 177 5.39 -34.53 -16.81
C LYS A 177 5.49 -33.95 -15.41
N VAL A 178 4.35 -33.65 -14.77
CA VAL A 178 4.37 -33.16 -13.39
C VAL A 178 4.60 -34.33 -12.45
N SER A 179 5.49 -34.16 -11.49
CA SER A 179 5.88 -35.21 -10.55
C SER A 179 5.14 -35.03 -9.22
N PHE A 180 4.77 -36.16 -8.63
CA PHE A 180 4.06 -36.18 -7.35
C PHE A 180 5.00 -36.25 -6.16
N GLU A 181 6.32 -36.22 -6.37
CA GLU A 181 7.25 -36.34 -5.27
C GLU A 181 7.12 -35.12 -4.35
N PRO A 182 7.01 -35.29 -3.03
CA PRO A 182 6.92 -34.11 -2.17
C PRO A 182 8.23 -33.33 -2.14
N ILE A 183 8.11 -32.04 -1.90
CA ILE A 183 9.26 -31.14 -1.78
C ILE A 183 9.12 -30.39 -0.46
N PRO A 184 10.19 -30.13 0.29
CA PRO A 184 10.04 -29.37 1.53
C PRO A 184 9.53 -27.96 1.27
N ILE A 185 8.70 -27.48 2.20
CA ILE A 185 8.12 -26.13 2.13
C ILE A 185 8.36 -25.44 3.47
N HIS A 186 8.81 -24.18 3.39
CA HIS A 186 9.00 -23.34 4.58
C HIS A 186 7.89 -22.29 4.62
N TYR A 187 7.31 -22.10 5.80
CA TYR A 187 6.26 -21.10 6.00
C TYR A 187 6.86 -19.92 6.76
N CYS A 188 6.73 -18.73 6.18
CA CYS A 188 7.30 -17.51 6.73
C CYS A 188 6.20 -16.50 7.00
N ALA A 189 6.31 -15.81 8.14
CA ALA A 189 5.32 -14.83 8.58
C ALA A 189 5.65 -13.46 8.00
N PRO A 190 4.68 -12.54 7.97
CA PRO A 190 4.95 -11.20 7.44
C PRO A 190 5.73 -10.35 8.43
N ALA A 191 6.06 -9.13 7.99
CA ALA A 191 6.67 -8.15 8.87
C ALA A 191 5.66 -7.71 9.94
N GLY A 192 6.16 -7.45 11.14
CA GLY A 192 5.31 -7.15 12.27
C GLY A 192 4.79 -8.36 13.00
N PHE A 193 5.05 -9.56 12.50
CA PHE A 193 4.68 -10.82 13.13
C PHE A 193 5.93 -11.64 13.39
N ALA A 194 5.78 -12.65 14.25
CA ALA A 194 6.89 -13.53 14.60
C ALA A 194 6.36 -14.95 14.80
N ILE A 195 7.25 -15.91 14.63
CA ILE A 195 6.93 -17.32 14.82
C ILE A 195 7.74 -17.81 16.02
N LEU A 196 7.03 -18.29 17.03
CA LEU A 196 7.62 -18.83 18.25
C LEU A 196 7.64 -20.36 18.17
N LYS A 197 8.79 -20.93 18.50
CA LYS A 197 9.04 -22.36 18.42
C LYS A 197 9.43 -22.87 19.81
N CYS A 198 8.81 -23.98 20.21
CA CYS A 198 9.06 -24.58 21.53
C CYS A 198 10.19 -25.59 21.40
N LYS A 199 11.36 -25.26 21.95
CA LYS A 199 12.53 -26.13 21.89
C LYS A 199 12.56 -27.17 23.00
N ASP A 200 11.59 -27.14 23.91
CA ASP A 200 11.58 -28.06 25.04
C ASP A 200 11.20 -29.46 24.57
N LYS A 201 11.99 -30.45 24.96
CA LYS A 201 11.67 -31.83 24.65
C LYS A 201 10.57 -32.32 25.59
N LYS A 202 10.15 -33.58 25.40
CA LYS A 202 9.11 -34.23 26.20
C LYS A 202 7.85 -33.37 26.34
N PHE A 203 7.58 -32.55 25.33
CA PHE A 203 6.42 -31.67 25.30
C PHE A 203 5.31 -32.34 24.51
N ASN A 204 4.12 -32.45 25.10
CA ASN A 204 3.01 -33.17 24.50
C ASN A 204 2.05 -32.25 23.75
N GLY A 205 2.53 -31.09 23.30
CA GLY A 205 1.75 -30.22 22.44
C GLY A 205 0.67 -29.42 23.13
N THR A 206 0.66 -29.35 24.46
CA THR A 206 -0.34 -28.57 25.17
C THR A 206 0.24 -28.10 26.49
N GLY A 207 0.05 -26.81 26.80
CA GLY A 207 0.40 -26.26 28.08
C GLY A 207 1.57 -25.29 28.02
N PRO A 208 2.16 -25.00 29.18
CA PRO A 208 3.36 -24.15 29.21
C PRO A 208 4.55 -24.85 28.58
N CYS A 209 5.25 -24.11 27.72
CA CYS A 209 6.57 -24.50 27.23
C CYS A 209 7.59 -23.53 27.79
N PRO A 210 8.63 -23.99 28.53
CA PRO A 210 9.54 -23.04 29.18
C PRO A 210 10.67 -22.54 28.29
N SER A 211 11.07 -23.35 27.32
CA SER A 211 12.16 -23.01 26.40
C SER A 211 11.58 -22.60 25.06
N VAL A 212 11.87 -21.37 24.64
CA VAL A 212 11.24 -20.78 23.47
C VAL A 212 12.29 -20.08 22.61
N SER A 213 12.05 -20.09 21.30
CA SER A 213 12.89 -19.37 20.36
C SER A 213 11.99 -18.67 19.34
N THR A 214 12.55 -17.67 18.67
CA THR A 214 11.88 -16.96 17.60
C THR A 214 12.60 -17.28 16.29
N VAL A 215 11.82 -17.68 15.28
CA VAL A 215 12.35 -18.06 13.98
C VAL A 215 11.61 -17.29 12.90
N GLN A 216 12.27 -17.16 11.75
CA GLN A 216 11.72 -16.41 10.62
C GLN A 216 10.87 -17.30 9.71
N CYS A 217 11.30 -18.54 9.47
CA CYS A 217 10.60 -19.46 8.59
C CYS A 217 10.61 -20.85 9.20
N THR A 218 9.50 -21.56 9.04
CA THR A 218 9.40 -22.93 9.52
C THR A 218 10.30 -23.84 8.69
N HIS A 219 10.86 -24.85 9.34
CA HIS A 219 11.74 -25.79 8.65
C HIS A 219 10.97 -26.53 7.55
N GLY A 220 11.72 -27.17 6.66
CA GLY A 220 11.14 -27.88 5.54
C GLY A 220 10.19 -28.98 5.97
N ILE A 221 8.97 -28.94 5.45
CA ILE A 221 7.94 -29.92 5.77
C ILE A 221 7.48 -30.53 4.45
N LYS A 222 7.65 -31.84 4.30
CA LYS A 222 7.24 -32.53 3.09
C LYS A 222 5.75 -32.82 3.15
N PRO A 223 4.95 -32.41 2.15
CA PRO A 223 3.51 -32.71 2.20
C PRO A 223 3.20 -34.16 1.79
N VAL A 224 3.68 -35.10 2.62
CA VAL A 224 3.46 -36.51 2.34
C VAL A 224 2.01 -36.86 2.68
N VAL A 225 1.34 -37.53 1.75
CA VAL A 225 -0.06 -37.92 1.90
C VAL A 225 -0.11 -39.43 2.11
N SER A 226 -0.60 -39.84 3.28
CA SER A 226 -0.75 -41.25 3.60
C SER A 226 -1.75 -41.39 4.74
N THR A 227 -2.26 -42.60 4.92
CA THR A 227 -3.20 -42.91 5.98
C THR A 227 -2.75 -44.17 6.71
N GLN A 228 -3.12 -44.24 7.99
CA GLN A 228 -2.84 -45.36 8.88
C GLN A 228 -1.38 -45.47 9.30
N LEU A 229 -0.51 -44.65 8.70
CA LEU A 229 0.92 -44.66 9.00
C LEU A 229 1.51 -43.34 8.53
N LEU A 230 2.47 -42.82 9.28
CA LEU A 230 3.16 -41.59 8.92
C LEU A 230 4.52 -41.94 8.33
N LEU A 231 4.78 -41.46 7.11
CA LEU A 231 5.97 -41.84 6.35
C LEU A 231 6.83 -40.61 6.08
N ASN A 232 8.14 -40.81 6.12
CA ASN A 232 9.12 -39.76 5.84
C ASN A 232 8.88 -38.53 6.71
N GLY A 233 8.59 -38.77 8.00
CA GLY A 233 8.32 -37.73 8.94
C GLY A 233 9.50 -37.42 9.84
N SER A 234 9.21 -36.74 10.95
CA SER A 234 10.22 -36.36 11.93
C SER A 234 10.15 -37.28 13.14
N LEU A 235 11.32 -37.55 13.72
CA LEU A 235 11.44 -38.49 14.84
C LEU A 235 11.58 -37.73 16.15
N ALA A 236 10.97 -38.26 17.20
CA ALA A 236 11.15 -37.70 18.53
C ALA A 236 12.59 -37.87 18.98
N GLU A 237 13.10 -36.86 19.69
CA GLU A 237 14.50 -36.83 20.09
C GLU A 237 14.77 -37.56 21.41
N GLU A 238 13.74 -37.91 22.17
CA GLU A 238 13.90 -38.55 23.48
C GLU A 238 13.33 -39.95 23.53
N GLU A 239 12.07 -40.13 23.16
CA GLU A 239 11.41 -41.43 23.28
C GLU A 239 10.10 -41.36 22.49
N VAL A 240 9.36 -42.47 22.52
CA VAL A 240 8.07 -42.51 21.84
C VAL A 240 7.12 -41.52 22.51
N MET A 241 6.47 -40.69 21.70
CA MET A 241 5.59 -39.63 22.19
C MET A 241 4.16 -39.93 21.80
N ILE A 242 3.25 -39.87 22.77
CA ILE A 242 1.83 -40.10 22.55
C ILE A 242 1.09 -38.80 22.83
N ARG A 243 0.24 -38.39 21.89
CA ARG A 243 -0.52 -37.15 22.00
C ARG A 243 -1.98 -37.40 21.67
N SER A 244 -2.85 -36.63 22.32
CA SER A 244 -4.28 -36.73 22.11
C SER A 244 -4.95 -35.52 22.77
N GLU A 245 -5.99 -35.01 22.10
CA GLU A 245 -6.70 -33.84 22.63
C GLU A 245 -7.34 -34.15 23.98
N ASN A 246 -7.96 -35.32 24.10
CA ASN A 246 -8.60 -35.74 25.36
C ASN A 246 -8.53 -37.27 25.39
N ILE A 247 -7.52 -37.78 26.10
CA ILE A 247 -7.25 -39.22 26.10
C ILE A 247 -8.39 -39.99 26.74
N THR A 248 -9.08 -39.39 27.72
CA THR A 248 -10.20 -40.06 28.36
C THR A 248 -11.31 -40.35 27.38
N ASN A 249 -11.51 -39.50 26.38
CA ASN A 249 -12.52 -39.70 25.37
C ASN A 249 -12.02 -40.68 24.31
N ASN A 250 -12.87 -41.62 23.93
CA ASN A 250 -12.54 -42.63 22.94
C ASN A 250 -12.83 -42.18 21.51
N ALA A 251 -13.39 -40.99 21.32
CA ALA A 251 -13.69 -40.45 19.99
C ALA A 251 -12.56 -39.60 19.43
N LYS A 252 -11.44 -39.47 20.14
CA LYS A 252 -10.32 -38.65 19.73
C LYS A 252 -9.17 -39.55 19.28
N ASN A 253 -8.64 -39.27 18.10
CA ASN A 253 -7.52 -40.05 17.58
C ASN A 253 -6.27 -39.80 18.40
N ILE A 254 -5.44 -40.84 18.52
CA ILE A 254 -4.18 -40.80 19.26
C ILE A 254 -3.04 -40.77 18.25
N LEU A 255 -2.13 -39.82 18.41
CA LEU A 255 -0.97 -39.68 17.53
C LEU A 255 0.26 -40.23 18.25
N VAL A 256 0.94 -41.17 17.60
CA VAL A 256 2.15 -41.78 18.14
C VAL A 256 3.33 -41.36 17.26
N GLN A 257 4.41 -40.93 17.89
CA GLN A 257 5.63 -40.50 17.21
C GLN A 257 6.77 -41.37 17.72
N PHE A 258 7.40 -42.10 16.81
CA PHE A 258 8.53 -42.96 17.15
C PHE A 258 9.80 -42.14 17.30
N ASN A 259 10.70 -42.63 18.15
CA ASN A 259 12.04 -42.07 18.29
C ASN A 259 13.05 -42.71 17.35
N THR A 260 12.64 -43.69 16.56
CA THR A 260 13.51 -44.34 15.57
C THR A 260 12.60 -44.85 14.47
N PRO A 261 13.03 -44.81 13.20
CA PRO A 261 12.14 -45.22 12.12
C PRO A 261 12.13 -46.72 11.92
N VAL A 262 11.13 -47.19 11.17
CA VAL A 262 11.02 -48.59 10.77
C VAL A 262 11.00 -48.64 9.25
N GLN A 263 11.98 -49.31 8.66
CA GLN A 263 12.09 -49.34 7.21
C GLN A 263 11.04 -50.25 6.60
N ILE A 264 10.42 -49.79 5.51
CA ILE A 264 9.43 -50.55 4.77
C ILE A 264 9.76 -50.46 3.28
N ASN A 265 9.73 -51.60 2.60
CA ASN A 265 10.08 -51.71 1.19
C ASN A 265 8.86 -52.15 0.40
N CYS A 266 8.32 -51.27 -0.44
CA CYS A 266 7.16 -51.57 -1.26
C CYS A 266 7.57 -51.73 -2.72
N THR A 267 6.84 -52.58 -3.44
CA THR A 267 7.21 -52.89 -4.82
C THR A 267 6.00 -53.35 -5.62
N ARG A 268 5.95 -52.90 -6.87
CA ARG A 268 5.07 -53.46 -7.89
C ARG A 268 5.96 -54.14 -8.94
N PRO A 269 5.92 -55.47 -9.07
CA PRO A 269 6.88 -56.16 -9.94
C PRO A 269 6.44 -56.37 -11.40
N ASN A 270 5.21 -56.03 -11.76
CA ASN A 270 4.77 -56.23 -13.14
C ASN A 270 5.48 -55.28 -14.09
N ASN A 271 5.92 -55.81 -15.22
CA ASN A 271 6.59 -55.02 -16.26
C ASN A 271 5.51 -54.45 -17.18
N ASN A 272 5.14 -53.19 -16.94
CA ASN A 272 4.05 -52.56 -17.66
C ASN A 272 4.54 -51.93 -18.96
N THR A 273 3.59 -51.69 -19.87
CA THR A 273 3.84 -51.04 -21.13
C THR A 273 2.79 -49.96 -21.36
N ARG A 274 3.23 -48.80 -21.83
CA ARG A 274 2.37 -47.65 -22.05
C ARG A 274 2.29 -47.35 -23.54
N LYS A 275 1.07 -47.16 -24.04
CA LYS A 275 0.83 -46.82 -25.44
C LYS A 275 -0.12 -45.63 -25.52
N SER A 276 0.19 -44.71 -26.43
CA SER A 276 -0.59 -43.49 -26.60
C SER A 276 -1.62 -43.67 -27.70
N ILE A 277 -2.86 -43.22 -27.44
CA ILE A 277 -3.94 -43.24 -28.40
C ILE A 277 -4.41 -41.81 -28.61
N ARG A 278 -4.42 -41.36 -29.85
CA ARG A 278 -4.82 -39.99 -30.18
C ARG A 278 -6.34 -39.93 -30.23
N ILE A 279 -6.94 -39.17 -29.32
CA ILE A 279 -8.39 -39.05 -29.21
C ILE A 279 -8.90 -37.71 -29.74
N GLY A 280 -8.04 -36.91 -30.36
CA GLY A 280 -8.44 -35.63 -30.89
C GLY A 280 -7.25 -34.81 -31.33
N PRO A 281 -7.48 -33.55 -31.73
CA PRO A 281 -6.36 -32.69 -32.11
C PRO A 281 -5.48 -32.35 -30.91
N GLY A 282 -4.28 -32.90 -30.88
CA GLY A 282 -3.37 -32.66 -29.77
C GLY A 282 -3.88 -33.18 -28.44
N GLN A 283 -4.50 -34.36 -28.44
CA GLN A 283 -5.02 -34.97 -27.21
C GLN A 283 -4.73 -36.45 -27.25
N ALA A 284 -4.01 -36.95 -26.24
CA ALA A 284 -3.58 -38.33 -26.17
C ALA A 284 -4.00 -38.95 -24.85
N PHE A 285 -4.39 -40.22 -24.92
CA PHE A 285 -4.74 -41.02 -23.76
C PHE A 285 -3.76 -42.18 -23.65
N TYR A 286 -3.19 -42.36 -22.47
CA TYR A 286 -2.12 -43.33 -22.24
C TYR A 286 -2.73 -44.59 -21.64
N ALA A 287 -2.80 -45.65 -22.45
CA ALA A 287 -3.35 -46.93 -22.06
C ALA A 287 -2.24 -47.92 -21.76
N THR A 288 -2.60 -49.01 -21.08
CA THR A 288 -1.68 -50.09 -20.75
C THR A 288 -1.71 -51.11 -21.89
N GLY A 289 -0.60 -51.24 -22.59
CA GLY A 289 -0.53 -52.15 -23.72
C GLY A 289 -0.58 -53.60 -23.32
N ASP A 290 0.47 -54.08 -22.65
CA ASP A 290 0.53 -55.47 -22.23
C ASP A 290 1.58 -55.60 -21.13
N ILE A 291 1.53 -56.73 -20.43
CA ILE A 291 2.47 -57.05 -19.36
C ILE A 291 3.44 -58.10 -19.90
N ILE A 292 4.74 -57.79 -19.82
CA ILE A 292 5.77 -58.66 -20.36
C ILE A 292 6.26 -59.55 -19.23
N GLY A 293 5.99 -60.85 -19.33
CA GLY A 293 6.44 -61.83 -18.37
C GLY A 293 5.31 -62.30 -17.48
N ASP A 294 5.65 -62.57 -16.21
CA ASP A 294 4.68 -63.07 -15.25
C ASP A 294 3.89 -61.92 -14.64
N ILE A 295 2.70 -62.24 -14.14
CA ILE A 295 1.81 -61.27 -13.50
C ILE A 295 1.66 -61.69 -12.04
N ARG A 296 2.03 -60.78 -11.13
CA ARG A 296 1.90 -61.06 -9.70
C ARG A 296 1.65 -59.76 -8.96
N GLN A 297 1.08 -59.88 -7.76
CA GLN A 297 0.61 -58.74 -7.01
C GLN A 297 1.77 -57.94 -6.41
N ALA A 298 1.55 -56.64 -6.25
CA ALA A 298 2.47 -55.78 -5.53
C ALA A 298 2.40 -56.09 -4.03
N HIS A 299 3.46 -55.73 -3.32
CA HIS A 299 3.49 -56.04 -1.90
C HIS A 299 4.53 -55.17 -1.20
N CYS A 300 4.43 -55.13 0.13
CA CYS A 300 5.35 -54.37 0.97
C CYS A 300 5.92 -55.28 2.05
N ASN A 301 7.21 -55.12 2.33
CA ASN A 301 7.91 -55.88 3.36
C ASN A 301 8.31 -54.97 4.50
N VAL A 302 8.13 -55.44 5.73
CA VAL A 302 8.59 -54.74 6.92
C VAL A 302 9.22 -55.75 7.87
N SER A 303 10.31 -55.35 8.52
CA SER A 303 11.02 -56.26 9.41
C SER A 303 10.15 -56.66 10.61
N LYS A 304 10.37 -57.87 11.10
CA LYS A 304 9.57 -58.44 12.18
C LYS A 304 10.07 -58.06 13.56
N ALA A 305 11.37 -58.23 13.83
CA ALA A 305 11.89 -57.92 15.16
C ALA A 305 11.77 -56.43 15.46
N THR A 306 12.06 -55.58 14.48
CA THR A 306 11.95 -54.14 14.69
C THR A 306 10.53 -53.73 15.02
N TRP A 307 9.55 -54.31 14.33
CA TRP A 307 8.16 -54.01 14.62
C TRP A 307 7.78 -54.44 16.05
N ASN A 308 8.26 -55.62 16.46
CA ASN A 308 7.98 -56.08 17.82
C ASN A 308 8.59 -55.15 18.85
N GLU A 309 9.83 -54.70 18.63
CA GLU A 309 10.47 -53.78 19.56
C GLU A 309 9.71 -52.45 19.62
N THR A 310 9.30 -51.94 18.45
CA THR A 310 8.56 -50.69 18.42
C THR A 310 7.23 -50.82 19.15
N LEU A 311 6.52 -51.94 18.96
CA LEU A 311 5.27 -52.16 19.66
C LEU A 311 5.49 -52.31 21.16
N GLY A 312 6.61 -52.92 21.57
CA GLY A 312 6.94 -52.97 22.98
C GLY A 312 7.13 -51.59 23.58
N LYS A 313 7.86 -50.72 22.86
CA LYS A 313 8.01 -49.35 23.32
C LYS A 313 6.66 -48.64 23.39
N VAL A 314 5.81 -48.85 22.38
CA VAL A 314 4.51 -48.17 22.33
C VAL A 314 3.62 -48.61 23.48
N VAL A 315 3.58 -49.91 23.75
CA VAL A 315 2.74 -50.40 24.85
C VAL A 315 3.31 -49.96 26.19
N LYS A 316 4.63 -49.91 26.31
CA LYS A 316 5.25 -49.39 27.54
C LYS A 316 4.82 -47.95 27.78
N GLN A 317 4.83 -47.12 26.73
CA GLN A 317 4.41 -45.74 26.89
C GLN A 317 2.91 -45.63 27.15
N LEU A 318 2.11 -46.51 26.54
CA LEU A 318 0.66 -46.48 26.75
C LEU A 318 0.29 -46.88 28.17
N ARG A 319 1.08 -47.75 28.79
CA ARG A 319 0.81 -48.17 30.16
C ARG A 319 0.83 -46.99 31.12
N LYS A 320 1.57 -45.94 30.79
CA LYS A 320 1.60 -44.75 31.65
C LYS A 320 0.23 -44.12 31.76
N HIS A 321 -0.50 -44.01 30.65
CA HIS A 321 -1.81 -43.37 30.65
C HIS A 321 -2.95 -44.35 30.95
N PHE A 322 -2.80 -45.63 30.60
CA PHE A 322 -3.87 -46.60 30.72
C PHE A 322 -3.58 -47.67 31.76
N GLY A 323 -2.84 -47.33 32.82
CA GLY A 323 -2.61 -48.23 33.92
C GLY A 323 -1.44 -49.16 33.68
N ASN A 324 -0.91 -49.69 34.78
CA ASN A 324 0.24 -50.59 34.76
C ASN A 324 -0.15 -52.06 34.85
N ASN A 325 -1.44 -52.37 34.91
CA ASN A 325 -1.91 -53.74 35.02
C ASN A 325 -2.98 -54.10 33.99
N THR A 326 -3.17 -53.27 32.97
CA THR A 326 -4.17 -53.54 31.93
C THR A 326 -3.57 -54.40 30.82
N ILE A 327 -4.46 -54.98 30.03
CA ILE A 327 -4.10 -55.82 28.88
C ILE A 327 -4.39 -55.02 27.61
N ILE A 328 -3.38 -54.86 26.77
CA ILE A 328 -3.45 -53.96 25.61
C ILE A 328 -3.47 -54.80 24.34
N ARG A 329 -4.50 -54.62 23.53
CA ARG A 329 -4.72 -55.40 22.33
C ARG A 329 -4.57 -54.53 21.09
N PHE A 330 -3.92 -55.08 20.06
CA PHE A 330 -3.85 -54.48 18.74
C PHE A 330 -4.59 -55.37 17.77
N ALA A 331 -5.58 -54.79 17.07
CA ALA A 331 -6.49 -55.57 16.23
C ALA A 331 -6.68 -54.91 14.86
N ASN A 332 -7.60 -55.45 14.06
CA ASN A 332 -7.81 -55.00 12.69
C ASN A 332 -8.72 -53.78 12.68
N SER A 333 -8.83 -53.15 11.51
CA SER A 333 -9.70 -52.00 11.34
C SER A 333 -11.18 -52.43 11.39
N SER A 334 -12.05 -51.46 11.61
CA SER A 334 -13.48 -51.74 11.71
C SER A 334 -14.09 -51.98 10.34
N GLY A 335 -14.04 -50.97 9.47
CA GLY A 335 -14.59 -51.11 8.13
C GLY A 335 -14.86 -49.74 7.53
N GLY A 336 -15.35 -49.78 6.29
CA GLY A 336 -15.67 -48.58 5.56
C GLY A 336 -15.10 -48.58 4.16
N ASP A 337 -14.71 -47.40 3.67
CA ASP A 337 -14.14 -47.30 2.33
C ASP A 337 -12.72 -47.86 2.31
N LEU A 338 -12.27 -48.21 1.10
CA LEU A 338 -10.92 -48.74 0.93
C LEU A 338 -9.85 -47.70 1.28
N GLU A 339 -10.17 -46.40 1.18
CA GLU A 339 -9.19 -45.38 1.49
C GLU A 339 -8.89 -45.29 2.99
N VAL A 340 -9.88 -45.58 3.83
CA VAL A 340 -9.71 -45.49 5.29
C VAL A 340 -9.49 -46.85 5.93
N THR A 341 -9.88 -47.94 5.28
CA THR A 341 -9.68 -49.28 5.80
C THR A 341 -8.30 -49.85 5.49
N THR A 342 -7.54 -49.21 4.59
CA THR A 342 -6.25 -49.71 4.13
C THR A 342 -5.22 -48.58 4.17
N HIS A 343 -3.96 -48.98 4.30
CA HIS A 343 -2.84 -48.04 4.26
C HIS A 343 -2.67 -47.57 2.82
N SER A 344 -3.16 -46.37 2.51
CA SER A 344 -3.13 -45.84 1.16
C SER A 344 -2.00 -44.83 1.02
N PHE A 345 -1.25 -44.94 -0.07
CA PHE A 345 -0.15 -44.01 -0.33
C PHE A 345 0.14 -44.02 -1.83
N ASN A 346 1.18 -43.30 -2.23
CA ASN A 346 1.55 -43.15 -3.63
C ASN A 346 3.06 -43.34 -3.75
N CYS A 347 3.45 -44.41 -4.45
CA CYS A 347 4.86 -44.74 -4.67
C CYS A 347 5.15 -44.65 -6.17
N GLY A 348 6.13 -43.82 -6.53
CA GLY A 348 6.54 -43.71 -7.92
C GLY A 348 5.42 -43.31 -8.85
N GLY A 349 4.46 -42.54 -8.38
CA GLY A 349 3.32 -42.13 -9.18
C GLY A 349 2.20 -43.15 -9.26
N GLU A 350 2.33 -44.30 -8.62
CA GLU A 350 1.31 -45.33 -8.61
C GLU A 350 0.66 -45.38 -7.23
N PHE A 351 -0.67 -45.48 -7.21
CA PHE A 351 -1.45 -45.35 -5.99
C PHE A 351 -1.70 -46.73 -5.38
N PHE A 352 -1.03 -46.99 -4.25
CA PHE A 352 -1.08 -48.27 -3.55
C PHE A 352 -2.06 -48.21 -2.39
N TYR A 353 -2.72 -49.34 -2.15
CA TYR A 353 -3.58 -49.55 -0.97
C TYR A 353 -3.18 -50.89 -0.39
N CYS A 354 -2.53 -50.88 0.78
CA CYS A 354 -1.99 -52.07 1.41
C CYS A 354 -2.86 -52.48 2.60
N ASN A 355 -2.87 -53.80 2.84
CA ASN A 355 -3.69 -54.42 3.89
C ASN A 355 -2.83 -54.60 5.13
N THR A 356 -2.88 -53.61 6.02
CA THR A 356 -2.10 -53.64 7.26
C THR A 356 -2.83 -54.41 8.35
N SER A 357 -3.05 -55.70 8.07
CA SER A 357 -3.71 -56.61 9.00
C SER A 357 -2.74 -57.47 9.79
N GLY A 358 -1.55 -57.74 9.25
CA GLY A 358 -0.56 -58.54 9.94
C GLY A 358 0.29 -57.78 10.94
N LEU A 359 0.14 -56.45 11.01
CA LEU A 359 0.90 -55.64 11.95
C LEU A 359 0.16 -55.47 13.28
N PHE A 360 -1.06 -54.94 13.22
CA PHE A 360 -1.85 -54.66 14.42
C PHE A 360 -2.69 -55.89 14.75
N ASN A 361 -2.00 -56.95 15.16
CA ASN A 361 -2.65 -58.22 15.51
C ASN A 361 -1.81 -58.87 16.61
N SER A 362 -2.17 -58.59 17.86
CA SER A 362 -1.43 -59.11 19.01
C SER A 362 -2.14 -58.67 20.29
N THR A 363 -1.68 -59.25 21.41
CA THR A 363 -2.16 -58.87 22.73
C THR A 363 -0.98 -58.90 23.69
N TRP A 364 -0.89 -57.87 24.54
CA TRP A 364 0.19 -57.72 25.51
C TRP A 364 -0.40 -57.71 26.90
N ILE A 365 0.19 -58.51 27.80
CA ILE A 365 -0.29 -58.68 29.17
C ILE A 365 0.78 -58.14 30.12
N SER A 366 0.35 -57.43 31.15
CA SER A 366 1.27 -56.87 32.11
C SER A 366 2.04 -57.98 32.83
N ASN A 367 3.35 -57.79 32.97
CA ASN A 367 4.20 -58.76 33.64
C ASN A 367 5.53 -58.13 34.03
N SER A 378 14.06 -63.99 12.84
CA SER A 378 15.30 -63.25 12.77
C SER A 378 15.33 -62.38 11.51
N ASN A 379 15.63 -63.00 10.37
CA ASN A 379 15.66 -62.30 9.09
C ASN A 379 14.32 -62.32 8.36
N ASP A 380 13.33 -63.04 8.86
CA ASP A 380 12.02 -63.06 8.24
C ASP A 380 11.34 -61.70 8.42
N SER A 381 10.44 -61.39 7.50
CA SER A 381 9.74 -60.11 7.49
C SER A 381 8.26 -60.34 7.20
N ILE A 382 7.44 -59.41 7.67
CA ILE A 382 6.00 -59.43 7.43
C ILE A 382 5.74 -58.83 6.05
N THR A 383 4.93 -59.54 5.26
CA THR A 383 4.58 -59.13 3.91
C THR A 383 3.12 -58.71 3.89
N LEU A 384 2.87 -57.48 3.46
CA LEU A 384 1.53 -56.94 3.32
C LEU A 384 1.16 -56.91 1.85
N PRO A 385 0.13 -57.63 1.39
CA PRO A 385 -0.27 -57.52 -0.02
C PRO A 385 -0.99 -56.20 -0.27
N CYS A 386 -0.78 -55.64 -1.46
CA CYS A 386 -1.32 -54.33 -1.81
C CYS A 386 -1.97 -54.38 -3.19
N ARG A 387 -2.96 -53.50 -3.37
CA ARG A 387 -3.65 -53.31 -4.63
C ARG A 387 -3.25 -51.94 -5.19
N ILE A 388 -3.46 -51.77 -6.49
CA ILE A 388 -3.11 -50.55 -7.20
C ILE A 388 -4.36 -49.98 -7.85
N LYS A 389 -4.52 -48.66 -7.76
CA LYS A 389 -5.68 -47.98 -8.34
C LYS A 389 -5.22 -46.85 -9.26
N GLN A 390 -6.07 -46.56 -10.25
CA GLN A 390 -5.80 -45.53 -11.24
C GLN A 390 -6.76 -44.35 -11.17
N ILE A 391 -8.04 -44.57 -10.90
CA ILE A 391 -9.02 -43.50 -10.70
C ILE A 391 -8.97 -43.12 -9.23
N ILE A 392 -8.61 -41.87 -8.95
CA ILE A 392 -8.26 -41.42 -7.61
C ILE A 392 -9.15 -40.25 -7.22
N ASN A 393 -9.73 -40.33 -6.03
CA ASN A 393 -10.37 -39.19 -5.36
C ASN A 393 -9.49 -38.87 -4.16
N MET A 394 -8.49 -38.02 -4.39
CA MET A 394 -7.43 -37.77 -3.41
C MET A 394 -8.00 -37.24 -2.10
N TRP A 395 -8.62 -36.06 -2.13
CA TRP A 395 -9.21 -35.46 -0.95
C TRP A 395 -10.65 -35.95 -0.79
N GLN A 396 -11.20 -35.75 0.41
CA GLN A 396 -12.54 -36.21 0.71
C GLN A 396 -13.58 -35.31 0.03
N ARG A 397 -13.64 -35.38 -1.29
CA ARG A 397 -14.58 -34.62 -2.10
C ARG A 397 -15.37 -35.57 -2.98
N ILE A 398 -16.34 -35.02 -3.70
CA ILE A 398 -17.17 -35.78 -4.61
C ILE A 398 -17.33 -34.98 -5.90
N GLY A 399 -17.32 -35.69 -7.04
CA GLY A 399 -17.44 -35.07 -8.33
C GLY A 399 -16.13 -34.64 -8.97
N GLN A 400 -14.98 -34.96 -8.36
CA GLN A 400 -13.69 -34.62 -8.93
C GLN A 400 -12.74 -35.80 -8.69
N CYS A 401 -12.60 -36.65 -9.69
CA CYS A 401 -11.68 -37.78 -9.66
C CYS A 401 -10.41 -37.39 -10.43
N MET A 402 -9.52 -38.37 -10.64
CA MET A 402 -8.32 -38.13 -11.42
C MET A 402 -7.80 -39.48 -11.93
N TYR A 403 -7.39 -39.51 -13.19
CA TYR A 403 -6.85 -40.71 -13.82
C TYR A 403 -5.33 -40.62 -13.84
N ALA A 404 -4.68 -41.61 -13.23
CA ALA A 404 -3.22 -41.66 -13.19
C ALA A 404 -2.72 -42.45 -14.39
N PRO A 405 -1.90 -41.88 -15.28
CA PRO A 405 -1.38 -42.67 -16.40
C PRO A 405 -0.51 -43.80 -15.90
N PRO A 406 -0.47 -44.93 -16.60
CA PRO A 406 0.36 -46.06 -16.13
C PRO A 406 1.84 -45.74 -16.20
N ILE A 407 2.60 -46.39 -15.33
CA ILE A 407 4.05 -46.27 -15.30
C ILE A 407 4.64 -47.50 -15.98
N GLN A 408 5.78 -47.30 -16.64
CA GLN A 408 6.44 -48.34 -17.41
C GLN A 408 7.52 -48.99 -16.56
N GLY A 409 7.48 -50.31 -16.45
CA GLY A 409 8.53 -51.06 -15.78
C GLY A 409 8.23 -51.33 -14.32
N VAL A 410 8.99 -52.27 -13.76
CA VAL A 410 8.89 -52.58 -12.34
C VAL A 410 9.23 -51.35 -11.52
N ILE A 411 8.54 -51.17 -10.39
CA ILE A 411 8.79 -50.03 -9.52
C ILE A 411 8.98 -50.52 -8.09
N ARG A 412 9.89 -49.86 -7.37
CA ARG A 412 10.19 -50.20 -5.99
C ARG A 412 10.55 -48.91 -5.24
N CYS A 413 10.18 -48.86 -3.97
CA CYS A 413 10.51 -47.73 -3.12
C CYS A 413 10.74 -48.22 -1.70
N VAL A 414 11.50 -47.43 -0.93
CA VAL A 414 11.79 -47.70 0.46
C VAL A 414 11.51 -46.43 1.26
N SER A 415 10.89 -46.60 2.43
CA SER A 415 10.45 -45.46 3.23
C SER A 415 10.61 -45.79 4.71
N ASN A 416 10.50 -44.74 5.53
CA ASN A 416 10.53 -44.85 6.98
C ASN A 416 9.11 -44.79 7.53
N ILE A 417 8.88 -45.51 8.62
CA ILE A 417 7.67 -45.36 9.42
C ILE A 417 8.08 -44.69 10.72
N THR A 418 7.42 -43.56 11.02
CA THR A 418 7.83 -42.67 12.11
C THR A 418 6.62 -42.22 12.92
N GLY A 419 5.59 -43.06 12.99
CA GLY A 419 4.43 -42.74 13.81
C GLY A 419 3.21 -43.50 13.36
N LEU A 420 2.16 -43.39 14.18
CA LEU A 420 0.91 -44.10 13.95
C LEU A 420 -0.26 -43.19 14.32
N ILE A 421 -1.41 -43.47 13.72
CA ILE A 421 -2.68 -42.88 14.10
C ILE A 421 -3.57 -44.00 14.60
N LEU A 422 -3.91 -43.95 15.88
CA LEU A 422 -4.65 -45.02 16.55
C LEU A 422 -5.98 -44.49 17.07
N THR A 423 -6.87 -45.43 17.39
CA THR A 423 -8.15 -45.10 18.00
C THR A 423 -8.53 -46.22 18.96
N ARG A 424 -9.09 -45.84 20.10
CA ARG A 424 -9.46 -46.79 21.15
C ARG A 424 -10.90 -47.23 20.94
N ASP A 425 -11.09 -48.49 20.60
CA ASP A 425 -12.42 -49.04 20.39
C ASP A 425 -13.10 -49.27 21.74
N GLY A 426 -14.38 -48.90 21.81
CA GLY A 426 -15.13 -49.06 23.04
C GLY A 426 -14.56 -48.24 24.18
N GLY A 427 -13.95 -48.92 25.15
CA GLY A 427 -13.34 -48.27 26.29
C GLY A 427 -14.22 -48.14 27.50
N SER A 428 -15.37 -48.80 27.53
CA SER A 428 -16.25 -48.72 28.69
C SER A 428 -15.60 -49.39 29.89
N THR A 429 -16.13 -49.09 31.08
CA THR A 429 -15.62 -49.64 32.32
C THR A 429 -15.99 -51.11 32.54
N ASN A 430 -16.82 -51.68 31.66
CA ASN A 430 -17.22 -53.08 31.82
C ASN A 430 -16.08 -54.06 31.60
N SER A 431 -14.96 -53.63 31.03
CA SER A 431 -13.83 -54.48 30.75
C SER A 431 -12.55 -53.83 31.26
N THR A 432 -11.54 -54.67 31.49
CA THR A 432 -10.24 -54.24 32.01
C THR A 432 -9.15 -54.36 30.95
N THR A 433 -9.53 -54.31 29.67
CA THR A 433 -8.60 -54.40 28.56
C THR A 433 -8.91 -53.31 27.54
N GLU A 434 -7.87 -52.90 26.82
CA GLU A 434 -7.97 -51.83 25.82
C GLU A 434 -7.61 -52.38 24.45
N THR A 435 -8.43 -52.07 23.46
CA THR A 435 -8.20 -52.46 22.08
C THR A 435 -7.96 -51.20 21.25
N PHE A 436 -6.83 -51.16 20.54
CA PHE A 436 -6.45 -50.05 19.69
C PHE A 436 -6.48 -50.51 18.25
N ARG A 437 -7.05 -49.68 17.37
CA ARG A 437 -7.16 -49.98 15.96
C ARG A 437 -6.63 -48.81 15.12
N PRO A 438 -6.19 -49.06 13.88
CA PRO A 438 -5.71 -47.95 13.04
C PRO A 438 -6.84 -47.01 12.66
N GLY A 439 -6.46 -45.79 12.30
CA GLY A 439 -7.40 -44.77 11.89
C GLY A 439 -6.88 -43.91 10.75
N GLY A 440 -7.52 -42.76 10.52
CA GLY A 440 -7.11 -41.87 9.45
C GLY A 440 -8.24 -41.02 8.92
N GLY A 441 -8.42 -41.02 7.60
CA GLY A 441 -9.47 -40.26 6.96
C GLY A 441 -9.07 -38.84 6.60
N ASP A 442 -8.93 -37.97 7.59
CA ASP A 442 -8.57 -36.58 7.36
C ASP A 442 -7.05 -36.42 7.33
N MET A 443 -6.57 -35.58 6.42
CA MET A 443 -5.14 -35.37 6.26
C MET A 443 -4.59 -34.25 7.15
N ARG A 444 -5.46 -33.51 7.85
CA ARG A 444 -4.98 -32.45 8.73
C ARG A 444 -4.05 -33.01 9.80
N ASP A 445 -4.34 -34.23 10.29
CA ASP A 445 -3.47 -34.85 11.27
C ASP A 445 -2.07 -35.03 10.71
N ASN A 446 -1.94 -35.35 9.42
CA ASN A 446 -0.63 -35.48 8.82
C ASN A 446 0.14 -34.17 8.89
N TRP A 447 -0.57 -33.03 8.79
CA TRP A 447 0.07 -31.74 9.00
C TRP A 447 0.25 -31.46 10.49
N ARG A 448 -0.66 -31.99 11.33
CA ARG A 448 -0.63 -31.68 12.74
C ARG A 448 0.57 -32.29 13.46
N SER A 449 1.18 -33.32 12.89
CA SER A 449 2.34 -33.97 13.50
C SER A 449 3.64 -33.22 13.24
N GLU A 450 3.61 -32.17 12.41
CA GLU A 450 4.79 -31.38 12.09
C GLU A 450 4.72 -29.96 12.60
N LEU A 451 3.54 -29.34 12.65
CA LEU A 451 3.36 -27.98 13.11
C LEU A 451 2.91 -27.92 14.57
N TYR A 452 3.25 -28.94 15.36
CA TYR A 452 2.82 -29.00 16.75
C TYR A 452 3.68 -28.16 17.69
N LYS A 453 4.85 -27.69 17.23
CA LYS A 453 5.78 -26.94 18.06
C LYS A 453 5.98 -25.52 17.54
N TYR A 454 4.97 -24.97 16.87
CA TYR A 454 5.06 -23.64 16.28
C TYR A 454 3.79 -22.86 16.58
N LYS A 455 3.95 -21.54 16.72
CA LYS A 455 2.80 -20.65 16.81
C LYS A 455 3.21 -19.28 16.27
N VAL A 456 2.21 -18.46 15.98
CA VAL A 456 2.41 -17.15 15.35
C VAL A 456 1.84 -16.08 16.27
N VAL A 457 2.58 -14.99 16.45
CA VAL A 457 2.16 -13.87 17.28
C VAL A 457 2.44 -12.57 16.53
N LYS A 458 1.78 -11.50 16.98
CA LYS A 458 1.94 -10.17 16.41
C LYS A 458 2.50 -9.23 17.47
N ILE A 459 3.43 -8.38 17.07
CA ILE A 459 4.16 -7.52 17.99
C ILE A 459 3.36 -6.24 18.22
N GLU A 460 3.27 -5.83 19.49
CA GLU A 460 2.65 -4.57 19.87
C GLU A 460 3.71 -3.69 20.53
N PRO A 461 4.32 -2.73 19.79
CA PRO A 461 5.50 -2.04 20.31
C PRO A 461 5.19 -0.88 21.24
N LEU A 462 4.00 -0.30 21.15
CA LEU A 462 3.66 0.85 21.96
C LEU A 462 3.45 0.46 23.41
N GLY A 463 3.90 1.31 24.33
CA GLY A 463 3.73 1.05 25.75
C GLY A 463 3.69 2.35 26.53
N VAL A 464 3.04 2.30 27.69
CA VAL A 464 2.89 3.45 28.58
C VAL A 464 3.34 3.04 29.97
N ALA A 465 4.10 3.93 30.64
CA ALA A 465 4.66 3.65 31.95
C ALA A 465 4.67 4.90 32.83
N PRO A 466 4.86 4.76 34.15
CA PRO A 466 5.02 5.95 34.99
C PRO A 466 6.47 6.36 35.14
N THR A 467 6.71 7.67 35.16
CA THR A 467 8.06 8.19 35.23
C THR A 467 7.99 9.62 35.76
N ARG A 468 9.09 10.10 36.33
CA ARG A 468 9.19 11.40 36.97
C ARG A 468 9.44 12.54 35.98
N CYS A 469 9.25 12.29 34.68
CA CYS A 469 9.44 13.33 33.67
C CYS A 469 8.46 14.49 33.88
N LYS A 470 8.71 15.57 33.14
CA LYS A 470 7.70 16.60 32.91
C LYS A 470 8.14 17.40 31.69
N ARG A 471 7.37 17.32 30.62
CA ARG A 471 7.71 17.99 29.37
C ARG A 471 7.58 19.50 29.52
N ALA B 1 24.41 -13.41 42.38
CA ALA B 1 23.09 -13.11 41.84
C ALA B 1 22.87 -11.61 41.65
N VAL B 2 23.71 -10.79 42.30
CA VAL B 2 23.63 -9.34 42.20
C VAL B 2 25.01 -8.82 41.82
N GLY B 3 25.04 -7.87 40.88
CA GLY B 3 26.29 -7.31 40.39
C GLY B 3 26.76 -7.97 39.11
N ILE B 4 25.81 -8.36 38.26
CA ILE B 4 26.09 -9.01 36.99
C ILE B 4 25.39 -8.22 35.89
N GLY B 5 26.12 -7.91 34.83
CA GLY B 5 25.57 -7.15 33.72
C GLY B 5 24.99 -8.08 32.65
N ALA B 6 24.02 -7.56 31.92
CA ALA B 6 23.36 -8.28 30.84
C ALA B 6 23.08 -7.32 29.69
N VAL B 7 23.57 -7.67 28.51
CA VAL B 7 23.37 -6.88 27.30
C VAL B 7 22.85 -7.80 26.20
N PHE B 8 21.85 -7.34 25.46
CA PHE B 8 21.21 -8.11 24.40
C PHE B 8 21.25 -7.33 23.10
N LEU B 9 21.37 -8.06 21.98
CA LEU B 9 21.38 -7.46 20.66
C LEU B 9 20.53 -8.26 19.66
N GLY B 10 19.69 -9.18 20.14
CA GLY B 10 18.80 -9.92 19.28
C GLY B 10 17.52 -9.16 19.00
N PHE B 11 16.64 -9.79 18.21
CA PHE B 11 15.37 -9.17 17.88
C PHE B 11 14.50 -9.00 19.12
N LEU B 12 14.18 -10.10 19.79
CA LEU B 12 13.39 -10.08 21.02
C LEU B 12 14.17 -10.70 22.18
N GLY B 13 15.48 -10.45 22.23
CA GLY B 13 16.29 -11.03 23.28
C GLY B 13 15.92 -10.54 24.67
N ALA B 14 15.57 -9.25 24.78
CA ALA B 14 15.24 -8.65 26.06
C ALA B 14 13.79 -8.89 26.48
N ALA B 15 13.08 -9.80 25.83
CA ALA B 15 11.70 -10.07 26.20
C ALA B 15 11.57 -10.63 27.61
N GLY B 16 12.56 -11.39 28.07
CA GLY B 16 12.54 -12.00 29.38
C GLY B 16 13.20 -11.20 30.48
N SER B 17 13.79 -10.05 30.17
CA SER B 17 14.47 -9.23 31.17
C SER B 17 13.48 -8.27 31.81
N THR B 18 13.98 -7.39 32.67
CA THR B 18 13.13 -6.43 33.35
C THR B 18 12.85 -5.24 32.43
N MET B 19 11.91 -4.38 32.86
CA MET B 19 11.54 -3.22 32.06
C MET B 19 12.73 -2.28 31.88
N GLY B 20 13.46 -2.02 32.97
CA GLY B 20 14.60 -1.11 32.88
C GLY B 20 15.67 -1.63 31.95
N ALA B 21 15.99 -2.92 32.05
CA ALA B 21 16.97 -3.51 31.17
C ALA B 21 16.46 -3.60 29.73
N ALA B 22 15.16 -3.85 29.56
CA ALA B 22 14.59 -4.00 28.23
C ALA B 22 14.38 -2.66 27.52
N SER B 23 14.40 -1.55 28.26
CA SER B 23 14.20 -0.23 27.66
C SER B 23 15.46 0.33 27.00
N MET B 24 16.55 -0.45 26.94
CA MET B 24 17.81 0.00 26.34
C MET B 24 18.01 -0.53 24.93
N THR B 25 17.07 -1.32 24.40
CA THR B 25 17.19 -1.94 23.07
C THR B 25 15.90 -1.76 22.29
N LEU B 26 15.37 -0.53 22.27
CA LEU B 26 14.14 -0.27 21.54
C LEU B 26 14.37 -0.20 20.04
N THR B 27 15.53 0.28 19.61
CA THR B 27 15.79 0.46 18.19
C THR B 27 15.80 -0.87 17.44
N VAL B 28 16.30 -1.93 18.07
CA VAL B 28 16.39 -3.22 17.39
C VAL B 28 15.00 -3.75 17.05
N GLN B 29 14.03 -3.49 17.94
CA GLN B 29 12.65 -3.83 17.62
C GLN B 29 12.03 -2.83 16.64
N ALA B 30 12.47 -1.56 16.69
CA ALA B 30 11.94 -0.56 15.77
C ALA B 30 12.30 -0.87 14.32
N ARG B 31 13.50 -1.42 14.09
CA ARG B 31 13.93 -1.67 12.70
C ARG B 31 12.99 -2.65 11.99
N ASN B 32 12.58 -3.72 12.68
CA ASN B 32 11.90 -4.83 12.03
C ASN B 32 10.42 -4.58 11.77
N LEU B 33 9.84 -3.53 12.36
CA LEU B 33 8.39 -3.34 12.24
C LEU B 33 7.94 -3.12 10.82
N LEU B 34 8.81 -2.60 9.94
CA LEU B 34 8.47 -2.38 8.54
C LEU B 34 8.94 -3.49 7.62
N SER B 35 10.12 -4.05 7.86
CA SER B 35 10.65 -5.14 7.05
C SER B 35 11.95 -5.66 7.62
N THR B 58 0.65 -18.11 -8.56
CA THR B 58 -0.39 -17.11 -8.33
C THR B 58 -0.95 -17.22 -6.92
N VAL B 59 -0.90 -18.41 -6.35
CA VAL B 59 -1.43 -18.62 -5.01
C VAL B 59 -0.63 -17.85 -3.98
N TRP B 60 0.67 -17.63 -4.22
CA TRP B 60 1.55 -16.99 -3.26
C TRP B 60 1.68 -15.48 -3.47
N GLY B 61 1.55 -15.01 -4.71
CA GLY B 61 1.73 -13.58 -4.96
C GLY B 61 0.67 -12.72 -4.30
N ILE B 62 -0.59 -13.18 -4.34
CA ILE B 62 -1.66 -12.41 -3.71
C ILE B 62 -1.47 -12.37 -2.20
N LYS B 63 -1.04 -13.49 -1.61
CA LYS B 63 -0.74 -13.50 -0.19
C LYS B 63 0.39 -12.53 0.14
N GLN B 64 1.43 -12.50 -0.69
CA GLN B 64 2.54 -11.57 -0.47
C GLN B 64 2.05 -10.12 -0.54
N LEU B 65 1.20 -9.81 -1.52
CA LEU B 65 0.69 -8.45 -1.65
C LEU B 65 -0.15 -8.06 -0.44
N GLN B 66 -1.03 -8.96 0.00
CA GLN B 66 -1.84 -8.68 1.18
C GLN B 66 -0.97 -8.48 2.41
N ALA B 67 0.06 -9.30 2.57
CA ALA B 67 0.97 -9.14 3.70
C ALA B 67 1.67 -7.80 3.67
N ARG B 68 2.15 -7.39 2.49
CA ARG B 68 2.82 -6.09 2.37
C ARG B 68 1.86 -4.96 2.73
N VAL B 69 0.62 -5.03 2.23
CA VAL B 69 -0.34 -3.97 2.50
C VAL B 69 -0.65 -3.90 3.99
N LEU B 70 -0.86 -5.04 4.63
CA LEU B 70 -1.16 -5.06 6.06
C LEU B 70 0.00 -4.51 6.88
N ALA B 71 1.23 -4.90 6.52
CA ALA B 71 2.40 -4.41 7.24
C ALA B 71 2.52 -2.90 7.11
N VAL B 72 2.26 -2.37 5.92
CA VAL B 72 2.31 -0.92 5.73
C VAL B 72 1.22 -0.24 6.58
N GLU B 73 0.00 -0.78 6.56
CA GLU B 73 -1.12 -0.14 7.25
C GLU B 73 -0.88 -0.08 8.75
N ARG B 74 -0.42 -1.19 9.34
CA ARG B 74 -0.23 -1.19 10.80
C ARG B 74 0.85 -0.20 11.21
N TYR B 75 1.95 -0.15 10.47
CA TYR B 75 3.02 0.79 10.78
C TYR B 75 2.52 2.23 10.65
N LEU B 76 1.75 2.53 9.60
CA LEU B 76 1.25 3.88 9.42
C LEU B 76 0.30 4.27 10.56
N ARG B 77 -0.56 3.33 10.97
CA ARG B 77 -1.45 3.61 12.10
C ARG B 77 -0.66 3.91 13.37
N ASP B 78 0.38 3.09 13.64
CA ASP B 78 1.18 3.32 14.83
C ASP B 78 1.88 4.67 14.77
N GLN B 79 2.44 5.03 13.61
CA GLN B 79 3.12 6.32 13.48
C GLN B 79 2.15 7.48 13.66
N GLN B 80 0.94 7.37 13.10
CA GLN B 80 -0.04 8.42 13.28
C GLN B 80 -0.41 8.58 14.75
N LEU B 81 -0.63 7.46 15.44
CA LEU B 81 -0.99 7.53 16.86
C LEU B 81 0.14 8.15 17.67
N LEU B 82 1.39 7.80 17.36
CA LEU B 82 2.52 8.42 18.06
C LEU B 82 2.60 9.92 17.78
N GLY B 83 2.37 10.32 16.53
CA GLY B 83 2.49 11.71 16.15
C GLY B 83 1.38 12.59 16.68
N ILE B 84 0.19 12.02 16.91
CA ILE B 84 -0.91 12.84 17.41
C ILE B 84 -0.60 13.36 18.82
N TRP B 85 0.18 12.61 19.60
CA TRP B 85 0.49 12.98 20.97
C TRP B 85 1.67 13.93 21.09
N GLY B 86 2.29 14.31 19.98
CA GLY B 86 3.48 15.14 20.01
C GLY B 86 4.78 14.39 20.21
N CYS B 87 4.75 13.05 20.20
CA CYS B 87 5.94 12.23 20.38
C CYS B 87 6.53 11.77 19.05
N SER B 88 6.24 12.47 17.96
CA SER B 88 6.72 12.05 16.65
C SER B 88 8.25 12.13 16.59
N GLY B 89 8.86 11.10 16.00
CA GLY B 89 10.30 11.08 15.86
C GLY B 89 11.06 10.83 17.14
N LYS B 90 10.43 10.23 18.14
CA LYS B 90 11.05 9.94 19.43
C LYS B 90 10.72 8.53 19.85
N LEU B 91 11.69 7.88 20.50
CA LEU B 91 11.51 6.53 21.03
C LEU B 91 11.19 6.51 22.51
N ILE B 92 11.67 7.48 23.27
CA ILE B 92 11.33 7.64 24.68
C ILE B 92 10.84 9.08 24.84
N CYS B 93 9.52 9.26 24.72
CA CYS B 93 8.89 10.58 24.80
C CYS B 93 7.98 10.59 26.03
N CYS B 94 8.31 11.43 27.00
CA CYS B 94 7.49 11.59 28.20
C CYS B 94 6.68 12.88 28.10
N THR B 95 5.46 12.84 28.63
CA THR B 95 4.45 13.87 28.40
C THR B 95 4.05 14.50 29.75
N ASN B 96 3.05 15.39 29.70
CA ASN B 96 2.65 16.20 30.83
C ASN B 96 1.48 15.61 31.61
N VAL B 97 0.85 14.55 31.13
CA VAL B 97 -0.34 14.02 31.81
C VAL B 97 0.08 13.35 33.12
N PRO B 98 -0.50 13.70 34.27
CA PRO B 98 -0.10 13.03 35.51
C PRO B 98 -0.58 11.59 35.56
N TRP B 99 0.12 10.79 36.36
CA TRP B 99 -0.20 9.37 36.54
C TRP B 99 -1.27 9.25 37.60
N ASN B 100 -2.50 8.92 37.17
CA ASN B 100 -3.58 8.69 38.11
C ASN B 100 -3.29 7.47 38.97
N SER B 101 -3.49 7.60 40.28
CA SER B 101 -3.19 6.50 41.19
C SER B 101 -4.17 5.34 41.06
N SER B 102 -5.33 5.56 40.45
CA SER B 102 -6.29 4.48 40.26
C SER B 102 -5.81 3.44 39.27
N TRP B 103 -4.95 3.81 38.32
CA TRP B 103 -4.49 2.87 37.31
C TRP B 103 -3.49 1.86 37.91
N SER B 104 -2.61 2.33 38.80
CA SER B 104 -1.64 1.45 39.43
C SER B 104 -1.24 2.05 40.77
N ASN B 105 -0.71 1.19 41.64
CA ASN B 105 -0.32 1.59 43.00
C ASN B 105 1.08 1.16 43.40
N ARG B 106 1.85 0.55 42.50
CA ARG B 106 3.19 0.12 42.86
C ARG B 106 4.17 1.29 42.77
N ASN B 107 5.36 1.10 43.34
CA ASN B 107 6.43 2.08 43.29
C ASN B 107 7.35 1.80 42.11
N LEU B 108 8.15 2.81 41.75
CA LEU B 108 9.07 2.67 40.64
C LEU B 108 10.12 1.59 40.89
N SER B 109 10.49 1.35 42.15
CA SER B 109 11.47 0.32 42.45
C SER B 109 10.93 -1.08 42.13
N GLU B 110 9.62 -1.29 42.30
CA GLU B 110 8.99 -2.58 42.09
C GLU B 110 8.43 -2.75 40.68
N ILE B 111 8.63 -1.77 39.80
CA ILE B 111 8.13 -1.84 38.42
C ILE B 111 9.32 -2.01 37.49
N TRP B 112 10.25 -1.06 37.53
CA TRP B 112 11.37 -1.04 36.59
C TRP B 112 12.47 -2.02 36.95
N ASP B 113 12.47 -2.59 38.16
CA ASP B 113 13.48 -3.55 38.59
C ASP B 113 12.88 -4.85 39.10
N ASN B 114 11.56 -5.03 39.01
CA ASN B 114 10.91 -6.24 39.51
C ASN B 114 9.81 -6.75 38.59
N MET B 115 9.80 -6.37 37.32
CA MET B 115 8.71 -6.74 36.43
C MET B 115 9.19 -6.68 34.98
N THR B 116 8.40 -7.29 34.10
CA THR B 116 8.69 -7.37 32.68
C THR B 116 7.59 -6.66 31.90
N TRP B 117 7.92 -6.27 30.67
CA TRP B 117 6.98 -5.51 29.84
C TRP B 117 5.70 -6.29 29.59
N LEU B 118 5.81 -7.61 29.37
CA LEU B 118 4.62 -8.42 29.12
C LEU B 118 3.68 -8.38 30.33
N GLN B 119 4.23 -8.54 31.53
CA GLN B 119 3.40 -8.50 32.73
C GLN B 119 2.76 -7.13 32.91
N TRP B 120 3.52 -6.07 32.66
CA TRP B 120 2.97 -4.72 32.80
C TRP B 120 1.83 -4.48 31.81
N ASP B 121 2.00 -4.94 30.56
CA ASP B 121 0.93 -4.81 29.59
C ASP B 121 -0.29 -5.60 30.00
N LYS B 122 -0.09 -6.84 30.48
CA LYS B 122 -1.21 -7.66 30.93
C LYS B 122 -1.95 -6.99 32.06
N GLU B 123 -1.23 -6.29 32.93
CA GLU B 123 -1.86 -5.61 34.07
C GLU B 123 -2.55 -4.31 33.67
N ILE B 124 -1.99 -3.55 32.72
CA ILE B 124 -2.46 -2.20 32.41
C ILE B 124 -3.23 -2.13 31.10
N SER B 125 -3.59 -3.27 30.50
CA SER B 125 -4.40 -3.23 29.29
C SER B 125 -5.79 -2.63 29.49
N ASN B 126 -6.26 -2.49 30.74
CA ASN B 126 -7.64 -2.06 30.98
C ASN B 126 -7.83 -0.56 30.76
N TYR B 127 -6.80 0.26 30.99
CA TYR B 127 -6.94 1.71 31.06
C TYR B 127 -6.11 2.43 30.01
N THR B 128 -6.15 1.95 28.76
CA THR B 128 -5.32 2.50 27.69
C THR B 128 -5.99 3.64 26.93
N GLN B 129 -7.27 3.49 26.57
CA GLN B 129 -7.94 4.50 25.77
C GLN B 129 -8.09 5.81 26.52
N ILE B 130 -8.32 5.76 27.83
CA ILE B 130 -8.44 6.98 28.62
C ILE B 130 -7.13 7.76 28.57
N ILE B 131 -6.01 7.06 28.72
CA ILE B 131 -4.70 7.71 28.65
C ILE B 131 -4.47 8.30 27.27
N TYR B 132 -4.86 7.55 26.22
CA TYR B 132 -4.69 8.05 24.86
C TYR B 132 -5.47 9.34 24.64
N GLY B 133 -6.73 9.36 25.08
CA GLY B 133 -7.54 10.57 24.91
C GLY B 133 -7.01 11.74 25.70
N LEU B 134 -6.57 11.48 26.94
CA LEU B 134 -5.99 12.55 27.74
C LEU B 134 -4.74 13.12 27.09
N LEU B 135 -3.90 12.24 26.54
CA LEU B 135 -2.69 12.70 25.86
C LEU B 135 -3.05 13.56 24.64
N GLU B 136 -4.04 13.12 23.86
CA GLU B 136 -4.44 13.89 22.68
C GLU B 136 -4.94 15.28 23.08
N GLU B 137 -5.81 15.33 24.10
CA GLU B 137 -6.35 16.63 24.54
C GLU B 137 -5.24 17.52 25.07
N SER B 138 -4.32 16.96 25.85
CA SER B 138 -3.22 17.75 26.39
C SER B 138 -2.33 18.29 25.27
N GLN B 139 -2.05 17.48 24.25
CA GLN B 139 -1.23 17.95 23.15
C GLN B 139 -1.93 19.07 22.38
N ASN B 140 -3.24 18.94 22.16
CA ASN B 140 -3.96 20.00 21.47
C ASN B 140 -3.94 21.30 22.28
N GLN B 141 -4.16 21.20 23.59
CA GLN B 141 -4.12 22.40 24.43
C GLN B 141 -2.73 23.03 24.43
N GLN B 142 -1.69 22.20 24.48
CA GLN B 142 -0.33 22.73 24.45
C GLN B 142 -0.04 23.43 23.13
N GLU B 143 -0.50 22.86 22.02
CA GLU B 143 -0.30 23.50 20.72
C GLU B 143 -1.01 24.85 20.66
N LYS B 144 -2.25 24.91 21.14
CA LYS B 144 -2.97 26.19 21.13
C LYS B 144 -2.29 27.21 22.03
N ASN B 145 -1.82 26.78 23.20
CA ASN B 145 -1.10 27.70 24.09
C ASN B 145 0.18 28.21 23.45
N GLU B 146 0.91 27.33 22.76
CA GLU B 146 2.12 27.75 22.07
C GLU B 146 1.81 28.77 20.98
N GLN B 147 0.75 28.54 20.21
CA GLN B 147 0.36 29.52 19.20
C GLN B 147 -0.01 30.85 19.84
N ASP B 148 -0.76 30.82 20.94
CA ASP B 148 -1.13 32.06 21.62
C ASP B 148 0.11 32.80 22.11
N LEU B 149 1.08 32.07 22.68
CA LEU B 149 2.31 32.71 23.15
C LEU B 149 3.08 33.33 21.98
N LEU B 150 3.16 32.61 20.87
CA LEU B 150 3.87 33.14 19.69
C LEU B 150 3.12 34.28 19.03
N ALA B 151 1.83 34.45 19.32
CA ALA B 151 1.09 35.56 18.74
C ALA B 151 1.67 36.91 19.16
N LEU B 152 2.06 37.03 20.42
CA LEU B 152 2.65 38.27 20.93
C LEU B 152 3.95 38.60 20.19
N ALA C 1 1.32 47.63 9.36
CA ALA C 1 0.10 47.77 10.15
C ALA C 1 -0.58 46.42 10.33
N GLU C 2 -0.97 45.80 9.22
CA GLU C 2 -1.64 44.51 9.30
C GLU C 2 -0.70 43.44 9.86
N ASN C 3 0.52 43.38 9.36
CA ASN C 3 1.58 42.44 9.78
C ASN C 3 1.04 41.04 10.01
N LEU C 4 0.42 40.50 8.95
CA LEU C 4 -0.17 39.17 8.97
C LEU C 4 0.70 38.20 8.19
N TRP C 5 0.66 36.92 8.61
CA TRP C 5 1.50 35.88 8.07
C TRP C 5 0.66 34.61 7.87
N VAL C 6 1.10 33.76 6.95
CA VAL C 6 0.37 32.54 6.62
C VAL C 6 0.50 31.55 7.77
N THR C 7 -0.61 30.86 8.06
CA THR C 7 -0.65 29.82 9.07
C THR C 7 -1.36 28.60 8.50
N VAL C 8 -0.80 27.42 8.78
CA VAL C 8 -1.27 26.16 8.20
C VAL C 8 -2.05 25.41 9.27
N TYR C 9 -3.27 25.00 8.93
CA TYR C 9 -4.13 24.21 9.80
C TYR C 9 -4.40 22.87 9.13
N TYR C 10 -4.21 21.79 9.89
CA TYR C 10 -4.43 20.43 9.42
C TYR C 10 -5.61 19.84 10.18
N GLY C 11 -6.55 19.25 9.46
CA GLY C 11 -7.78 18.75 10.01
C GLY C 11 -9.00 19.63 9.81
N VAL C 12 -8.95 20.56 8.87
CA VAL C 12 -10.07 21.48 8.65
C VAL C 12 -11.27 20.69 8.13
N PRO C 13 -12.50 20.98 8.60
CA PRO C 13 -13.68 20.27 8.02
C PRO C 13 -14.16 20.89 6.70
N VAL C 14 -13.50 20.49 5.61
CA VAL C 14 -13.85 20.92 4.27
C VAL C 14 -13.87 19.70 3.36
N TRP C 15 -14.86 19.65 2.47
CA TRP C 15 -15.04 18.53 1.57
C TRP C 15 -15.28 19.03 0.16
N LYS C 16 -15.05 18.15 -0.81
CA LYS C 16 -15.28 18.42 -2.22
C LYS C 16 -15.95 17.22 -2.87
N ASP C 17 -16.72 17.49 -3.92
CA ASP C 17 -17.37 16.41 -4.66
C ASP C 17 -16.31 15.54 -5.34
N ALA C 18 -16.54 14.23 -5.31
CA ALA C 18 -15.58 13.29 -5.89
C ALA C 18 -16.29 11.99 -6.24
N GLU C 19 -15.64 11.19 -7.08
CA GLU C 19 -16.11 9.88 -7.49
C GLU C 19 -15.13 8.83 -7.01
N THR C 20 -15.63 7.80 -6.34
CA THR C 20 -14.79 6.74 -5.79
C THR C 20 -15.56 5.43 -5.90
N THR C 21 -14.98 4.37 -5.33
CA THR C 21 -15.55 3.03 -5.35
C THR C 21 -15.95 2.64 -3.94
N LEU C 22 -17.20 2.23 -3.77
CA LEU C 22 -17.72 1.78 -2.48
C LEU C 22 -17.72 0.26 -2.41
N PHE C 23 -17.87 -0.26 -1.19
CA PHE C 23 -17.76 -1.68 -0.93
C PHE C 23 -18.94 -2.11 -0.05
N CYS C 24 -18.96 -3.41 0.27
CA CYS C 24 -20.11 -4.02 0.95
C CYS C 24 -20.15 -3.68 2.43
N ALA C 25 -21.38 -3.72 2.95
CA ALA C 25 -21.63 -3.97 4.37
C ALA C 25 -23.01 -4.60 4.45
N SER C 26 -23.11 -5.76 5.10
CA SER C 26 -24.35 -6.51 5.17
C SER C 26 -24.38 -7.31 6.46
N ASP C 27 -25.58 -7.53 6.98
CA ASP C 27 -25.75 -8.29 8.22
C ASP C 27 -25.39 -9.75 8.01
N HIS C 36 -26.73 -19.57 -0.02
CA HIS C 36 -26.80 -19.62 -1.48
C HIS C 36 -27.70 -18.50 -2.00
N ASN C 37 -27.08 -17.44 -2.51
CA ASN C 37 -27.80 -16.29 -3.04
C ASN C 37 -27.07 -15.75 -4.26
N VAL C 38 -27.82 -15.20 -5.20
CA VAL C 38 -27.21 -14.57 -6.37
C VAL C 38 -26.46 -13.31 -5.97
N TRP C 39 -27.02 -12.55 -5.03
CA TRP C 39 -26.36 -11.35 -4.51
C TRP C 39 -25.49 -11.77 -3.32
N ALA C 40 -24.30 -12.27 -3.66
CA ALA C 40 -23.42 -12.92 -2.70
C ALA C 40 -23.04 -11.97 -1.56
N THR C 41 -23.51 -12.28 -0.35
CA THR C 41 -23.13 -11.57 0.85
C THR C 41 -21.98 -12.25 1.60
N HIS C 42 -21.42 -13.32 1.05
CA HIS C 42 -20.35 -14.03 1.75
C HIS C 42 -19.05 -13.24 1.72
N ALA C 43 -18.74 -12.61 0.59
CA ALA C 43 -17.57 -11.74 0.46
C ALA C 43 -17.88 -10.31 0.87
N CYS C 44 -19.05 -10.05 1.45
CA CYS C 44 -19.47 -8.72 1.88
C CYS C 44 -19.16 -8.56 3.36
N VAL C 45 -18.62 -7.41 3.73
CA VAL C 45 -18.13 -7.17 5.08
C VAL C 45 -19.32 -7.17 6.05
N PRO C 46 -19.16 -7.62 7.29
CA PRO C 46 -20.26 -7.49 8.25
C PRO C 46 -20.58 -6.03 8.57
N THR C 47 -21.84 -5.78 8.89
CA THR C 47 -22.30 -4.44 9.25
C THR C 47 -22.28 -4.26 10.76
N ASP C 48 -21.93 -3.05 11.19
CA ASP C 48 -21.90 -2.77 12.62
C ASP C 48 -23.32 -2.81 13.19
N PRO C 49 -23.49 -3.31 14.42
CA PRO C 49 -24.86 -3.39 14.97
C PRO C 49 -25.55 -2.05 15.14
N ASN C 50 -24.78 -0.99 15.44
CA ASN C 50 -25.31 0.34 15.74
C ASN C 50 -24.65 1.35 14.81
N PRO C 51 -25.25 1.65 13.65
CA PRO C 51 -24.63 2.64 12.76
C PRO C 51 -24.61 4.02 13.38
N GLN C 52 -23.59 4.80 13.03
CA GLN C 52 -23.36 6.13 13.57
C GLN C 52 -23.73 7.18 12.53
N GLU C 53 -24.57 8.14 12.93
CA GLU C 53 -25.00 9.23 12.07
C GLU C 53 -24.82 10.55 12.82
N ILE C 54 -24.16 11.51 12.17
CA ILE C 54 -23.84 12.79 12.78
C ILE C 54 -24.52 13.88 11.97
N HIS C 55 -25.53 14.53 12.56
CA HIS C 55 -26.22 15.61 11.87
C HIS C 55 -25.33 16.85 11.81
N LEU C 56 -25.35 17.54 10.68
CA LEU C 56 -24.58 18.76 10.48
C LEU C 56 -25.50 19.96 10.60
N GLU C 57 -25.23 20.82 11.58
CA GLU C 57 -26.09 21.96 11.86
C GLU C 57 -25.69 23.17 11.03
N ASN C 58 -26.68 23.87 10.49
CA ASN C 58 -26.47 25.06 9.68
C ASN C 58 -25.60 24.76 8.46
N VAL C 59 -25.80 23.59 7.85
CA VAL C 59 -25.09 23.17 6.65
C VAL C 59 -26.11 22.85 5.57
N THR C 60 -26.03 23.53 4.44
CA THR C 60 -26.89 23.29 3.28
C THR C 60 -26.02 22.82 2.13
N GLU C 61 -26.39 21.68 1.54
CA GLU C 61 -25.62 21.06 0.47
C GLU C 61 -26.41 21.11 -0.83
N GLU C 62 -25.72 20.78 -1.93
CA GLU C 62 -26.32 20.71 -3.25
C GLU C 62 -26.48 19.25 -3.64
N PHE C 63 -27.67 18.89 -4.13
CA PHE C 63 -27.99 17.51 -4.46
C PHE C 63 -28.60 17.44 -5.85
N ASN C 64 -28.38 16.30 -6.52
CA ASN C 64 -28.91 16.07 -7.85
C ASN C 64 -29.00 14.56 -8.06
N MET C 65 -30.23 14.04 -8.12
CA MET C 65 -30.42 12.60 -8.26
C MET C 65 -30.09 12.12 -9.67
N TRP C 66 -30.26 12.96 -10.68
CA TRP C 66 -30.13 12.55 -12.07
C TRP C 66 -28.69 12.45 -12.55
N LYS C 67 -27.71 12.86 -11.73
CA LYS C 67 -26.30 12.75 -12.07
C LYS C 67 -25.52 11.97 -10.99
N ASN C 68 -26.21 11.15 -10.20
CA ASN C 68 -25.53 10.35 -9.20
C ASN C 68 -24.70 9.26 -9.88
N ASN C 69 -23.47 9.08 -9.39
CA ASN C 69 -22.58 8.04 -9.89
C ASN C 69 -22.75 6.71 -9.16
N MET C 70 -23.41 6.72 -7.99
CA MET C 70 -23.62 5.46 -7.27
C MET C 70 -24.57 4.54 -8.01
N VAL C 71 -25.48 5.09 -8.82
CA VAL C 71 -26.41 4.27 -9.58
C VAL C 71 -25.66 3.41 -10.59
N GLU C 72 -24.71 4.01 -11.31
CA GLU C 72 -23.93 3.25 -12.28
C GLU C 72 -23.11 2.16 -11.59
N GLN C 73 -22.51 2.48 -10.45
CA GLN C 73 -21.74 1.49 -9.71
C GLN C 73 -22.64 0.33 -9.25
N MET C 74 -23.83 0.65 -8.74
CA MET C 74 -24.74 -0.40 -8.30
C MET C 74 -25.15 -1.28 -9.47
N HIS C 75 -25.45 -0.67 -10.63
CA HIS C 75 -25.81 -1.44 -11.80
C HIS C 75 -24.68 -2.38 -12.22
N THR C 76 -23.45 -1.85 -12.25
CA THR C 76 -22.31 -2.67 -12.66
C THR C 76 -22.07 -3.83 -11.69
N ASP C 77 -22.15 -3.56 -10.39
CA ASP C 77 -21.95 -4.64 -9.41
C ASP C 77 -23.06 -5.67 -9.49
N ILE C 78 -24.31 -5.25 -9.68
CA ILE C 78 -25.40 -6.20 -9.79
C ILE C 78 -25.20 -7.10 -11.01
N ILE C 79 -24.83 -6.50 -12.15
CA ILE C 79 -24.61 -7.30 -13.35
C ILE C 79 -23.44 -8.25 -13.14
N SER C 80 -22.36 -7.77 -12.52
CA SER C 80 -21.19 -8.62 -12.30
C SER C 80 -21.52 -9.79 -11.39
N LEU C 81 -22.26 -9.54 -10.31
CA LEU C 81 -22.65 -10.63 -9.42
C LEU C 81 -23.57 -11.63 -10.13
N TRP C 82 -24.50 -11.12 -10.94
CA TRP C 82 -25.40 -12.01 -11.67
C TRP C 82 -24.61 -12.91 -12.63
N ASP C 83 -23.64 -12.33 -13.33
CA ASP C 83 -22.82 -13.13 -14.24
C ASP C 83 -21.96 -14.13 -13.47
N GLN C 84 -21.39 -13.71 -12.34
CA GLN C 84 -20.52 -14.59 -11.57
C GLN C 84 -21.29 -15.78 -11.01
N SER C 85 -22.50 -15.55 -10.52
CA SER C 85 -23.27 -16.63 -9.89
C SER C 85 -23.61 -17.74 -10.88
N LEU C 86 -23.68 -17.45 -12.18
CA LEU C 86 -24.08 -18.42 -13.17
C LEU C 86 -22.90 -19.20 -13.76
N LYS C 87 -21.67 -18.89 -13.37
CA LYS C 87 -20.52 -19.58 -13.95
C LYS C 87 -20.52 -21.07 -13.65
N PRO C 88 -20.67 -21.54 -12.40
CA PRO C 88 -20.67 -22.99 -12.14
C PRO C 88 -22.06 -23.61 -12.21
N CYS C 89 -22.58 -23.73 -13.44
CA CYS C 89 -23.89 -24.32 -13.67
C CYS C 89 -23.90 -25.01 -15.02
N VAL C 90 -24.89 -25.88 -15.22
CA VAL C 90 -24.95 -26.72 -16.40
C VAL C 90 -25.20 -25.86 -17.64
N LYS C 91 -24.54 -26.23 -18.74
CA LYS C 91 -24.74 -25.59 -20.04
C LYS C 91 -25.67 -26.50 -20.86
N LEU C 92 -26.77 -25.92 -21.35
CA LEU C 92 -27.77 -26.68 -22.10
C LEU C 92 -27.48 -26.59 -23.61
N THR C 93 -26.31 -27.09 -23.98
CA THR C 93 -25.94 -27.19 -25.39
C THR C 93 -26.68 -28.34 -26.08
N PRO C 94 -26.79 -29.53 -25.49
CA PRO C 94 -27.53 -30.62 -26.16
C PRO C 94 -29.01 -30.34 -26.36
N LEU C 95 -29.59 -29.35 -25.68
CA LEU C 95 -31.03 -29.14 -25.79
C LEU C 95 -31.47 -28.60 -27.15
N CYS C 96 -30.53 -28.13 -27.98
CA CYS C 96 -30.88 -27.61 -29.30
C CYS C 96 -31.02 -28.78 -30.27
N VAL C 97 -32.13 -29.51 -30.13
CA VAL C 97 -32.47 -30.62 -31.00
C VAL C 97 -33.92 -30.43 -31.44
N THR C 98 -34.24 -30.96 -32.62
CA THR C 98 -35.58 -30.83 -33.16
C THR C 98 -36.58 -31.53 -32.24
N LEU C 99 -37.69 -30.86 -31.96
CA LEU C 99 -38.74 -31.37 -31.09
C LEU C 99 -39.96 -31.77 -31.91
N GLN C 100 -40.74 -32.69 -31.36
CA GLN C 100 -42.03 -33.09 -31.93
C GLN C 100 -43.10 -32.80 -30.88
N CYS C 101 -43.94 -31.79 -31.14
CA CYS C 101 -44.84 -31.25 -30.14
C CYS C 101 -46.30 -31.46 -30.54
N THR C 102 -47.13 -31.63 -29.52
CA THR C 102 -48.58 -31.72 -29.66
C THR C 102 -49.22 -30.80 -28.62
N ASN C 103 -50.54 -30.64 -28.71
CA ASN C 103 -51.28 -29.76 -27.83
C ASN C 103 -51.72 -30.50 -26.57
N VAL C 104 -51.65 -29.80 -25.44
CA VAL C 104 -52.15 -30.30 -24.16
C VAL C 104 -53.60 -29.86 -24.05
N THR C 105 -54.52 -30.83 -24.08
CA THR C 105 -55.95 -30.56 -24.15
C THR C 105 -56.72 -31.43 -23.17
N ASN C 106 -56.27 -31.47 -21.92
CA ASN C 106 -57.00 -32.10 -20.83
C ASN C 106 -57.13 -31.13 -19.66
N ASN C 107 -58.35 -31.03 -19.12
CA ASN C 107 -58.65 -30.18 -17.96
C ASN C 107 -58.12 -28.77 -18.14
N ILE C 108 -58.30 -28.22 -19.33
CA ILE C 108 -57.86 -26.87 -19.68
C ILE C 108 -59.08 -25.99 -19.88
N THR C 109 -59.01 -24.77 -19.35
CA THR C 109 -60.10 -23.81 -19.49
C THR C 109 -60.04 -23.16 -20.87
N ASP C 110 -60.90 -22.17 -21.10
CA ASP C 110 -61.00 -21.54 -22.41
C ASP C 110 -59.91 -20.50 -22.67
N ASP C 111 -59.18 -20.09 -21.63
CA ASP C 111 -58.14 -19.07 -21.79
C ASP C 111 -56.73 -19.65 -21.87
N MET C 112 -56.52 -20.87 -21.36
CA MET C 112 -55.24 -21.55 -21.44
C MET C 112 -55.15 -22.48 -22.65
N ARG C 113 -56.05 -22.33 -23.61
CA ARG C 113 -56.09 -23.21 -24.78
C ARG C 113 -54.90 -22.93 -25.68
N GLY C 114 -54.08 -23.94 -25.92
CA GLY C 114 -52.93 -23.80 -26.77
C GLY C 114 -51.73 -23.12 -26.14
N GLU C 115 -51.77 -22.86 -24.84
CA GLU C 115 -50.69 -22.18 -24.16
C GLU C 115 -49.59 -23.12 -23.68
N LEU C 116 -49.77 -24.43 -23.83
CA LEU C 116 -48.78 -25.43 -23.42
C LEU C 116 -48.59 -26.43 -24.55
N LYS C 117 -47.36 -26.95 -24.66
CA LYS C 117 -46.99 -27.90 -25.70
C LYS C 117 -46.32 -29.11 -25.06
N ASN C 118 -46.77 -30.30 -25.46
CA ASN C 118 -46.21 -31.57 -25.01
C ASN C 118 -45.22 -32.00 -26.09
N CYS C 119 -43.93 -31.87 -25.80
CA CYS C 119 -42.87 -32.03 -26.80
C CYS C 119 -41.99 -33.23 -26.43
N SER C 120 -41.85 -34.15 -27.39
CA SER C 120 -40.95 -35.29 -27.26
C SER C 120 -39.73 -35.09 -28.14
N PHE C 121 -38.61 -35.67 -27.72
CA PHE C 121 -37.35 -35.50 -28.43
C PHE C 121 -36.39 -36.61 -28.01
N ASN C 122 -35.24 -36.65 -28.68
CA ASN C 122 -34.13 -37.53 -28.35
C ASN C 122 -33.09 -36.76 -27.57
N MET C 123 -32.41 -37.44 -26.65
CA MET C 123 -31.41 -36.83 -25.79
C MET C 123 -30.26 -37.80 -25.57
N THR C 124 -29.11 -37.24 -25.21
CA THR C 124 -27.93 -38.03 -24.91
C THR C 124 -28.05 -38.67 -23.52
N THR C 125 -27.08 -39.50 -23.17
CA THR C 125 -27.01 -40.15 -21.88
C THR C 125 -25.60 -40.03 -21.34
N GLU C 126 -25.34 -40.70 -20.22
CA GLU C 126 -24.00 -40.66 -19.64
C GLU C 126 -22.98 -41.34 -20.54
N LEU C 127 -23.36 -42.42 -21.20
CA LEU C 127 -22.49 -43.08 -22.18
C LEU C 127 -22.63 -42.36 -23.52
N ARG C 128 -21.49 -42.11 -24.17
CA ARG C 128 -21.45 -41.26 -25.35
C ARG C 128 -21.80 -42.01 -26.65
N ASP C 129 -22.39 -43.21 -26.56
CA ASP C 129 -22.85 -43.94 -27.74
C ASP C 129 -24.26 -44.48 -27.55
N LYS C 130 -25.03 -43.91 -26.62
CA LYS C 130 -26.40 -44.34 -26.34
C LYS C 130 -27.30 -43.10 -26.30
N LYS C 131 -28.55 -43.30 -26.70
CA LYS C 131 -29.53 -42.23 -26.77
C LYS C 131 -30.80 -42.66 -26.07
N GLN C 132 -31.57 -41.68 -25.60
CA GLN C 132 -32.83 -41.92 -24.92
C GLN C 132 -33.90 -41.04 -25.56
N LYS C 133 -35.15 -41.47 -25.41
CA LYS C 133 -36.30 -40.71 -25.87
C LYS C 133 -37.04 -40.17 -24.65
N VAL C 134 -37.19 -38.84 -24.60
CA VAL C 134 -37.78 -38.17 -23.45
C VAL C 134 -38.84 -37.19 -23.94
N TYR C 135 -39.60 -36.65 -22.99
CA TYR C 135 -40.64 -35.68 -23.30
C TYR C 135 -40.74 -34.68 -22.16
N SER C 136 -41.36 -33.54 -22.46
CA SER C 136 -41.48 -32.46 -21.50
C SER C 136 -42.66 -31.59 -21.89
N LEU C 137 -42.98 -30.64 -21.02
CA LEU C 137 -44.01 -29.64 -21.25
C LEU C 137 -43.35 -28.27 -21.35
N PHE C 138 -43.63 -27.57 -22.45
CA PHE C 138 -43.03 -26.27 -22.73
C PHE C 138 -44.13 -25.22 -22.89
N TYR C 139 -43.78 -23.97 -22.61
CA TYR C 139 -44.69 -22.86 -22.84
C TYR C 139 -44.59 -22.39 -24.29
N ARG C 140 -45.71 -21.89 -24.82
CA ARG C 140 -45.76 -21.49 -26.21
C ARG C 140 -44.78 -20.37 -26.52
N LEU C 141 -44.42 -19.55 -25.52
CA LEU C 141 -43.48 -18.47 -25.73
C LEU C 141 -42.03 -18.95 -25.88
N ASP C 142 -41.76 -20.22 -25.59
CA ASP C 142 -40.41 -20.76 -25.62
C ASP C 142 -40.08 -21.51 -26.90
N VAL C 143 -41.09 -22.03 -27.60
CA VAL C 143 -40.89 -22.85 -28.79
C VAL C 143 -41.37 -22.09 -30.01
N VAL C 144 -40.69 -22.32 -31.14
CA VAL C 144 -41.03 -21.72 -32.42
C VAL C 144 -41.03 -22.82 -33.47
N GLN C 145 -42.01 -22.79 -34.36
CA GLN C 145 -42.12 -23.81 -35.40
C GLN C 145 -40.96 -23.72 -36.37
N ILE C 146 -40.53 -24.88 -36.86
CA ILE C 146 -39.43 -24.98 -37.81
C ILE C 146 -39.96 -25.51 -39.13
N LYS C 159 -45.56 -29.70 -37.22
CA LYS C 159 -45.50 -30.49 -35.99
C LYS C 159 -44.09 -30.57 -35.40
N GLU C 160 -43.16 -29.79 -35.97
CA GLU C 160 -41.78 -29.74 -35.51
C GLU C 160 -41.48 -28.34 -34.98
N TYR C 161 -40.87 -28.29 -33.79
CA TYR C 161 -40.58 -27.04 -33.11
C TYR C 161 -39.13 -27.04 -32.62
N ARG C 162 -38.65 -25.87 -32.23
CA ARG C 162 -37.32 -25.73 -31.65
C ARG C 162 -37.32 -24.56 -30.68
N LEU C 163 -36.37 -24.58 -29.75
CA LEU C 163 -36.26 -23.49 -28.80
C LEU C 163 -35.85 -22.20 -29.49
N ILE C 164 -36.38 -21.08 -28.99
CA ILE C 164 -36.20 -19.80 -29.67
C ILE C 164 -34.75 -19.38 -29.67
N ASN C 165 -34.02 -19.71 -28.60
CA ASN C 165 -32.66 -19.21 -28.40
C ASN C 165 -31.61 -20.02 -29.15
N CYS C 166 -32.00 -21.05 -29.91
CA CYS C 166 -31.04 -21.92 -30.55
C CYS C 166 -30.32 -21.26 -31.72
N ASN C 167 -30.98 -20.37 -32.46
CA ASN C 167 -30.36 -19.68 -33.57
C ASN C 167 -29.62 -18.41 -33.14
N THR C 168 -29.68 -18.06 -31.86
CA THR C 168 -28.97 -16.90 -31.33
C THR C 168 -27.72 -17.29 -30.55
N SER C 169 -27.87 -18.11 -29.51
CA SER C 169 -26.72 -18.56 -28.73
C SER C 169 -27.17 -19.68 -27.80
N ALA C 170 -26.28 -20.65 -27.58
CA ALA C 170 -26.49 -21.62 -26.52
C ALA C 170 -26.25 -20.94 -25.17
N CYS C 171 -26.97 -21.40 -24.15
CA CYS C 171 -27.01 -20.69 -22.89
C CYS C 171 -27.39 -21.64 -21.76
N THR C 172 -27.09 -21.20 -20.53
CA THR C 172 -27.01 -22.10 -19.38
C THR C 172 -28.37 -22.28 -18.71
N GLN C 173 -28.35 -23.08 -17.64
CA GLN C 173 -29.50 -23.31 -16.77
C GLN C 173 -29.15 -22.83 -15.37
N ALA C 174 -30.07 -22.11 -14.74
CA ALA C 174 -29.83 -21.66 -13.38
C ALA C 174 -29.73 -22.84 -12.43
N CYS C 175 -28.73 -22.80 -11.55
CA CYS C 175 -28.55 -23.87 -10.58
C CYS C 175 -29.72 -23.88 -9.61
N PRO C 176 -30.26 -25.04 -9.25
CA PRO C 176 -31.51 -25.06 -8.46
C PRO C 176 -31.34 -24.77 -6.98
N LYS C 177 -30.13 -24.50 -6.50
CA LYS C 177 -29.88 -24.24 -5.09
C LYS C 177 -29.71 -22.76 -4.77
N VAL C 178 -29.30 -21.94 -5.73
CA VAL C 178 -29.16 -20.51 -5.50
C VAL C 178 -30.53 -19.86 -5.56
N SER C 179 -30.83 -19.00 -4.58
CA SER C 179 -32.12 -18.35 -4.46
C SER C 179 -32.06 -16.94 -5.03
N PHE C 180 -33.15 -16.53 -5.67
CA PHE C 180 -33.27 -15.21 -6.28
C PHE C 180 -33.85 -14.17 -5.32
N GLU C 181 -34.09 -14.52 -4.07
CA GLU C 181 -34.69 -13.58 -3.14
C GLU C 181 -33.74 -12.41 -2.90
N PRO C 182 -34.18 -11.15 -3.06
CA PRO C 182 -33.29 -10.03 -2.77
C PRO C 182 -32.88 -9.99 -1.31
N ILE C 183 -31.66 -9.52 -1.08
CA ILE C 183 -31.10 -9.35 0.27
C ILE C 183 -30.66 -7.90 0.39
N PRO C 184 -30.88 -7.22 1.52
CA PRO C 184 -30.43 -5.83 1.64
C PRO C 184 -28.91 -5.71 1.56
N ILE C 185 -28.46 -4.59 1.00
CA ILE C 185 -27.03 -4.30 0.84
C ILE C 185 -26.80 -2.86 1.28
N HIS C 186 -25.69 -2.63 1.97
CA HIS C 186 -25.24 -1.29 2.34
C HIS C 186 -23.95 -0.99 1.60
N TYR C 187 -23.87 0.20 1.00
CA TYR C 187 -22.73 0.62 0.19
C TYR C 187 -21.92 1.64 0.99
N CYS C 188 -20.71 1.27 1.38
CA CYS C 188 -19.89 2.10 2.25
C CYS C 188 -18.61 2.54 1.56
N ALA C 189 -18.25 3.81 1.77
CA ALA C 189 -17.12 4.49 1.14
C ALA C 189 -15.83 4.23 1.93
N PRO C 190 -14.67 4.49 1.32
CA PRO C 190 -13.40 4.27 2.03
C PRO C 190 -13.12 5.36 3.07
N ALA C 191 -11.95 5.23 3.70
CA ALA C 191 -11.47 6.27 4.59
C ALA C 191 -11.05 7.49 3.77
N GLY C 192 -11.22 8.67 4.37
CA GLY C 192 -11.00 9.92 3.67
C GLY C 192 -12.18 10.39 2.86
N PHE C 193 -13.25 9.60 2.78
CA PHE C 193 -14.48 9.96 2.10
C PHE C 193 -15.64 9.88 3.10
N ALA C 194 -16.72 10.59 2.76
CA ALA C 194 -17.89 10.66 3.63
C ALA C 194 -19.15 10.58 2.78
N ILE C 195 -20.20 10.03 3.37
CA ILE C 195 -21.51 9.90 2.74
C ILE C 195 -22.44 10.91 3.40
N LEU C 196 -22.88 11.88 2.61
CA LEU C 196 -23.80 12.91 3.05
C LEU C 196 -25.23 12.52 2.67
N LYS C 197 -26.14 12.63 3.63
CA LYS C 197 -27.53 12.23 3.47
C LYS C 197 -28.42 13.44 3.75
N CYS C 198 -29.38 13.68 2.86
CA CYS C 198 -30.30 14.80 2.97
C CYS C 198 -31.53 14.33 3.76
N LYS C 199 -31.68 14.84 4.98
CA LYS C 199 -32.78 14.48 5.85
C LYS C 199 -34.02 15.35 5.65
N ASP C 200 -33.94 16.34 4.76
CA ASP C 200 -35.06 17.26 4.53
C ASP C 200 -36.16 16.53 3.78
N LYS C 201 -37.36 16.54 4.34
CA LYS C 201 -38.51 15.99 3.65
C LYS C 201 -38.91 16.90 2.49
N LYS C 202 -39.94 16.47 1.76
CA LYS C 202 -40.46 17.17 0.57
C LYS C 202 -39.35 17.61 -0.38
N PHE C 203 -38.25 16.85 -0.44
CA PHE C 203 -37.14 17.16 -1.32
C PHE C 203 -37.27 16.36 -2.61
N ASN C 204 -37.28 17.06 -3.75
CA ASN C 204 -37.54 16.46 -5.05
C ASN C 204 -36.27 16.02 -5.77
N GLY C 205 -35.19 15.81 -5.03
CA GLY C 205 -33.99 15.22 -5.60
C GLY C 205 -33.09 16.17 -6.36
N THR C 206 -33.38 17.47 -6.34
CA THR C 206 -32.55 18.44 -7.05
C THR C 206 -32.56 19.76 -6.29
N GLY C 207 -31.38 20.36 -6.16
CA GLY C 207 -31.25 21.69 -5.60
C GLY C 207 -30.61 21.71 -4.24
N PRO C 208 -30.82 22.80 -3.48
CA PRO C 208 -30.23 22.89 -2.14
C PRO C 208 -31.04 22.16 -1.08
N CYS C 209 -30.40 21.23 -0.37
CA CYS C 209 -30.99 20.58 0.79
C CYS C 209 -30.47 21.27 2.05
N PRO C 210 -31.34 21.79 2.94
CA PRO C 210 -30.82 22.53 4.10
C PRO C 210 -30.47 21.65 5.29
N SER C 211 -31.15 20.51 5.43
CA SER C 211 -30.94 19.60 6.55
C SER C 211 -30.09 18.43 6.07
N VAL C 212 -28.90 18.27 6.64
CA VAL C 212 -27.91 17.31 6.16
C VAL C 212 -27.31 16.56 7.34
N SER C 213 -26.91 15.32 7.07
CA SER C 213 -26.19 14.51 8.05
C SER C 213 -25.09 13.75 7.32
N THR C 214 -24.13 13.26 8.10
CA THR C 214 -23.07 12.37 7.61
C THR C 214 -23.31 10.99 8.22
N VAL C 215 -23.42 9.99 7.36
CA VAL C 215 -23.70 8.62 7.77
C VAL C 215 -22.50 7.75 7.45
N GLN C 216 -22.27 6.74 8.29
CA GLN C 216 -21.20 5.79 8.04
C GLN C 216 -21.37 5.15 6.66
N CYS C 217 -22.58 4.68 6.36
CA CYS C 217 -22.96 4.33 5.00
C CYS C 217 -24.45 4.02 4.96
N THR C 218 -24.94 3.72 3.77
CA THR C 218 -26.37 3.72 3.50
C THR C 218 -27.07 2.56 4.20
N HIS C 219 -28.40 2.61 4.19
CA HIS C 219 -29.22 1.56 4.74
C HIS C 219 -29.37 0.42 3.75
N GLY C 220 -30.06 -0.64 4.19
CA GLY C 220 -30.29 -1.78 3.34
C GLY C 220 -31.17 -1.47 2.15
N ILE C 221 -30.67 -1.77 0.95
CA ILE C 221 -31.40 -1.56 -0.30
C ILE C 221 -31.57 -2.92 -0.96
N LYS C 222 -32.81 -3.35 -1.13
CA LYS C 222 -33.08 -4.63 -1.78
C LYS C 222 -32.97 -4.49 -3.29
N PRO C 223 -32.15 -5.29 -3.98
CA PRO C 223 -32.11 -5.16 -5.45
C PRO C 223 -33.31 -5.82 -6.12
N VAL C 224 -34.49 -5.25 -5.89
CA VAL C 224 -35.73 -5.75 -6.47
C VAL C 224 -35.78 -5.32 -7.93
N VAL C 225 -36.00 -6.28 -8.82
CA VAL C 225 -36.01 -6.05 -10.26
C VAL C 225 -37.44 -6.17 -10.75
N SER C 226 -37.99 -5.09 -11.29
CA SER C 226 -39.35 -5.07 -11.81
C SER C 226 -39.49 -3.89 -12.76
N THR C 227 -40.54 -3.94 -13.58
CA THR C 227 -40.84 -2.88 -14.54
C THR C 227 -42.30 -2.50 -14.42
N GLN C 228 -42.57 -1.22 -14.72
CA GLN C 228 -43.90 -0.61 -14.72
C GLN C 228 -44.47 -0.41 -13.33
N LEU C 229 -43.80 -0.93 -12.29
CA LEU C 229 -44.24 -0.80 -10.91
C LEU C 229 -43.05 -1.06 -10.00
N LEU C 230 -42.96 -0.29 -8.92
CA LEU C 230 -41.90 -0.47 -7.93
C LEU C 230 -42.46 -1.26 -6.75
N LEU C 231 -41.80 -2.36 -6.41
CA LEU C 231 -42.28 -3.29 -5.40
C LEU C 231 -41.28 -3.41 -4.26
N ASN C 232 -41.81 -3.55 -3.05
CA ASN C 232 -41.01 -3.71 -1.84
C ASN C 232 -39.99 -2.58 -1.69
N GLY C 233 -40.44 -1.35 -1.96
CA GLY C 233 -39.61 -0.18 -1.91
C GLY C 233 -39.81 0.62 -0.63
N SER C 234 -39.44 1.89 -0.69
CA SER C 234 -39.54 2.81 0.43
C SER C 234 -40.64 3.83 0.15
N LEU C 235 -41.41 4.16 1.18
CA LEU C 235 -42.56 5.05 1.08
C LEU C 235 -42.18 6.47 1.51
N ALA C 236 -42.77 7.45 0.85
CA ALA C 236 -42.58 8.83 1.24
C ALA C 236 -43.22 9.10 2.59
N GLU C 237 -42.55 9.93 3.40
CA GLU C 237 -43.00 10.19 4.77
C GLU C 237 -44.06 11.28 4.87
N GLU C 238 -44.28 12.05 3.80
CA GLU C 238 -45.20 13.18 3.83
C GLU C 238 -46.40 12.99 2.91
N GLU C 239 -46.15 12.72 1.63
CA GLU C 239 -47.23 12.63 0.64
C GLU C 239 -46.64 12.03 -0.63
N VAL C 240 -47.49 11.89 -1.65
CA VAL C 240 -47.03 11.38 -2.94
C VAL C 240 -46.02 12.34 -3.52
N MET C 241 -44.89 11.80 -3.98
CA MET C 241 -43.79 12.60 -4.51
C MET C 241 -43.61 12.31 -5.99
N ILE C 242 -43.58 13.36 -6.80
CA ILE C 242 -43.38 13.26 -8.25
C ILE C 242 -42.04 13.89 -8.58
N ARG C 243 -41.22 13.17 -9.33
CA ARG C 243 -39.89 13.63 -9.72
C ARG C 243 -39.67 13.40 -11.21
N SER C 244 -38.89 14.29 -11.81
CA SER C 244 -38.55 14.20 -13.23
C SER C 244 -37.39 15.14 -13.50
N GLU C 245 -36.50 14.70 -14.39
CA GLU C 245 -35.33 15.53 -14.74
C GLU C 245 -35.76 16.84 -15.37
N ASN C 246 -36.74 16.79 -16.27
CA ASN C 246 -37.26 17.99 -16.93
C ASN C 246 -38.73 17.72 -17.26
N ILE C 247 -39.61 18.17 -16.37
CA ILE C 247 -41.04 17.85 -16.51
C ILE C 247 -41.62 18.46 -17.78
N THR C 248 -41.08 19.59 -18.24
CA THR C 248 -41.55 20.19 -19.47
C THR C 248 -41.32 19.27 -20.66
N ASN C 249 -40.17 18.59 -20.71
CA ASN C 249 -39.88 17.65 -21.78
C ASN C 249 -40.66 16.36 -21.56
N ASN C 250 -41.27 15.85 -22.63
CA ASN C 250 -42.06 14.62 -22.56
C ASN C 250 -41.24 13.37 -22.81
N ALA C 251 -39.94 13.50 -23.04
CA ALA C 251 -39.06 12.35 -23.28
C ALA C 251 -38.40 11.83 -22.02
N LYS C 252 -38.71 12.41 -20.86
CA LYS C 252 -38.12 12.01 -19.58
C LYS C 252 -39.18 11.29 -18.75
N ASN C 253 -38.82 10.13 -18.22
CA ASN C 253 -39.75 9.36 -17.40
C ASN C 253 -40.03 10.08 -16.08
N ILE C 254 -41.24 9.93 -15.58
CA ILE C 254 -41.69 10.53 -14.34
C ILE C 254 -41.73 9.44 -13.27
N LEU C 255 -41.09 9.71 -12.13
CA LEU C 255 -41.05 8.77 -11.02
C LEU C 255 -42.05 9.21 -9.97
N VAL C 256 -42.96 8.31 -9.58
CA VAL C 256 -43.96 8.58 -8.56
C VAL C 256 -43.68 7.69 -7.37
N GLN C 257 -43.66 8.28 -6.18
CA GLN C 257 -43.45 7.56 -4.92
C GLN C 257 -44.68 7.75 -4.05
N PHE C 258 -45.30 6.64 -3.66
CA PHE C 258 -46.48 6.68 -2.81
C PHE C 258 -46.07 6.87 -1.35
N ASN C 259 -46.96 7.51 -0.59
CA ASN C 259 -46.81 7.62 0.85
C ASN C 259 -47.44 6.45 1.60
N THR C 260 -48.09 5.53 0.90
CA THR C 260 -48.67 4.33 1.51
C THR C 260 -48.69 3.21 0.48
N PRO C 261 -48.38 1.97 0.84
CA PRO C 261 -48.31 0.91 -0.16
C PRO C 261 -49.68 0.41 -0.58
N VAL C 262 -49.70 -0.28 -1.72
CA VAL C 262 -50.90 -0.94 -2.22
C VAL C 262 -50.60 -2.44 -2.34
N GLN C 263 -51.35 -3.26 -1.62
CA GLN C 263 -51.06 -4.68 -1.60
C GLN C 263 -51.50 -5.35 -2.89
N ILE C 264 -50.66 -6.26 -3.39
CA ILE C 264 -50.93 -7.03 -4.60
C ILE C 264 -50.60 -8.49 -4.32
N ASN C 265 -51.51 -9.40 -4.70
CA ASN C 265 -51.36 -10.82 -4.45
C ASN C 265 -51.28 -11.56 -5.78
N CYS C 266 -50.12 -12.14 -6.08
CA CYS C 266 -49.91 -12.87 -7.32
C CYS C 266 -49.81 -14.36 -7.02
N THR C 267 -50.26 -15.18 -7.98
CA THR C 267 -50.31 -16.62 -7.77
C THR C 267 -50.26 -17.38 -9.09
N ARG C 268 -49.52 -18.49 -9.08
CA ARG C 268 -49.59 -19.53 -10.09
C ARG C 268 -50.21 -20.77 -9.45
N PRO C 269 -51.44 -21.19 -9.84
CA PRO C 269 -52.12 -22.27 -9.09
C PRO C 269 -51.89 -23.66 -9.67
N ASN C 270 -51.12 -23.78 -10.74
CA ASN C 270 -50.87 -25.08 -11.34
C ASN C 270 -49.97 -25.92 -10.44
N ASN C 271 -50.34 -27.18 -10.23
CA ASN C 271 -49.55 -28.11 -9.43
C ASN C 271 -48.52 -28.76 -10.34
N ASN C 272 -47.35 -28.13 -10.44
CA ASN C 272 -46.31 -28.60 -11.34
C ASN C 272 -45.56 -29.78 -10.73
N THR C 273 -44.93 -30.55 -11.61
CA THR C 273 -44.10 -31.69 -11.23
C THR C 273 -42.77 -31.59 -11.96
N ARG C 274 -41.68 -31.85 -11.23
CA ARG C 274 -40.32 -31.74 -11.75
C ARG C 274 -39.69 -33.13 -11.81
N LYS C 275 -39.02 -33.41 -12.93
CA LYS C 275 -38.27 -34.64 -13.10
C LYS C 275 -36.89 -34.32 -13.62
N SER C 276 -35.96 -35.22 -13.39
CA SER C 276 -34.55 -35.04 -13.75
C SER C 276 -34.17 -36.03 -14.85
N ILE C 277 -33.48 -35.52 -15.87
CA ILE C 277 -32.98 -36.33 -16.97
C ILE C 277 -31.46 -36.18 -17.01
N ARG C 278 -30.75 -37.30 -16.93
CA ARG C 278 -29.28 -37.29 -16.94
C ARG C 278 -28.82 -37.16 -18.39
N ILE C 279 -28.17 -36.04 -18.70
CA ILE C 279 -27.72 -35.73 -20.06
C ILE C 279 -26.22 -35.90 -20.21
N GLY C 280 -25.53 -36.43 -19.19
CA GLY C 280 -24.11 -36.62 -19.25
C GLY C 280 -23.55 -37.00 -17.90
N PRO C 281 -22.22 -37.11 -17.80
CA PRO C 281 -21.60 -37.42 -16.50
C PRO C 281 -21.79 -36.28 -15.51
N GLY C 282 -22.61 -36.51 -14.49
CA GLY C 282 -22.89 -35.48 -13.51
C GLY C 282 -23.55 -34.25 -14.07
N GLN C 283 -24.49 -34.42 -14.99
CA GLN C 283 -25.22 -33.30 -15.60
C GLN C 283 -26.68 -33.69 -15.73
N ALA C 284 -27.56 -32.92 -15.10
CA ALA C 284 -28.99 -33.20 -15.07
C ALA C 284 -29.77 -32.00 -15.59
N PHE C 285 -30.81 -32.28 -16.38
CA PHE C 285 -31.74 -31.28 -16.88
C PHE C 285 -33.09 -31.50 -16.23
N TYR C 286 -33.66 -30.42 -15.69
CA TYR C 286 -34.90 -30.49 -14.91
C TYR C 286 -36.06 -30.12 -15.83
N ALA C 287 -36.90 -31.11 -16.14
CA ALA C 287 -38.05 -30.94 -17.00
C ALA C 287 -39.34 -30.98 -16.19
N THR C 288 -40.42 -30.50 -16.82
CA THR C 288 -41.74 -30.51 -16.21
C THR C 288 -42.43 -31.82 -16.55
N GLY C 289 -42.69 -32.66 -15.54
CA GLY C 289 -43.28 -33.96 -15.77
C GLY C 289 -44.72 -33.88 -16.23
N ASP C 290 -45.60 -33.41 -15.35
CA ASP C 290 -47.02 -33.31 -15.68
C ASP C 290 -47.68 -32.41 -14.65
N ILE C 291 -48.88 -31.95 -14.97
CA ILE C 291 -49.69 -31.12 -14.09
C ILE C 291 -50.77 -31.99 -13.47
N ILE C 292 -50.84 -31.99 -12.14
CA ILE C 292 -51.79 -32.84 -11.41
C ILE C 292 -53.03 -31.99 -11.14
N GLY C 293 -54.13 -32.32 -11.79
CA GLY C 293 -55.40 -31.68 -11.58
C GLY C 293 -55.74 -30.74 -12.74
N ASP C 294 -56.39 -29.63 -12.41
CA ASP C 294 -56.82 -28.66 -13.40
C ASP C 294 -55.67 -27.76 -13.82
N ILE C 295 -55.77 -27.21 -15.02
CA ILE C 295 -54.79 -26.29 -15.58
C ILE C 295 -55.46 -24.93 -15.70
N ARG C 296 -54.90 -23.93 -15.00
CA ARG C 296 -55.44 -22.58 -15.01
C ARG C 296 -54.29 -21.58 -15.06
N GLN C 297 -54.59 -20.40 -15.59
CA GLN C 297 -53.59 -19.36 -15.75
C GLN C 297 -53.28 -18.69 -14.41
N ALA C 298 -52.02 -18.26 -14.27
CA ALA C 298 -51.63 -17.46 -13.13
C ALA C 298 -52.25 -16.07 -13.22
N HIS C 299 -52.40 -15.42 -12.07
CA HIS C 299 -53.05 -14.11 -12.07
C HIS C 299 -52.65 -13.36 -10.81
N CYS C 300 -52.91 -12.05 -10.83
CA CYS C 300 -52.65 -11.16 -9.70
C CYS C 300 -53.92 -10.40 -9.36
N ASN C 301 -54.09 -10.10 -8.07
CA ASN C 301 -55.23 -9.36 -7.56
C ASN C 301 -54.74 -8.09 -6.87
N VAL C 302 -55.45 -6.98 -7.12
CA VAL C 302 -55.17 -5.72 -6.43
C VAL C 302 -56.49 -5.07 -6.07
N SER C 303 -56.55 -4.47 -4.88
CA SER C 303 -57.79 -3.86 -4.40
C SER C 303 -58.19 -2.69 -5.29
N LYS C 304 -59.50 -2.48 -5.40
CA LYS C 304 -60.07 -1.46 -6.26
C LYS C 304 -60.18 -0.10 -5.59
N ALA C 305 -60.76 -0.04 -4.39
CA ALA C 305 -60.91 1.23 -3.70
C ALA C 305 -59.56 1.83 -3.35
N THR C 306 -58.61 1.01 -2.91
CA THR C 306 -57.27 1.50 -2.62
C THR C 306 -56.61 2.07 -3.86
N TRP C 307 -56.74 1.38 -4.99
CA TRP C 307 -56.16 1.89 -6.23
C TRP C 307 -56.81 3.20 -6.65
N ASN C 308 -58.13 3.30 -6.50
CA ASN C 308 -58.82 4.55 -6.85
C ASN C 308 -58.35 5.70 -5.96
N GLU C 309 -58.20 5.45 -4.66
CA GLU C 309 -57.71 6.49 -3.76
C GLU C 309 -56.28 6.90 -4.12
N THR C 310 -55.43 5.91 -4.42
CA THR C 310 -54.06 6.23 -4.79
C THR C 310 -53.99 7.04 -6.07
N LEU C 311 -54.82 6.69 -7.06
CA LEU C 311 -54.87 7.47 -8.29
C LEU C 311 -55.42 8.86 -8.05
N GLY C 312 -56.37 9.01 -7.14
CA GLY C 312 -56.83 10.35 -6.77
C GLY C 312 -55.72 11.20 -6.19
N LYS C 313 -54.95 10.62 -5.28
CA LYS C 313 -53.80 11.34 -4.73
C LYS C 313 -52.79 11.68 -5.83
N VAL C 314 -52.53 10.74 -6.73
CA VAL C 314 -51.55 10.95 -7.78
C VAL C 314 -51.98 12.08 -8.71
N VAL C 315 -53.26 12.09 -9.11
CA VAL C 315 -53.72 13.14 -10.01
C VAL C 315 -53.77 14.48 -9.28
N LYS C 316 -54.10 14.48 -7.99
CA LYS C 316 -54.07 15.71 -7.22
C LYS C 316 -52.66 16.29 -7.20
N GLN C 317 -51.65 15.45 -7.00
CA GLN C 317 -50.28 15.93 -7.00
C GLN C 317 -49.80 16.31 -8.41
N LEU C 318 -50.32 15.62 -9.43
CA LEU C 318 -49.93 15.92 -10.80
C LEU C 318 -50.48 17.26 -11.27
N ARG C 319 -51.66 17.64 -10.78
CA ARG C 319 -52.27 18.90 -11.22
C ARG C 319 -51.41 20.12 -10.87
N LYS C 320 -50.48 19.99 -9.93
CA LYS C 320 -49.65 21.14 -9.55
C LYS C 320 -48.77 21.58 -10.71
N HIS C 321 -48.17 20.64 -11.43
CA HIS C 321 -47.20 20.95 -12.48
C HIS C 321 -47.85 21.16 -13.85
N PHE C 322 -49.10 20.74 -14.05
CA PHE C 322 -49.75 20.79 -15.35
C PHE C 322 -51.03 21.60 -15.34
N GLY C 323 -51.21 22.49 -14.38
CA GLY C 323 -52.40 23.33 -14.32
C GLY C 323 -53.50 22.71 -13.47
N ASN C 324 -54.38 23.57 -12.97
CA ASN C 324 -55.47 23.16 -12.09
C ASN C 324 -56.78 22.91 -12.82
N ASN C 325 -56.80 23.03 -14.15
CA ASN C 325 -58.02 22.84 -14.93
C ASN C 325 -57.84 21.84 -16.07
N THR C 326 -56.72 21.13 -16.12
CA THR C 326 -56.49 20.17 -17.19
C THR C 326 -57.20 18.85 -16.90
N ILE C 327 -57.28 18.00 -17.93
CA ILE C 327 -57.91 16.70 -17.85
C ILE C 327 -56.81 15.65 -17.92
N ILE C 328 -56.78 14.74 -16.95
CA ILE C 328 -55.68 13.79 -16.78
C ILE C 328 -56.18 12.40 -17.17
N ARG C 329 -55.52 11.80 -18.16
CA ARG C 329 -55.91 10.50 -18.70
C ARG C 329 -54.85 9.45 -18.35
N PHE C 330 -55.33 8.27 -17.95
CA PHE C 330 -54.48 7.10 -17.76
C PHE C 330 -54.89 6.05 -18.77
N ALA C 331 -53.94 5.61 -19.60
CA ALA C 331 -54.22 4.73 -20.73
C ALA C 331 -53.25 3.56 -20.79
N ASN C 332 -53.33 2.77 -21.86
CA ASN C 332 -52.55 1.56 -21.99
C ASN C 332 -51.15 1.88 -22.53
N SER C 333 -50.28 0.87 -22.52
CA SER C 333 -48.94 1.03 -23.05
C SER C 333 -48.99 1.18 -24.58
N SER C 334 -47.90 1.68 -25.14
CA SER C 334 -47.82 1.89 -26.58
C SER C 334 -47.57 0.58 -27.32
N GLY C 335 -46.45 -0.07 -27.03
CA GLY C 335 -46.13 -1.31 -27.68
C GLY C 335 -44.64 -1.60 -27.61
N GLY C 336 -44.27 -2.75 -28.14
CA GLY C 336 -42.88 -3.18 -28.16
C GLY C 336 -42.71 -4.60 -27.67
N ASP C 337 -41.58 -4.86 -27.00
CA ASP C 337 -41.31 -6.19 -26.48
C ASP C 337 -42.23 -6.50 -25.29
N LEU C 338 -42.31 -7.78 -24.96
CA LEU C 338 -43.12 -8.20 -23.81
C LEU C 338 -42.52 -7.75 -22.49
N GLU C 339 -41.20 -7.55 -22.42
CA GLU C 339 -40.58 -7.10 -21.19
C GLU C 339 -40.95 -5.67 -20.84
N VAL C 340 -40.98 -4.77 -21.83
CA VAL C 340 -41.28 -3.37 -21.59
C VAL C 340 -42.77 -3.06 -21.64
N THR C 341 -43.55 -3.86 -22.36
CA THR C 341 -44.99 -3.65 -22.47
C THR C 341 -45.77 -4.19 -21.28
N THR C 342 -45.15 -5.04 -20.44
CA THR C 342 -45.85 -5.72 -19.36
C THR C 342 -45.04 -5.58 -18.08
N HIS C 343 -45.76 -5.54 -16.96
CA HIS C 343 -45.16 -5.61 -15.63
C HIS C 343 -44.49 -6.97 -15.48
N SER C 344 -43.16 -6.98 -15.50
CA SER C 344 -42.38 -8.20 -15.45
C SER C 344 -41.67 -8.30 -14.10
N PHE C 345 -41.72 -9.48 -13.49
CA PHE C 345 -41.07 -9.71 -12.21
C PHE C 345 -40.84 -11.20 -12.05
N ASN C 346 -40.35 -11.60 -10.89
CA ASN C 346 -40.21 -13.00 -10.52
C ASN C 346 -40.72 -13.19 -9.11
N CYS C 347 -41.46 -14.27 -8.89
CA CYS C 347 -42.10 -14.56 -7.61
C CYS C 347 -41.88 -16.04 -7.31
N GLY C 348 -40.97 -16.34 -6.38
CA GLY C 348 -40.70 -17.72 -6.02
C GLY C 348 -39.92 -18.50 -7.04
N GLY C 349 -39.17 -17.82 -7.92
CA GLY C 349 -38.36 -18.47 -8.92
C GLY C 349 -38.97 -18.50 -10.31
N GLU C 350 -40.28 -18.30 -10.42
CA GLU C 350 -40.97 -18.29 -11.71
C GLU C 350 -41.13 -16.86 -12.19
N PHE C 351 -40.84 -16.65 -13.47
CA PHE C 351 -40.77 -15.31 -14.08
C PHE C 351 -42.14 -14.96 -14.66
N PHE C 352 -42.83 -14.02 -14.01
CA PHE C 352 -44.15 -13.58 -14.43
C PHE C 352 -44.06 -12.35 -15.31
N TYR C 353 -44.90 -12.31 -16.34
CA TYR C 353 -45.08 -11.14 -17.19
C TYR C 353 -46.58 -10.88 -17.26
N CYS C 354 -47.01 -9.70 -16.80
CA CYS C 354 -48.43 -9.44 -16.60
C CYS C 354 -48.89 -8.11 -17.19
N ASN C 355 -50.18 -8.09 -17.48
CA ASN C 355 -50.84 -7.10 -18.32
C ASN C 355 -51.55 -6.08 -17.43
N THR C 356 -50.85 -5.01 -17.08
CA THR C 356 -51.40 -3.95 -16.25
C THR C 356 -52.22 -2.98 -17.09
N SER C 357 -53.28 -3.52 -17.69
CA SER C 357 -54.17 -2.74 -18.55
C SER C 357 -55.45 -2.30 -17.85
N GLY C 358 -55.91 -3.04 -16.84
CA GLY C 358 -57.07 -2.65 -16.08
C GLY C 358 -56.82 -1.58 -15.03
N LEU C 359 -55.56 -1.20 -14.84
CA LEU C 359 -55.21 -0.19 -13.84
C LEU C 359 -55.16 1.21 -14.45
N PHE C 360 -54.31 1.39 -15.47
CA PHE C 360 -54.13 2.69 -16.12
C PHE C 360 -55.16 2.82 -17.24
N ASN C 361 -56.43 2.91 -16.83
CA ASN C 361 -57.53 3.04 -17.79
C ASN C 361 -58.61 3.90 -17.09
N SER C 362 -58.56 5.20 -17.33
CA SER C 362 -59.50 6.13 -16.69
C SER C 362 -59.21 7.54 -17.19
N THR C 363 -60.14 8.45 -16.88
CA THR C 363 -59.99 9.88 -17.16
C THR C 363 -60.52 10.66 -15.98
N TRP C 364 -59.78 11.69 -15.57
CA TRP C 364 -60.14 12.54 -14.45
C TRP C 364 -60.31 13.97 -14.94
N ILE C 365 -61.43 14.58 -14.58
CA ILE C 365 -61.80 15.93 -15.00
C ILE C 365 -61.78 16.84 -13.79
N SER C 366 -61.22 18.04 -13.97
CA SER C 366 -61.15 19.00 -12.88
C SER C 366 -62.55 19.40 -12.42
N ASN C 367 -62.73 19.45 -11.11
CA ASN C 367 -64.02 19.83 -10.53
C ASN C 367 -63.85 20.22 -9.06
N SER C 378 -66.75 -2.48 -3.65
CA SER C 378 -66.35 -2.42 -2.25
C SER C 378 -65.26 -3.43 -1.96
N ASN C 379 -65.64 -4.69 -1.79
CA ASN C 379 -64.69 -5.77 -1.53
C ASN C 379 -64.14 -6.40 -2.79
N ASP C 380 -64.67 -6.04 -3.97
CA ASP C 380 -64.16 -6.58 -5.22
C ASP C 380 -62.73 -6.08 -5.46
N SER C 381 -62.08 -6.71 -6.44
CA SER C 381 -60.69 -6.39 -6.76
C SER C 381 -60.47 -6.55 -8.25
N ILE C 382 -59.45 -5.84 -8.76
CA ILE C 382 -59.05 -5.95 -10.15
C ILE C 382 -58.12 -7.13 -10.30
N THR C 383 -58.42 -8.00 -11.26
CA THR C 383 -57.66 -9.21 -11.53
C THR C 383 -56.91 -9.04 -12.84
N LEU C 384 -55.58 -9.16 -12.78
CA LEU C 384 -54.74 -9.14 -13.96
C LEU C 384 -54.37 -10.58 -14.32
N PRO C 385 -54.87 -11.13 -15.43
CA PRO C 385 -54.42 -12.47 -15.85
C PRO C 385 -53.13 -12.36 -16.65
N CYS C 386 -52.23 -13.32 -16.44
CA CYS C 386 -50.89 -13.13 -16.97
C CYS C 386 -50.12 -14.43 -17.07
N ARG C 387 -48.92 -14.32 -17.67
CA ARG C 387 -48.18 -15.46 -18.19
C ARG C 387 -46.88 -15.66 -17.44
N ILE C 388 -46.28 -16.84 -17.65
CA ILE C 388 -45.01 -17.22 -17.08
C ILE C 388 -44.05 -17.57 -18.21
N LYS C 389 -42.76 -17.32 -17.99
CA LYS C 389 -41.73 -17.65 -18.96
C LYS C 389 -40.57 -18.36 -18.27
N GLN C 390 -39.83 -19.14 -19.07
CA GLN C 390 -38.71 -19.92 -18.58
C GLN C 390 -37.36 -19.52 -19.18
N ILE C 391 -37.29 -19.11 -20.43
CA ILE C 391 -36.07 -18.62 -21.05
C ILE C 391 -36.03 -17.12 -20.84
N ILE C 392 -34.99 -16.65 -20.14
CA ILE C 392 -34.93 -15.29 -19.63
C ILE C 392 -33.67 -14.61 -20.16
N ASN C 393 -33.85 -13.45 -20.78
CA ASN C 393 -32.76 -12.51 -21.07
C ASN C 393 -32.93 -11.38 -20.06
N MET C 394 -32.30 -11.55 -18.89
CA MET C 394 -32.58 -10.70 -17.74
C MET C 394 -32.28 -9.22 -18.04
N TRP C 395 -31.03 -8.89 -18.30
CA TRP C 395 -30.65 -7.54 -18.64
C TRP C 395 -30.79 -7.32 -20.14
N GLN C 396 -30.73 -6.05 -20.55
CA GLN C 396 -30.91 -5.71 -21.95
C GLN C 396 -29.65 -6.07 -22.74
N ARG C 397 -29.40 -7.37 -22.89
CA ARG C 397 -28.25 -7.90 -23.61
C ARG C 397 -28.74 -8.94 -24.62
N ILE C 398 -27.81 -9.37 -25.48
CA ILE C 398 -28.09 -10.35 -26.51
C ILE C 398 -27.01 -11.43 -26.44
N GLY C 399 -27.43 -12.69 -26.49
CA GLY C 399 -26.51 -13.82 -26.51
C GLY C 399 -26.35 -14.57 -25.21
N GLN C 400 -27.10 -14.23 -24.16
CA GLN C 400 -27.03 -14.91 -22.87
C GLN C 400 -28.43 -15.06 -22.31
N CYS C 401 -28.84 -16.30 -22.06
CA CYS C 401 -30.15 -16.60 -21.51
C CYS C 401 -30.02 -16.91 -20.02
N MET C 402 -31.12 -17.39 -19.43
CA MET C 402 -31.07 -18.11 -18.16
C MET C 402 -32.31 -18.97 -18.07
N TYR C 403 -32.13 -20.29 -18.22
CA TYR C 403 -33.24 -21.22 -18.16
C TYR C 403 -33.60 -21.48 -16.70
N ALA C 404 -34.80 -21.04 -16.31
CA ALA C 404 -35.26 -21.22 -14.94
C ALA C 404 -35.83 -22.63 -14.78
N PRO C 405 -35.30 -23.46 -13.89
CA PRO C 405 -35.92 -24.78 -13.70
C PRO C 405 -37.32 -24.64 -13.14
N PRO C 406 -38.22 -25.57 -13.47
CA PRO C 406 -39.60 -25.45 -12.98
C PRO C 406 -39.68 -25.64 -11.47
N ILE C 407 -40.67 -24.98 -10.88
CA ILE C 407 -40.94 -25.09 -9.45
C ILE C 407 -42.08 -26.08 -9.25
N GLN C 408 -42.02 -26.79 -8.12
CA GLN C 408 -42.99 -27.84 -7.81
C GLN C 408 -44.08 -27.27 -6.91
N GLY C 409 -45.34 -27.50 -7.29
CA GLY C 409 -46.47 -27.10 -6.49
C GLY C 409 -46.96 -25.69 -6.80
N VAL C 410 -48.12 -25.36 -6.23
CA VAL C 410 -48.67 -24.02 -6.40
C VAL C 410 -47.76 -23.01 -5.72
N ILE C 411 -47.74 -21.78 -6.24
CA ILE C 411 -46.93 -20.71 -5.68
C ILE C 411 -47.79 -19.46 -5.56
N ARG C 412 -47.59 -18.73 -4.46
CA ARG C 412 -48.33 -17.50 -4.21
C ARG C 412 -47.43 -16.55 -3.43
N CYS C 413 -47.56 -15.26 -3.73
CA CYS C 413 -46.80 -14.24 -3.03
C CYS C 413 -47.62 -12.97 -2.92
N VAL C 414 -47.28 -12.15 -1.93
CA VAL C 414 -47.92 -10.87 -1.69
C VAL C 414 -46.84 -9.80 -1.59
N SER C 415 -47.10 -8.64 -2.18
CA SER C 415 -46.10 -7.58 -2.25
C SER C 415 -46.78 -6.22 -2.13
N ASN C 416 -45.96 -5.19 -1.93
CA ASN C 416 -46.41 -3.81 -1.87
C ASN C 416 -46.13 -3.13 -3.20
N ILE C 417 -46.98 -2.15 -3.53
CA ILE C 417 -46.71 -1.22 -4.62
C ILE C 417 -46.49 0.15 -3.99
N THR C 418 -45.34 0.75 -4.27
CA THR C 418 -44.88 1.96 -3.61
C THR C 418 -44.35 2.98 -4.61
N GLY C 419 -44.84 2.92 -5.84
CA GLY C 419 -44.45 3.91 -6.83
C GLY C 419 -44.75 3.44 -8.24
N LEU C 420 -44.56 4.37 -9.18
CA LEU C 420 -44.84 4.13 -10.58
C LEU C 420 -43.80 4.82 -11.43
N ILE C 421 -43.62 4.31 -12.65
CA ILE C 421 -42.80 4.94 -13.69
C ILE C 421 -43.75 5.28 -14.84
N LEU C 422 -43.96 6.56 -15.07
CA LEU C 422 -44.92 7.05 -16.05
C LEU C 422 -44.19 7.80 -17.16
N THR C 423 -44.91 8.02 -18.26
CA THR C 423 -44.41 8.81 -19.38
C THR C 423 -45.58 9.56 -20.01
N ARG C 424 -45.34 10.81 -20.38
CA ARG C 424 -46.37 11.66 -20.96
C ARG C 424 -46.34 11.52 -22.47
N ASP C 425 -47.43 11.00 -23.04
CA ASP C 425 -47.52 10.81 -24.48
C ASP C 425 -47.90 12.13 -25.13
N GLY C 426 -47.22 12.47 -26.22
CA GLY C 426 -47.49 13.70 -26.94
C GLY C 426 -47.20 14.93 -26.09
N GLY C 427 -48.25 15.62 -25.66
CA GLY C 427 -48.11 16.80 -24.83
C GLY C 427 -48.02 18.10 -25.59
N SER C 428 -48.32 18.12 -26.88
CA SER C 428 -48.25 19.36 -27.65
C SER C 428 -49.35 20.32 -27.19
N THR C 429 -49.18 21.59 -27.55
CA THR C 429 -50.11 22.64 -27.14
C THR C 429 -51.44 22.55 -27.89
N ASN C 430 -51.53 21.67 -28.90
CA ASN C 430 -52.76 21.55 -29.67
C ASN C 430 -53.93 21.03 -28.83
N SER C 431 -53.66 20.37 -27.71
CA SER C 431 -54.69 19.80 -26.85
C SER C 431 -54.53 20.33 -25.43
N THR C 432 -55.64 20.27 -24.68
CA THR C 432 -55.68 20.74 -23.30
C THR C 432 -55.84 19.59 -22.32
N THR C 433 -55.41 18.38 -22.72
CA THR C 433 -55.49 17.20 -21.88
C THR C 433 -54.16 16.48 -21.91
N GLU C 434 -53.86 15.79 -20.81
CA GLU C 434 -52.61 15.05 -20.64
C GLU C 434 -52.92 13.58 -20.46
N THR C 435 -52.21 12.73 -21.21
CA THR C 435 -52.34 11.28 -21.13
C THR C 435 -51.02 10.70 -20.65
N PHE C 436 -51.06 9.93 -19.57
CA PHE C 436 -49.89 9.29 -18.98
C PHE C 436 -49.99 7.79 -19.19
N ARG C 437 -48.89 7.18 -19.63
CA ARG C 437 -48.82 5.74 -19.87
C ARG C 437 -47.68 5.12 -19.05
N PRO C 438 -47.80 3.86 -18.65
CA PRO C 438 -46.72 3.24 -17.89
C PRO C 438 -45.47 3.06 -18.74
N GLY C 439 -44.32 3.10 -18.07
CA GLY C 439 -43.03 2.92 -18.73
C GLY C 439 -42.14 1.92 -18.03
N GLY C 440 -40.86 1.92 -18.36
CA GLY C 440 -39.92 1.00 -17.76
C GLY C 440 -38.79 0.71 -18.72
N GLY C 441 -38.29 -0.53 -18.66
CA GLY C 441 -37.21 -0.97 -19.52
C GLY C 441 -35.85 -0.82 -18.89
N ASP C 442 -35.44 0.42 -18.60
CA ASP C 442 -34.15 0.67 -17.98
C ASP C 442 -34.26 0.43 -16.48
N MET C 443 -33.37 -0.41 -15.94
CA MET C 443 -33.42 -0.78 -14.55
C MET C 443 -32.68 0.21 -13.64
N ARG C 444 -31.90 1.13 -14.21
CA ARG C 444 -31.22 2.13 -13.38
C ARG C 444 -32.23 2.96 -12.58
N ASP C 445 -33.39 3.24 -13.18
CA ASP C 445 -34.44 3.97 -12.48
C ASP C 445 -34.93 3.24 -11.24
N ASN C 446 -34.80 1.91 -11.18
CA ASN C 446 -35.15 1.20 -9.95
C ASN C 446 -34.17 1.51 -8.84
N TRP C 447 -32.89 1.69 -9.19
CA TRP C 447 -31.90 2.06 -8.17
C TRP C 447 -32.01 3.54 -7.83
N ARG C 448 -32.34 4.38 -8.81
CA ARG C 448 -32.39 5.82 -8.58
C ARG C 448 -33.46 6.22 -7.59
N SER C 449 -34.52 5.40 -7.45
CA SER C 449 -35.59 5.70 -6.50
C SER C 449 -35.17 5.50 -5.05
N GLU C 450 -34.02 4.85 -4.80
CA GLU C 450 -33.54 4.59 -3.46
C GLU C 450 -32.29 5.37 -3.10
N LEU C 451 -31.42 5.67 -4.07
CA LEU C 451 -30.18 6.41 -3.83
C LEU C 451 -30.31 7.88 -4.16
N TYR C 452 -31.50 8.46 -3.98
CA TYR C 452 -31.75 9.85 -4.33
C TYR C 452 -31.35 10.82 -3.21
N LYS C 453 -31.25 10.36 -1.97
CA LYS C 453 -30.93 11.21 -0.83
C LYS C 453 -29.53 10.96 -0.29
N TYR C 454 -28.60 10.54 -1.15
CA TYR C 454 -27.23 10.25 -0.75
C TYR C 454 -26.25 10.83 -1.76
N LYS C 455 -25.08 11.22 -1.26
CA LYS C 455 -23.98 11.62 -2.11
C LYS C 455 -22.67 11.35 -1.38
N VAL C 456 -21.58 11.36 -2.13
CA VAL C 456 -20.26 11.01 -1.62
C VAL C 456 -19.32 12.20 -1.84
N VAL C 457 -18.54 12.53 -0.82
CA VAL C 457 -17.58 13.62 -0.89
C VAL C 457 -16.25 13.15 -0.30
N LYS C 458 -15.18 13.90 -0.60
CA LYS C 458 -13.85 13.61 -0.12
C LYS C 458 -13.33 14.80 0.68
N ILE C 459 -12.66 14.51 1.80
CA ILE C 459 -12.24 15.54 2.74
C ILE C 459 -10.91 16.13 2.29
N GLU C 460 -10.71 17.42 2.59
CA GLU C 460 -9.49 18.15 2.26
C GLU C 460 -9.01 18.85 3.53
N PRO C 461 -8.27 18.14 4.41
CA PRO C 461 -7.97 18.72 5.73
C PRO C 461 -7.04 19.93 5.72
N LEU C 462 -6.14 20.00 4.76
CA LEU C 462 -5.15 21.08 4.76
C LEU C 462 -5.81 22.42 4.47
N GLY C 463 -5.36 23.46 5.17
CA GLY C 463 -5.88 24.79 4.96
C GLY C 463 -4.87 25.84 5.36
N VAL C 464 -5.00 27.03 4.77
CA VAL C 464 -4.11 28.16 5.02
C VAL C 464 -4.96 29.37 5.39
N ALA C 465 -4.53 30.11 6.41
CA ALA C 465 -5.26 31.26 6.91
C ALA C 465 -4.28 32.37 7.26
N PRO C 466 -4.77 33.61 7.43
CA PRO C 466 -3.89 34.69 7.92
C PRO C 466 -3.93 34.81 9.44
N THR C 467 -2.78 34.99 10.07
CA THR C 467 -2.72 35.13 11.52
C THR C 467 -1.57 36.08 11.87
N ARG C 468 -1.27 36.19 13.16
CA ARG C 468 -0.28 37.12 13.67
C ARG C 468 1.03 36.45 14.09
N CYS C 469 0.98 35.21 14.58
CA CYS C 469 2.18 34.58 15.11
C CYS C 469 3.20 34.33 14.00
N LYS C 470 4.47 34.57 14.33
CA LYS C 470 5.60 34.41 13.42
C LYS C 470 6.55 33.36 13.96
N ARG C 471 7.05 32.51 13.07
CA ARG C 471 8.00 31.47 13.45
C ARG C 471 9.31 32.10 13.87
N ALA D 1 -28.79 35.93 21.58
CA ALA D 1 -28.03 35.46 20.42
C ALA D 1 -26.53 35.65 20.60
N VAL D 2 -26.12 36.20 21.75
CA VAL D 2 -24.72 36.46 22.05
C VAL D 2 -24.46 36.01 23.47
N GLY D 3 -23.30 35.38 23.69
CA GLY D 3 -22.94 34.89 25.01
C GLY D 3 -23.36 33.46 25.23
N ILE D 4 -23.31 32.66 24.17
CA ILE D 4 -23.67 31.25 24.20
C ILE D 4 -22.48 30.42 23.74
N GLY D 5 -22.21 29.32 24.44
CA GLY D 5 -21.11 28.44 24.12
C GLY D 5 -21.56 27.27 23.27
N ALA D 6 -20.69 26.86 22.35
CA ALA D 6 -20.95 25.73 21.46
C ALA D 6 -19.71 24.85 21.42
N VAL D 7 -19.89 23.56 21.72
CA VAL D 7 -18.82 22.57 21.68
C VAL D 7 -19.29 21.37 20.88
N PHE D 8 -18.45 20.88 19.98
CA PHE D 8 -18.77 19.77 19.10
C PHE D 8 -17.70 18.69 19.25
N LEU D 9 -18.17 17.44 19.38
CA LEU D 9 -17.28 16.29 19.49
C LEU D 9 -17.53 15.27 18.38
N GLY D 10 -18.29 15.64 17.34
CA GLY D 10 -18.56 14.74 16.24
C GLY D 10 -17.45 14.75 15.21
N PHE D 11 -17.63 13.93 14.17
CA PHE D 11 -16.65 13.85 13.10
C PHE D 11 -16.56 15.18 12.35
N LEU D 12 -17.68 15.62 11.76
CA LEU D 12 -17.76 16.89 11.04
C LEU D 12 -18.81 17.81 11.67
N GLY D 13 -18.94 17.76 12.99
CA GLY D 13 -19.94 18.57 13.66
C GLY D 13 -19.69 20.06 13.52
N ALA D 14 -18.41 20.46 13.52
CA ALA D 14 -18.03 21.87 13.44
C ALA D 14 -18.00 22.39 12.01
N ALA D 15 -18.52 21.64 11.04
CA ALA D 15 -18.52 22.10 9.65
C ALA D 15 -19.34 23.37 9.46
N GLY D 16 -20.41 23.54 10.24
CA GLY D 16 -21.28 24.70 10.13
C GLY D 16 -20.95 25.85 11.05
N SER D 17 -19.92 25.74 11.88
CA SER D 17 -19.54 26.79 12.81
C SER D 17 -18.50 27.69 12.17
N THR D 18 -18.13 28.76 12.88
CA THR D 18 -17.14 29.70 12.39
C THR D 18 -15.74 29.07 12.41
N MET D 19 -14.80 29.74 11.72
CA MET D 19 -13.44 29.23 11.65
C MET D 19 -12.80 29.14 13.04
N GLY D 20 -12.97 30.17 13.85
CA GLY D 20 -12.39 30.15 15.18
C GLY D 20 -12.95 29.03 16.05
N ALA D 21 -14.27 28.86 16.02
CA ALA D 21 -14.87 27.76 16.77
C ALA D 21 -14.46 26.41 16.22
N ALA D 22 -14.37 26.29 14.89
CA ALA D 22 -14.04 25.02 14.25
C ALA D 22 -12.58 24.65 14.37
N SER D 23 -11.70 25.60 14.72
CA SER D 23 -10.27 25.33 14.84
C SER D 23 -9.89 24.66 16.15
N MET D 24 -10.87 24.32 17.01
CA MET D 24 -10.61 23.68 18.29
C MET D 24 -10.90 22.18 18.27
N THR D 25 -11.28 21.62 17.13
CA THR D 25 -11.61 20.19 17.00
C THR D 25 -10.92 19.60 15.77
N LEU D 26 -9.63 19.89 15.62
CA LEU D 26 -8.88 19.35 14.48
C LEU D 26 -8.53 17.89 14.66
N THR D 27 -8.29 17.45 15.90
CA THR D 27 -7.84 16.07 16.13
C THR D 27 -8.91 15.06 15.74
N VAL D 28 -10.18 15.37 16.00
CA VAL D 28 -11.25 14.41 15.69
C VAL D 28 -11.31 14.14 14.19
N GLN D 29 -11.04 15.17 13.37
CA GLN D 29 -10.96 14.96 11.94
C GLN D 29 -9.64 14.30 11.54
N ALA D 30 -8.56 14.58 12.27
CA ALA D 30 -7.26 13.99 11.95
C ALA D 30 -7.27 12.47 12.16
N ARG D 31 -7.99 11.99 13.17
CA ARG D 31 -8.00 10.55 13.45
C ARG D 31 -8.53 9.74 12.27
N ASN D 32 -9.61 10.22 11.66
CA ASN D 32 -10.36 9.41 10.69
C ASN D 32 -9.67 9.31 9.33
N LEU D 33 -8.74 10.21 9.02
CA LEU D 33 -8.18 10.28 7.68
C LEU D 33 -7.51 8.97 7.24
N LEU D 34 -6.98 8.19 8.17
CA LEU D 34 -6.38 6.90 7.86
C LEU D 34 -7.34 5.74 7.96
N SER D 35 -8.23 5.74 8.95
CA SER D 35 -9.20 4.67 9.11
C SER D 35 -10.18 4.99 10.24
N THR D 58 -15.12 -12.21 -4.74
CA THR D 58 -13.96 -11.70 -5.46
C THR D 58 -14.24 -10.30 -6.02
N VAL D 59 -15.52 -10.01 -6.27
CA VAL D 59 -15.88 -8.70 -6.81
C VAL D 59 -15.58 -7.61 -5.79
N TRP D 60 -15.69 -7.91 -4.50
CA TRP D 60 -15.57 -6.90 -3.45
C TRP D 60 -14.16 -6.80 -2.87
N GLY D 61 -13.40 -7.90 -2.90
CA GLY D 61 -12.06 -7.86 -2.33
C GLY D 61 -11.14 -6.92 -3.07
N ILE D 62 -11.22 -6.90 -4.40
CA ILE D 62 -10.38 -6.00 -5.19
C ILE D 62 -10.75 -4.56 -4.92
N LYS D 63 -12.05 -4.27 -4.79
CA LYS D 63 -12.48 -2.92 -4.44
C LYS D 63 -11.93 -2.52 -3.08
N GLN D 64 -11.99 -3.42 -2.11
CA GLN D 64 -11.45 -3.13 -0.78
C GLN D 64 -9.95 -2.84 -0.85
N LEU D 65 -9.23 -3.65 -1.62
CA LEU D 65 -7.77 -3.46 -1.73
C LEU D 65 -7.44 -2.12 -2.37
N GLN D 66 -8.14 -1.78 -3.46
CA GLN D 66 -7.90 -0.50 -4.12
C GLN D 66 -8.25 0.67 -3.19
N ALA D 67 -9.34 0.54 -2.43
CA ALA D 67 -9.71 1.57 -1.47
C ALA D 67 -8.62 1.76 -0.42
N ARG D 68 -8.10 0.66 0.12
CA ARG D 68 -7.05 0.75 1.12
C ARG D 68 -5.81 1.43 0.55
N VAL D 69 -5.42 1.05 -0.67
CA VAL D 69 -4.24 1.63 -1.30
C VAL D 69 -4.42 3.13 -1.51
N LEU D 70 -5.59 3.53 -2.02
CA LEU D 70 -5.84 4.95 -2.26
C LEU D 70 -5.83 5.74 -0.94
N ALA D 71 -6.43 5.18 0.11
CA ALA D 71 -6.45 5.87 1.40
C ALA D 71 -5.04 6.04 1.93
N VAL D 72 -4.18 5.02 1.78
CA VAL D 72 -2.80 5.15 2.21
C VAL D 72 -2.08 6.22 1.39
N GLU D 73 -2.28 6.21 0.07
CA GLU D 73 -1.55 7.13 -0.80
C GLU D 73 -1.89 8.58 -0.49
N ARG D 74 -3.18 8.88 -0.32
CA ARG D 74 -3.56 10.27 -0.06
C ARG D 74 -3.00 10.76 1.26
N TYR D 75 -3.06 9.93 2.30
CA TYR D 75 -2.52 10.31 3.60
C TYR D 75 -1.02 10.55 3.52
N LEU D 76 -0.31 9.67 2.80
CA LEU D 76 1.14 9.84 2.68
C LEU D 76 1.48 11.12 1.93
N ARG D 77 0.72 11.43 0.87
CA ARG D 77 0.94 12.68 0.14
C ARG D 77 0.73 13.87 1.05
N ASP D 78 -0.34 13.86 1.84
CA ASP D 78 -0.61 14.98 2.74
C ASP D 78 0.50 15.13 3.77
N GLN D 79 0.97 14.01 4.34
CA GLN D 79 2.03 14.07 5.33
C GLN D 79 3.33 14.60 4.72
N GLN D 80 3.66 14.17 3.50
CA GLN D 80 4.86 14.68 2.85
C GLN D 80 4.75 16.18 2.62
N LEU D 81 3.59 16.64 2.15
CA LEU D 81 3.41 18.07 1.90
C LEU D 81 3.53 18.87 3.19
N LEU D 82 2.97 18.36 4.29
CA LEU D 82 3.10 19.05 5.57
C LEU D 82 4.55 19.07 6.03
N GLY D 83 5.27 17.96 5.86
CA GLY D 83 6.64 17.87 6.32
C GLY D 83 7.62 18.71 5.52
N ILE D 84 7.32 18.96 4.24
CA ILE D 84 8.22 19.76 3.43
C ILE D 84 8.29 21.20 3.94
N TRP D 85 7.17 21.74 4.44
CA TRP D 85 7.11 23.13 4.87
C TRP D 85 7.72 23.36 6.24
N GLY D 86 8.07 22.31 6.98
CA GLY D 86 8.64 22.45 8.30
C GLY D 86 7.65 22.36 9.45
N CYS D 87 6.36 22.17 9.16
CA CYS D 87 5.34 21.99 10.18
C CYS D 87 5.07 20.52 10.48
N SER D 88 6.09 19.67 10.36
CA SER D 88 5.90 18.23 10.58
C SER D 88 5.49 17.96 12.02
N GLY D 89 4.55 17.03 12.18
CA GLY D 89 4.07 16.67 13.49
C GLY D 89 3.39 17.79 14.24
N LYS D 90 2.68 18.66 13.52
CA LYS D 90 1.97 19.79 14.12
C LYS D 90 0.62 19.97 13.43
N LEU D 91 -0.36 20.42 14.21
CA LEU D 91 -1.69 20.70 13.70
C LEU D 91 -1.93 22.18 13.46
N ILE D 92 -1.22 23.05 14.19
CA ILE D 92 -1.24 24.49 13.96
C ILE D 92 0.21 24.95 13.91
N CYS D 93 0.57 25.65 12.84
CA CYS D 93 1.97 26.04 12.62
C CYS D 93 1.99 27.27 11.72
N CYS D 94 2.32 28.42 12.29
CA CYS D 94 2.51 29.63 11.50
C CYS D 94 3.98 29.76 11.09
N THR D 95 4.20 30.50 10.00
CA THR D 95 5.48 30.50 9.32
C THR D 95 5.97 31.93 9.05
N ASN D 96 7.10 32.06 8.37
CA ASN D 96 7.76 33.34 8.15
C ASN D 96 7.21 34.11 6.95
N VAL D 97 6.36 33.49 6.14
CA VAL D 97 5.90 34.08 4.88
C VAL D 97 4.87 35.16 5.17
N PRO D 98 5.04 36.40 4.72
CA PRO D 98 4.01 37.42 4.97
C PRO D 98 2.76 37.20 4.14
N TRP D 99 1.64 37.71 4.63
CA TRP D 99 0.35 37.60 3.96
C TRP D 99 0.25 38.69 2.91
N ASN D 100 0.38 38.33 1.65
CA ASN D 100 0.23 39.30 0.57
C ASN D 100 -1.20 39.82 0.56
N SER D 101 -1.34 41.14 0.48
CA SER D 101 -2.66 41.76 0.53
C SER D 101 -3.48 41.48 -0.72
N SER D 102 -2.84 41.07 -1.82
CA SER D 102 -3.58 40.75 -3.03
C SER D 102 -4.45 39.51 -2.87
N TRP D 103 -4.05 38.57 -2.02
CA TRP D 103 -4.84 37.36 -1.85
C TRP D 103 -6.17 37.63 -1.17
N SER D 104 -6.17 38.50 -0.16
CA SER D 104 -7.39 38.85 0.54
C SER D 104 -7.21 40.22 1.20
N ASN D 105 -8.34 40.85 1.53
CA ASN D 105 -8.34 42.19 2.11
C ASN D 105 -9.16 42.31 3.38
N ARG D 106 -9.84 41.25 3.82
CA ARG D 106 -10.65 41.33 5.03
C ARG D 106 -9.75 41.37 6.27
N ASN D 107 -10.36 41.78 7.39
CA ASN D 107 -9.69 41.81 8.68
C ASN D 107 -9.92 40.51 9.43
N LEU D 108 -9.10 40.30 10.47
CA LEU D 108 -9.22 39.08 11.27
C LEU D 108 -10.56 38.99 11.98
N SER D 109 -11.18 40.12 12.32
CA SER D 109 -12.48 40.07 12.99
C SER D 109 -13.56 39.53 12.08
N GLU D 110 -13.47 39.80 10.78
CA GLU D 110 -14.47 39.38 9.81
C GLU D 110 -14.16 38.04 9.16
N ILE D 111 -13.07 37.38 9.56
CA ILE D 111 -12.68 36.09 9.01
C ILE D 111 -12.93 35.00 10.05
N TRP D 112 -12.33 35.16 11.23
CA TRP D 112 -12.40 34.14 12.26
C TRP D 112 -13.69 34.16 13.07
N ASP D 113 -14.52 35.19 12.90
CA ASP D 113 -15.78 35.31 13.63
C ASP D 113 -16.96 35.62 12.72
N ASN D 114 -16.75 35.64 11.39
CA ASN D 114 -17.83 35.95 10.45
C ASN D 114 -17.79 35.07 9.21
N MET D 115 -17.12 33.91 9.27
CA MET D 115 -16.99 33.06 8.09
C MET D 115 -16.74 31.62 8.53
N THR D 116 -16.95 30.69 7.60
CA THR D 116 -16.74 29.27 7.81
C THR D 116 -15.57 28.81 6.94
N TRP D 117 -15.03 27.64 7.28
CA TRP D 117 -13.88 27.11 6.53
C TRP D 117 -14.24 26.84 5.07
N LEU D 118 -15.45 26.34 4.81
CA LEU D 118 -15.85 26.05 3.44
C LEU D 118 -15.86 27.32 2.58
N GLN D 119 -16.42 28.40 3.12
CA GLN D 119 -16.44 29.66 2.39
C GLN D 119 -15.03 30.19 2.15
N TRP D 120 -14.16 30.07 3.15
CA TRP D 120 -12.78 30.52 3.01
C TRP D 120 -12.05 29.73 1.93
N ASP D 121 -12.23 28.41 1.92
CA ASP D 121 -11.62 27.58 0.90
C ASP D 121 -12.15 27.93 -0.49
N LYS D 122 -13.45 28.17 -0.59
CA LYS D 122 -14.02 28.57 -1.88
C LYS D 122 -13.44 29.91 -2.34
N GLU D 123 -13.17 30.81 -1.40
CA GLU D 123 -12.68 32.14 -1.74
C GLU D 123 -11.20 32.13 -2.12
N ILE D 124 -10.39 31.27 -1.50
CA ILE D 124 -8.93 31.33 -1.63
C ILE D 124 -8.39 30.29 -2.59
N SER D 125 -9.24 29.42 -3.16
CA SER D 125 -8.75 28.29 -3.95
C SER D 125 -7.93 28.72 -5.17
N ASN D 126 -8.04 29.97 -5.60
CA ASN D 126 -7.31 30.42 -6.78
C ASN D 126 -5.82 30.60 -6.52
N TYR D 127 -5.42 30.85 -5.27
CA TYR D 127 -4.04 31.22 -4.95
C TYR D 127 -3.38 30.24 -3.99
N THR D 128 -3.50 28.94 -4.27
CA THR D 128 -2.99 27.92 -3.34
C THR D 128 -1.55 27.53 -3.61
N GLN D 129 -1.16 27.35 -4.88
CA GLN D 129 0.16 26.80 -5.18
C GLN D 129 1.28 27.78 -4.88
N ILE D 130 1.04 29.08 -5.08
CA ILE D 130 2.08 30.08 -4.84
C ILE D 130 2.51 30.05 -3.39
N ILE D 131 1.54 29.97 -2.48
CA ILE D 131 1.84 29.91 -1.06
C ILE D 131 2.67 28.67 -0.74
N TYR D 132 2.33 27.54 -1.38
CA TYR D 132 3.08 26.30 -1.14
C TYR D 132 4.53 26.45 -1.57
N GLY D 133 4.75 27.01 -2.77
CA GLY D 133 6.10 27.20 -3.24
C GLY D 133 6.90 28.15 -2.35
N LEU D 134 6.26 29.25 -1.93
CA LEU D 134 6.93 30.19 -1.03
C LEU D 134 7.29 29.53 0.29
N LEU D 135 6.38 28.70 0.82
CA LEU D 135 6.66 27.99 2.06
C LEU D 135 7.85 27.06 1.90
N GLU D 136 7.90 26.31 0.80
CA GLU D 136 9.00 25.38 0.58
C GLU D 136 10.32 26.13 0.48
N GLU D 137 10.35 27.23 -0.29
CA GLU D 137 11.59 27.99 -0.44
C GLU D 137 12.02 28.58 0.89
N SER D 138 11.07 29.11 1.67
CA SER D 138 11.42 29.69 2.96
C SER D 138 11.96 28.63 3.91
N GLN D 139 11.36 27.44 3.91
CA GLN D 139 11.85 26.38 4.78
C GLN D 139 13.26 25.95 4.38
N ASN D 140 13.52 25.85 3.08
CA ASN D 140 14.87 25.49 2.63
C ASN D 140 15.89 26.55 3.05
N GLN D 141 15.53 27.82 2.88
CA GLN D 141 16.45 28.89 3.29
C GLN D 141 16.69 28.87 4.79
N GLN D 142 15.63 28.62 5.57
CA GLN D 142 15.79 28.55 7.02
C GLN D 142 16.68 27.39 7.43
N GLU D 143 16.54 26.24 6.76
CA GLU D 143 17.41 25.12 7.07
C GLU D 143 18.86 25.44 6.74
N LYS D 144 19.11 26.08 5.60
CA LYS D 144 20.47 26.45 5.24
C LYS D 144 21.05 27.44 6.25
N ASN D 145 20.25 28.42 6.68
CA ASN D 145 20.73 29.39 7.65
C ASN D 145 21.02 28.72 9.00
N GLU D 146 20.17 27.77 9.41
CA GLU D 146 20.42 27.05 10.65
C GLU D 146 21.71 26.25 10.58
N GLN D 147 21.96 25.59 9.45
CA GLN D 147 23.21 24.85 9.30
C GLN D 147 24.40 25.79 9.35
N ASP D 148 24.29 26.94 8.67
CA ASP D 148 25.39 27.91 8.69
C ASP D 148 25.66 28.40 10.11
N LEU D 149 24.59 28.69 10.87
CA LEU D 149 24.77 29.14 12.25
C LEU D 149 25.42 28.06 13.10
N LEU D 150 24.98 26.81 12.93
CA LEU D 150 25.56 25.71 13.71
C LEU D 150 26.98 25.38 13.28
N ALA D 151 27.40 25.84 12.09
CA ALA D 151 28.77 25.58 11.65
C ALA D 151 29.79 26.21 12.59
N LEU D 152 29.51 27.43 13.06
CA LEU D 152 30.41 28.13 13.97
C LEU D 152 30.56 27.35 15.28
N ALA E 1 42.21 18.89 14.67
CA ALA E 1 42.46 19.83 13.58
C ALA E 1 41.33 19.80 12.57
N GLU E 2 41.11 18.63 11.96
CA GLU E 2 40.04 18.49 10.98
C GLU E 2 38.68 18.72 11.62
N ASN E 3 38.44 18.12 12.78
CA ASN E 3 37.20 18.25 13.56
C ASN E 3 35.95 18.19 12.68
N LEU E 4 35.94 17.20 11.79
CA LEU E 4 34.83 16.99 10.86
C LEU E 4 33.87 15.95 11.40
N TRP E 5 32.60 16.09 11.03
CA TRP E 5 31.52 15.25 11.55
C TRP E 5 30.58 14.87 10.41
N VAL E 6 29.81 13.82 10.63
CA VAL E 6 28.91 13.30 9.59
C VAL E 6 27.69 14.19 9.49
N THR E 7 27.22 14.41 8.26
CA THR E 7 26.00 15.14 7.97
C THR E 7 25.20 14.38 6.93
N VAL E 8 23.89 14.36 7.14
CA VAL E 8 22.96 13.59 6.30
C VAL E 8 22.23 14.55 5.39
N TYR E 9 22.18 14.21 4.09
CA TYR E 9 21.47 14.99 3.09
C TYR E 9 20.42 14.10 2.45
N TYR E 10 19.20 14.63 2.35
CA TYR E 10 18.07 13.94 1.73
C TYR E 10 17.67 14.69 0.48
N GLY E 11 17.46 13.95 -0.61
CA GLY E 11 17.20 14.54 -1.90
C GLY E 11 18.41 14.63 -2.82
N VAL E 12 19.49 13.91 -2.51
CA VAL E 12 20.71 13.98 -3.32
C VAL E 12 20.43 13.44 -4.72
N PRO E 13 20.92 14.09 -5.80
CA PRO E 13 20.69 13.53 -7.15
C PRO E 13 21.69 12.43 -7.52
N VAL E 14 21.39 11.21 -7.06
CA VAL E 14 22.20 10.03 -7.36
C VAL E 14 21.26 8.90 -7.77
N TRP E 15 21.68 8.14 -8.77
CA TRP E 15 20.87 7.05 -9.30
C TRP E 15 21.75 5.82 -9.48
N LYS E 16 21.08 4.66 -9.54
CA LYS E 16 21.75 3.38 -9.76
C LYS E 16 20.94 2.56 -10.75
N ASP E 17 21.64 1.67 -11.47
CA ASP E 17 20.97 0.78 -12.40
C ASP E 17 20.03 -0.16 -11.64
N ALA E 18 18.86 -0.41 -12.21
CA ALA E 18 17.86 -1.25 -11.57
C ALA E 18 16.92 -1.81 -12.62
N GLU E 19 16.22 -2.87 -12.23
CA GLU E 19 15.20 -3.51 -13.05
C GLU E 19 13.86 -3.38 -12.34
N THR E 20 12.86 -2.85 -13.06
CA THR E 20 11.52 -2.65 -12.51
C THR E 20 10.51 -3.01 -13.60
N THR E 21 9.25 -2.69 -13.34
CA THR E 21 8.15 -2.94 -14.28
C THR E 21 7.59 -1.59 -14.72
N LEU E 22 7.66 -1.33 -16.02
CA LEU E 22 7.07 -0.13 -16.60
C LEU E 22 5.62 -0.41 -17.00
N PHE E 23 4.84 0.67 -17.13
CA PHE E 23 3.44 0.56 -17.48
C PHE E 23 3.16 1.35 -18.76
N CYS E 24 1.98 1.13 -19.31
CA CYS E 24 1.61 1.64 -20.62
C CYS E 24 0.97 3.02 -20.53
N ALA E 25 1.12 3.78 -21.61
CA ALA E 25 0.44 5.07 -21.76
C ALA E 25 0.25 5.31 -23.25
N SER E 26 -0.96 5.74 -23.63
CA SER E 26 -1.30 5.95 -25.02
C SER E 26 -2.26 7.13 -25.14
N ASP E 27 -2.27 7.75 -26.30
CA ASP E 27 -3.12 8.89 -26.56
C ASP E 27 -4.59 8.48 -26.58
N HIS E 36 -11.74 -1.34 -31.55
CA HIS E 36 -11.15 -2.56 -31.00
C HIS E 36 -9.81 -2.84 -31.66
N ASN E 37 -8.82 -3.20 -30.85
CA ASN E 37 -7.46 -3.44 -31.33
C ASN E 37 -6.82 -4.54 -30.50
N VAL E 38 -5.90 -5.27 -31.12
CA VAL E 38 -5.22 -6.34 -30.40
C VAL E 38 -4.31 -5.77 -29.32
N TRP E 39 -3.62 -4.67 -29.64
CA TRP E 39 -2.77 -3.97 -28.66
C TRP E 39 -3.66 -2.99 -27.89
N ALA E 40 -4.34 -3.53 -26.88
CA ALA E 40 -5.39 -2.82 -26.17
C ALA E 40 -4.89 -1.53 -25.53
N THR E 41 -5.37 -0.39 -26.03
CA THR E 41 -5.09 0.91 -25.45
C THR E 41 -6.19 1.36 -24.49
N HIS E 42 -7.19 0.51 -24.22
CA HIS E 42 -8.28 0.92 -23.35
C HIS E 42 -7.83 1.00 -21.90
N ALA E 43 -6.98 0.06 -21.47
CA ALA E 43 -6.47 0.02 -20.11
C ALA E 43 -5.13 0.74 -19.95
N CYS E 44 -4.79 1.62 -20.89
CA CYS E 44 -3.56 2.39 -20.85
C CYS E 44 -3.86 3.81 -20.39
N VAL E 45 -3.02 4.34 -19.50
CA VAL E 45 -3.28 5.68 -18.95
C VAL E 45 -3.15 6.71 -20.06
N PRO E 46 -3.94 7.78 -20.07
CA PRO E 46 -3.74 8.81 -21.11
C PRO E 46 -2.37 9.46 -20.99
N THR E 47 -1.82 9.82 -22.15
CA THR E 47 -0.51 10.47 -22.22
C THR E 47 -0.67 11.98 -22.09
N ASP E 48 0.30 12.60 -21.44
CA ASP E 48 0.24 14.05 -21.26
C ASP E 48 0.40 14.75 -22.62
N PRO E 49 -0.32 15.85 -22.85
CA PRO E 49 -0.20 16.52 -24.17
C PRO E 49 1.19 17.06 -24.44
N ASN E 50 1.91 17.50 -23.40
CA ASN E 50 3.22 18.13 -23.53
C ASN E 50 4.20 17.40 -22.63
N PRO E 51 4.80 16.29 -23.08
CA PRO E 51 5.73 15.57 -22.22
C PRO E 51 6.94 16.42 -21.86
N GLN E 52 7.44 16.21 -20.65
CA GLN E 52 8.55 16.99 -20.11
C GLN E 52 9.85 16.20 -20.23
N GLU E 53 10.85 16.81 -20.87
CA GLU E 53 12.18 16.23 -21.00
C GLU E 53 13.18 17.21 -20.39
N ILE E 54 13.97 16.71 -19.45
CA ILE E 54 14.94 17.53 -18.73
C ILE E 54 16.34 17.15 -19.20
N HIS E 55 17.02 18.07 -19.89
CA HIS E 55 18.37 17.80 -20.36
C HIS E 55 19.34 17.91 -19.20
N LEU E 56 20.26 16.96 -19.11
CA LEU E 56 21.31 16.96 -18.10
C LEU E 56 22.63 17.30 -18.78
N GLU E 57 23.28 18.36 -18.28
CA GLU E 57 24.52 18.86 -18.88
C GLU E 57 25.70 18.42 -18.02
N ASN E 58 26.76 17.97 -18.69
CA ASN E 58 27.93 17.39 -18.03
C ASN E 58 27.59 16.09 -17.31
N VAL E 59 26.81 15.23 -17.95
CA VAL E 59 26.49 13.91 -17.44
C VAL E 59 26.82 12.89 -18.53
N THR E 60 27.76 12.00 -18.22
CA THR E 60 28.17 10.93 -19.13
C THR E 60 27.71 9.62 -18.54
N GLU E 61 26.89 8.88 -19.29
CA GLU E 61 26.30 7.63 -18.82
C GLU E 61 26.91 6.46 -19.59
N GLU E 62 26.59 5.25 -19.14
CA GLU E 62 27.00 4.01 -19.80
C GLU E 62 25.76 3.33 -20.35
N PHE E 63 25.79 2.96 -21.63
CA PHE E 63 24.65 2.36 -22.30
C PHE E 63 25.06 1.05 -22.97
N ASN E 64 24.09 0.14 -23.07
CA ASN E 64 24.32 -1.16 -23.70
C ASN E 64 22.97 -1.69 -24.17
N MET E 65 22.76 -1.68 -25.49
CA MET E 65 21.48 -2.11 -26.05
C MET E 65 21.30 -3.62 -26.05
N TRP E 66 22.39 -4.39 -25.95
CA TRP E 66 22.32 -5.84 -26.05
C TRP E 66 22.03 -6.52 -24.72
N LYS E 67 21.87 -5.76 -23.63
CA LYS E 67 21.48 -6.30 -22.34
C LYS E 67 20.30 -5.54 -21.74
N ASN E 68 19.52 -4.85 -22.57
CA ASN E 68 18.37 -4.11 -22.08
C ASN E 68 17.28 -5.06 -21.62
N ASN E 69 16.71 -4.78 -20.45
CA ASN E 69 15.60 -5.55 -19.92
C ASN E 69 14.24 -5.07 -20.41
N MET E 70 14.17 -3.88 -21.00
CA MET E 70 12.91 -3.37 -21.52
C MET E 70 12.44 -4.20 -22.72
N VAL E 71 13.36 -4.76 -23.49
CA VAL E 71 12.98 -5.56 -24.64
C VAL E 71 12.23 -6.81 -24.21
N GLU E 72 12.73 -7.48 -23.16
CA GLU E 72 12.05 -8.68 -22.67
C GLU E 72 10.66 -8.33 -22.14
N GLN E 73 10.55 -7.22 -21.41
CA GLN E 73 9.23 -6.80 -20.90
C GLN E 73 8.28 -6.51 -22.05
N MET E 74 8.75 -5.82 -23.09
CA MET E 74 7.90 -5.51 -24.23
C MET E 74 7.45 -6.79 -24.92
N HIS E 75 8.37 -7.74 -25.10
CA HIS E 75 8.01 -9.01 -25.73
C HIS E 75 6.95 -9.74 -24.92
N THR E 76 7.13 -9.79 -23.59
CA THR E 76 6.17 -10.47 -22.74
C THR E 76 4.79 -9.80 -22.79
N ASP E 77 4.77 -8.47 -22.73
CA ASP E 77 3.48 -7.77 -22.79
C ASP E 77 2.80 -7.96 -24.14
N ILE E 78 3.57 -7.93 -25.24
CA ILE E 78 2.97 -8.13 -26.55
C ILE E 78 2.36 -9.53 -26.65
N ILE E 79 3.10 -10.54 -26.19
CA ILE E 79 2.58 -11.91 -26.25
C ILE E 79 1.33 -12.04 -25.37
N SER E 80 1.37 -11.43 -24.17
CA SER E 80 0.23 -11.53 -23.27
C SER E 80 -1.01 -10.86 -23.88
N LEU E 81 -0.84 -9.68 -24.47
CA LEU E 81 -1.96 -8.99 -25.10
C LEU E 81 -2.50 -9.79 -26.28
N TRP E 82 -1.61 -10.38 -27.09
CA TRP E 82 -2.06 -11.20 -28.21
C TRP E 82 -2.88 -12.39 -27.73
N ASP E 83 -2.41 -13.06 -26.68
CA ASP E 83 -3.15 -14.19 -26.14
C ASP E 83 -4.49 -13.74 -25.55
N GLN E 84 -4.50 -12.60 -24.86
CA GLN E 84 -5.73 -12.13 -24.23
C GLN E 84 -6.79 -11.77 -25.27
N SER E 85 -6.38 -11.13 -26.36
CA SER E 85 -7.35 -10.68 -27.36
C SER E 85 -8.09 -11.83 -28.03
N LEU E 86 -7.49 -13.02 -28.08
CA LEU E 86 -8.06 -14.16 -28.78
C LEU E 86 -8.96 -15.02 -27.89
N LYS E 87 -9.07 -14.69 -26.60
CA LYS E 87 -9.88 -15.52 -25.70
C LYS E 87 -11.35 -15.56 -26.11
N PRO E 88 -12.04 -14.41 -26.31
CA PRO E 88 -13.46 -14.46 -26.70
C PRO E 88 -13.67 -14.52 -28.20
N CYS E 89 -13.37 -15.67 -28.80
CA CYS E 89 -13.54 -15.88 -30.23
C CYS E 89 -13.87 -17.34 -30.49
N VAL E 90 -14.38 -17.60 -31.70
CA VAL E 90 -14.87 -18.92 -32.04
C VAL E 90 -13.71 -19.92 -32.11
N LYS E 91 -13.95 -21.13 -31.63
CA LYS E 91 -13.00 -22.23 -31.72
C LYS E 91 -13.42 -23.13 -32.86
N LEU E 92 -12.49 -23.37 -33.79
CA LEU E 92 -12.79 -24.15 -35.01
C LEU E 92 -12.44 -25.63 -34.78
N THR E 93 -13.12 -26.23 -33.82
CA THR E 93 -12.99 -27.66 -33.55
C THR E 93 -13.74 -28.49 -34.60
N PRO E 94 -14.98 -28.14 -34.98
CA PRO E 94 -15.68 -28.96 -36.00
C PRO E 94 -14.99 -28.96 -37.35
N LEU E 95 -14.14 -27.98 -37.65
CA LEU E 95 -13.54 -27.87 -38.97
C LEU E 95 -12.57 -29.00 -39.29
N CYS E 96 -12.15 -29.79 -38.30
CA CYS E 96 -11.23 -30.91 -38.55
C CYS E 96 -12.05 -32.10 -39.03
N VAL E 97 -12.36 -32.07 -40.33
CA VAL E 97 -13.14 -33.11 -40.99
C VAL E 97 -12.51 -33.40 -42.34
N THR E 98 -12.82 -34.57 -42.88
CA THR E 98 -12.29 -34.99 -44.18
C THR E 98 -12.86 -34.09 -45.27
N LEU E 99 -11.96 -33.51 -46.08
CA LEU E 99 -12.35 -32.64 -47.18
C LEU E 99 -12.10 -33.36 -48.50
N GLN E 100 -13.00 -33.11 -49.46
CA GLN E 100 -12.86 -33.61 -50.83
C GLN E 100 -12.56 -32.41 -51.71
N CYS E 101 -11.33 -32.35 -52.23
CA CYS E 101 -10.82 -31.16 -52.91
C CYS E 101 -10.53 -31.46 -54.38
N THR E 102 -10.71 -30.43 -55.20
CA THR E 102 -10.37 -30.45 -56.61
C THR E 102 -9.59 -29.19 -56.96
N ASN E 103 -9.03 -29.17 -58.16
CA ASN E 103 -8.29 -28.01 -58.63
C ASN E 103 -9.23 -26.97 -59.21
N VAL E 104 -8.85 -25.70 -59.04
CA VAL E 104 -9.55 -24.57 -59.65
C VAL E 104 -8.74 -24.13 -60.86
N THR E 105 -9.36 -24.15 -62.03
CA THR E 105 -8.66 -23.93 -63.30
C THR E 105 -9.49 -23.05 -64.23
N ASN E 106 -10.04 -21.96 -63.70
CA ASN E 106 -10.73 -20.96 -64.50
C ASN E 106 -10.04 -19.60 -64.34
N ASN E 107 -9.74 -18.96 -65.47
CA ASN E 107 -9.13 -17.63 -65.50
C ASN E 107 -7.90 -17.53 -64.61
N ILE E 108 -7.08 -18.58 -64.64
CA ILE E 108 -5.85 -18.65 -63.84
C ILE E 108 -4.65 -18.47 -64.78
N THR E 109 -3.67 -17.71 -64.32
CA THR E 109 -2.43 -17.54 -65.06
C THR E 109 -1.54 -18.77 -64.88
N ASP E 110 -0.36 -18.73 -65.51
CA ASP E 110 0.55 -19.87 -65.46
C ASP E 110 1.25 -20.01 -64.12
N ASP E 111 1.40 -18.91 -63.37
CA ASP E 111 2.14 -18.96 -62.11
C ASP E 111 1.27 -19.28 -60.91
N MET E 112 -0.06 -19.27 -61.07
CA MET E 112 -0.98 -19.68 -60.01
C MET E 112 -1.70 -20.97 -60.42
N ARG E 113 -0.96 -21.93 -60.96
CA ARG E 113 -1.52 -23.20 -61.40
C ARG E 113 -1.43 -24.22 -60.27
N GLY E 114 -2.58 -24.59 -59.72
CA GLY E 114 -2.62 -25.52 -58.60
C GLY E 114 -2.40 -24.90 -57.25
N GLU E 115 -2.38 -23.58 -57.15
CA GLU E 115 -2.15 -22.90 -55.87
C GLU E 115 -3.41 -22.76 -55.03
N LEU E 116 -4.58 -23.08 -55.57
CA LEU E 116 -5.85 -22.99 -54.85
C LEU E 116 -6.60 -24.30 -55.00
N LYS E 117 -7.40 -24.64 -53.99
CA LYS E 117 -8.16 -25.88 -53.96
C LYS E 117 -9.62 -25.58 -53.62
N ASN E 118 -10.52 -26.19 -54.38
CA ASN E 118 -11.96 -26.09 -54.15
C ASN E 118 -12.37 -27.33 -53.37
N CYS E 119 -12.68 -27.15 -52.08
CA CYS E 119 -12.89 -28.27 -51.16
C CYS E 119 -14.32 -28.26 -50.65
N SER E 120 -14.99 -29.41 -50.78
CA SER E 120 -16.33 -29.63 -50.25
C SER E 120 -16.25 -30.58 -49.07
N PHE E 121 -17.14 -30.38 -48.11
CA PHE E 121 -17.15 -31.18 -46.88
C PHE E 121 -18.52 -31.09 -46.23
N ASN E 122 -18.69 -31.89 -45.18
CA ASN E 122 -19.90 -31.87 -44.36
C ASN E 122 -19.61 -31.07 -43.09
N MET E 123 -20.60 -30.30 -42.64
CA MET E 123 -20.47 -29.45 -41.47
C MET E 123 -21.73 -29.55 -40.63
N THR E 124 -21.57 -29.28 -39.33
CA THR E 124 -22.69 -29.28 -38.40
C THR E 124 -23.55 -28.04 -38.62
N THR E 125 -24.59 -27.91 -37.81
CA THR E 125 -25.50 -26.77 -37.87
C THR E 125 -25.97 -26.45 -36.46
N GLU E 126 -26.93 -25.52 -36.34
CA GLU E 126 -27.42 -25.12 -35.05
C GLU E 126 -28.09 -26.28 -34.31
N LEU E 127 -28.89 -27.07 -35.00
CA LEU E 127 -29.49 -28.27 -34.43
C LEU E 127 -28.46 -29.39 -34.44
N ARG E 128 -28.35 -30.10 -33.32
CA ARG E 128 -27.28 -31.10 -33.14
C ARG E 128 -27.63 -32.47 -33.72
N ASP E 129 -28.75 -32.60 -34.44
CA ASP E 129 -29.08 -33.86 -35.13
C ASP E 129 -29.23 -33.64 -36.63
N LYS E 130 -28.64 -32.58 -37.18
CA LYS E 130 -28.72 -32.28 -38.60
C LYS E 130 -27.33 -31.93 -39.11
N LYS E 131 -27.14 -32.13 -40.42
CA LYS E 131 -25.87 -31.86 -41.08
C LYS E 131 -26.13 -31.12 -42.38
N GLN E 132 -25.12 -30.38 -42.82
CA GLN E 132 -25.17 -29.64 -44.08
C GLN E 132 -23.92 -29.96 -44.90
N LYS E 133 -24.03 -29.76 -46.20
CA LYS E 133 -22.92 -29.93 -47.13
C LYS E 133 -22.51 -28.56 -47.64
N VAL E 134 -21.24 -28.19 -47.45
CA VAL E 134 -20.73 -26.87 -47.80
C VAL E 134 -19.44 -27.04 -48.58
N TYR E 135 -18.98 -25.92 -49.15
CA TYR E 135 -17.73 -25.89 -49.91
C TYR E 135 -17.04 -24.56 -49.68
N SER E 136 -15.75 -24.54 -49.97
CA SER E 136 -14.92 -23.36 -49.75
C SER E 136 -13.69 -23.44 -50.62
N LEU E 137 -12.91 -22.37 -50.60
CA LEU E 137 -11.63 -22.28 -51.30
C LEU E 137 -10.51 -22.18 -50.29
N PHE E 138 -9.49 -23.04 -50.44
CA PHE E 138 -8.36 -23.09 -49.54
C PHE E 138 -7.07 -22.92 -50.31
N TYR E 139 -6.04 -22.44 -49.62
CA TYR E 139 -4.71 -22.32 -50.21
C TYR E 139 -3.96 -23.64 -50.07
N ARG E 140 -3.07 -23.90 -51.02
CA ARG E 140 -2.34 -25.17 -51.04
C ARG E 140 -1.46 -25.34 -49.81
N LEU E 141 -1.06 -24.25 -49.16
CA LEU E 141 -0.23 -24.33 -47.97
C LEU E 141 -1.01 -24.71 -46.72
N ASP E 142 -2.34 -24.73 -46.78
CA ASP E 142 -3.18 -25.01 -45.63
C ASP E 142 -3.81 -26.40 -45.64
N VAL E 143 -3.59 -27.18 -46.69
CA VAL E 143 -4.20 -28.51 -46.83
C VAL E 143 -3.11 -29.51 -47.16
N VAL E 144 -3.19 -30.69 -46.54
CA VAL E 144 -2.26 -31.79 -46.78
C VAL E 144 -3.08 -33.03 -47.15
N GLN E 145 -2.60 -33.76 -48.16
CA GLN E 145 -3.31 -34.95 -48.61
C GLN E 145 -3.28 -36.03 -47.53
N ILE E 146 -4.42 -36.71 -47.38
CA ILE E 146 -4.55 -37.78 -46.39
C ILE E 146 -4.52 -39.13 -47.11
N LYS E 159 -7.55 -37.61 -53.59
CA LYS E 159 -8.59 -36.58 -53.70
C LYS E 159 -9.14 -36.16 -52.34
N GLU E 160 -8.55 -36.67 -51.26
CA GLU E 160 -8.95 -36.35 -49.90
C GLU E 160 -7.84 -35.58 -49.21
N TYR E 161 -8.19 -34.46 -48.58
CA TYR E 161 -7.24 -33.58 -47.92
C TYR E 161 -7.74 -33.25 -46.51
N ARG E 162 -6.84 -32.71 -45.69
CA ARG E 162 -7.20 -32.26 -44.35
C ARG E 162 -6.34 -31.07 -43.99
N LEU E 163 -6.84 -30.26 -43.05
CA LEU E 163 -6.08 -29.10 -42.60
C LEU E 163 -4.81 -29.54 -41.89
N ILE E 164 -3.74 -28.75 -42.07
CA ILE E 164 -2.42 -29.16 -41.59
C ILE E 164 -2.39 -29.28 -40.08
N ASN E 165 -3.11 -28.41 -39.38
CA ASN E 165 -3.03 -28.30 -37.93
C ASN E 165 -3.89 -29.33 -37.20
N CYS E 166 -4.60 -30.21 -37.92
CA CYS E 166 -5.51 -31.13 -37.26
C CYS E 166 -4.78 -32.12 -36.37
N ASN E 167 -3.59 -32.57 -36.77
CA ASN E 167 -2.83 -33.53 -35.99
C ASN E 167 -1.95 -32.88 -34.93
N THR E 168 -2.00 -31.56 -34.80
CA THR E 168 -1.25 -30.83 -33.78
C THR E 168 -2.17 -30.21 -32.73
N SER E 169 -3.11 -29.37 -33.14
CA SER E 169 -4.06 -28.75 -32.22
C SER E 169 -5.08 -27.96 -33.03
N ALA E 170 -6.26 -27.79 -32.45
CA ALA E 170 -7.28 -26.92 -33.00
C ALA E 170 -7.14 -25.52 -32.40
N CYS E 171 -7.33 -24.51 -33.24
CA CYS E 171 -7.11 -23.12 -32.84
C CYS E 171 -8.32 -22.28 -33.21
N THR E 172 -8.38 -21.08 -32.63
CA THR E 172 -9.53 -20.21 -32.76
C THR E 172 -9.47 -19.40 -34.05
N GLN E 173 -10.64 -18.96 -34.50
CA GLN E 173 -10.75 -18.02 -35.61
C GLN E 173 -10.65 -16.61 -35.07
N ALA E 174 -9.80 -15.79 -35.69
CA ALA E 174 -9.67 -14.40 -35.26
C ALA E 174 -10.99 -13.68 -35.42
N CYS E 175 -11.40 -12.96 -34.39
CA CYS E 175 -12.67 -12.25 -34.44
C CYS E 175 -12.60 -11.16 -35.51
N PRO E 176 -13.62 -11.00 -36.35
CA PRO E 176 -13.50 -10.11 -37.52
C PRO E 176 -13.61 -8.62 -37.21
N LYS E 177 -13.74 -8.24 -35.94
CA LYS E 177 -13.88 -6.83 -35.56
C LYS E 177 -12.61 -6.24 -34.97
N VAL E 178 -11.73 -7.05 -34.40
CA VAL E 178 -10.46 -6.57 -33.87
C VAL E 178 -9.49 -6.35 -35.03
N SER E 179 -8.81 -5.21 -35.01
CA SER E 179 -7.91 -4.81 -36.07
C SER E 179 -6.46 -5.04 -35.66
N PHE E 180 -5.65 -5.50 -36.63
CA PHE E 180 -4.24 -5.78 -36.41
C PHE E 180 -3.34 -4.57 -36.64
N GLU E 181 -3.90 -3.41 -36.92
CA GLU E 181 -3.09 -2.23 -37.20
C GLU E 181 -2.27 -1.86 -35.96
N PRO E 182 -0.95 -1.69 -36.07
CA PRO E 182 -0.19 -1.27 -34.90
C PRO E 182 -0.59 0.12 -34.42
N ILE E 183 -0.51 0.32 -33.11
CA ILE E 183 -0.80 1.60 -32.47
C ILE E 183 0.43 1.98 -31.64
N PRO E 184 0.86 3.25 -31.62
CA PRO E 184 2.01 3.60 -30.78
C PRO E 184 1.74 3.37 -29.31
N ILE E 185 2.78 2.96 -28.59
CA ILE E 185 2.71 2.69 -27.16
C ILE E 185 3.86 3.42 -26.47
N HIS E 186 3.55 4.09 -25.37
CA HIS E 186 4.54 4.78 -24.55
C HIS E 186 4.76 3.98 -23.27
N TYR E 187 6.02 3.78 -22.90
CA TYR E 187 6.39 3.06 -21.69
C TYR E 187 6.83 4.07 -20.64
N CYS E 188 6.21 4.03 -19.46
CA CYS E 188 6.48 4.97 -18.38
C CYS E 188 6.89 4.21 -17.13
N ALA E 189 7.87 4.76 -16.42
CA ALA E 189 8.44 4.17 -15.21
C ALA E 189 7.66 4.61 -13.98
N PRO E 190 7.77 3.90 -12.86
CA PRO E 190 7.06 4.29 -11.64
C PRO E 190 7.73 5.48 -10.96
N ALA E 191 7.10 5.92 -9.88
CA ALA E 191 7.70 6.95 -9.03
C ALA E 191 8.93 6.39 -8.34
N GLY E 192 9.93 7.25 -8.14
CA GLY E 192 11.22 6.83 -7.61
C GLY E 192 12.17 6.28 -8.65
N PHE E 193 11.73 6.14 -9.90
CA PHE E 193 12.56 5.70 -11.00
C PHE E 193 12.58 6.77 -12.09
N ALA E 194 13.53 6.65 -13.00
CA ALA E 194 13.68 7.60 -14.09
C ALA E 194 14.17 6.87 -15.32
N ILE E 195 13.88 7.45 -16.49
CA ILE E 195 14.30 6.92 -17.78
C ILE E 195 15.31 7.89 -18.38
N LEU E 196 16.52 7.39 -18.63
CA LEU E 196 17.59 8.16 -19.24
C LEU E 196 17.67 7.83 -20.73
N LYS E 197 17.77 8.88 -21.53
CA LYS E 197 17.78 8.79 -23.00
C LYS E 197 19.07 9.42 -23.52
N CYS E 198 19.74 8.72 -24.42
CA CYS E 198 21.00 9.18 -24.99
C CYS E 198 20.71 9.97 -26.27
N LYS E 199 21.03 11.26 -26.25
CA LYS E 199 20.78 12.16 -27.37
C LYS E 199 21.99 12.27 -28.31
N ASP E 200 23.06 11.52 -28.05
CA ASP E 200 24.29 11.63 -28.83
C ASP E 200 24.11 10.88 -30.14
N LYS E 201 24.13 11.62 -31.25
CA LYS E 201 24.09 10.99 -32.57
C LYS E 201 25.41 10.25 -32.83
N LYS E 202 25.37 9.34 -33.80
CA LYS E 202 26.48 8.45 -34.13
C LYS E 202 26.78 7.45 -33.03
N PHE E 203 25.88 7.29 -32.06
CA PHE E 203 26.07 6.35 -30.97
C PHE E 203 25.63 4.96 -31.43
N ASN E 204 26.51 3.98 -31.26
CA ASN E 204 26.30 2.63 -31.79
C ASN E 204 25.71 1.68 -30.74
N GLY E 205 25.01 2.22 -29.74
CA GLY E 205 24.30 1.39 -28.80
C GLY E 205 25.14 0.71 -27.74
N THR E 206 26.41 1.09 -27.60
CA THR E 206 27.26 0.50 -26.58
C THR E 206 28.33 1.51 -26.19
N GLY E 207 28.58 1.60 -24.88
CA GLY E 207 29.67 2.39 -24.37
C GLY E 207 29.22 3.67 -23.68
N PRO E 208 30.17 4.59 -23.47
CA PRO E 208 29.81 5.90 -22.91
C PRO E 208 28.92 6.70 -23.85
N CYS E 209 27.95 7.41 -23.29
CA CYS E 209 27.15 8.40 -23.98
C CYS E 209 27.34 9.74 -23.27
N PRO E 210 27.82 10.81 -23.93
CA PRO E 210 28.08 12.06 -23.21
C PRO E 210 26.86 12.96 -23.08
N SER E 211 25.94 12.87 -24.04
CA SER E 211 24.74 13.71 -24.07
C SER E 211 23.55 12.88 -23.59
N VAL E 212 22.99 13.26 -22.45
CA VAL E 212 21.95 12.48 -21.79
C VAL E 212 20.80 13.41 -21.41
N SER E 213 19.61 12.83 -21.31
CA SER E 213 18.44 13.55 -20.83
C SER E 213 17.56 12.59 -20.05
N THR E 214 16.64 13.16 -19.27
CA THR E 214 15.69 12.40 -18.48
C THR E 214 14.29 12.63 -19.03
N VAL E 215 13.56 11.55 -19.26
CA VAL E 215 12.21 11.61 -19.80
C VAL E 215 11.29 10.76 -18.92
N GLN E 216 10.00 11.10 -18.98
CA GLN E 216 8.99 10.42 -18.18
C GLN E 216 8.42 9.20 -18.88
N CYS E 217 8.16 9.31 -20.19
CA CYS E 217 7.60 8.21 -20.98
C CYS E 217 8.32 8.11 -22.31
N THR E 218 8.49 6.88 -22.77
CA THR E 218 9.12 6.64 -24.05
C THR E 218 8.19 7.05 -25.19
N HIS E 219 8.79 7.54 -26.28
CA HIS E 219 8.01 7.96 -27.43
C HIS E 219 7.24 6.77 -28.01
N GLY E 220 6.26 7.09 -28.86
CA GLY E 220 5.42 6.07 -29.47
C GLY E 220 6.20 5.06 -30.27
N ILE E 221 6.01 3.78 -29.98
CA ILE E 221 6.68 2.68 -30.66
C ILE E 221 5.60 1.77 -31.20
N LYS E 222 5.58 1.59 -32.53
CA LYS E 222 4.58 0.74 -33.16
C LYS E 222 5.04 -0.72 -33.10
N PRO E 223 4.24 -1.65 -32.55
CA PRO E 223 4.71 -3.05 -32.52
C PRO E 223 4.54 -3.73 -33.88
N VAL E 224 5.35 -3.30 -34.83
CA VAL E 224 5.31 -3.86 -36.18
C VAL E 224 6.04 -5.20 -36.17
N VAL E 225 5.40 -6.23 -36.73
CA VAL E 225 5.95 -7.59 -36.79
C VAL E 225 6.33 -7.86 -38.24
N SER E 226 7.62 -8.11 -38.46
CA SER E 226 8.12 -8.44 -39.79
C SER E 226 9.48 -9.10 -39.64
N THR E 227 9.91 -9.77 -40.71
CA THR E 227 11.20 -10.45 -40.75
C THR E 227 11.93 -10.07 -42.04
N GLN E 228 13.25 -10.03 -41.95
CA GLN E 228 14.18 -9.74 -43.05
C GLN E 228 14.16 -8.27 -43.45
N LEU E 229 13.25 -7.47 -42.90
CA LEU E 229 13.14 -6.05 -43.22
C LEU E 229 12.38 -5.37 -42.09
N LEU E 230 12.79 -4.16 -41.75
CA LEU E 230 12.12 -3.35 -40.73
C LEU E 230 11.24 -2.33 -41.41
N LEU E 231 9.95 -2.33 -41.09
CA LEU E 231 8.96 -1.50 -41.75
C LEU E 231 8.35 -0.52 -40.77
N ASN E 232 8.09 0.70 -41.25
CA ASN E 232 7.46 1.76 -40.48
C ASN E 232 8.24 2.03 -39.18
N GLY E 233 9.56 2.03 -39.29
CA GLY E 233 10.44 2.24 -38.16
C GLY E 233 10.93 3.67 -38.05
N SER E 234 12.06 3.83 -37.37
CA SER E 234 12.70 5.12 -37.16
C SER E 234 13.98 5.20 -37.97
N LEU E 235 14.26 6.40 -38.50
CA LEU E 235 15.39 6.63 -39.39
C LEU E 235 16.53 7.30 -38.66
N ALA E 236 17.76 6.90 -38.98
CA ALA E 236 18.94 7.56 -38.42
C ALA E 236 19.00 9.00 -38.90
N GLU E 237 19.45 9.88 -38.02
CA GLU E 237 19.45 11.31 -38.29
C GLU E 237 20.69 11.80 -39.03
N GLU E 238 21.76 11.00 -39.09
CA GLU E 238 23.02 11.42 -39.68
C GLU E 238 23.43 10.58 -40.88
N GLU E 239 23.41 9.24 -40.76
CA GLU E 239 23.87 8.37 -41.83
C GLU E 239 23.41 6.95 -41.51
N VAL E 240 23.75 6.01 -42.39
CA VAL E 240 23.41 4.61 -42.18
C VAL E 240 24.19 4.10 -40.98
N MET E 241 23.50 3.45 -40.06
CA MET E 241 24.09 2.98 -38.80
C MET E 241 24.11 1.45 -38.80
N ILE E 242 25.26 0.88 -38.45
CA ILE E 242 25.45 -0.56 -38.37
C ILE E 242 25.78 -0.92 -36.92
N ARG E 243 25.04 -1.88 -36.37
CA ARG E 243 25.22 -2.31 -34.99
C ARG E 243 25.31 -3.83 -34.94
N SER E 244 26.08 -4.31 -33.95
CA SER E 244 26.26 -5.74 -33.73
C SER E 244 26.90 -5.93 -32.36
N GLU E 245 26.48 -6.98 -31.65
CA GLU E 245 27.04 -7.25 -30.34
C GLU E 245 28.53 -7.55 -30.42
N ASN E 246 28.93 -8.36 -31.41
CA ASN E 246 30.33 -8.71 -31.62
C ASN E 246 30.51 -8.95 -33.12
N ILE E 247 30.93 -7.91 -33.83
CA ILE E 247 31.04 -7.96 -35.28
C ILE E 247 32.05 -9.00 -35.75
N THR E 248 33.04 -9.33 -34.92
CA THR E 248 34.01 -10.35 -35.28
C THR E 248 33.38 -11.74 -35.35
N ASN E 249 32.33 -12.00 -34.57
CA ASN E 249 31.67 -13.29 -34.54
C ASN E 249 30.59 -13.36 -35.60
N ASN E 250 30.50 -14.51 -36.27
CA ASN E 250 29.52 -14.73 -37.32
C ASN E 250 28.15 -15.15 -36.80
N ALA E 251 28.04 -15.50 -35.52
CA ALA E 251 26.78 -15.96 -34.94
C ALA E 251 25.89 -14.83 -34.47
N LYS E 252 26.34 -13.58 -34.57
CA LYS E 252 25.57 -12.43 -34.13
C LYS E 252 25.03 -11.68 -35.34
N ASN E 253 23.73 -11.39 -35.32
CA ASN E 253 23.10 -10.68 -36.41
C ASN E 253 23.55 -9.22 -36.42
N ILE E 254 23.52 -8.62 -37.62
CA ILE E 254 23.91 -7.24 -37.83
C ILE E 254 22.65 -6.44 -38.12
N LEU E 255 22.45 -5.35 -37.37
CA LEU E 255 21.30 -4.47 -37.53
C LEU E 255 21.73 -3.24 -38.31
N VAL E 256 21.04 -2.97 -39.43
CA VAL E 256 21.32 -1.83 -40.29
C VAL E 256 20.13 -0.89 -40.20
N GLN E 257 20.41 0.41 -40.01
CA GLN E 257 19.39 1.44 -39.94
C GLN E 257 19.68 2.47 -41.03
N PHE E 258 18.73 2.66 -41.93
CA PHE E 258 18.86 3.63 -43.01
C PHE E 258 18.59 5.05 -42.50
N ASN E 259 19.26 6.01 -43.12
CA ASN E 259 18.97 7.42 -42.88
C ASN E 259 17.78 7.94 -43.68
N THR E 260 17.33 7.21 -44.71
CA THR E 260 16.17 7.55 -45.50
C THR E 260 15.38 6.28 -45.78
N PRO E 261 14.06 6.38 -45.97
CA PRO E 261 13.27 5.17 -46.21
C PRO E 261 13.27 4.77 -47.68
N VAL E 262 12.87 3.53 -47.92
CA VAL E 262 12.68 3.01 -49.27
C VAL E 262 11.23 2.55 -49.40
N GLN E 263 10.49 3.16 -50.32
CA GLN E 263 9.06 2.86 -50.43
C GLN E 263 8.84 1.50 -51.10
N ILE E 264 7.90 0.74 -50.54
CA ILE E 264 7.52 -0.57 -51.08
C ILE E 264 5.99 -0.62 -51.14
N ASN E 265 5.47 -1.08 -52.28
CA ASN E 265 4.03 -1.15 -52.53
C ASN E 265 3.63 -2.61 -52.72
N CYS E 266 2.85 -3.14 -51.77
CA CYS E 266 2.40 -4.53 -51.82
C CYS E 266 0.92 -4.58 -52.12
N THR E 267 0.48 -5.63 -52.84
CA THR E 267 -0.91 -5.72 -53.24
C THR E 267 -1.32 -7.18 -53.43
N ARG E 268 -2.56 -7.47 -53.04
CA ARG E 268 -3.28 -8.68 -53.44
C ARG E 268 -4.42 -8.25 -54.36
N PRO E 269 -4.41 -8.59 -55.65
CA PRO E 269 -5.43 -8.07 -56.57
C PRO E 269 -6.67 -8.93 -56.76
N ASN E 270 -6.75 -10.09 -56.11
CA ASN E 270 -7.92 -10.95 -56.26
C ASN E 270 -9.13 -10.33 -55.57
N ASN E 271 -10.28 -10.37 -56.25
CA ASN E 271 -11.53 -9.87 -55.71
C ASN E 271 -12.19 -11.00 -54.93
N ASN E 272 -11.90 -11.08 -53.64
CA ASN E 272 -12.38 -12.18 -52.81
C ASN E 272 -13.82 -11.92 -52.36
N THR E 273 -14.48 -13.00 -51.97
CA THR E 273 -15.85 -12.96 -51.43
C THR E 273 -15.91 -13.79 -50.16
N ARG E 274 -16.60 -13.27 -49.16
CA ARG E 274 -16.71 -13.89 -47.84
C ARG E 274 -18.15 -14.32 -47.62
N LYS E 275 -18.33 -15.57 -47.17
CA LYS E 275 -19.65 -16.10 -46.86
C LYS E 275 -19.61 -16.76 -45.49
N SER E 276 -20.65 -16.52 -44.69
CA SER E 276 -20.74 -17.03 -43.33
C SER E 276 -21.54 -18.32 -43.31
N ILE E 277 -21.02 -19.33 -42.61
CA ILE E 277 -21.68 -20.61 -42.41
C ILE E 277 -21.91 -20.80 -40.92
N ARG E 278 -23.15 -21.02 -40.54
CA ARG E 278 -23.52 -21.19 -39.13
C ARG E 278 -23.21 -22.62 -38.73
N ILE E 279 -22.21 -22.80 -37.85
CA ILE E 279 -21.75 -24.10 -37.43
C ILE E 279 -22.28 -24.49 -36.04
N GLY E 280 -23.14 -23.66 -35.46
CA GLY E 280 -23.70 -23.93 -34.16
C GLY E 280 -24.51 -22.77 -33.64
N PRO E 281 -25.02 -22.87 -32.41
CA PRO E 281 -25.76 -21.74 -31.83
C PRO E 281 -24.87 -20.53 -31.61
N GLY E 282 -25.10 -19.47 -32.39
CA GLY E 282 -24.29 -18.28 -32.29
C GLY E 282 -22.82 -18.49 -32.61
N GLN E 283 -22.53 -19.25 -33.65
CA GLN E 283 -21.15 -19.53 -34.05
C GLN E 283 -21.10 -19.61 -35.57
N ALA E 284 -20.28 -18.75 -36.18
CA ALA E 284 -20.17 -18.64 -37.62
C ALA E 284 -18.73 -18.81 -38.05
N PHE E 285 -18.54 -19.45 -39.20
CA PHE E 285 -17.24 -19.62 -39.84
C PHE E 285 -17.27 -18.92 -41.19
N TYR E 286 -16.26 -18.08 -41.44
CA TYR E 286 -16.23 -17.23 -42.62
C TYR E 286 -15.34 -17.90 -43.68
N ALA E 287 -15.99 -18.45 -44.70
CA ALA E 287 -15.29 -19.11 -45.80
C ALA E 287 -15.18 -18.17 -47.00
N THR E 288 -14.28 -18.52 -47.92
CA THR E 288 -14.09 -17.78 -49.15
C THR E 288 -15.08 -18.29 -50.18
N GLY E 289 -16.07 -17.46 -50.53
CA GLY E 289 -17.10 -17.87 -51.44
C GLY E 289 -16.59 -18.15 -52.84
N ASP E 290 -16.14 -17.11 -53.53
CA ASP E 290 -15.65 -17.25 -54.89
C ASP E 290 -14.82 -16.02 -55.25
N ILE E 291 -14.06 -16.13 -56.33
CA ILE E 291 -13.24 -15.04 -56.85
C ILE E 291 -13.90 -14.52 -58.13
N ILE E 292 -14.14 -13.22 -58.17
CA ILE E 292 -14.82 -12.58 -59.29
C ILE E 292 -13.75 -12.04 -60.23
N GLY E 293 -13.72 -12.55 -61.45
CA GLY E 293 -12.79 -12.08 -62.46
C GLY E 293 -11.55 -12.95 -62.56
N ASP E 294 -10.42 -12.33 -62.90
CA ASP E 294 -9.16 -13.04 -63.09
C ASP E 294 -8.54 -13.39 -61.75
N ILE E 295 -7.69 -14.41 -61.76
CA ILE E 295 -6.95 -14.86 -60.58
C ILE E 295 -5.47 -14.61 -60.85
N ARG E 296 -4.86 -13.76 -60.02
CA ARG E 296 -3.46 -13.41 -60.16
C ARG E 296 -2.82 -13.35 -58.79
N GLN E 297 -1.51 -13.61 -58.75
CA GLN E 297 -0.78 -13.65 -57.50
C GLN E 297 -0.56 -12.26 -56.93
N ALA E 298 -0.50 -12.18 -55.60
CA ALA E 298 -0.10 -10.95 -54.94
C ALA E 298 1.38 -10.70 -55.16
N HIS E 299 1.78 -9.43 -55.06
CA HIS E 299 3.18 -9.09 -55.31
C HIS E 299 3.49 -7.74 -54.69
N CYS E 300 4.80 -7.47 -54.56
CA CYS E 300 5.28 -6.21 -54.04
C CYS E 300 6.24 -5.58 -55.05
N ASN E 301 6.25 -4.26 -55.09
CA ASN E 301 7.13 -3.49 -55.96
C ASN E 301 8.04 -2.60 -55.11
N VAL E 302 9.32 -2.55 -55.49
CA VAL E 302 10.28 -1.65 -54.86
C VAL E 302 11.15 -1.01 -55.93
N SER E 303 11.45 0.27 -55.76
CA SER E 303 12.23 0.98 -56.76
C SER E 303 13.63 0.42 -56.87
N LYS E 304 14.22 0.55 -58.07
CA LYS E 304 15.53 -0.01 -58.38
C LYS E 304 16.67 0.93 -58.07
N ALA E 305 16.61 2.17 -58.56
CA ALA E 305 17.69 3.13 -58.32
C ALA E 305 17.83 3.44 -56.83
N THR E 306 16.70 3.60 -56.14
CA THR E 306 16.77 3.86 -54.70
C THR E 306 17.40 2.69 -53.96
N TRP E 307 17.05 1.47 -54.33
CA TRP E 307 17.65 0.29 -53.69
C TRP E 307 19.14 0.23 -53.97
N ASN E 308 19.56 0.53 -55.21
CA ASN E 308 20.97 0.53 -55.54
C ASN E 308 21.73 1.57 -54.72
N GLU E 309 21.17 2.77 -54.59
CA GLU E 309 21.82 3.81 -53.79
C GLU E 309 21.91 3.40 -52.33
N THR E 310 20.84 2.81 -51.80
CA THR E 310 20.85 2.37 -50.40
C THR E 310 21.91 1.29 -50.19
N LEU E 311 22.02 0.34 -51.12
CA LEU E 311 23.03 -0.70 -51.00
C LEU E 311 24.43 -0.12 -51.14
N GLY E 312 24.60 0.91 -51.96
CA GLY E 312 25.90 1.58 -52.02
C GLY E 312 26.27 2.23 -50.70
N LYS E 313 25.30 2.90 -50.07
CA LYS E 313 25.56 3.45 -48.74
C LYS E 313 25.89 2.36 -47.74
N VAL E 314 25.16 1.25 -47.79
CA VAL E 314 25.38 0.16 -46.85
C VAL E 314 26.77 -0.45 -47.01
N VAL E 315 27.18 -0.69 -48.26
CA VAL E 315 28.50 -1.28 -48.48
C VAL E 315 29.60 -0.28 -48.13
N LYS E 316 29.37 1.01 -48.38
CA LYS E 316 30.33 2.02 -47.95
C LYS E 316 30.52 2.00 -46.44
N GLN E 317 29.41 1.89 -45.69
CA GLN E 317 29.52 1.82 -44.24
C GLN E 317 30.16 0.51 -43.79
N LEU E 318 29.88 -0.59 -44.49
CA LEU E 318 30.44 -1.89 -44.11
C LEU E 318 31.95 -1.92 -44.34
N ARG E 319 32.44 -1.22 -45.37
CA ARG E 319 33.87 -1.19 -45.64
C ARG E 319 34.66 -0.64 -44.46
N LYS E 320 34.04 0.20 -43.63
CA LYS E 320 34.73 0.72 -42.46
C LYS E 320 35.12 -0.40 -41.50
N HIS E 321 34.23 -1.36 -41.29
CA HIS E 321 34.48 -2.45 -40.35
C HIS E 321 35.17 -3.64 -41.00
N PHE E 322 34.95 -3.87 -42.30
CA PHE E 322 35.45 -5.06 -42.99
C PHE E 322 36.49 -4.71 -44.05
N GLY E 323 37.29 -3.68 -43.80
CA GLY E 323 38.39 -3.34 -44.69
C GLY E 323 37.95 -2.49 -45.87
N ASN E 324 38.93 -1.77 -46.43
CA ASN E 324 38.70 -0.87 -47.55
C ASN E 324 39.02 -1.50 -48.91
N ASN E 325 39.40 -2.79 -48.94
CA ASN E 325 39.74 -3.47 -50.18
C ASN E 325 39.02 -4.80 -50.33
N THR E 326 38.09 -5.13 -49.45
CA THR E 326 37.38 -6.40 -49.53
C THR E 326 36.25 -6.31 -50.56
N ILE E 327 35.75 -7.48 -50.96
CA ILE E 327 34.66 -7.61 -51.92
C ILE E 327 33.44 -8.09 -51.15
N ILE E 328 32.32 -7.36 -51.31
CA ILE E 328 31.12 -7.56 -50.50
C ILE E 328 30.05 -8.21 -51.38
N ARG E 329 29.53 -9.34 -50.93
CA ARG E 329 28.55 -10.12 -51.67
C ARG E 329 27.22 -10.12 -50.95
N PHE E 330 26.13 -9.87 -51.69
CA PHE E 330 24.77 -10.00 -51.20
C PHE E 330 24.13 -11.16 -51.94
N ALA E 331 23.64 -12.15 -51.18
CA ALA E 331 23.15 -13.40 -51.75
C ALA E 331 21.82 -13.81 -51.14
N ASN E 332 21.32 -14.99 -51.51
CA ASN E 332 20.01 -15.47 -51.07
C ASN E 332 20.10 -16.06 -49.67
N SER E 333 18.93 -16.35 -49.09
CA SER E 333 18.88 -16.98 -47.79
C SER E 333 19.34 -18.43 -47.87
N SER E 334 19.70 -18.99 -46.72
CA SER E 334 20.20 -20.36 -46.67
C SER E 334 19.05 -21.37 -46.81
N GLY E 335 18.12 -21.35 -45.87
CA GLY E 335 17.00 -22.26 -45.91
C GLY E 335 16.34 -22.38 -44.55
N GLY E 336 15.29 -23.20 -44.51
CA GLY E 336 14.55 -23.44 -43.30
C GLY E 336 13.05 -23.31 -43.50
N ASP E 337 12.35 -22.82 -42.47
CA ASP E 337 10.91 -22.63 -42.56
C ASP E 337 10.59 -21.43 -43.45
N LEU E 338 9.35 -21.40 -43.94
CA LEU E 338 8.90 -20.29 -44.76
C LEU E 338 8.88 -18.97 -43.99
N GLU E 339 8.74 -19.01 -42.67
CA GLU E 339 8.73 -17.79 -41.88
C GLU E 339 10.10 -17.13 -41.81
N VAL E 340 11.17 -17.93 -41.71
CA VAL E 340 12.52 -17.39 -41.61
C VAL E 340 13.21 -17.27 -42.96
N THR E 341 12.68 -17.90 -44.01
CA THR E 341 13.26 -17.86 -45.34
C THR E 341 12.70 -16.75 -46.21
N THR E 342 11.51 -16.23 -45.88
CA THR E 342 10.82 -15.24 -46.68
C THR E 342 10.47 -14.03 -45.83
N HIS E 343 10.33 -12.89 -46.49
CA HIS E 343 9.90 -11.65 -45.83
C HIS E 343 8.42 -11.80 -45.49
N SER E 344 8.13 -12.05 -44.21
CA SER E 344 6.77 -12.31 -43.76
C SER E 344 6.23 -11.07 -43.05
N PHE E 345 5.00 -10.69 -43.39
CA PHE E 345 4.35 -9.55 -42.75
C PHE E 345 2.84 -9.70 -42.89
N ASN E 346 2.11 -8.68 -42.43
CA ASN E 346 0.66 -8.68 -42.43
C ASN E 346 0.23 -7.34 -43.01
N CYS E 347 -0.48 -7.39 -44.14
CA CYS E 347 -1.01 -6.21 -44.81
C CYS E 347 -2.52 -6.34 -44.91
N GLY E 348 -3.24 -5.34 -44.41
CA GLY E 348 -4.67 -5.33 -44.49
C GLY E 348 -5.36 -6.52 -43.88
N GLY E 349 -4.73 -7.17 -42.90
CA GLY E 349 -5.27 -8.35 -42.27
C GLY E 349 -4.90 -9.66 -42.93
N GLU E 350 -4.25 -9.61 -44.10
CA GLU E 350 -3.82 -10.80 -44.81
C GLU E 350 -2.32 -11.00 -44.61
N PHE E 351 -1.93 -12.26 -44.40
CA PHE E 351 -0.56 -12.61 -44.02
C PHE E 351 0.24 -12.96 -45.27
N PHE E 352 1.16 -12.07 -45.64
CA PHE E 352 1.97 -12.18 -46.83
C PHE E 352 3.34 -12.77 -46.49
N TYR E 353 3.86 -13.56 -47.43
CA TYR E 353 5.22 -14.09 -47.37
C TYR E 353 5.83 -13.84 -48.76
N CYS E 354 6.78 -12.92 -48.84
CA CYS E 354 7.38 -12.50 -50.09
C CYS E 354 8.80 -13.07 -50.24
N ASN E 355 9.17 -13.31 -51.50
CA ASN E 355 10.44 -13.92 -51.86
C ASN E 355 11.43 -12.81 -52.18
N THR E 356 12.19 -12.40 -51.17
CA THR E 356 13.18 -11.32 -51.32
C THR E 356 14.48 -11.91 -51.85
N SER E 357 14.42 -12.36 -53.11
CA SER E 357 15.58 -12.92 -53.79
C SER E 357 16.19 -11.97 -54.81
N GLY E 358 15.40 -11.06 -55.38
CA GLY E 358 15.92 -10.09 -56.32
C GLY E 358 16.62 -8.89 -55.70
N LEU E 359 16.55 -8.75 -54.37
CA LEU E 359 17.17 -7.62 -53.70
C LEU E 359 18.61 -7.93 -53.31
N PHE E 360 18.81 -8.99 -52.52
CA PHE E 360 20.13 -9.36 -52.03
C PHE E 360 20.79 -10.31 -53.01
N ASN E 361 21.11 -9.78 -54.19
CA ASN E 361 21.76 -10.55 -55.25
C ASN E 361 22.66 -9.59 -56.02
N SER E 362 23.94 -9.52 -55.61
CA SER E 362 24.89 -8.62 -56.24
C SER E 362 26.26 -8.82 -55.59
N THR E 363 27.27 -8.21 -56.21
CA THR E 363 28.64 -8.21 -55.69
C THR E 363 29.25 -6.84 -55.95
N TRP E 364 29.93 -6.30 -54.93
CA TRP E 364 30.55 -4.99 -54.99
C TRP E 364 32.05 -5.15 -54.76
N ILE E 365 32.83 -4.55 -55.67
CA ILE E 365 34.29 -4.64 -55.64
C ILE E 365 34.85 -3.26 -55.34
N SER E 366 35.86 -3.21 -54.47
CA SER E 366 36.48 -1.94 -54.12
C SER E 366 37.13 -1.31 -55.34
N ASN E 367 36.93 0.00 -55.48
CA ASN E 367 37.50 0.74 -56.61
C ASN E 367 37.54 2.24 -56.30
N SER E 378 15.53 3.17 -64.87
CA SER E 378 15.06 4.49 -64.47
C SER E 378 13.78 4.39 -63.66
N ASN E 379 12.66 4.21 -64.35
CA ASN E 379 11.35 4.07 -63.70
C ASN E 379 10.97 2.62 -63.46
N ASP E 380 11.79 1.66 -63.88
CA ASP E 380 11.49 0.26 -63.64
C ASP E 380 11.67 -0.06 -62.15
N SER E 381 11.02 -1.14 -61.72
CA SER E 381 11.02 -1.55 -60.32
C SER E 381 11.17 -3.06 -60.23
N ILE E 382 11.69 -3.51 -59.10
CA ILE E 382 11.85 -4.93 -58.81
C ILE E 382 10.55 -5.45 -58.23
N THR E 383 10.08 -6.58 -58.76
CA THR E 383 8.84 -7.23 -58.35
C THR E 383 9.18 -8.45 -57.53
N LEU E 384 8.66 -8.50 -56.30
CA LEU E 384 8.80 -9.65 -55.42
C LEU E 384 7.47 -10.41 -55.40
N PRO E 385 7.40 -11.65 -55.91
CA PRO E 385 6.14 -12.40 -55.80
C PRO E 385 5.92 -12.90 -54.37
N CYS E 386 4.68 -12.85 -53.92
CA CYS E 386 4.32 -13.19 -52.56
C CYS E 386 3.17 -14.19 -52.52
N ARG E 387 3.16 -14.98 -51.46
CA ARG E 387 2.10 -15.93 -51.16
C ARG E 387 1.32 -15.44 -49.95
N ILE E 388 0.10 -15.95 -49.80
CA ILE E 388 -0.80 -15.58 -48.71
C ILE E 388 -1.11 -16.83 -47.90
N LYS E 389 -1.11 -16.68 -46.58
CA LYS E 389 -1.44 -17.78 -45.67
C LYS E 389 -2.56 -17.37 -44.73
N GLN E 390 -3.33 -18.37 -44.31
CA GLN E 390 -4.47 -18.17 -43.43
C GLN E 390 -4.30 -18.79 -42.05
N ILE E 391 -3.65 -19.95 -41.94
CA ILE E 391 -3.34 -20.57 -40.66
C ILE E 391 -1.98 -20.05 -40.23
N ILE E 392 -1.94 -19.37 -39.09
CA ILE E 392 -0.78 -18.59 -38.66
C ILE E 392 -0.32 -19.08 -37.30
N ASN E 393 0.98 -19.33 -37.18
CA ASN E 393 1.65 -19.52 -35.90
C ASN E 393 2.52 -18.28 -35.73
N MET E 394 1.95 -17.24 -35.13
CA MET E 394 2.57 -15.92 -35.10
C MET E 394 3.92 -15.96 -34.40
N TRP E 395 3.93 -16.32 -33.12
CA TRP E 395 5.18 -16.43 -32.37
C TRP E 395 5.74 -17.84 -32.50
N GLN E 396 7.01 -17.99 -32.14
CA GLN E 396 7.69 -19.27 -32.27
C GLN E 396 7.22 -20.23 -31.19
N ARG E 397 5.96 -20.67 -31.29
CA ARG E 397 5.35 -21.61 -30.36
C ARG E 397 4.78 -22.79 -31.13
N ILE E 398 4.41 -23.83 -30.39
CA ILE E 398 3.85 -25.05 -30.95
C ILE E 398 2.56 -25.36 -30.21
N GLY E 399 1.52 -25.68 -30.97
CA GLY E 399 0.22 -26.02 -30.41
C GLY E 399 -0.77 -24.88 -30.32
N GLN E 400 -0.47 -23.73 -30.92
CA GLN E 400 -1.38 -22.59 -30.90
C GLN E 400 -1.28 -21.89 -32.25
N CYS E 401 -2.20 -22.21 -33.15
CA CYS E 401 -2.30 -21.58 -34.46
C CYS E 401 -3.40 -20.52 -34.40
N MET E 402 -3.72 -19.95 -35.56
CA MET E 402 -4.81 -18.99 -35.65
C MET E 402 -5.29 -18.91 -37.10
N TYR E 403 -6.60 -18.87 -37.28
CA TYR E 403 -7.21 -18.79 -38.60
C TYR E 403 -7.63 -17.35 -38.89
N ALA E 404 -7.09 -16.79 -39.96
CA ALA E 404 -7.43 -15.42 -40.35
C ALA E 404 -8.63 -15.44 -41.30
N PRO E 405 -9.74 -14.79 -40.98
CA PRO E 405 -10.87 -14.78 -41.91
C PRO E 405 -10.49 -14.06 -43.19
N PRO E 406 -11.08 -14.44 -44.33
CA PRO E 406 -10.71 -13.78 -45.58
C PRO E 406 -11.21 -12.35 -45.64
N ILE E 407 -10.53 -11.54 -46.44
CA ILE E 407 -10.89 -10.14 -46.65
C ILE E 407 -11.58 -10.03 -48.01
N GLN E 408 -12.54 -9.11 -48.09
CA GLN E 408 -13.33 -8.90 -49.29
C GLN E 408 -12.71 -7.80 -50.13
N GLY E 409 -12.51 -8.10 -51.43
CA GLY E 409 -11.97 -7.13 -52.36
C GLY E 409 -10.45 -7.13 -52.39
N VAL E 410 -9.91 -6.42 -53.39
CA VAL E 410 -8.46 -6.29 -53.51
C VAL E 410 -7.93 -5.45 -52.36
N ILE E 411 -6.67 -5.64 -52.03
CA ILE E 411 -6.03 -4.90 -50.95
C ILE E 411 -4.67 -4.39 -51.41
N ARG E 412 -4.33 -3.18 -51.00
CA ARG E 412 -3.07 -2.55 -51.37
C ARG E 412 -2.54 -1.80 -50.15
N CYS E 413 -1.21 -1.83 -49.98
CA CYS E 413 -0.58 -1.10 -48.89
C CYS E 413 0.76 -0.57 -49.38
N VAL E 414 1.20 0.52 -48.77
CA VAL E 414 2.50 1.14 -49.05
C VAL E 414 3.21 1.35 -47.72
N SER E 415 4.50 1.04 -47.68
CA SER E 415 5.27 1.06 -46.45
C SER E 415 6.69 1.55 -46.73
N ASN E 416 7.38 1.92 -45.66
CA ASN E 416 8.78 2.31 -45.71
C ASN E 416 9.66 1.14 -45.31
N ILE E 417 10.87 1.10 -45.87
CA ILE E 417 11.93 0.21 -45.41
C ILE E 417 13.01 1.08 -44.81
N THR E 418 13.34 0.84 -43.55
CA THR E 418 14.23 1.70 -42.77
C THR E 418 15.26 0.88 -42.00
N GLY E 419 15.65 -0.27 -42.54
CA GLY E 419 16.69 -1.06 -41.93
C GLY E 419 16.64 -2.50 -42.40
N LEU E 420 17.68 -3.24 -42.03
CA LEU E 420 17.84 -4.64 -42.42
C LEU E 420 18.40 -5.43 -41.25
N ILE E 421 18.15 -6.73 -41.27
CA ILE E 421 18.76 -7.70 -40.38
C ILE E 421 19.59 -8.64 -41.24
N LEU E 422 20.91 -8.58 -41.08
CA LEU E 422 21.84 -9.33 -41.91
C LEU E 422 22.61 -10.33 -41.06
N THR E 423 23.23 -11.28 -41.75
CA THR E 423 24.10 -12.27 -41.10
C THR E 423 25.23 -12.61 -42.06
N ARG E 424 26.44 -12.74 -41.51
CA ARG E 424 27.63 -12.99 -42.31
C ARG E 424 27.83 -14.49 -42.48
N ASP E 425 27.87 -14.93 -43.73
CA ASP E 425 28.07 -16.35 -44.04
C ASP E 425 29.56 -16.68 -43.99
N GLY E 426 29.88 -17.79 -43.33
CA GLY E 426 31.26 -18.22 -43.21
C GLY E 426 32.10 -17.24 -42.44
N GLY E 427 32.99 -16.53 -43.14
CA GLY E 427 33.84 -15.54 -42.53
C GLY E 427 35.23 -16.03 -42.16
N SER E 428 35.61 -17.22 -42.57
CA SER E 428 36.95 -17.72 -42.26
C SER E 428 38.00 -16.93 -43.02
N THR E 429 39.24 -17.01 -42.55
CA THR E 429 40.35 -16.30 -43.17
C THR E 429 40.80 -16.92 -44.48
N ASN E 430 40.25 -18.07 -44.88
CA ASN E 430 40.67 -18.72 -46.12
C ASN E 430 40.29 -17.91 -47.35
N SER E 431 39.38 -16.96 -47.23
CA SER E 431 38.92 -16.14 -48.36
C SER E 431 38.91 -14.68 -47.97
N THR E 432 39.05 -13.82 -48.99
CA THR E 432 39.06 -12.37 -48.81
C THR E 432 37.73 -11.74 -49.21
N THR E 433 36.65 -12.50 -49.19
CA THR E 433 35.33 -12.02 -49.57
C THR E 433 34.36 -12.15 -48.40
N GLU E 434 33.41 -11.24 -48.33
CA GLU E 434 32.38 -11.21 -47.30
C GLU E 434 31.02 -11.40 -47.94
N THR E 435 30.27 -12.39 -47.46
CA THR E 435 28.93 -12.70 -47.95
C THR E 435 27.93 -12.45 -46.84
N PHE E 436 26.90 -11.64 -47.14
CA PHE E 436 25.85 -11.29 -46.19
C PHE E 436 24.52 -11.79 -46.73
N ARG E 437 23.71 -12.36 -45.84
CA ARG E 437 22.40 -12.88 -46.19
C ARG E 437 21.36 -12.38 -45.20
N PRO E 438 20.10 -12.27 -45.61
CA PRO E 438 19.07 -11.79 -44.68
C PRO E 438 18.80 -12.81 -43.58
N GLY E 439 18.33 -12.29 -42.44
CA GLY E 439 17.98 -13.13 -41.30
C GLY E 439 16.69 -12.69 -40.64
N GLY E 440 16.46 -13.16 -39.42
CA GLY E 440 15.28 -12.81 -38.68
C GLY E 440 14.95 -13.90 -37.65
N GLY E 441 13.69 -14.32 -37.65
CA GLY E 441 13.23 -15.35 -36.74
C GLY E 441 12.69 -14.81 -35.43
N ASP E 442 13.58 -14.30 -34.58
CA ASP E 442 13.19 -13.77 -33.29
C ASP E 442 12.75 -12.31 -33.43
N MET E 443 11.63 -11.96 -32.80
CA MET E 443 11.07 -10.63 -32.93
C MET E 443 11.65 -9.65 -31.91
N ARG E 444 12.45 -10.10 -30.95
CA ARG E 444 13.06 -9.18 -29.99
C ARG E 444 13.91 -8.15 -30.70
N ASP E 445 14.62 -8.56 -31.76
CA ASP E 445 15.41 -7.63 -32.56
C ASP E 445 14.56 -6.51 -33.16
N ASN E 446 13.28 -6.75 -33.43
CA ASN E 446 12.43 -5.67 -33.90
C ASN E 446 12.22 -4.61 -32.82
N TRP E 447 12.12 -5.03 -31.56
CA TRP E 447 12.02 -4.08 -30.46
C TRP E 447 13.38 -3.46 -30.15
N ARG E 448 14.46 -4.24 -30.32
CA ARG E 448 15.79 -3.76 -29.96
C ARG E 448 16.22 -2.58 -30.82
N SER E 449 15.69 -2.43 -32.03
CA SER E 449 16.04 -1.32 -32.90
C SER E 449 15.38 -0.02 -32.48
N GLU E 450 14.42 -0.05 -31.55
CA GLU E 450 13.72 1.14 -31.07
C GLU E 450 14.10 1.53 -29.66
N LEU E 451 14.36 0.56 -28.79
CA LEU E 451 14.72 0.81 -27.39
C LEU E 451 16.23 0.79 -27.18
N TYR E 452 17.01 1.15 -28.20
CA TYR E 452 18.46 1.12 -28.10
C TYR E 452 19.04 2.36 -27.44
N LYS E 453 18.25 3.43 -27.27
CA LYS E 453 18.71 4.69 -26.69
C LYS E 453 17.99 5.02 -25.40
N TYR E 454 17.57 4.00 -24.64
CA TYR E 454 16.82 4.18 -23.41
C TYR E 454 17.37 3.26 -22.34
N LYS E 455 17.32 3.72 -21.09
CA LYS E 455 17.61 2.87 -19.95
C LYS E 455 16.85 3.39 -18.75
N VAL E 456 16.75 2.57 -17.71
CA VAL E 456 15.97 2.85 -16.52
C VAL E 456 16.88 2.80 -15.30
N VAL E 457 16.74 3.78 -14.41
CA VAL E 457 17.53 3.86 -13.18
C VAL E 457 16.60 4.19 -12.03
N LYS E 458 17.09 3.94 -10.80
CA LYS E 458 16.36 4.22 -9.58
C LYS E 458 17.16 5.19 -8.72
N ILE E 459 16.46 6.15 -8.11
CA ILE E 459 17.11 7.25 -7.40
C ILE E 459 17.48 6.80 -5.99
N GLU E 460 18.57 7.37 -5.46
CA GLU E 460 19.06 7.10 -4.11
C GLU E 460 19.28 8.45 -3.42
N PRO E 461 18.22 9.06 -2.85
CA PRO E 461 18.36 10.44 -2.37
C PRO E 461 19.16 10.60 -1.09
N LEU E 462 19.43 9.53 -0.35
CA LEU E 462 20.13 9.63 0.92
C LEU E 462 21.64 9.71 0.69
N GLY E 463 22.30 10.60 1.42
CA GLY E 463 23.75 10.73 1.32
C GLY E 463 24.34 11.20 2.63
N VAL E 464 25.63 10.91 2.81
CA VAL E 464 26.38 11.28 4.01
C VAL E 464 27.65 11.99 3.56
N ALA E 465 27.99 13.08 4.25
CA ALA E 465 29.13 13.91 3.89
C ALA E 465 29.83 14.40 5.15
N PRO E 466 31.05 14.91 5.03
CA PRO E 466 31.71 15.54 6.19
C PRO E 466 31.47 17.04 6.23
N THR E 467 31.32 17.57 7.44
CA THR E 467 31.00 18.97 7.63
C THR E 467 31.33 19.36 9.06
N ARG E 468 31.54 20.66 9.28
CA ARG E 468 31.97 21.21 10.56
C ARG E 468 30.82 21.44 11.53
N CYS E 469 29.68 20.78 11.34
CA CYS E 469 28.55 20.86 12.25
C CYS E 469 28.92 20.32 13.63
N LYS E 470 27.98 20.51 14.57
CA LYS E 470 27.95 19.72 15.79
C LYS E 470 26.56 19.88 16.41
N ARG E 471 25.79 18.80 16.44
CA ARG E 471 24.44 18.84 17.01
C ARG E 471 24.54 19.18 18.50
N ALA F 1 35.73 31.74 -16.78
CA ALA F 1 35.68 30.39 -16.21
C ALA F 1 35.40 30.43 -14.72
N VAL F 2 35.73 31.55 -14.08
CA VAL F 2 35.51 31.74 -12.64
C VAL F 2 34.71 33.02 -12.46
N GLY F 3 33.73 32.98 -11.57
CA GLY F 3 32.85 34.09 -11.32
C GLY F 3 31.54 34.05 -12.09
N ILE F 4 31.01 32.86 -12.37
CA ILE F 4 29.75 32.68 -13.10
C ILE F 4 28.78 31.92 -12.22
N GLY F 5 27.53 32.37 -12.20
CA GLY F 5 26.49 31.76 -11.40
C GLY F 5 25.74 30.71 -12.20
N ALA F 6 25.26 29.69 -11.49
CA ALA F 6 24.50 28.60 -12.08
C ALA F 6 23.37 28.22 -11.13
N VAL F 7 22.14 28.22 -11.65
CA VAL F 7 20.96 27.86 -10.89
C VAL F 7 20.14 26.87 -11.73
N PHE F 8 19.67 25.81 -11.08
CA PHE F 8 18.90 24.76 -11.73
C PHE F 8 17.57 24.57 -11.02
N LEU F 9 16.50 24.41 -11.82
CA LEU F 9 15.17 24.18 -11.29
C LEU F 9 14.54 22.91 -11.86
N GLY F 10 15.31 22.07 -12.55
CA GLY F 10 14.79 20.83 -13.09
C GLY F 10 14.76 19.73 -12.06
N PHE F 11 14.28 18.57 -12.50
CA PHE F 11 14.21 17.40 -11.62
C PHE F 11 15.60 16.95 -11.21
N LEU F 12 16.44 16.60 -12.18
CA LEU F 12 17.82 16.18 -11.94
C LEU F 12 18.81 17.10 -12.66
N GLY F 13 18.49 18.39 -12.75
CA GLY F 13 19.34 19.31 -13.47
C GLY F 13 20.71 19.46 -12.83
N ALA F 14 20.77 19.43 -11.49
CA ALA F 14 22.01 19.62 -10.76
C ALA F 14 22.83 18.34 -10.64
N ALA F 15 22.48 17.27 -11.37
CA ALA F 15 23.23 16.03 -11.29
C ALA F 15 24.66 16.19 -11.76
N GLY F 16 24.91 17.07 -12.72
CA GLY F 16 26.24 17.30 -13.27
C GLY F 16 27.05 18.38 -12.59
N SER F 17 26.50 19.05 -11.59
CA SER F 17 27.19 20.14 -10.90
C SER F 17 27.93 19.60 -9.68
N THR F 18 28.66 20.48 -9.01
CA THR F 18 29.41 20.11 -7.82
C THR F 18 28.46 19.86 -6.64
N MET F 19 29.00 19.25 -5.59
CA MET F 19 28.19 18.91 -4.42
C MET F 19 27.62 20.17 -3.77
N GLY F 20 28.44 21.21 -3.62
CA GLY F 20 27.97 22.43 -2.99
C GLY F 20 26.85 23.10 -3.78
N ALA F 21 27.01 23.18 -5.11
CA ALA F 21 25.96 23.74 -5.95
C ALA F 21 24.72 22.86 -5.95
N ALA F 22 24.92 21.53 -5.95
CA ALA F 22 23.79 20.61 -6.01
C ALA F 22 23.04 20.50 -4.69
N SER F 23 23.63 20.94 -3.58
CA SER F 23 22.98 20.85 -2.27
C SER F 23 21.96 21.97 -2.03
N MET F 24 21.68 22.81 -3.03
CA MET F 24 20.73 23.89 -2.90
C MET F 24 19.38 23.59 -3.55
N THR F 25 19.20 22.41 -4.12
CA THR F 25 17.98 22.02 -4.81
C THR F 25 17.53 20.62 -4.38
N LEU F 26 17.50 20.39 -3.07
CA LEU F 26 17.08 19.09 -2.56
C LEU F 26 15.56 18.93 -2.61
N THR F 27 14.82 20.01 -2.44
CA THR F 27 13.36 19.91 -2.37
C THR F 27 12.76 19.42 -3.68
N VAL F 28 13.30 19.86 -4.82
CA VAL F 28 12.74 19.47 -6.11
C VAL F 28 12.85 17.96 -6.31
N GLN F 29 13.95 17.37 -5.84
CA GLN F 29 14.08 15.92 -5.88
C GLN F 29 13.22 15.26 -4.81
N ALA F 30 13.01 15.93 -3.68
CA ALA F 30 12.18 15.36 -2.61
C ALA F 30 10.72 15.23 -3.04
N ARG F 31 10.22 16.18 -3.84
CA ARG F 31 8.81 16.14 -4.22
C ARG F 31 8.46 14.88 -5.00
N ASN F 32 9.33 14.49 -5.93
CA ASN F 32 9.00 13.45 -6.91
C ASN F 32 9.06 12.04 -6.32
N LEU F 33 9.72 11.86 -5.17
CA LEU F 33 9.96 10.51 -4.66
C LEU F 33 8.67 9.74 -4.39
N LEU F 34 7.57 10.43 -4.10
CA LEU F 34 6.28 9.77 -3.87
C LEU F 34 5.41 9.72 -5.12
N SER F 35 5.40 10.77 -5.92
CA SER F 35 4.61 10.80 -7.15
C SER F 35 4.88 12.07 -7.94
N THR F 58 -6.57 -5.70 -18.17
CA THR F 58 -6.17 -6.35 -16.92
C THR F 58 -4.65 -6.50 -16.84
N VAL F 59 -4.00 -6.56 -18.01
CA VAL F 59 -2.55 -6.71 -18.04
C VAL F 59 -1.86 -5.50 -17.43
N TRP F 60 -2.41 -4.31 -17.64
CA TRP F 60 -1.80 -3.08 -17.16
C TRP F 60 -2.20 -2.73 -15.73
N GLY F 61 -3.40 -3.13 -15.30
CA GLY F 61 -3.86 -2.76 -13.97
C GLY F 61 -3.03 -3.37 -12.85
N ILE F 62 -2.68 -4.64 -12.99
CA ILE F 62 -1.87 -5.30 -11.97
C ILE F 62 -0.48 -4.68 -11.92
N LYS F 63 0.07 -4.35 -13.09
CA LYS F 63 1.36 -3.67 -13.12
C LYS F 63 1.28 -2.31 -12.42
N GLN F 64 0.21 -1.56 -12.66
CA GLN F 64 0.03 -0.27 -12.02
C GLN F 64 -0.06 -0.43 -10.50
N LEU F 65 -0.83 -1.42 -10.03
CA LEU F 65 -0.96 -1.64 -8.60
C LEU F 65 0.37 -2.01 -7.97
N GLN F 66 1.11 -2.92 -8.60
CA GLN F 66 2.42 -3.31 -8.08
C GLN F 66 3.37 -2.13 -8.06
N ALA F 67 3.36 -1.31 -9.11
CA ALA F 67 4.20 -0.13 -9.14
C ALA F 67 3.86 0.83 -8.01
N ARG F 68 2.57 1.04 -7.76
CA ARG F 68 2.16 1.93 -6.68
C ARG F 68 2.63 1.42 -5.33
N VAL F 69 2.47 0.11 -5.09
CA VAL F 69 2.88 -0.47 -3.81
C VAL F 69 4.39 -0.35 -3.64
N LEU F 70 5.15 -0.66 -4.70
CA LEU F 70 6.60 -0.58 -4.62
C LEU F 70 7.06 0.85 -4.37
N ALA F 71 6.42 1.83 -5.01
CA ALA F 71 6.77 3.22 -4.76
C ALA F 71 6.46 3.61 -3.33
N VAL F 72 5.34 3.11 -2.78
CA VAL F 72 4.98 3.47 -1.41
C VAL F 72 5.98 2.89 -0.41
N GLU F 73 6.42 1.65 -0.63
CA GLU F 73 7.24 0.98 0.39
C GLU F 73 8.56 1.68 0.62
N ARG F 74 9.26 2.06 -0.46
CA ARG F 74 10.61 2.61 -0.31
C ARG F 74 10.60 3.97 0.36
N TYR F 75 9.58 4.80 0.10
CA TYR F 75 9.49 6.08 0.78
C TYR F 75 9.35 5.90 2.28
N LEU F 76 8.51 4.95 2.71
CA LEU F 76 8.36 4.69 4.13
C LEU F 76 9.66 4.17 4.74
N ARG F 77 10.36 3.29 4.02
CA ARG F 77 11.64 2.81 4.52
C ARG F 77 12.64 3.95 4.71
N ASP F 78 12.73 4.84 3.72
CA ASP F 78 13.65 5.97 3.82
C ASP F 78 13.27 6.90 4.96
N GLN F 79 11.98 7.18 5.13
CA GLN F 79 11.55 8.04 6.22
C GLN F 79 11.84 7.41 7.58
N GLN F 80 11.64 6.09 7.70
CA GLN F 80 11.97 5.40 8.94
C GLN F 80 13.45 5.51 9.25
N LEU F 81 14.30 5.28 8.25
CA LEU F 81 15.74 5.39 8.47
C LEU F 81 16.14 6.80 8.87
N LEU F 82 15.54 7.81 8.22
CA LEU F 82 15.83 9.20 8.58
C LEU F 82 15.39 9.51 10.01
N GLY F 83 14.22 9.03 10.41
CA GLY F 83 13.71 9.31 11.74
C GLY F 83 14.42 8.56 12.85
N ILE F 84 15.00 7.39 12.55
CA ILE F 84 15.71 6.65 13.58
C ILE F 84 16.96 7.42 14.02
N TRP F 85 17.56 8.20 13.12
CA TRP F 85 18.76 8.95 13.45
C TRP F 85 18.47 10.30 14.10
N GLY F 86 17.20 10.67 14.25
CA GLY F 86 16.84 11.96 14.80
C GLY F 86 16.77 13.09 13.79
N CYS F 87 16.85 12.78 12.49
CA CYS F 87 16.77 13.78 11.43
C CYS F 87 15.39 13.83 10.80
N SER F 88 14.34 13.45 11.53
CA SER F 88 13.00 13.45 10.97
C SER F 88 12.55 14.87 10.63
N GLY F 89 11.94 15.01 9.46
CA GLY F 89 11.43 16.31 9.05
C GLY F 89 12.51 17.31 8.69
N LYS F 90 13.71 16.86 8.33
CA LYS F 90 14.81 17.74 7.99
C LYS F 90 15.46 17.27 6.69
N LEU F 91 15.90 18.23 5.88
CA LEU F 91 16.60 17.94 4.63
C LEU F 91 18.10 18.03 4.75
N ILE F 92 18.61 18.89 5.62
CA ILE F 92 20.05 19.01 5.89
C ILE F 92 20.20 18.89 7.41
N CYS F 93 20.42 17.68 7.90
CA CYS F 93 20.55 17.39 9.32
C CYS F 93 21.95 16.86 9.59
N CYS F 94 22.62 17.46 10.58
CA CYS F 94 23.97 17.08 10.97
C CYS F 94 24.00 16.68 12.45
N THR F 95 24.93 15.80 12.79
CA THR F 95 24.88 15.00 14.01
C THR F 95 26.18 15.13 14.80
N ASN F 96 26.29 14.34 15.88
CA ASN F 96 27.45 14.34 16.77
C ASN F 96 28.51 13.31 16.41
N VAL F 97 28.25 12.40 15.47
CA VAL F 97 29.23 11.35 15.18
C VAL F 97 30.42 11.98 14.47
N PRO F 98 31.66 11.82 14.96
CA PRO F 98 32.79 12.43 14.27
C PRO F 98 33.13 11.69 12.98
N TRP F 99 33.84 12.39 12.10
CA TRP F 99 34.25 11.84 10.82
C TRP F 99 35.54 11.06 11.01
N ASN F 100 35.45 9.73 10.93
CA ASN F 100 36.64 8.89 11.02
C ASN F 100 37.51 9.12 9.79
N SER F 101 38.80 9.37 10.01
CA SER F 101 39.71 9.67 8.90
C SER F 101 39.97 8.45 8.02
N SER F 102 39.67 7.24 8.50
CA SER F 102 39.87 6.05 7.69
C SER F 102 38.89 5.97 6.52
N TRP F 103 37.73 6.61 6.62
CA TRP F 103 36.76 6.57 5.53
C TRP F 103 37.18 7.43 4.36
N SER F 104 37.76 8.60 4.62
CA SER F 104 38.25 9.47 3.56
C SER F 104 39.34 10.36 4.13
N ASN F 105 40.15 10.92 3.23
CA ASN F 105 41.29 11.75 3.61
C ASN F 105 41.35 13.08 2.86
N ARG F 106 40.31 13.43 2.11
CA ARG F 106 40.31 14.69 1.37
C ARG F 106 39.83 15.83 2.26
N ASN F 107 40.08 17.05 1.79
CA ASN F 107 39.69 18.27 2.49
C ASN F 107 38.34 18.75 1.96
N LEU F 108 37.69 19.62 2.76
CA LEU F 108 36.39 20.15 2.36
C LEU F 108 36.49 20.98 1.10
N SER F 109 37.62 21.66 0.89
CA SER F 109 37.79 22.46 -0.32
C SER F 109 37.75 21.60 -1.58
N GLU F 110 38.33 20.40 -1.53
CA GLU F 110 38.41 19.51 -2.67
C GLU F 110 37.21 18.57 -2.77
N ILE F 111 36.24 18.66 -1.86
CA ILE F 111 35.05 17.84 -1.88
C ILE F 111 33.84 18.65 -2.38
N TRP F 112 33.54 19.77 -1.73
CA TRP F 112 32.33 20.52 -2.01
C TRP F 112 32.45 21.46 -3.21
N ASP F 113 33.67 21.68 -3.72
CA ASP F 113 33.89 22.58 -4.84
C ASP F 113 34.66 21.91 -5.99
N ASN F 114 34.88 20.60 -5.91
CA ASN F 114 35.62 19.88 -6.95
C ASN F 114 34.97 18.57 -7.38
N MET F 115 34.13 17.96 -6.55
CA MET F 115 33.58 16.64 -6.79
C MET F 115 32.07 16.72 -6.98
N THR F 116 31.47 15.58 -7.35
CA THR F 116 30.05 15.47 -7.60
C THR F 116 29.47 14.36 -6.72
N TRP F 117 28.16 14.44 -6.48
CA TRP F 117 27.51 13.50 -5.59
C TRP F 117 27.66 12.06 -6.07
N LEU F 118 27.58 11.84 -7.38
CA LEU F 118 27.72 10.48 -7.91
C LEU F 118 29.10 9.91 -7.59
N GLN F 119 30.14 10.71 -7.80
CA GLN F 119 31.50 10.25 -7.51
C GLN F 119 31.67 10.00 -6.01
N TRP F 120 31.11 10.89 -5.18
CA TRP F 120 31.23 10.72 -3.74
C TRP F 120 30.55 9.44 -3.28
N ASP F 121 29.35 9.16 -3.80
CA ASP F 121 28.68 7.91 -3.47
C ASP F 121 29.46 6.70 -3.95
N LYS F 122 30.01 6.78 -5.16
CA LYS F 122 30.79 5.66 -5.69
C LYS F 122 31.99 5.37 -4.81
N GLU F 123 32.62 6.42 -4.28
CA GLU F 123 33.80 6.24 -3.43
C GLU F 123 33.44 5.77 -2.02
N ILE F 124 32.29 6.20 -1.49
CA ILE F 124 31.97 6.00 -0.07
C ILE F 124 31.01 4.83 0.17
N SER F 125 30.48 4.20 -0.89
CA SER F 125 29.51 3.12 -0.74
C SER F 125 29.99 1.97 0.15
N ASN F 126 31.31 1.85 0.36
CA ASN F 126 31.84 0.75 1.16
C ASN F 126 31.53 0.87 2.63
N TYR F 127 31.47 2.09 3.17
CA TYR F 127 31.42 2.31 4.61
C TYR F 127 30.12 2.96 5.09
N THR F 128 28.99 2.47 4.60
CA THR F 128 27.69 3.08 4.90
C THR F 128 27.02 2.49 6.13
N GLN F 129 27.03 1.16 6.27
CA GLN F 129 26.32 0.51 7.37
C GLN F 129 26.94 0.86 8.72
N ILE F 130 28.26 0.99 8.78
CA ILE F 130 28.92 1.37 10.03
C ILE F 130 28.44 2.74 10.48
N ILE F 131 28.38 3.70 9.54
CA ILE F 131 27.90 5.03 9.87
C ILE F 131 26.45 4.99 10.31
N TYR F 132 25.63 4.19 9.64
CA TYR F 132 24.22 4.08 10.02
C TYR F 132 24.08 3.55 11.45
N GLY F 133 24.82 2.49 11.79
CA GLY F 133 24.73 1.94 13.12
C GLY F 133 25.22 2.90 14.18
N LEU F 134 26.33 3.60 13.90
CA LEU F 134 26.83 4.59 14.84
C LEU F 134 25.82 5.71 15.05
N LEU F 135 25.17 6.16 13.98
CA LEU F 135 24.14 7.18 14.10
C LEU F 135 22.99 6.70 14.98
N GLU F 136 22.54 5.46 14.76
CA GLU F 136 21.44 4.93 15.56
C GLU F 136 21.81 4.87 17.04
N GLU F 137 22.99 4.34 17.34
CA GLU F 137 23.41 4.22 18.73
C GLU F 137 23.57 5.60 19.38
N SER F 138 24.15 6.56 18.64
CA SER F 138 24.31 7.90 19.19
C SER F 138 22.96 8.55 19.46
N GLN F 139 21.99 8.38 18.56
CA GLN F 139 20.67 8.95 18.79
C GLN F 139 20.00 8.32 20.01
N ASN F 140 20.13 7.01 20.16
CA ASN F 140 19.55 6.36 21.34
C ASN F 140 20.18 6.87 22.63
N GLN F 141 21.52 7.01 22.63
CA GLN F 141 22.19 7.52 23.82
C GLN F 141 21.76 8.96 24.11
N GLN F 142 21.62 9.78 23.07
CA GLN F 142 21.19 11.16 23.27
C GLN F 142 19.78 11.21 23.84
N GLU F 143 18.88 10.35 23.35
CA GLU F 143 17.52 10.31 23.88
C GLU F 143 17.52 9.91 25.35
N LYS F 144 18.33 8.90 25.71
CA LYS F 144 18.40 8.50 27.11
C LYS F 144 18.95 9.62 27.98
N ASN F 145 19.98 10.31 27.52
CA ASN F 145 20.56 11.41 28.28
C ASN F 145 19.55 12.55 28.45
N GLU F 146 18.80 12.85 27.38
CA GLU F 146 17.79 13.90 27.47
C GLU F 146 16.71 13.53 28.48
N GLN F 147 16.26 12.28 28.47
CA GLN F 147 15.27 11.85 29.46
C GLN F 147 15.83 11.95 30.87
N ASP F 148 17.09 11.55 31.06
CA ASP F 148 17.70 11.64 32.38
C ASP F 148 17.77 13.10 32.85
N LEU F 149 18.15 14.01 31.94
CA LEU F 149 18.21 15.42 32.29
C LEU F 149 16.82 15.95 32.66
N LEU F 150 15.81 15.59 31.88
CA LEU F 150 14.45 16.05 32.16
C LEU F 150 13.87 15.40 33.41
N ALA F 151 14.46 14.31 33.89
CA ALA F 151 13.95 13.68 35.11
C ALA F 151 14.06 14.63 36.31
N LEU F 152 15.16 15.37 36.41
CA LEU F 152 15.35 16.32 37.50
C LEU F 152 14.28 17.40 37.48
N GLN G 1 35.30 -6.01 23.30
CA GLN G 1 36.03 -5.99 24.60
C GLN G 1 35.94 -4.63 25.26
N VAL G 2 35.78 -4.62 26.58
CA VAL G 2 35.70 -3.39 27.36
C VAL G 2 37.04 -3.15 28.02
N TRP G 3 37.61 -1.96 27.78
CA TRP G 3 38.90 -1.57 28.34
C TRP G 3 38.68 -0.56 29.45
N LEU G 4 39.36 -0.75 30.57
CA LEU G 4 39.24 0.12 31.74
C LEU G 4 40.63 0.63 32.11
N ARG G 5 40.75 1.94 32.30
CA ARG G 5 42.01 2.56 32.69
C ARG G 5 41.81 3.41 33.93
N GLU G 6 42.66 3.22 34.93
CA GLU G 6 42.60 3.98 36.18
C GLU G 6 43.50 5.20 36.10
N SER G 7 43.11 6.24 36.85
CA SER G 7 43.90 7.46 36.93
C SER G 7 43.58 8.19 38.22
N GLY G 8 44.51 9.03 38.64
CA GLY G 8 44.35 9.81 39.85
C GLY G 8 45.69 10.18 40.46
N PRO G 9 45.67 10.99 41.53
CA PRO G 9 46.92 11.37 42.18
C PRO G 9 47.62 10.18 42.81
N GLY G 10 48.95 10.21 42.78
CA GLY G 10 49.73 9.14 43.37
C GLY G 10 49.91 9.24 44.87
N LEU G 11 49.68 10.42 45.45
CA LEU G 11 49.82 10.64 46.88
C LEU G 11 48.67 11.50 47.38
N VAL G 12 48.15 11.16 48.56
CA VAL G 12 47.10 11.92 49.22
C VAL G 12 47.48 12.07 50.69
N LYS G 13 47.42 13.30 51.19
CA LYS G 13 47.74 13.54 52.59
C LYS G 13 46.66 12.96 53.49
N SER G 14 47.05 12.65 54.72
CA SER G 14 46.11 12.06 55.67
C SER G 14 44.96 13.03 55.96
N SER G 15 43.77 12.47 56.12
CA SER G 15 42.51 13.17 56.41
C SER G 15 41.94 13.86 55.18
N GLU G 16 42.61 13.84 54.03
CA GLU G 16 42.10 14.45 52.82
C GLU G 16 41.14 13.48 52.13
N THR G 17 40.62 13.89 50.98
CA THR G 17 39.70 13.09 50.18
C THR G 17 40.45 12.54 48.97
N LEU G 18 40.49 11.22 48.86
CA LEU G 18 41.09 10.56 47.70
C LEU G 18 40.06 10.49 46.57
N SER G 19 40.44 11.03 45.41
CA SER G 19 39.60 11.01 44.21
C SER G 19 40.29 10.18 43.14
N LEU G 20 39.56 9.22 42.56
CA LEU G 20 40.07 8.36 41.51
C LEU G 20 39.09 8.35 40.35
N THR G 21 39.62 8.13 39.14
CA THR G 21 38.82 8.07 37.93
C THR G 21 39.11 6.74 37.22
N CYS G 22 38.07 6.16 36.62
CA CYS G 22 38.23 5.01 35.74
C CYS G 22 37.52 5.32 34.43
N ALA G 23 38.29 5.32 33.34
CA ALA G 23 37.79 5.59 32.01
C ALA G 23 37.52 4.28 31.28
N VAL G 24 36.38 4.23 30.59
CA VAL G 24 35.91 3.05 29.88
C VAL G 24 36.00 3.32 28.39
N SER G 25 36.59 2.38 27.65
CA SER G 25 36.68 2.43 26.20
C SER G 25 36.10 1.16 25.61
N GLY G 26 35.38 1.30 24.49
CA GLY G 26 34.73 0.19 23.85
C GLY G 26 33.32 -0.10 24.31
N ALA G 27 32.80 0.64 25.28
CA ALA G 27 31.45 0.44 25.77
C ALA G 27 30.92 1.75 26.34
N SER G 28 29.59 1.82 26.44
CA SER G 28 28.93 3.02 26.95
C SER G 28 28.71 2.89 28.45
N VAL G 29 29.04 3.95 29.18
CA VAL G 29 28.85 3.93 30.64
C VAL G 29 27.37 3.86 30.98
N GLY G 30 26.52 4.38 30.11
CA GLY G 30 25.09 4.38 30.35
C GLY G 30 24.37 3.09 30.04
N GLY G 31 25.09 2.06 29.60
CA GLY G 31 24.49 0.78 29.29
C GLY G 31 24.17 -0.02 30.53
N ASN G 32 23.70 -1.25 30.31
CA ASN G 32 23.32 -2.15 31.39
C ASN G 32 24.55 -2.89 31.91
N TYR G 33 25.44 -2.12 32.54
CA TYR G 33 26.69 -2.61 33.08
C TYR G 33 26.81 -2.28 34.57
N TYR G 34 27.58 -3.10 35.27
CA TYR G 34 27.93 -2.88 36.67
C TYR G 34 29.42 -2.59 36.74
N TRP G 35 29.78 -1.44 37.30
CA TRP G 35 31.17 -1.01 37.42
C TRP G 35 31.58 -1.12 38.88
N ASN G 36 32.62 -1.91 39.16
CA ASN G 36 33.02 -2.23 40.52
C ASN G 36 34.40 -1.64 40.83
N TRP G 37 34.52 -1.05 42.01
CA TRP G 37 35.77 -0.52 42.54
C TRP G 37 36.26 -1.45 43.64
N ILE G 38 37.50 -1.94 43.49
CA ILE G 38 38.12 -2.88 44.41
C ILE G 38 39.51 -2.34 44.74
N ARG G 39 40.06 -2.78 45.88
CA ARG G 39 41.41 -2.42 46.26
C ARG G 39 42.15 -3.62 46.83
N GLN G 40 43.48 -3.57 46.73
CA GLN G 40 44.37 -4.58 47.30
C GLN G 40 45.39 -3.88 48.17
N PHE G 41 45.40 -4.21 49.46
CA PHE G 41 46.40 -3.64 50.34
C PHE G 41 47.77 -4.28 50.10
N PRO G 42 48.86 -3.62 50.48
CA PRO G 42 50.18 -4.23 50.27
C PRO G 42 50.34 -5.51 51.08
N GLY G 43 50.74 -6.57 50.38
CA GLY G 43 50.98 -7.85 51.04
C GLY G 43 49.78 -8.42 51.75
N LYS G 44 48.59 -8.28 51.18
CA LYS G 44 47.36 -8.78 51.77
C LYS G 44 46.40 -9.14 50.66
N GLY G 45 45.23 -9.65 51.05
CA GLY G 45 44.22 -10.06 50.10
C GLY G 45 43.43 -8.89 49.54
N LEU G 46 42.54 -9.22 48.60
CA LEU G 46 41.69 -8.23 47.97
C LEU G 46 40.57 -7.80 48.91
N GLU G 47 39.92 -6.69 48.55
CA GLU G 47 38.80 -6.18 49.34
C GLU G 47 37.93 -5.33 48.41
N TRP G 48 36.76 -5.86 48.04
CA TRP G 48 35.84 -5.10 47.21
C TRP G 48 35.33 -3.89 47.97
N MET G 49 35.35 -2.73 47.30
CA MET G 49 34.96 -1.46 47.92
C MET G 49 33.53 -1.08 47.60
N GLY G 50 33.16 -1.08 46.32
CA GLY G 50 31.81 -0.68 45.97
C GLY G 50 31.52 -0.95 44.51
N ASN G 51 30.33 -0.54 44.08
CA ASN G 51 29.99 -0.60 42.66
C ASN G 51 28.78 0.27 42.37
N VAL G 52 28.59 0.53 41.08
CA VAL G 52 27.50 1.37 40.58
C VAL G 52 26.94 0.75 39.31
N HIS G 53 25.64 0.95 39.11
CA HIS G 53 24.94 0.52 37.90
C HIS G 53 24.87 1.69 36.93
N GLY G 54 25.28 1.45 35.69
CA GLY G 54 25.34 2.54 34.72
C GLY G 54 23.97 3.10 34.37
N GLY G 55 22.98 2.22 34.22
CA GLY G 55 21.67 2.65 33.75
C GLY G 55 20.84 3.35 34.79
N SER G 56 20.46 2.65 35.86
CA SER G 56 19.61 3.24 36.88
C SER G 56 20.37 4.23 37.75
N GLY G 57 21.64 3.94 38.04
CA GLY G 57 22.46 4.78 38.88
C GLY G 57 22.55 4.37 40.33
N ASN G 58 21.91 3.26 40.72
CA ASN G 58 22.00 2.80 42.08
C ASN G 58 23.43 2.40 42.43
N THR G 59 23.86 2.77 43.63
CA THR G 59 25.21 2.50 44.11
C THR G 59 25.14 1.61 45.35
N GLU G 60 26.05 0.64 45.42
CA GLU G 60 26.13 -0.27 46.55
C GLU G 60 27.55 -0.25 47.09
N TYR G 61 27.68 0.02 48.40
CA TYR G 61 28.97 0.21 49.04
C TYR G 61 29.19 -0.84 50.12
N ASN G 62 30.46 -1.10 50.42
CA ASN G 62 30.79 -2.00 51.51
C ASN G 62 30.34 -1.39 52.84
N PRO G 63 29.79 -2.19 53.77
CA PRO G 63 29.40 -1.60 55.06
C PRO G 63 30.57 -0.95 55.80
N SER G 64 31.78 -1.51 55.69
CA SER G 64 32.92 -0.91 56.36
C SER G 64 33.23 0.48 55.80
N LEU G 65 33.09 0.66 54.48
CA LEU G 65 33.35 1.93 53.83
C LEU G 65 32.12 2.83 53.77
N LYS G 66 31.00 2.41 54.34
CA LYS G 66 29.80 3.23 54.31
C LYS G 66 29.99 4.51 55.10
N GLY G 67 29.41 5.60 54.61
CA GLY G 67 29.53 6.90 55.24
C GLY G 67 30.73 7.71 54.82
N ARG G 68 31.66 7.13 54.06
CA ARG G 68 32.83 7.85 53.56
C ARG G 68 33.14 7.56 52.09
N LEU G 69 32.51 6.56 51.48
CA LEU G 69 32.79 6.16 50.10
C LEU G 69 31.63 6.60 49.20
N THR G 70 31.96 7.20 48.07
CA THR G 70 30.99 7.60 47.06
C THR G 70 31.48 7.17 45.69
N ILE G 71 30.57 6.66 44.86
CA ILE G 71 30.86 6.27 43.49
C ILE G 71 29.84 6.95 42.59
N SER G 72 30.31 7.61 41.54
CA SER G 72 29.46 8.35 40.61
C SER G 72 29.86 8.01 39.18
N ARG G 73 28.94 8.26 38.26
CA ARG G 73 29.13 7.99 36.84
C ARG G 73 29.17 9.29 36.05
N ASP G 74 29.60 9.18 34.79
CA ASP G 74 29.60 10.31 33.87
C ASP G 74 29.46 9.72 32.46
N THR G 75 28.23 9.77 31.93
CA THR G 75 27.95 9.21 30.62
C THR G 75 28.53 10.09 29.51
N SER G 76 28.41 11.41 29.64
CA SER G 76 28.91 12.31 28.61
C SER G 76 30.41 12.16 28.44
N ARG G 77 31.16 12.10 29.53
CA ARG G 77 32.59 11.89 29.48
C ARG G 77 32.95 10.40 29.48
N GLY G 78 31.99 9.52 29.71
CA GLY G 78 32.23 8.08 29.62
C GLY G 78 33.23 7.56 30.62
N HIS G 79 33.10 7.96 31.89
CA HIS G 79 33.99 7.45 32.92
C HIS G 79 33.27 7.55 34.26
N PHE G 80 33.76 6.80 35.26
CA PHE G 80 33.16 6.83 36.59
C PHE G 80 34.21 7.16 37.63
N LEU G 81 33.79 7.94 38.63
CA LEU G 81 34.67 8.52 39.63
C LEU G 81 34.36 7.92 40.99
N LEU G 82 35.40 7.88 41.83
CA LEU G 82 35.32 7.36 43.19
C LEU G 82 35.92 8.37 44.14
N HIS G 83 35.26 8.57 45.29
CA HIS G 83 35.70 9.50 46.32
C HIS G 83 35.69 8.79 47.67
N LEU G 84 36.79 8.95 48.41
CA LEU G 84 36.91 8.37 49.75
C LEU G 84 37.41 9.45 50.71
N ASP G 85 36.58 9.79 51.69
CA ASP G 85 36.90 10.86 52.63
C ASP G 85 37.66 10.31 53.84
N SER G 86 38.41 11.19 54.49
CA SER G 86 39.16 10.88 55.70
C SER G 86 40.09 9.69 55.49
N VAL G 87 40.88 9.75 54.42
CA VAL G 87 41.82 8.68 54.13
C VAL G 87 42.94 8.71 55.17
N THR G 88 43.27 7.54 55.71
CA THR G 88 44.32 7.37 56.71
C THR G 88 45.44 6.50 56.13
N ALA G 89 46.46 6.27 56.95
CA ALA G 89 47.62 5.51 56.48
C ALA G 89 47.24 4.07 56.12
N ALA G 90 46.19 3.54 56.74
CA ALA G 90 45.75 2.18 56.43
C ALA G 90 45.09 2.07 55.05
N ASP G 91 44.77 3.19 54.40
CA ASP G 91 44.11 3.18 53.11
C ASP G 91 45.06 3.08 51.94
N THR G 92 46.37 3.04 52.17
CA THR G 92 47.33 2.85 51.10
C THR G 92 47.10 1.50 50.45
N ALA G 93 46.97 1.49 49.12
CA ALA G 93 46.60 0.25 48.42
C ALA G 93 46.63 0.50 46.92
N VAL G 94 46.48 -0.57 46.15
CA VAL G 94 46.36 -0.52 44.70
C VAL G 94 44.88 -0.66 44.36
N TYR G 95 44.33 0.34 43.70
CA TYR G 95 42.92 0.39 43.36
C TYR G 95 42.71 -0.08 41.92
N TYR G 96 41.65 -0.86 41.72
CA TYR G 96 41.28 -1.39 40.41
C TYR G 96 39.79 -1.13 40.17
N CYS G 97 39.46 -0.92 38.89
CA CYS G 97 38.09 -0.81 38.42
C CYS G 97 37.82 -1.95 37.44
N SER G 98 36.74 -2.69 37.68
CA SER G 98 36.45 -3.91 36.92
C SER G 98 34.98 -3.95 36.55
N THR G 99 34.63 -4.90 35.69
CA THR G 99 33.25 -5.09 35.28
C THR G 99 33.07 -6.49 34.71
N GLN G 100 31.96 -7.14 35.10
CA GLN G 100 31.61 -8.46 34.61
C GLN G 100 30.20 -8.41 34.05
N TYR G 101 29.98 -9.09 32.92
CA TYR G 101 28.66 -9.05 32.31
C TYR G 101 28.46 -10.24 31.38
N TRP G 102 27.19 -10.61 31.22
CA TRP G 102 26.77 -11.59 30.24
C TRP G 102 26.41 -10.89 28.93
N ARG G 103 26.89 -11.45 27.82
CA ARG G 103 26.57 -10.96 26.48
C ARG G 103 25.83 -12.09 25.75
N HIS G 104 24.54 -11.89 25.51
CA HIS G 104 23.69 -12.86 24.81
C HIS G 104 23.49 -12.35 23.38
N THR G 105 24.36 -12.80 22.48
CA THR G 105 24.27 -12.44 21.06
C THR G 105 23.56 -13.58 20.33
N GLY G 106 22.33 -13.31 19.89
CA GLY G 106 21.56 -14.28 19.13
C GLY G 106 21.46 -15.63 19.79
N TYR G 107 22.11 -16.63 19.16
CA TYR G 107 22.05 -17.99 19.66
C TYR G 107 22.95 -18.22 20.87
N ASP G 108 24.07 -17.51 20.98
CA ASP G 108 25.12 -17.84 21.93
C ASP G 108 25.25 -16.77 23.01
N SER G 109 25.53 -17.21 24.24
CA SER G 109 25.74 -16.35 25.38
C SER G 109 27.14 -16.59 25.95
N SER G 110 27.81 -15.51 26.33
CA SER G 110 29.17 -15.59 26.86
C SER G 110 29.29 -14.71 28.10
N PHE G 111 30.25 -15.05 28.96
CA PHE G 111 30.57 -14.28 30.16
C PHE G 111 31.89 -13.56 29.94
N PHE G 112 31.86 -12.22 30.06
CA PHE G 112 33.03 -11.40 29.87
C PHE G 112 33.35 -10.67 31.17
N ASP G 113 34.63 -10.61 31.51
CA ASP G 113 35.12 -9.91 32.69
C ASP G 113 36.32 -9.08 32.28
N SER G 114 36.36 -7.83 32.73
CA SER G 114 37.42 -6.90 32.39
C SER G 114 37.94 -6.22 33.64
N TRP G 115 39.26 -6.07 33.71
CA TRP G 115 39.95 -5.40 34.81
C TRP G 115 40.91 -4.37 34.25
N GLY G 116 41.23 -3.37 35.07
CA GLY G 116 42.22 -2.38 34.73
C GLY G 116 43.57 -2.72 35.33
N GLN G 117 44.62 -2.07 34.80
CA GLN G 117 45.96 -2.29 35.32
C GLN G 117 46.07 -1.90 36.78
N GLY G 118 45.34 -0.89 37.20
CA GLY G 118 45.31 -0.46 38.58
C GLY G 118 46.23 0.71 38.85
N ALA G 119 45.92 1.47 39.90
CA ALA G 119 46.69 2.64 40.30
C ALA G 119 47.05 2.53 41.77
N LEU G 120 48.33 2.75 42.08
CA LEU G 120 48.81 2.69 43.45
C LEU G 120 48.59 4.03 44.13
N VAL G 121 47.94 4.02 45.29
CA VAL G 121 47.67 5.22 46.08
C VAL G 121 48.30 5.02 47.44
N THR G 122 49.15 5.98 47.84
CA THR G 122 49.82 5.97 49.13
C THR G 122 49.30 7.13 49.95
N VAL G 123 48.88 6.84 51.20
CA VAL G 123 48.33 7.83 52.11
C VAL G 123 49.35 8.08 53.20
N SER G 124 49.81 9.32 53.32
CA SER G 124 50.77 9.70 54.34
C SER G 124 50.94 11.21 54.32
N SER G 125 51.24 11.77 55.48
CA SER G 125 51.44 13.21 55.61
C SER G 125 52.86 13.61 55.25
N ASP H 1 28.39 -9.98 56.75
CA ASP H 1 29.22 -10.22 55.54
C ASP H 1 29.60 -11.68 55.42
N VAL H 2 29.39 -12.25 54.22
CA VAL H 2 29.75 -13.65 53.98
C VAL H 2 31.26 -13.78 53.98
N GLN H 3 31.77 -14.73 54.76
CA GLN H 3 33.19 -14.86 55.02
C GLN H 3 33.78 -15.99 54.18
N MET H 4 34.85 -15.67 53.44
CA MET H 4 35.60 -16.67 52.69
C MET H 4 36.78 -17.14 53.52
N THR H 5 36.96 -18.47 53.58
CA THR H 5 38.10 -19.07 54.27
C THR H 5 38.81 -20.01 53.31
N GLN H 6 40.05 -19.68 52.98
CA GLN H 6 40.85 -20.45 52.02
C GLN H 6 41.83 -21.35 52.75
N SER H 7 42.13 -22.50 52.14
CA SER H 7 43.10 -23.44 52.69
C SER H 7 43.77 -24.18 51.55
N PRO H 8 45.09 -24.45 51.62
CA PRO H 8 46.06 -24.02 52.63
C PRO H 8 46.50 -22.57 52.39
N SER H 9 47.09 -21.90 53.40
CA SER H 9 47.56 -20.55 53.19
C SER H 9 48.69 -20.50 52.15
N SER H 10 49.54 -21.52 52.13
CA SER H 10 50.60 -21.62 51.14
C SER H 10 50.94 -23.09 50.92
N LEU H 11 51.36 -23.41 49.70
CA LEU H 11 51.71 -24.77 49.35
C LEU H 11 52.84 -24.75 48.33
N SER H 12 53.54 -25.87 48.23
CA SER H 12 54.63 -26.05 47.27
C SER H 12 54.37 -27.32 46.47
N ALA H 13 54.44 -27.21 45.15
CA ALA H 13 54.21 -28.33 44.25
C ALA H 13 55.18 -28.25 43.08
N SER H 14 55.47 -29.42 42.50
CA SER H 14 56.38 -29.53 41.37
C SER H 14 55.59 -29.56 40.07
N VAL H 15 56.32 -29.60 38.96
CA VAL H 15 55.68 -29.59 37.64
C VAL H 15 55.00 -30.92 37.40
N GLY H 16 53.73 -30.86 36.96
CA GLY H 16 52.97 -32.05 36.64
C GLY H 16 52.20 -32.67 37.79
N ASP H 17 52.35 -32.14 39.00
CA ASP H 17 51.65 -32.69 40.16
C ASP H 17 50.20 -32.18 40.20
N ARG H 18 49.41 -32.80 41.06
CA ARG H 18 48.02 -32.43 41.25
C ARG H 18 47.88 -31.61 42.52
N VAL H 19 47.20 -30.46 42.41
CA VAL H 19 47.05 -29.53 43.52
C VAL H 19 45.57 -29.25 43.74
N SER H 20 45.19 -29.10 45.00
CA SER H 20 43.81 -28.81 45.38
C SER H 20 43.80 -27.68 46.40
N ILE H 21 42.94 -26.69 46.18
CA ILE H 21 42.77 -25.56 47.09
C ILE H 21 41.29 -25.44 47.43
N THR H 22 40.99 -25.34 48.72
CA THR H 22 39.61 -25.35 49.21
C THR H 22 39.21 -23.96 49.70
N CYS H 23 37.96 -23.59 49.44
CA CYS H 23 37.37 -22.34 49.91
C CYS H 23 36.03 -22.65 50.55
N ARG H 24 35.84 -22.18 51.77
CA ARG H 24 34.63 -22.41 52.55
C ARG H 24 33.93 -21.08 52.83
N ALA H 25 32.60 -21.14 52.90
CA ALA H 25 31.76 -19.96 53.10
C ALA H 25 30.99 -20.10 54.41
N SER H 26 30.69 -18.94 55.02
CA SER H 26 29.91 -18.93 56.24
C SER H 26 28.47 -19.35 56.01
N GLU H 27 27.98 -19.26 54.78
CA GLU H 27 26.60 -19.64 54.46
C GLU H 27 26.52 -20.03 52.99
N ASP H 28 25.43 -20.69 52.64
CA ASP H 28 25.23 -21.13 51.27
C ASP H 28 25.18 -19.94 50.32
N ILE H 29 25.89 -20.06 49.19
CA ILE H 29 25.95 -19.04 48.16
C ILE H 29 25.51 -19.56 46.80
N THR H 30 25.03 -20.80 46.74
CA THR H 30 24.54 -21.41 45.49
C THR H 30 25.74 -21.54 44.55
N THR H 31 25.63 -21.14 43.28
CA THR H 31 26.70 -21.30 42.31
C THR H 31 27.52 -20.03 42.11
N ASP H 32 27.13 -18.92 42.74
CA ASP H 32 27.81 -17.65 42.51
C ASP H 32 29.16 -17.60 43.21
N LEU H 33 30.18 -18.15 42.56
CA LEU H 33 31.55 -18.10 43.06
C LEU H 33 32.50 -18.12 41.88
N GLU H 34 33.62 -17.39 42.02
CA GLU H 34 34.63 -17.28 40.97
C GLU H 34 36.00 -17.56 41.56
N TRP H 35 36.83 -18.26 40.78
CA TRP H 35 38.21 -18.55 41.14
C TRP H 35 39.12 -17.73 40.24
N TYR H 36 39.91 -16.85 40.86
CA TYR H 36 40.82 -15.93 40.17
C TYR H 36 42.26 -16.31 40.46
N GLN H 37 43.13 -16.01 39.50
CA GLN H 37 44.58 -16.21 39.63
C GLN H 37 45.29 -14.88 39.43
N GLN H 38 46.25 -14.60 40.30
CA GLN H 38 47.00 -13.34 40.28
C GLN H 38 48.49 -13.67 40.37
N LYS H 39 49.23 -13.32 39.32
CA LYS H 39 50.68 -13.43 39.33
C LYS H 39 51.30 -12.22 40.02
N PRO H 40 52.56 -12.30 40.44
CA PRO H 40 53.20 -11.13 41.07
C PRO H 40 53.22 -9.93 40.13
N GLY H 41 52.95 -8.75 40.70
CA GLY H 41 52.97 -7.53 39.93
C GLY H 41 51.97 -7.46 38.80
N LYS H 42 50.91 -8.26 38.86
CA LYS H 42 49.89 -8.30 37.82
C LYS H 42 48.52 -8.35 38.49
N ALA H 43 47.51 -7.85 37.77
CA ALA H 43 46.16 -7.85 38.29
C ALA H 43 45.61 -9.28 38.30
N PRO H 44 44.61 -9.57 39.13
CA PRO H 44 44.01 -10.92 39.11
C PRO H 44 43.36 -11.21 37.76
N ASN H 45 43.41 -12.49 37.37
CA ASN H 45 42.82 -12.97 36.12
C ASN H 45 41.78 -14.02 36.45
N LEU H 46 40.65 -13.97 35.73
CA LEU H 46 39.56 -14.90 35.98
C LEU H 46 39.91 -16.26 35.40
N LEU H 47 40.07 -17.26 36.27
CA LEU H 47 40.30 -18.64 35.82
C LEU H 47 38.99 -19.39 35.63
N ILE H 48 38.12 -19.37 36.63
CA ILE H 48 36.87 -20.13 36.59
C ILE H 48 35.75 -19.25 37.13
N TYR H 49 34.57 -19.35 36.50
CA TYR H 49 33.37 -18.70 36.97
C TYR H 49 32.27 -19.75 37.07
N ASP H 50 31.20 -19.40 37.80
CA ASP H 50 30.05 -20.28 37.97
C ASP H 50 30.47 -21.64 38.50
N VAL H 51 31.38 -21.64 39.47
CA VAL H 51 31.88 -22.83 40.14
C VAL H 51 32.69 -23.69 39.16
N SER H 52 32.05 -24.22 38.13
CA SER H 52 32.67 -25.20 37.24
C SER H 52 32.71 -24.78 35.78
N SER H 53 32.37 -23.53 35.46
CA SER H 53 32.44 -23.04 34.09
C SER H 53 33.79 -22.38 33.84
N LEU H 54 34.45 -22.79 32.75
CA LEU H 54 35.81 -22.35 32.46
C LEU H 54 35.79 -21.13 31.55
N GLN H 55 36.58 -20.12 31.92
CA GLN H 55 36.72 -18.93 31.09
C GLN H 55 37.45 -19.27 29.79
N SER H 56 37.05 -18.59 28.72
CA SER H 56 37.70 -18.79 27.42
C SER H 56 39.17 -18.45 27.51
N GLY H 57 40.02 -19.32 26.94
CA GLY H 57 41.46 -19.15 26.98
C GLY H 57 42.13 -19.78 28.19
N VAL H 58 41.37 -20.21 29.18
CA VAL H 58 41.94 -20.88 30.36
C VAL H 58 42.19 -22.34 29.99
N PRO H 59 43.39 -22.89 30.22
CA PRO H 59 43.62 -24.31 29.90
C PRO H 59 42.68 -25.22 30.68
N SER H 60 42.30 -26.34 30.06
CA SER H 60 41.31 -27.23 30.64
C SER H 60 41.83 -28.00 31.85
N ARG H 61 43.14 -27.96 32.11
CA ARG H 61 43.67 -28.67 33.27
C ARG H 61 43.04 -28.19 34.57
N PHE H 62 42.72 -26.90 34.67
CA PHE H 62 42.04 -26.38 35.84
C PHE H 62 40.60 -26.88 35.88
N SER H 63 40.10 -27.14 37.09
CA SER H 63 38.72 -27.59 37.25
C SER H 63 38.21 -27.10 38.60
N GLY H 64 36.89 -27.06 38.71
CA GLY H 64 36.24 -26.63 39.94
C GLY H 64 35.15 -27.59 40.34
N SER H 65 34.99 -27.76 41.65
CA SER H 65 33.98 -28.67 42.20
C SER H 65 33.36 -28.04 43.44
N ARG H 66 32.15 -28.50 43.76
CA ARG H 66 31.40 -28.02 44.91
C ARG H 66 30.93 -29.21 45.73
N SER H 67 30.83 -28.98 47.05
CA SER H 67 30.30 -29.98 47.97
C SER H 67 29.71 -29.22 49.15
N GLY H 68 28.39 -29.10 49.18
CA GLY H 68 27.75 -28.34 50.23
C GLY H 68 28.20 -26.89 50.20
N THR H 69 28.71 -26.41 51.32
CA THR H 69 29.23 -25.05 51.45
C THR H 69 30.69 -24.94 51.02
N GLU H 70 31.34 -26.06 50.70
CA GLU H 70 32.75 -26.06 50.34
C GLU H 70 32.93 -26.07 48.83
N PHE H 71 34.01 -25.46 48.36
CA PHE H 71 34.36 -25.45 46.94
C PHE H 71 35.84 -25.76 46.82
N THR H 72 36.22 -26.33 45.67
CA THR H 72 37.59 -26.77 45.46
C THR H 72 38.04 -26.45 44.05
N LEU H 73 39.22 -25.83 43.94
CA LEU H 73 39.91 -25.65 42.67
C LEU H 73 40.98 -26.73 42.58
N THR H 74 40.95 -27.51 41.50
CA THR H 74 41.88 -28.60 41.27
C THR H 74 42.69 -28.33 40.02
N ILE H 75 44.01 -28.30 40.16
CA ILE H 75 44.95 -28.25 39.04
C ILE H 75 45.47 -29.66 38.84
N ASN H 76 45.02 -30.31 37.76
CA ASN H 76 45.38 -31.71 37.54
C ASN H 76 46.87 -31.87 37.26
N SER H 77 47.40 -31.05 36.35
CA SER H 77 48.81 -31.09 35.95
C SER H 77 49.34 -29.66 36.02
N LEU H 78 49.90 -29.30 37.17
CA LEU H 78 50.42 -27.95 37.35
C LEU H 78 51.58 -27.70 36.38
N GLN H 79 51.58 -26.51 35.80
CA GLN H 79 52.56 -26.09 34.80
C GLN H 79 53.43 -24.98 35.35
N PRO H 80 54.57 -24.68 34.70
CA PRO H 80 55.41 -23.56 35.18
C PRO H 80 54.69 -22.23 35.20
N GLU H 81 53.72 -22.02 34.32
CA GLU H 81 52.96 -20.77 34.28
C GLU H 81 51.79 -20.76 35.28
N ASP H 82 51.57 -21.84 36.01
CA ASP H 82 50.47 -21.93 36.96
C ASP H 82 50.85 -21.47 38.36
N PHE H 83 52.09 -21.05 38.59
CA PHE H 83 52.52 -20.59 39.91
C PHE H 83 52.02 -19.16 40.10
N ALA H 84 51.09 -18.99 41.04
CA ALA H 84 50.46 -17.69 41.28
C ALA H 84 49.62 -17.81 42.55
N THR H 85 48.93 -16.73 42.89
CA THR H 85 48.06 -16.68 44.06
C THR H 85 46.61 -16.85 43.63
N TYR H 86 45.92 -17.79 44.24
CA TYR H 86 44.54 -18.14 43.88
C TYR H 86 43.58 -17.59 44.92
N PHE H 87 42.48 -16.98 44.45
CA PHE H 87 41.49 -16.36 45.30
C PHE H 87 40.09 -16.83 44.91
N CYS H 88 39.21 -16.92 45.91
CA CYS H 88 37.81 -17.24 45.71
C CYS H 88 36.96 -16.02 46.05
N LEU H 89 36.10 -15.62 45.11
CA LEU H 89 35.27 -14.43 45.24
C LEU H 89 33.81 -14.86 45.17
N GLN H 90 33.02 -14.46 46.17
CA GLN H 90 31.59 -14.74 46.22
C GLN H 90 30.81 -13.48 45.85
N TYR H 91 29.78 -13.66 45.01
CA TYR H 91 28.93 -12.55 44.59
C TYR H 91 27.44 -12.92 44.67
N ASN H 92 27.09 -13.90 45.51
CA ASN H 92 25.67 -14.25 45.67
C ASN H 92 24.89 -13.10 46.28
N SER H 93 25.45 -12.45 47.29
CA SER H 93 24.81 -11.32 47.95
C SER H 93 25.88 -10.35 48.42
N TYR H 94 25.47 -9.09 48.62
CA TYR H 94 26.43 -8.07 48.98
C TYR H 94 26.81 -8.20 50.46
N PRO H 95 28.01 -7.71 50.85
CA PRO H 95 29.08 -7.16 50.02
C PRO H 95 29.92 -8.27 49.38
N TRP H 96 30.50 -8.04 48.21
CA TRP H 96 31.42 -9.02 47.64
C TRP H 96 32.63 -9.18 48.56
N THR H 97 33.03 -10.43 48.79
CA THR H 97 34.13 -10.75 49.69
C THR H 97 35.09 -11.72 49.00
N PHE H 98 36.38 -11.55 49.31
CA PHE H 98 37.44 -12.36 48.76
C PHE H 98 38.04 -13.23 49.86
N GLY H 99 38.76 -14.27 49.43
CA GLY H 99 39.44 -15.14 50.35
C GLY H 99 40.79 -14.58 50.78
N GLN H 100 41.42 -15.29 51.73
CA GLN H 100 42.73 -14.88 52.21
C GLN H 100 43.83 -15.11 51.19
N GLY H 101 43.61 -16.00 50.22
CA GLY H 101 44.58 -16.27 49.18
C GLY H 101 45.47 -17.46 49.51
N THR H 102 45.84 -18.19 48.47
CA THR H 102 46.73 -19.35 48.56
C THR H 102 47.85 -19.19 47.55
N LYS H 103 49.09 -19.20 48.03
CA LYS H 103 50.26 -19.02 47.19
C LYS H 103 50.87 -20.38 46.87
N VAL H 104 51.12 -20.63 45.60
CA VAL H 104 51.72 -21.88 45.13
C VAL H 104 53.16 -21.58 44.74
N ASP H 105 54.10 -22.30 45.34
CA ASP H 105 55.53 -22.11 45.12
C ASP H 105 56.10 -23.28 44.34
N ILE H 106 57.31 -23.09 43.84
CA ILE H 106 57.98 -24.07 43.00
C ILE H 106 58.81 -24.98 43.90
N LYS H 107 58.64 -26.30 43.74
CA LYS H 107 59.41 -27.29 44.46
C LYS H 107 60.52 -27.79 43.56
N ARG H 108 61.77 -27.63 44.01
CA ARG H 108 62.93 -28.02 43.23
C ARG H 108 64.03 -28.49 44.17
N THR H 109 65.14 -28.92 43.59
CA THR H 109 66.27 -29.41 44.39
C THR H 109 66.86 -28.27 45.21
N VAL H 110 67.35 -28.60 46.40
CA VAL H 110 67.95 -27.63 47.29
C VAL H 110 69.20 -27.03 46.65
N GLN I 1 -20.05 17.60 33.35
CA GLN I 1 -20.55 18.78 34.11
C GLN I 1 -19.40 19.72 34.45
N VAL I 2 -19.65 21.02 34.32
CA VAL I 2 -18.66 22.06 34.60
C VAL I 2 -18.94 22.61 35.98
N TRP I 3 -17.93 22.56 36.86
CA TRP I 3 -18.04 23.05 38.23
C TRP I 3 -17.27 24.36 38.36
N LEU I 4 -17.89 25.33 39.03
CA LEU I 4 -17.32 26.66 39.22
C LEU I 4 -17.29 26.97 40.70
N ARG I 5 -16.14 27.46 41.18
CA ARG I 5 -15.98 27.83 42.59
C ARG I 5 -15.41 29.24 42.68
N GLU I 6 -16.07 30.09 43.47
CA GLU I 6 -15.63 31.46 43.68
C GLU I 6 -14.71 31.55 44.89
N SER I 7 -13.83 32.54 44.86
CA SER I 7 -12.92 32.79 45.98
C SER I 7 -12.42 34.22 45.91
N GLY I 8 -11.96 34.71 47.06
CA GLY I 8 -11.44 36.06 47.16
C GLY I 8 -11.58 36.60 48.57
N PRO I 9 -11.05 37.80 48.81
CA PRO I 9 -11.16 38.38 50.16
C PRO I 9 -12.61 38.68 50.52
N GLY I 10 -12.92 38.51 51.80
CA GLY I 10 -14.27 38.78 52.28
C GLY I 10 -14.58 40.24 52.53
N LEU I 11 -13.54 41.06 52.70
CA LEU I 11 -13.70 42.49 52.95
C LEU I 11 -12.72 43.28 52.11
N VAL I 12 -13.19 44.39 51.55
CA VAL I 12 -12.35 45.30 50.77
C VAL I 12 -12.65 46.72 51.24
N LYS I 13 -11.60 47.46 51.58
CA LYS I 13 -11.77 48.84 52.00
C LYS I 13 -12.27 49.70 50.84
N SER I 14 -12.95 50.79 51.18
CA SER I 14 -13.48 51.68 50.15
C SER I 14 -12.36 52.30 49.33
N SER I 15 -12.61 52.45 48.03
CA SER I 15 -11.71 53.01 47.03
C SER I 15 -10.61 52.03 46.62
N GLU I 16 -10.54 50.84 47.21
CA GLU I 16 -9.55 49.85 46.82
C GLU I 16 -10.05 49.07 45.61
N THR I 17 -9.26 48.09 45.17
CA THR I 17 -9.58 47.24 44.03
C THR I 17 -10.01 45.87 44.54
N LEU I 18 -11.23 45.46 44.19
CA LEU I 18 -11.74 44.15 44.55
C LEU I 18 -11.28 43.13 43.52
N SER I 19 -10.65 42.05 43.99
CA SER I 19 -10.18 40.97 43.14
C SER I 19 -10.94 39.69 43.50
N LEU I 20 -11.42 39.00 42.48
CA LEU I 20 -12.13 37.73 42.67
C LEU I 20 -11.59 36.70 41.68
N THR I 21 -11.60 35.43 42.11
CA THR I 21 -11.09 34.32 41.31
C THR I 21 -12.15 33.26 41.22
N CYS I 22 -12.51 32.85 39.99
CA CYS I 22 -13.41 31.73 39.78
C CYS I 22 -12.63 30.60 39.12
N ALA I 23 -12.61 29.45 39.79
CA ALA I 23 -11.91 28.27 39.32
C ALA I 23 -12.89 27.31 38.66
N VAL I 24 -12.50 26.77 37.51
CA VAL I 24 -13.31 25.88 36.70
C VAL I 24 -12.72 24.48 36.79
N SER I 25 -13.56 23.49 37.05
CA SER I 25 -13.19 22.09 37.10
C SER I 25 -14.10 21.30 36.17
N GLY I 26 -13.52 20.33 35.48
CA GLY I 26 -14.24 19.51 34.52
C GLY I 26 -14.26 20.04 33.10
N ALA I 27 -13.67 21.21 32.85
CA ALA I 27 -13.62 21.77 31.51
C ALA I 27 -12.40 22.66 31.38
N SER I 28 -12.00 22.90 30.13
CA SER I 28 -10.84 23.72 29.83
C SER I 28 -11.26 25.18 29.66
N VAL I 29 -10.52 26.09 30.30
CA VAL I 29 -10.84 27.51 30.19
C VAL I 29 -10.63 27.98 28.76
N GLY I 30 -9.71 27.37 28.03
CA GLY I 30 -9.41 27.76 26.67
C GLY I 30 -10.37 27.25 25.62
N GLY I 31 -11.40 26.51 26.01
CA GLY I 31 -12.36 26.00 25.06
C GLY I 31 -13.32 27.09 24.59
N ASN I 32 -14.32 26.65 23.82
CA ASN I 32 -15.32 27.55 23.26
C ASN I 32 -16.44 27.78 24.28
N TYR I 33 -16.08 28.43 25.38
CA TYR I 33 -16.98 28.71 26.48
C TYR I 33 -17.06 30.21 26.75
N TYR I 34 -18.19 30.63 27.30
CA TYR I 34 -18.41 31.99 27.76
C TYR I 34 -18.55 31.97 29.28
N TRP I 35 -17.69 32.73 29.96
CA TRP I 35 -17.68 32.80 31.41
C TRP I 35 -18.20 34.17 31.84
N ASN I 36 -19.26 34.19 32.66
CA ASN I 36 -19.97 35.41 33.01
C ASN I 36 -19.88 35.68 34.51
N TRP I 37 -19.67 36.94 34.86
CA TRP I 37 -19.67 37.41 36.23
C TRP I 37 -20.93 38.23 36.49
N ILE I 38 -21.66 37.86 37.54
CA ILE I 38 -22.96 38.46 37.88
C ILE I 38 -22.98 38.69 39.39
N ARG I 39 -23.41 39.89 39.81
CA ARG I 39 -23.56 40.21 41.22
C ARG I 39 -25.01 40.46 41.57
N GLN I 40 -25.41 40.00 42.75
CA GLN I 40 -26.72 40.26 43.32
C GLN I 40 -26.54 41.10 44.58
N PHE I 41 -27.17 42.28 44.62
CA PHE I 41 -27.08 43.12 45.78
C PHE I 41 -27.99 42.58 46.90
N PRO I 42 -27.72 42.92 48.16
CA PRO I 42 -28.58 42.43 49.25
C PRO I 42 -29.99 42.97 49.12
N GLY I 43 -30.97 42.06 49.19
CA GLY I 43 -32.36 42.46 49.14
C GLY I 43 -32.76 43.18 47.88
N LYS I 44 -32.20 42.80 46.73
CA LYS I 44 -32.49 43.45 45.47
C LYS I 44 -32.34 42.43 44.35
N GLY I 45 -32.55 42.89 43.12
CA GLY I 45 -32.44 42.02 41.96
C GLY I 45 -31.01 41.77 41.55
N LEU I 46 -30.86 40.92 40.53
CA LEU I 46 -29.55 40.53 40.02
C LEU I 46 -29.06 41.55 39.00
N GLU I 47 -27.74 41.48 38.73
CA GLU I 47 -27.12 42.39 37.77
C GLU I 47 -25.96 41.67 37.11
N TRP I 48 -25.99 41.58 35.78
CA TRP I 48 -24.90 40.97 35.03
C TRP I 48 -23.75 41.96 34.91
N MET I 49 -22.59 41.59 35.44
CA MET I 49 -21.44 42.49 35.43
C MET I 49 -20.70 42.40 34.10
N GLY I 50 -20.38 41.20 33.65
CA GLY I 50 -19.64 41.07 32.42
C GLY I 50 -19.47 39.62 32.02
N ASN I 51 -18.72 39.41 30.95
CA ASN I 51 -18.32 38.05 30.57
C ASN I 51 -17.13 38.10 29.62
N VAL I 52 -16.55 36.93 29.39
CA VAL I 52 -15.35 36.78 28.56
C VAL I 52 -15.45 35.45 27.82
N HIS I 53 -14.92 35.44 26.60
CA HIS I 53 -14.82 34.24 25.79
C HIS I 53 -13.46 33.59 26.03
N GLY I 54 -13.47 32.28 26.32
CA GLY I 54 -12.22 31.61 26.66
C GLY I 54 -11.26 31.53 25.49
N GLY I 55 -11.77 31.28 24.29
CA GLY I 55 -10.91 31.05 23.15
C GLY I 55 -10.27 32.30 22.57
N SER I 56 -11.09 33.21 22.04
CA SER I 56 -10.56 34.41 21.41
C SER I 56 -10.03 35.38 22.46
N GLY I 57 -10.69 35.47 23.61
CA GLY I 57 -10.30 36.39 24.66
C GLY I 57 -11.05 37.71 24.68
N ASN I 58 -12.02 37.90 23.79
CA ASN I 58 -12.80 39.13 23.80
C ASN I 58 -13.60 39.23 25.09
N THR I 59 -13.58 40.43 25.68
CA THR I 59 -14.23 40.71 26.95
C THR I 59 -15.35 41.71 26.72
N GLU I 60 -16.51 41.47 27.33
CA GLU I 60 -17.66 42.35 27.23
C GLU I 60 -18.10 42.74 28.63
N TYR I 61 -18.36 44.04 28.82
CA TYR I 61 -18.67 44.59 30.13
C TYR I 61 -19.94 45.42 30.07
N ASN I 62 -20.63 45.49 31.21
CA ASN I 62 -21.81 46.32 31.32
C ASN I 62 -21.41 47.80 31.16
N PRO I 63 -22.21 48.62 30.46
CA PRO I 63 -21.85 50.04 30.35
C PRO I 63 -21.71 50.75 31.69
N SER I 64 -22.54 50.39 32.67
CA SER I 64 -22.46 51.02 33.98
C SER I 64 -21.11 50.74 34.65
N LEU I 65 -20.62 49.52 34.53
CA LEU I 65 -19.34 49.14 35.11
C LEU I 65 -18.16 49.38 34.18
N LYS I 66 -18.39 49.94 33.00
CA LYS I 66 -17.31 50.20 32.06
C LYS I 66 -16.34 51.23 32.64
N GLY I 67 -15.05 51.02 32.37
CA GLY I 67 -14.00 51.90 32.85
C GLY I 67 -13.43 51.53 34.20
N ARG I 68 -14.05 50.57 34.90
CA ARG I 68 -13.54 50.10 36.19
C ARG I 68 -13.55 48.59 36.35
N LEU I 69 -14.18 47.84 35.43
CA LEU I 69 -14.28 46.40 35.51
C LEU I 69 -13.36 45.77 34.47
N THR I 70 -12.58 44.77 34.89
CA THR I 70 -11.68 44.05 33.99
C THR I 70 -11.74 42.57 34.31
N ILE I 71 -12.08 41.75 33.32
CA ILE I 71 -12.19 40.30 33.47
C ILE I 71 -11.13 39.67 32.58
N SER I 72 -10.32 38.79 33.16
CA SER I 72 -9.23 38.13 32.44
C SER I 72 -9.30 36.63 32.69
N ARG I 73 -8.59 35.88 31.84
CA ARG I 73 -8.58 34.42 31.89
C ARG I 73 -7.19 33.93 32.27
N ASP I 74 -7.10 32.63 32.55
CA ASP I 74 -5.83 31.97 32.80
C ASP I 74 -6.01 30.50 32.45
N THR I 75 -5.51 30.12 31.26
CA THR I 75 -5.66 28.74 30.79
C THR I 75 -4.73 27.80 31.53
N SER I 76 -3.48 28.23 31.77
CA SER I 76 -2.51 27.36 32.43
C SER I 76 -2.99 26.98 33.83
N ARG I 77 -3.49 27.95 34.59
CA ARG I 77 -4.05 27.68 35.91
C ARG I 77 -5.52 27.31 35.86
N GLY I 78 -6.18 27.45 34.72
CA GLY I 78 -7.56 27.03 34.56
C GLY I 78 -8.54 27.79 35.43
N HIS I 79 -8.43 29.11 35.46
CA HIS I 79 -9.37 29.93 36.21
C HIS I 79 -9.39 31.33 35.63
N PHE I 80 -10.42 32.10 35.96
CA PHE I 80 -10.54 33.47 35.47
C PHE I 80 -10.74 34.44 36.62
N LEU I 81 -10.17 35.62 36.44
CA LEU I 81 -10.05 36.64 37.47
C LEU I 81 -10.90 37.86 37.09
N LEU I 82 -11.37 38.54 38.12
CA LEU I 82 -12.19 39.75 37.98
C LEU I 82 -11.61 40.84 38.87
N HIS I 83 -11.49 42.05 38.32
CA HIS I 83 -10.98 43.21 39.03
C HIS I 83 -11.99 44.35 38.90
N LEU I 84 -12.31 44.97 40.04
CA LEU I 84 -13.22 46.11 40.09
C LEU I 84 -12.56 47.22 40.89
N ASP I 85 -12.24 48.32 40.22
CA ASP I 85 -11.55 49.44 40.86
C ASP I 85 -12.54 50.42 41.48
N SER I 86 -12.06 51.16 42.47
CA SER I 86 -12.83 52.21 43.14
C SER I 86 -14.13 51.65 43.71
N VAL I 87 -14.03 50.53 44.43
CA VAL I 87 -15.19 49.93 45.05
C VAL I 87 -15.69 50.84 46.17
N THR I 88 -17.00 51.05 46.22
CA THR I 88 -17.66 51.88 47.22
C THR I 88 -18.64 51.03 48.02
N ALA I 89 -19.30 51.67 49.00
CA ALA I 89 -20.22 50.94 49.87
C ALA I 89 -21.38 50.33 49.10
N ALA I 90 -21.75 50.92 47.96
CA ALA I 90 -22.84 50.38 47.16
C ALA I 90 -22.45 49.10 46.42
N ASP I 91 -21.17 48.73 46.41
CA ASP I 91 -20.72 47.55 45.69
C ASP I 91 -20.79 46.27 46.53
N THR I 92 -21.21 46.36 47.79
CA THR I 92 -21.39 45.17 48.61
C THR I 92 -22.47 44.29 48.00
N ALA I 93 -22.14 43.02 47.77
CA ALA I 93 -23.05 42.13 47.06
C ALA I 93 -22.48 40.71 47.06
N VAL I 94 -23.28 39.77 46.57
CA VAL I 94 -22.87 38.38 46.41
C VAL I 94 -22.52 38.19 44.94
N TYR I 95 -21.29 37.76 44.67
CA TYR I 95 -20.78 37.58 43.32
C TYR I 95 -20.82 36.12 42.92
N TYR I 96 -21.21 35.86 41.68
CA TYR I 96 -21.28 34.52 41.12
C TYR I 96 -20.62 34.50 39.74
N CYS I 97 -19.99 33.37 39.44
CA CYS I 97 -19.45 33.10 38.12
C CYS I 97 -20.22 31.93 37.53
N SER I 98 -20.71 32.13 36.30
CA SER I 98 -21.61 31.17 35.66
C SER I 98 -21.19 30.97 34.21
N THR I 99 -21.82 29.97 33.58
CA THR I 99 -21.57 29.70 32.17
C THR I 99 -22.77 28.96 31.59
N GLN I 100 -23.00 29.17 30.29
CA GLN I 100 -24.05 28.50 29.54
C GLN I 100 -23.47 28.02 28.22
N TYR I 101 -23.87 26.84 27.76
CA TYR I 101 -23.34 26.36 26.49
C TYR I 101 -24.19 25.22 25.94
N TRP I 102 -24.25 25.16 24.62
CA TRP I 102 -24.85 24.05 23.90
C TRP I 102 -23.79 22.98 23.66
N ARG I 103 -24.12 21.73 23.98
CA ARG I 103 -23.27 20.57 23.73
C ARG I 103 -23.94 19.76 22.64
N HIS I 104 -23.30 19.68 21.48
CA HIS I 104 -23.79 18.92 20.34
C HIS I 104 -22.96 17.64 20.24
N THR I 105 -23.42 16.59 20.92
CA THR I 105 -22.74 15.29 20.93
C THR I 105 -23.43 14.42 19.88
N GLY I 106 -22.76 14.26 18.73
CA GLY I 106 -23.27 13.44 17.65
C GLY I 106 -24.68 13.79 17.23
N TYR I 107 -25.61 12.89 17.53
CA TYR I 107 -27.01 13.08 17.13
C TYR I 107 -27.74 14.07 18.03
N ASP I 108 -27.35 14.20 19.30
CA ASP I 108 -28.16 14.88 20.30
C ASP I 108 -27.51 16.19 20.74
N SER I 109 -28.32 17.23 20.89
CA SER I 109 -27.89 18.54 21.37
C SER I 109 -28.59 18.83 22.70
N SER I 110 -27.83 19.38 23.65
CA SER I 110 -28.34 19.66 24.99
C SER I 110 -27.80 20.98 25.51
N PHE I 111 -28.66 21.77 26.13
CA PHE I 111 -28.26 23.03 26.75
C PHE I 111 -27.84 22.76 28.19
N PHE I 112 -26.65 23.22 28.56
CA PHE I 112 -26.12 23.08 29.91
C PHE I 112 -25.84 24.45 30.50
N ASP I 113 -26.19 24.61 31.78
CA ASP I 113 -25.97 25.83 32.54
C ASP I 113 -25.32 25.46 33.86
N SER I 114 -24.31 26.24 34.25
CA SER I 114 -23.58 25.99 35.49
C SER I 114 -23.38 27.30 36.25
N TRP I 115 -23.56 27.24 37.57
CA TRP I 115 -23.37 28.36 38.47
C TRP I 115 -22.50 27.92 39.65
N GLY I 116 -21.87 28.91 40.29
CA GLY I 116 -21.11 28.67 41.49
C GLY I 116 -21.91 29.02 42.73
N GLN I 117 -21.42 28.56 43.88
CA GLN I 117 -22.10 28.85 45.14
C GLN I 117 -22.13 30.34 45.42
N GLY I 118 -21.08 31.06 45.05
CA GLY I 118 -21.03 32.50 45.19
C GLY I 118 -20.23 32.93 46.41
N ALA I 119 -19.71 34.16 46.35
CA ALA I 119 -18.91 34.73 47.42
C ALA I 119 -19.47 36.09 47.80
N LEU I 120 -19.68 36.31 49.10
CA LEU I 120 -20.18 37.58 49.60
C LEU I 120 -19.01 38.54 49.80
N VAL I 121 -19.13 39.74 49.22
CA VAL I 121 -18.12 40.78 49.33
C VAL I 121 -18.77 42.00 49.97
N THR I 122 -18.17 42.49 51.04
CA THR I 122 -18.65 43.67 51.75
C THR I 122 -17.61 44.77 51.61
N VAL I 123 -18.06 45.95 51.16
CA VAL I 123 -17.19 47.10 50.96
C VAL I 123 -17.48 48.11 52.06
N SER I 124 -16.46 48.43 52.85
CA SER I 124 -16.59 49.41 53.93
C SER I 124 -15.20 49.67 54.49
N SER I 125 -15.03 50.89 55.01
CA SER I 125 -13.76 51.31 55.59
C SER I 125 -13.68 50.89 57.05
N ASP J 1 -29.86 49.89 26.93
CA ASP J 1 -30.03 48.59 27.65
C ASP J 1 -31.49 48.15 27.62
N VAL J 2 -31.72 46.88 27.29
CA VAL J 2 -33.07 46.35 27.27
C VAL J 2 -33.59 46.26 28.70
N GLN J 3 -34.80 46.77 28.92
CA GLN J 3 -35.38 46.89 30.26
C GLN J 3 -36.35 45.73 30.48
N MET J 4 -36.16 45.01 31.59
CA MET J 4 -37.05 43.94 32.00
C MET J 4 -38.02 44.49 33.03
N THR J 5 -39.31 44.25 32.83
CA THR J 5 -40.36 44.68 33.75
C THR J 5 -41.18 43.46 34.15
N GLN J 6 -41.10 43.08 35.41
CA GLN J 6 -41.80 41.91 35.93
C GLN J 6 -43.09 42.34 36.64
N SER J 7 -44.10 41.47 36.57
CA SER J 7 -45.36 41.72 37.24
C SER J 7 -45.99 40.38 37.63
N PRO J 8 -46.56 40.26 38.84
CA PRO J 8 -46.62 41.22 39.96
C PRO J 8 -45.31 41.26 40.74
N SER J 9 -45.07 42.30 41.54
CA SER J 9 -43.86 42.34 42.35
C SER J 9 -43.87 41.22 43.39
N SER J 10 -45.03 40.90 43.94
CA SER J 10 -45.17 39.82 44.90
C SER J 10 -46.59 39.27 44.82
N LEU J 11 -46.72 37.97 45.10
CA LEU J 11 -48.01 37.31 45.06
C LEU J 11 -48.04 36.20 46.09
N SER J 12 -49.24 35.79 46.47
CA SER J 12 -49.47 34.71 47.43
C SER J 12 -50.41 33.70 46.81
N ALA J 13 -50.01 32.43 46.80
CA ALA J 13 -50.81 31.35 46.24
C ALA J 13 -50.69 30.13 47.13
N SER J 14 -51.73 29.28 47.06
CA SER J 14 -51.79 28.06 47.83
C SER J 14 -51.32 26.87 46.99
N VAL J 15 -51.22 25.71 47.64
CA VAL J 15 -50.75 24.51 46.97
C VAL J 15 -51.79 24.05 45.97
N GLY J 16 -51.35 23.77 44.74
CA GLY J 16 -52.22 23.28 43.70
C GLY J 16 -52.88 24.33 42.85
N ASP J 17 -52.72 25.61 43.19
CA ASP J 17 -53.33 26.68 42.41
C ASP J 17 -52.49 26.99 41.17
N ARG J 18 -53.09 27.74 40.26
CA ARG J 18 -52.44 28.15 39.02
C ARG J 18 -51.89 29.56 39.19
N VAL J 19 -50.63 29.76 38.82
CA VAL J 19 -49.95 31.05 38.98
C VAL J 19 -49.38 31.47 37.63
N SER J 20 -49.46 32.76 37.34
CA SER J 20 -48.94 33.34 36.10
C SER J 20 -48.17 34.61 36.42
N ILE J 21 -46.96 34.72 35.89
CA ILE J 21 -46.09 35.88 36.09
C ILE J 21 -45.63 36.38 34.73
N THR J 22 -45.73 37.69 34.51
CA THR J 22 -45.45 38.29 33.22
C THR J 22 -44.16 39.10 33.26
N CYS J 23 -43.41 39.06 32.16
CA CYS J 23 -42.20 39.84 31.98
C CYS J 23 -42.27 40.54 30.64
N ARG J 24 -42.04 41.85 30.64
CA ARG J 24 -42.11 42.68 29.45
C ARG J 24 -40.75 43.28 29.14
N ALA J 25 -40.48 43.47 27.85
CA ALA J 25 -39.21 43.97 27.36
C ALA J 25 -39.43 45.30 26.65
N SER J 26 -38.40 46.16 26.69
CA SER J 26 -38.46 47.43 26.00
C SER J 26 -38.42 47.27 24.49
N GLU J 27 -37.95 46.14 23.99
CA GLU J 27 -37.87 45.90 22.55
C GLU J 27 -37.90 44.40 22.30
N ASP J 28 -38.15 44.03 21.05
CA ASP J 28 -38.18 42.62 20.68
C ASP J 28 -36.83 41.97 20.94
N ILE J 29 -36.86 40.74 21.48
CA ILE J 29 -35.66 39.99 21.79
C ILE J 29 -35.74 38.58 21.19
N THR J 30 -36.68 38.38 20.26
CA THR J 30 -36.90 37.08 19.61
C THR J 30 -37.18 36.06 20.71
N THR J 31 -36.62 34.85 20.65
CA THR J 31 -36.86 33.81 21.64
C THR J 31 -35.75 33.70 22.67
N ASP J 32 -34.90 34.73 22.77
CA ASP J 32 -33.75 34.70 23.69
C ASP J 32 -34.19 35.24 25.05
N LEU J 33 -34.76 34.35 25.86
CA LEU J 33 -35.15 34.67 27.22
C LEU J 33 -35.11 33.42 28.06
N GLU J 34 -34.75 33.58 29.33
CA GLU J 34 -34.67 32.48 30.28
C GLU J 34 -35.44 32.84 31.54
N TRP J 35 -36.08 31.84 32.14
CA TRP J 35 -36.78 31.98 33.41
C TRP J 35 -36.01 31.20 34.46
N TYR J 36 -35.55 31.90 35.49
CA TYR J 36 -34.73 31.36 36.56
C TYR J 36 -35.50 31.41 37.88
N GLN J 37 -35.22 30.42 38.73
CA GLN J 37 -35.79 30.33 40.07
C GLN J 37 -34.66 30.44 41.10
N GLN J 38 -34.94 31.14 42.20
CA GLN J 38 -33.96 31.33 43.26
C GLN J 38 -34.66 31.21 44.60
N LYS J 39 -34.31 30.18 45.37
CA LYS J 39 -34.79 30.03 46.72
C LYS J 39 -33.96 30.89 47.67
N PRO J 40 -34.46 31.16 48.88
CA PRO J 40 -33.69 31.97 49.83
C PRO J 40 -32.35 31.32 50.16
N GLY J 41 -31.31 32.14 50.23
CA GLY J 41 -29.99 31.66 50.58
C GLY J 41 -29.41 30.65 49.61
N LYS J 42 -29.88 30.64 48.37
CA LYS J 42 -29.39 29.71 47.35
C LYS J 42 -29.22 30.45 46.04
N ALA J 43 -28.31 29.94 45.21
CA ALA J 43 -28.06 30.57 43.92
C ALA J 43 -29.23 30.31 42.98
N PRO J 44 -29.40 31.15 41.95
CA PRO J 44 -30.49 30.89 40.99
C PRO J 44 -30.32 29.58 40.27
N ASN J 45 -31.44 28.93 39.97
CA ASN J 45 -31.48 27.68 39.22
C ASN J 45 -32.33 27.89 37.98
N LEU J 46 -31.81 27.46 36.83
CA LEU J 46 -32.54 27.62 35.57
C LEU J 46 -33.78 26.73 35.57
N LEU J 47 -34.94 27.34 35.31
CA LEU J 47 -36.19 26.63 35.14
C LEU J 47 -36.54 26.40 33.68
N ILE J 48 -36.50 27.47 32.88
CA ILE J 48 -36.86 27.38 31.46
C ILE J 48 -35.86 28.20 30.66
N TYR J 49 -35.48 27.69 29.49
CA TYR J 49 -34.64 28.40 28.54
C TYR J 49 -35.33 28.45 27.19
N ASP J 50 -34.93 29.43 26.38
CA ASP J 50 -35.49 29.60 25.03
C ASP J 50 -37.01 29.73 25.08
N VAL J 51 -37.49 30.52 26.05
CA VAL J 51 -38.91 30.85 26.20
C VAL J 51 -39.72 29.64 26.66
N SER J 52 -39.75 28.58 25.84
CA SER J 52 -40.66 27.46 26.07
C SER J 52 -39.96 26.10 26.12
N SER J 53 -38.62 26.06 26.22
CA SER J 53 -37.89 24.81 26.33
C SER J 53 -37.53 24.57 27.79
N LEU J 54 -37.86 23.38 28.29
CA LEU J 54 -37.71 23.06 29.70
C LEU J 54 -36.33 22.46 29.97
N GLN J 55 -35.67 22.95 31.00
CA GLN J 55 -34.39 22.39 31.42
C GLN J 55 -34.59 20.99 31.98
N SER J 56 -33.61 20.12 31.72
CA SER J 56 -33.66 18.75 32.23
C SER J 56 -33.75 18.75 33.75
N GLY J 57 -34.64 17.92 34.28
CA GLY J 57 -34.87 17.84 35.71
C GLY J 57 -35.92 18.79 36.25
N VAL J 58 -36.37 19.74 35.45
CA VAL J 58 -37.42 20.68 35.86
C VAL J 58 -38.77 19.98 35.70
N PRO J 59 -39.63 19.96 36.72
CA PRO J 59 -40.94 19.33 36.54
C PRO J 59 -41.75 19.99 35.43
N SER J 60 -42.55 19.18 34.74
CA SER J 60 -43.29 19.64 33.57
C SER J 60 -44.41 20.62 33.92
N ARG J 61 -44.75 20.78 35.19
CA ARG J 61 -45.82 21.71 35.56
C ARG J 61 -45.50 23.13 35.14
N PHE J 62 -44.21 23.50 35.17
CA PHE J 62 -43.81 24.83 34.71
C PHE J 62 -43.92 24.91 33.20
N SER J 63 -44.33 26.08 32.70
CA SER J 63 -44.44 26.30 31.27
C SER J 63 -44.18 27.77 30.97
N GLY J 64 -43.83 28.04 29.72
CA GLY J 64 -43.57 29.39 29.28
C GLY J 64 -44.28 29.67 27.96
N SER J 65 -44.70 30.93 27.82
CA SER J 65 -45.42 31.37 26.64
C SER J 65 -44.97 32.77 26.26
N ARG J 66 -45.16 33.12 24.98
CA ARG J 66 -44.78 34.42 24.45
C ARG J 66 -45.97 35.03 23.71
N SER J 67 -46.04 36.36 23.73
CA SER J 67 -47.06 37.10 22.99
C SER J 67 -46.46 38.48 22.68
N GLY J 68 -46.02 38.67 21.45
CA GLY J 68 -45.40 39.92 21.07
C GLY J 68 -44.14 40.17 21.90
N THR J 69 -44.10 41.30 22.58
CA THR J 69 -42.98 41.67 23.44
C THR J 69 -43.15 41.16 24.87
N GLU J 70 -44.23 40.45 25.17
CA GLU J 70 -44.51 39.97 26.51
C GLU J 70 -44.23 38.48 26.60
N PHE J 71 -43.83 38.03 27.79
CA PHE J 71 -43.59 36.62 28.06
C PHE J 71 -44.24 36.28 29.40
N THR J 72 -44.61 35.01 29.57
CA THR J 72 -45.33 34.57 30.75
C THR J 72 -44.81 33.22 31.22
N LEU J 73 -44.54 33.12 32.52
CA LEU J 73 -44.28 31.85 33.18
C LEU J 73 -45.54 31.41 33.89
N THR J 74 -45.98 30.19 33.62
CA THR J 74 -47.20 29.64 34.19
C THR J 74 -46.89 28.36 34.94
N ILE J 75 -47.32 28.31 36.20
CA ILE J 75 -47.29 27.09 37.02
C ILE J 75 -48.72 26.59 37.11
N ASN J 76 -48.98 25.42 36.53
CA ASN J 76 -50.34 24.89 36.50
C ASN J 76 -50.79 24.44 37.88
N SER J 77 -49.93 23.70 38.58
CA SER J 77 -50.22 23.15 39.91
C SER J 77 -49.04 23.47 40.82
N LEU J 78 -49.18 24.49 41.65
CA LEU J 78 -48.10 24.88 42.54
C LEU J 78 -47.83 23.79 43.56
N GLN J 79 -46.58 23.69 43.98
CA GLN J 79 -46.11 22.70 44.93
C GLN J 79 -45.39 23.38 46.09
N PRO J 80 -45.22 22.70 47.23
CA PRO J 80 -44.51 23.33 48.35
C PRO J 80 -43.08 23.74 48.02
N GLU J 81 -42.44 23.06 47.08
CA GLU J 81 -41.07 23.39 46.68
C GLU J 81 -41.01 24.48 45.63
N ASP J 82 -42.15 24.99 45.16
CA ASP J 82 -42.19 26.02 44.13
C ASP J 82 -42.17 27.43 44.69
N PHE J 83 -42.10 27.60 46.01
CA PHE J 83 -42.06 28.92 46.61
C PHE J 83 -40.64 29.47 46.52
N ALA J 84 -40.45 30.52 45.73
CA ALA J 84 -39.13 31.08 45.48
C ALA J 84 -39.32 32.38 44.70
N THR J 85 -38.21 33.00 44.32
CA THR J 85 -38.21 34.25 43.55
C THR J 85 -37.85 33.93 42.11
N TYR J 86 -38.66 34.42 41.17
CA TYR J 86 -38.51 34.12 39.75
C TYR J 86 -38.02 35.35 39.01
N PHE J 87 -37.10 35.13 38.07
CA PHE J 87 -36.47 36.20 37.31
C PHE J 87 -36.47 35.86 35.83
N CYS J 88 -36.59 36.90 35.00
CA CYS J 88 -36.49 36.77 33.55
C CYS J 88 -35.19 37.41 33.08
N LEU J 89 -34.38 36.63 32.36
CA LEU J 89 -33.07 37.06 31.88
C LEU J 89 -33.12 37.14 30.36
N GLN J 90 -32.72 38.28 29.81
CA GLN J 90 -32.66 38.50 28.38
C GLN J 90 -31.21 38.49 27.93
N TYR J 91 -30.94 37.76 26.84
CA TYR J 91 -29.59 37.65 26.29
C TYR J 91 -29.58 37.80 24.77
N ASN J 92 -30.58 38.47 24.19
CA ASN J 92 -30.58 38.70 22.75
C ASN J 92 -29.43 39.60 22.34
N SER J 93 -29.18 40.66 23.11
CA SER J 93 -28.09 41.59 22.84
C SER J 93 -27.55 42.12 24.17
N TYR J 94 -26.31 42.60 24.13
CA TYR J 94 -25.68 43.09 25.34
C TYR J 94 -26.32 44.41 25.77
N PRO J 95 -26.29 44.74 27.07
CA PRO J 95 -25.85 43.92 28.22
C PRO J 95 -26.96 43.00 28.69
N TRP J 96 -26.66 41.85 29.27
CA TRP J 96 -27.70 41.02 29.87
C TRP J 96 -28.33 41.75 31.03
N THR J 97 -29.66 41.69 31.11
CA THR J 97 -30.42 42.40 32.14
C THR J 97 -31.39 41.44 32.82
N PHE J 98 -31.57 41.62 34.12
CA PHE J 98 -32.47 40.82 34.92
C PHE J 98 -33.72 41.61 35.24
N GLY J 99 -34.78 40.89 35.61
CA GLY J 99 -36.02 41.50 36.02
C GLY J 99 -35.98 41.97 37.47
N GLN J 100 -37.06 42.64 37.87
CA GLN J 100 -37.15 43.12 39.24
C GLN J 100 -37.40 41.99 40.24
N GLY J 101 -37.84 40.82 39.77
CA GLY J 101 -38.07 39.69 40.64
C GLY J 101 -39.49 39.63 41.17
N THR J 102 -40.07 38.44 41.18
CA THR J 102 -41.41 38.21 41.71
C THR J 102 -41.33 37.12 42.78
N LYS J 103 -41.77 37.45 43.99
CA LYS J 103 -41.72 36.55 45.13
C LYS J 103 -43.08 35.90 45.33
N VAL J 104 -43.09 34.58 45.45
CA VAL J 104 -44.30 33.81 45.67
C VAL J 104 -44.31 33.33 47.12
N ASP J 105 -45.35 33.70 47.86
CA ASP J 105 -45.48 33.37 49.27
C ASP J 105 -46.52 32.28 49.46
N ILE J 106 -46.56 31.73 50.68
CA ILE J 106 -47.47 30.65 51.03
C ILE J 106 -48.74 31.23 51.59
N LYS J 107 -49.88 30.81 51.06
CA LYS J 107 -51.19 31.21 51.54
C LYS J 107 -51.74 30.12 52.44
N ARG J 108 -52.01 30.46 53.70
CA ARG J 108 -52.48 29.49 54.67
C ARG J 108 -53.42 30.20 55.65
N THR J 109 -53.99 29.42 56.57
CA THR J 109 -54.91 29.97 57.55
C THR J 109 -54.18 30.95 58.47
N VAL J 110 -54.90 31.98 58.90
CA VAL J 110 -54.35 33.00 59.79
C VAL J 110 -53.97 32.37 61.12
N GLN K 1 13.97 38.24 -12.99
CA GLN K 1 15.04 39.28 -13.09
C GLN K 1 15.53 39.68 -11.72
N VAL K 2 16.85 39.86 -11.60
CA VAL K 2 17.50 40.24 -10.35
C VAL K 2 17.76 41.75 -10.40
N TRP K 3 17.25 42.48 -9.42
CA TRP K 3 17.40 43.92 -9.33
C TRP K 3 18.41 44.25 -8.23
N LEU K 4 19.34 45.15 -8.53
CA LEU K 4 20.38 45.55 -7.59
C LEU K 4 20.33 47.07 -7.41
N ARG K 5 20.34 47.52 -6.16
CA ARG K 5 20.33 48.94 -5.84
C ARG K 5 21.48 49.28 -4.90
N GLU K 6 22.27 50.28 -5.26
CA GLU K 6 23.40 50.73 -4.46
C GLU K 6 22.96 51.81 -3.48
N SER K 7 23.68 51.89 -2.36
CA SER K 7 23.40 52.92 -1.36
C SER K 7 24.64 53.12 -0.49
N GLY K 8 24.70 54.29 0.14
CA GLY K 8 25.80 54.63 1.00
C GLY K 8 26.02 56.14 1.06
N PRO K 9 26.97 56.57 1.89
CA PRO K 9 27.25 58.01 1.99
C PRO K 9 27.82 58.56 0.69
N GLY K 10 27.48 59.82 0.42
CA GLY K 10 27.95 60.48 -0.78
C GLY K 10 29.35 61.07 -0.65
N LEU K 11 29.78 61.30 0.59
CA LEU K 11 31.09 61.88 0.87
C LEU K 11 31.76 61.11 2.00
N VAL K 12 33.07 60.87 1.85
CA VAL K 12 33.88 60.22 2.87
C VAL K 12 35.18 61.00 3.00
N LYS K 13 35.54 61.34 4.23
CA LYS K 13 36.78 62.07 4.47
C LYS K 13 37.98 61.17 4.20
N SER K 14 39.11 61.80 3.87
CA SER K 14 40.32 61.05 3.57
C SER K 14 40.78 60.27 4.80
N SER K 15 41.28 59.06 4.54
CA SER K 15 41.81 58.11 5.53
C SER K 15 40.69 57.39 6.29
N GLU K 16 39.42 57.71 6.04
CA GLU K 16 38.32 57.03 6.69
C GLU K 16 37.99 55.72 5.94
N THR K 17 36.98 55.01 6.43
CA THR K 17 36.54 53.75 5.83
C THR K 17 35.26 54.00 5.06
N LEU K 18 35.29 53.75 3.75
CA LEU K 18 34.11 53.85 2.92
C LEU K 18 33.29 52.57 3.05
N SER K 19 32.01 52.73 3.39
CA SER K 19 31.08 51.62 3.52
C SER K 19 29.97 51.80 2.48
N LEU K 20 29.72 50.75 1.71
CA LEU K 20 28.67 50.76 0.69
C LEU K 20 27.80 49.53 0.86
N THR K 21 26.54 49.65 0.45
CA THR K 21 25.57 48.57 0.51
C THR K 21 24.97 48.35 -0.87
N CYS K 22 24.71 47.09 -1.21
CA CYS K 22 23.96 46.76 -2.42
C CYS K 22 22.84 45.80 -2.03
N ALA K 23 21.60 46.24 -2.25
CA ALA K 23 20.41 45.45 -1.94
C ALA K 23 19.93 44.72 -3.18
N VAL K 24 19.58 43.45 -3.00
CA VAL K 24 19.15 42.56 -4.07
C VAL K 24 17.66 42.27 -3.89
N SER K 25 16.90 42.44 -4.96
CA SER K 25 15.47 42.14 -4.99
C SER K 25 15.19 41.16 -6.13
N GLY K 26 14.30 40.21 -5.87
CA GLY K 26 13.95 39.20 -6.83
C GLY K 26 14.79 37.93 -6.77
N ALA K 27 15.78 37.87 -5.89
CA ALA K 27 16.61 36.68 -5.75
C ALA K 27 17.15 36.61 -4.32
N SER K 28 17.57 35.42 -3.94
CA SER K 28 18.10 35.17 -2.60
C SER K 28 19.61 35.35 -2.61
N VAL K 29 20.12 36.08 -1.61
CA VAL K 29 21.55 36.29 -1.49
C VAL K 29 22.27 34.98 -1.22
N GLY K 30 21.61 34.04 -0.55
CA GLY K 30 22.21 32.76 -0.23
C GLY K 30 22.22 31.73 -1.33
N GLY K 31 21.73 32.09 -2.52
CA GLY K 31 21.72 31.16 -3.63
C GLY K 31 23.10 31.05 -4.27
N ASN K 32 23.13 30.28 -5.36
CA ASN K 32 24.37 30.04 -6.09
C ASN K 32 24.65 31.19 -7.07
N TYR K 33 24.93 32.35 -6.50
CA TYR K 33 25.18 33.57 -7.25
C TYR K 33 26.54 34.16 -6.88
N TYR K 34 27.12 34.90 -7.82
CA TYR K 34 28.34 35.65 -7.61
C TYR K 34 28.00 37.14 -7.68
N TRP K 35 28.32 37.87 -6.62
CA TRP K 35 28.04 39.30 -6.53
C TRP K 35 29.36 40.05 -6.65
N ASN K 36 29.46 40.94 -7.63
CA ASN K 36 30.71 41.62 -7.96
C ASN K 36 30.59 43.12 -7.72
N TRP K 37 31.62 43.68 -7.11
CA TRP K 37 31.74 45.12 -6.88
C TRP K 37 32.79 45.67 -7.84
N ILE K 38 32.38 46.67 -8.63
CA ILE K 38 33.21 47.30 -9.64
C ILE K 38 33.12 48.81 -9.43
N ARG K 39 34.12 49.55 -9.91
CA ARG K 39 34.09 51.01 -9.87
C ARG K 39 34.60 51.58 -11.19
N GLN K 40 34.14 52.80 -11.47
CA GLN K 40 34.57 53.58 -12.63
C GLN K 40 35.08 54.92 -12.13
N PHE K 41 36.36 55.21 -12.39
CA PHE K 41 36.90 56.50 -12.01
C PHE K 41 36.41 57.58 -12.98
N PRO K 42 36.40 58.85 -12.57
CA PRO K 42 35.94 59.91 -13.49
C PRO K 42 36.82 60.00 -14.73
N GLY K 43 36.18 59.98 -15.89
CA GLY K 43 36.91 60.12 -17.15
C GLY K 43 37.94 59.04 -17.38
N LYS K 44 37.65 57.81 -16.98
CA LYS K 44 38.57 56.69 -17.15
C LYS K 44 37.76 55.42 -17.31
N GLY K 45 38.48 54.30 -17.54
CA GLY K 45 37.83 53.03 -17.72
C GLY K 45 37.39 52.41 -16.40
N LEU K 46 36.68 51.29 -16.53
CA LEU K 46 36.19 50.56 -15.37
C LEU K 46 37.31 49.75 -14.73
N GLU K 47 37.09 49.37 -13.47
CA GLU K 47 38.08 48.59 -12.72
C GLU K 47 37.33 47.69 -11.75
N TRP K 48 37.35 46.39 -12.00
CA TRP K 48 36.72 45.44 -11.10
C TRP K 48 37.44 45.43 -9.76
N MET K 49 36.66 45.53 -8.68
CA MET K 49 37.21 45.61 -7.33
C MET K 49 37.23 44.26 -6.64
N GLY K 50 36.11 43.55 -6.64
CA GLY K 50 36.07 42.28 -5.96
C GLY K 50 34.76 41.55 -6.21
N ASN K 51 34.61 40.39 -5.57
CA ASN K 51 33.33 39.69 -5.61
C ASN K 51 33.27 38.66 -4.49
N VAL K 52 32.05 38.19 -4.25
CA VAL K 52 31.76 37.22 -3.20
C VAL K 52 30.75 36.20 -3.73
N HIS K 53 30.85 34.98 -3.23
CA HIS K 53 29.92 33.91 -3.55
C HIS K 53 28.87 33.83 -2.44
N GLY K 54 27.60 33.81 -2.83
CA GLY K 54 26.53 33.83 -1.85
C GLY K 54 26.47 32.58 -1.00
N GLY K 55 26.69 31.42 -1.60
CA GLY K 55 26.52 30.16 -0.90
C GLY K 55 27.65 29.82 0.05
N SER K 56 28.85 29.59 -0.49
CA SER K 56 29.98 29.20 0.34
C SER K 56 30.48 30.38 1.16
N GLY K 57 30.49 31.58 0.58
CA GLY K 57 30.99 32.77 1.25
C GLY K 57 32.41 33.14 0.90
N ASN K 58 33.06 32.42 0.00
CA ASN K 58 34.42 32.77 -0.40
C ASN K 58 34.42 34.11 -1.12
N THR K 59 35.43 34.93 -0.83
CA THR K 59 35.58 36.25 -1.39
C THR K 59 36.89 36.33 -2.18
N GLU K 60 36.83 36.98 -3.34
CA GLU K 60 38.00 37.17 -4.19
C GLU K 60 38.17 38.66 -4.46
N TYR K 61 39.35 39.18 -4.15
CA TYR K 61 39.64 40.61 -4.23
C TYR K 61 40.75 40.86 -5.24
N ASN K 62 40.74 42.06 -5.82
CA ASN K 62 41.81 42.45 -6.71
C ASN K 62 43.12 42.56 -5.93
N PRO K 63 44.26 42.15 -6.51
CA PRO K 63 45.53 42.30 -5.76
C PRO K 63 45.84 43.74 -5.39
N SER K 64 45.48 44.71 -6.24
CA SER K 64 45.77 46.10 -5.93
C SER K 64 44.99 46.56 -4.69
N LEU K 65 43.74 46.13 -4.55
CA LEU K 65 42.91 46.50 -3.41
C LEU K 65 43.04 45.52 -2.25
N LYS K 66 43.91 44.51 -2.36
CA LYS K 66 44.06 43.55 -1.28
C LYS K 66 44.67 44.21 -0.05
N GLY K 67 44.23 43.76 1.12
CA GLY K 67 44.68 44.31 2.38
C GLY K 67 43.87 45.48 2.90
N ARG K 68 42.97 46.03 2.08
CA ARG K 68 42.10 47.12 2.49
C ARG K 68 40.65 46.95 2.07
N LEU K 69 40.34 46.01 1.17
CA LEU K 69 39.00 45.80 0.66
C LEU K 69 38.38 44.56 1.29
N THR K 70 37.14 44.69 1.76
CA THR K 70 36.38 43.58 2.33
C THR K 70 34.98 43.58 1.74
N ILE K 71 34.48 42.40 1.42
CA ILE K 71 33.13 42.21 0.89
C ILE K 71 32.45 41.15 1.75
N SER K 72 31.25 41.46 2.24
CA SER K 72 30.49 40.57 3.11
C SER K 72 29.05 40.48 2.62
N ARG K 73 28.37 39.42 3.05
CA ARG K 73 26.99 39.15 2.66
C ARG K 73 26.08 39.26 3.88
N ASP K 74 24.77 39.30 3.60
CA ASP K 74 23.76 39.29 4.65
C ASP K 74 22.51 38.66 4.04
N THR K 75 22.29 37.38 4.33
CA THR K 75 21.15 36.66 3.77
C THR K 75 19.85 37.07 4.44
N SER K 76 19.88 37.26 5.76
CA SER K 76 18.66 37.64 6.48
C SER K 76 18.12 38.96 5.99
N ARG K 77 18.99 39.95 5.80
CA ARG K 77 18.59 41.24 5.26
C ARG K 77 18.65 41.28 3.73
N GLY K 78 19.20 40.26 3.09
CA GLY K 78 19.20 40.17 1.65
C GLY K 78 19.99 41.27 0.96
N HIS K 79 21.19 41.55 1.44
CA HIS K 79 22.04 42.55 0.79
C HIS K 79 23.49 42.26 1.15
N PHE K 80 24.41 42.82 0.35
CA PHE K 80 25.83 42.63 0.60
C PHE K 80 26.54 43.97 0.72
N LEU K 81 27.52 44.00 1.62
CA LEU K 81 28.20 45.22 2.03
C LEU K 81 29.65 45.18 1.58
N LEU K 82 30.21 46.37 1.38
CA LEU K 82 31.59 46.55 0.96
C LEU K 82 32.26 47.59 1.85
N HIS K 83 33.49 47.30 2.24
CA HIS K 83 34.28 48.18 3.11
C HIS K 83 35.63 48.41 2.45
N LEU K 84 36.07 49.67 2.41
CA LEU K 84 37.36 50.05 1.86
C LEU K 84 38.04 50.99 2.84
N ASP K 85 39.16 50.56 3.41
CA ASP K 85 39.87 51.35 4.42
C ASP K 85 40.90 52.26 3.76
N SER K 86 41.24 53.33 4.48
CA SER K 86 42.26 54.28 4.06
C SER K 86 41.96 54.85 2.67
N VAL K 87 40.72 55.29 2.49
CA VAL K 87 40.31 55.89 1.21
C VAL K 87 41.04 57.22 1.04
N THR K 88 41.56 57.45 -0.16
CA THR K 88 42.28 58.67 -0.52
C THR K 88 41.55 59.37 -1.66
N ALA K 89 42.10 60.51 -2.07
CA ALA K 89 41.46 61.31 -3.12
C ALA K 89 41.38 60.54 -4.44
N ALA K 90 42.29 59.59 -4.67
CA ALA K 90 42.27 58.81 -5.89
C ALA K 90 41.13 57.79 -5.92
N ASP K 91 40.45 57.56 -4.80
CA ASP K 91 39.38 56.58 -4.71
C ASP K 91 38.01 57.14 -5.09
N THR K 92 37.92 58.42 -5.45
CA THR K 92 36.66 58.98 -5.91
C THR K 92 36.25 58.29 -7.20
N ALA K 93 35.00 57.81 -7.25
CA ALA K 93 34.56 57.02 -8.39
C ALA K 93 33.08 56.69 -8.23
N VAL K 94 32.51 56.12 -9.29
CA VAL K 94 31.14 55.62 -9.28
C VAL K 94 31.19 54.12 -9.09
N TYR K 95 30.59 53.63 -8.00
CA TYR K 95 30.61 52.22 -7.65
C TYR K 95 29.34 51.54 -8.13
N TYR K 96 29.50 50.32 -8.64
CA TYR K 96 28.40 49.50 -9.14
C TYR K 96 28.51 48.10 -8.54
N CYS K 97 27.34 47.50 -8.31
CA CYS K 97 27.23 46.11 -7.90
C CYS K 97 26.49 45.35 -8.98
N SER K 98 27.07 44.24 -9.44
CA SER K 98 26.55 43.50 -10.58
C SER K 98 26.58 42.00 -10.29
N THR K 99 25.96 41.25 -11.18
CA THR K 99 25.93 39.80 -11.06
C THR K 99 25.62 39.18 -12.42
N GLN K 100 26.29 38.07 -12.71
CA GLN K 100 26.12 37.29 -13.93
C GLN K 100 25.79 35.85 -13.54
N TYR K 101 24.88 35.21 -14.28
CA TYR K 101 24.59 33.82 -13.96
C TYR K 101 23.87 33.14 -15.12
N TRP K 102 24.12 31.83 -15.24
CA TRP K 102 23.39 30.96 -16.14
C TRP K 102 22.15 30.42 -15.43
N ARG K 103 21.01 30.50 -16.10
CA ARG K 103 19.76 29.94 -15.63
C ARG K 103 19.44 28.75 -16.53
N HIS K 104 19.44 27.55 -15.94
CA HIS K 104 19.12 26.32 -16.66
C HIS K 104 17.73 25.90 -16.24
N THR K 105 16.74 26.32 -17.03
CA THR K 105 15.33 25.99 -16.78
C THR K 105 15.00 24.75 -17.59
N GLY K 106 15.28 23.58 -17.01
CA GLY K 106 15.00 22.31 -17.64
C GLY K 106 15.63 22.19 -19.01
N TYR K 107 14.78 22.20 -20.04
CA TYR K 107 15.28 22.10 -21.41
C TYR K 107 16.15 23.30 -21.79
N ASP K 108 15.76 24.50 -21.38
CA ASP K 108 16.37 25.72 -21.88
C ASP K 108 17.48 26.22 -20.96
N SER K 109 18.37 27.03 -21.53
CA SER K 109 19.44 27.68 -20.80
C SER K 109 19.57 29.12 -21.29
N SER K 110 19.84 30.04 -20.36
CA SER K 110 19.93 31.46 -20.70
C SER K 110 20.93 32.16 -19.78
N PHE K 111 21.73 33.04 -20.36
CA PHE K 111 22.69 33.86 -19.63
C PHE K 111 22.00 35.17 -19.22
N PHE K 112 22.07 35.51 -17.94
CA PHE K 112 21.47 36.73 -17.41
C PHE K 112 22.53 37.59 -16.75
N ASP K 113 22.42 38.90 -17.01
CA ASP K 113 23.33 39.92 -16.54
C ASP K 113 22.51 40.98 -15.81
N SER K 114 23.00 41.46 -14.67
CA SER K 114 22.32 42.52 -13.93
C SER K 114 23.33 43.49 -13.34
N TRP K 115 23.03 44.77 -13.48
CA TRP K 115 23.81 45.87 -12.92
C TRP K 115 22.89 46.79 -12.15
N GLY K 116 23.49 47.58 -11.25
CA GLY K 116 22.79 48.63 -10.54
C GLY K 116 23.05 49.99 -11.17
N GLN K 117 22.20 50.95 -10.81
CA GLN K 117 22.37 52.31 -11.33
C GLN K 117 23.71 52.90 -10.91
N GLY K 118 24.20 52.54 -9.75
CA GLY K 118 25.49 52.98 -9.27
C GLY K 118 25.40 54.17 -8.34
N ALA K 119 26.41 54.32 -7.48
CA ALA K 119 26.47 55.40 -6.51
C ALA K 119 27.80 56.12 -6.63
N LEU K 120 27.75 57.45 -6.70
CA LEU K 120 28.96 58.26 -6.80
C LEU K 120 29.51 58.52 -5.40
N VAL K 121 30.79 58.22 -5.21
CA VAL K 121 31.49 58.41 -3.94
C VAL K 121 32.66 59.34 -4.20
N THR K 122 32.73 60.44 -3.44
CA THR K 122 33.80 61.42 -3.53
C THR K 122 34.60 61.41 -2.25
N VAL K 123 35.92 61.30 -2.37
CA VAL K 123 36.83 61.25 -1.24
C VAL K 123 37.59 62.56 -1.19
N SER K 124 37.45 63.30 -0.09
CA SER K 124 38.13 64.56 0.10
C SER K 124 37.90 65.03 1.52
N SER K 125 38.87 65.78 2.05
CA SER K 125 38.79 66.30 3.41
C SER K 125 38.04 67.63 3.43
N ASP L 1 48.25 39.96 -13.70
CA ASP L 1 46.92 40.37 -14.22
C ASP L 1 46.91 40.39 -15.74
N VAL L 2 45.88 39.78 -16.33
CA VAL L 2 45.75 39.76 -17.78
C VAL L 2 45.37 41.16 -18.25
N GLN L 3 46.11 41.68 -19.23
CA GLN L 3 46.01 43.06 -19.66
C GLN L 3 45.17 43.14 -20.94
N MET L 4 44.11 43.95 -20.89
CA MET L 4 43.29 44.23 -22.07
C MET L 4 43.83 45.47 -22.77
N THR L 5 43.98 45.39 -24.09
CA THR L 5 44.43 46.51 -24.91
C THR L 5 43.42 46.72 -26.03
N GLN L 6 42.74 47.87 -26.03
CA GLN L 6 41.72 48.19 -27.00
C GLN L 6 42.28 49.11 -28.07
N SER L 7 41.75 48.96 -29.29
CA SER L 7 42.14 49.81 -30.41
C SER L 7 40.96 49.96 -31.35
N PRO L 8 40.72 51.17 -31.89
CA PRO L 8 41.39 52.45 -31.65
C PRO L 8 40.89 53.10 -30.36
N SER L 9 41.63 54.07 -29.81
CA SER L 9 41.14 54.76 -28.62
C SER L 9 39.87 55.54 -28.88
N SER L 10 39.74 56.11 -30.08
CA SER L 10 38.53 56.84 -30.46
C SER L 10 38.41 56.78 -31.97
N LEU L 11 37.16 56.78 -32.44
CA LEU L 11 36.87 56.73 -33.87
C LEU L 11 35.59 57.49 -34.15
N SER L 12 35.44 57.92 -35.40
CA SER L 12 34.25 58.63 -35.87
C SER L 12 33.69 57.92 -37.08
N ALA L 13 32.40 57.60 -37.03
CA ALA L 13 31.72 56.90 -38.11
C ALA L 13 30.34 57.52 -38.31
N SER L 14 29.84 57.37 -39.54
CA SER L 14 28.53 57.88 -39.91
C SER L 14 27.48 56.78 -39.81
N VAL L 15 26.23 57.15 -40.08
CA VAL L 15 25.13 56.19 -39.99
C VAL L 15 25.21 55.21 -41.16
N GLY L 16 25.12 53.92 -40.85
CA GLY L 16 25.13 52.88 -41.84
C GLY L 16 26.50 52.36 -42.22
N ASP L 17 27.57 52.96 -41.70
CA ASP L 17 28.92 52.49 -42.01
C ASP L 17 29.27 51.26 -41.18
N ARG L 18 30.35 50.60 -41.57
CA ARG L 18 30.84 49.41 -40.89
C ARG L 18 32.01 49.81 -39.98
N VAL L 19 31.95 49.36 -38.73
CA VAL L 19 32.94 49.71 -37.72
C VAL L 19 33.51 48.43 -37.12
N SER L 20 34.81 48.43 -36.85
CA SER L 20 35.50 47.30 -36.23
C SER L 20 36.40 47.81 -35.12
N ILE L 21 36.33 47.16 -33.96
CA ILE L 21 37.14 47.52 -32.80
C ILE L 21 37.80 46.25 -32.26
N THR L 22 39.11 46.33 -31.99
CA THR L 22 39.90 45.17 -31.61
C THR L 22 40.29 45.25 -30.14
N CYS L 23 40.31 44.09 -29.48
CA CYS L 23 40.77 43.95 -28.10
C CYS L 23 41.76 42.79 -28.04
N ARG L 24 42.94 43.05 -27.49
CA ARG L 24 44.01 42.06 -27.39
C ARG L 24 44.30 41.77 -25.93
N ALA L 25 44.69 40.53 -25.67
CA ALA L 25 44.97 40.04 -24.32
C ALA L 25 46.43 39.59 -24.22
N SER L 26 46.98 39.73 -23.01
CA SER L 26 48.36 39.30 -22.77
C SER L 26 48.52 37.79 -22.84
N GLU L 27 47.43 37.03 -22.70
CA GLU L 27 47.49 35.58 -22.73
C GLU L 27 46.15 35.04 -23.19
N ASP L 28 46.15 33.76 -23.57
CA ASP L 28 44.93 33.12 -24.05
C ASP L 28 43.88 33.08 -22.95
N ILE L 29 42.64 33.38 -23.32
CA ILE L 29 41.51 33.35 -22.40
C ILE L 29 40.38 32.49 -22.97
N THR L 30 40.65 31.76 -24.04
CA THR L 30 39.68 30.86 -24.65
C THR L 30 38.44 31.63 -25.12
N THR L 31 37.33 31.54 -24.39
CA THR L 31 36.07 32.14 -24.81
C THR L 31 35.49 33.11 -23.78
N ASP L 32 36.01 33.13 -22.56
CA ASP L 32 35.44 33.97 -21.51
C ASP L 32 35.77 35.44 -21.72
N LEU L 33 35.18 36.04 -22.75
CA LEU L 33 35.28 37.47 -23.00
C LEU L 33 33.90 38.01 -23.33
N GLU L 34 33.64 39.24 -22.91
CA GLU L 34 32.36 39.90 -23.12
C GLU L 34 32.60 41.31 -23.65
N TRP L 35 31.67 41.77 -24.47
CA TRP L 35 31.69 43.12 -25.02
C TRP L 35 30.50 43.89 -24.45
N TYR L 36 30.81 44.99 -23.77
CA TYR L 36 29.83 45.85 -23.10
C TYR L 36 29.76 47.21 -23.78
N GLN L 37 28.57 47.80 -23.75
CA GLN L 37 28.32 49.13 -24.27
C GLN L 37 27.89 50.05 -23.13
N GLN L 38 28.38 51.28 -23.13
CA GLN L 38 28.07 52.26 -22.09
C GLN L 38 27.82 53.61 -22.74
N LYS L 39 26.58 54.08 -22.66
CA LYS L 39 26.24 55.43 -23.10
C LYS L 39 26.61 56.45 -22.02
N PRO L 40 26.70 57.73 -22.38
CA PRO L 40 27.04 58.74 -21.37
C PRO L 40 26.00 58.77 -20.25
N GLY L 41 26.50 58.91 -19.01
CA GLY L 41 25.62 59.01 -17.87
C GLY L 41 24.77 57.78 -17.61
N LYS L 42 25.17 56.62 -18.13
CA LYS L 42 24.43 55.38 -17.96
C LYS L 42 25.41 54.26 -17.64
N ALA L 43 24.91 53.25 -16.94
CA ALA L 43 25.75 52.11 -16.60
C ALA L 43 26.03 51.26 -17.84
N PRO L 44 27.11 50.48 -17.84
CA PRO L 44 27.37 49.62 -19.00
C PRO L 44 26.26 48.60 -19.19
N ASN L 45 25.97 48.30 -20.46
CA ASN L 45 24.97 47.32 -20.85
C ASN L 45 25.66 46.23 -21.67
N LEU L 46 25.39 44.98 -21.33
CA LEU L 46 26.01 43.86 -22.03
C LEU L 46 25.50 43.80 -23.46
N LEU L 47 26.44 43.75 -24.41
CA LEU L 47 26.12 43.57 -25.83
C LEU L 47 26.35 42.12 -26.27
N ILE L 48 27.53 41.57 -26.00
CA ILE L 48 27.88 40.23 -26.45
C ILE L 48 28.59 39.48 -25.33
N TYR L 49 28.28 38.20 -25.20
CA TYR L 49 28.97 37.31 -24.28
C TYR L 49 29.47 36.08 -25.04
N ASP L 50 30.40 35.36 -24.42
CA ASP L 50 31.03 34.18 -25.02
C ASP L 50 31.50 34.47 -26.45
N VAL L 51 32.23 35.57 -26.60
CA VAL L 51 32.88 35.96 -27.86
C VAL L 51 31.83 36.31 -28.91
N SER L 52 31.02 35.33 -29.34
CA SER L 52 30.13 35.50 -30.48
C SER L 52 28.69 35.08 -30.17
N SER L 53 28.27 35.14 -28.91
CA SER L 53 26.89 34.89 -28.53
C SER L 53 26.22 36.21 -28.17
N LEU L 54 25.05 36.46 -28.76
CA LEU L 54 24.37 37.74 -28.64
C LEU L 54 23.38 37.72 -27.48
N GLN L 55 23.42 38.76 -26.65
CA GLN L 55 22.46 38.90 -25.57
C GLN L 55 21.07 39.17 -26.13
N SER L 56 20.06 38.66 -25.43
CA SER L 56 18.68 38.87 -25.84
C SER L 56 18.35 40.36 -25.84
N GLY L 57 17.71 40.81 -26.91
CA GLY L 57 17.36 42.21 -27.08
C GLY L 57 18.42 43.03 -27.78
N VAL L 58 19.61 42.49 -27.99
CA VAL L 58 20.67 43.19 -28.72
C VAL L 58 20.40 43.02 -30.21
N PRO L 59 20.38 44.10 -31.01
CA PRO L 59 20.16 43.92 -32.45
C PRO L 59 21.26 43.06 -33.08
N SER L 60 20.87 42.31 -34.12
CA SER L 60 21.77 41.34 -34.73
C SER L 60 22.89 41.99 -35.52
N ARG L 61 22.83 43.30 -35.77
CA ARG L 61 23.89 43.96 -36.52
C ARG L 61 25.24 43.82 -35.83
N PHE L 62 25.27 43.80 -34.50
CA PHE L 62 26.51 43.59 -33.77
C PHE L 62 26.97 42.15 -33.92
N SER L 63 28.29 41.96 -33.99
CA SER L 63 28.85 40.63 -34.09
C SER L 63 30.23 40.62 -33.45
N GLY L 64 30.68 39.43 -33.09
CA GLY L 64 31.98 39.25 -32.48
C GLY L 64 32.74 38.12 -33.13
N SER L 65 34.06 38.29 -33.20
CA SER L 65 34.94 37.30 -33.82
C SER L 65 36.22 37.19 -33.01
N ARG L 66 36.89 36.04 -33.15
CA ARG L 66 38.15 35.76 -32.47
C ARG L 66 39.20 35.32 -33.49
N SER L 67 40.45 35.66 -33.22
CA SER L 67 41.59 35.21 -34.02
C SER L 67 42.79 35.15 -33.08
N GLY L 68 43.16 33.93 -32.68
CA GLY L 68 44.25 33.78 -31.73
C GLY L 68 43.92 34.47 -30.42
N THR L 69 44.82 35.34 -29.98
CA THR L 69 44.63 36.12 -28.76
C THR L 69 43.85 37.40 -28.99
N GLU L 70 43.50 37.72 -30.24
CA GLU L 70 42.79 38.95 -30.57
C GLU L 70 41.30 38.68 -30.72
N PHE L 71 40.49 39.69 -30.39
CA PHE L 71 39.05 39.63 -30.55
C PHE L 71 38.58 40.92 -31.20
N THR L 72 37.46 40.84 -31.92
CA THR L 72 36.96 41.97 -32.69
C THR L 72 35.45 42.09 -32.55
N LEU L 73 34.99 43.29 -32.23
CA LEU L 73 33.57 43.64 -32.31
C LEU L 73 33.33 44.37 -33.62
N THR L 74 32.36 43.90 -34.39
CA THR L 74 32.03 44.46 -35.69
C THR L 74 30.56 44.90 -35.71
N ILE L 75 30.34 46.15 -36.09
CA ILE L 75 29.00 46.68 -36.34
C ILE L 75 28.88 46.83 -37.85
N ASN L 76 27.98 46.05 -38.45
CA ASN L 76 27.84 46.07 -39.90
C ASN L 76 27.19 47.36 -40.38
N SER L 77 26.12 47.79 -39.72
CA SER L 77 25.38 49.00 -40.08
C SER L 77 25.16 49.81 -38.81
N LEU L 78 26.01 50.81 -38.60
CA LEU L 78 25.89 51.64 -37.40
C LEU L 78 24.57 52.42 -37.43
N GLN L 79 24.01 52.63 -36.24
CA GLN L 79 22.74 53.31 -36.06
C GLN L 79 22.92 54.49 -35.12
N PRO L 80 21.97 55.44 -35.11
CA PRO L 80 22.11 56.59 -34.20
C PRO L 80 22.19 56.20 -32.73
N GLU L 81 21.59 55.08 -32.34
CA GLU L 81 21.63 54.64 -30.96
C GLU L 81 22.89 53.83 -30.63
N ASP L 82 23.77 53.60 -31.60
CA ASP L 82 24.97 52.82 -31.40
C ASP L 82 26.17 53.66 -30.97
N PHE L 83 26.01 54.97 -30.82
CA PHE L 83 27.11 55.83 -30.39
C PHE L 83 27.27 55.71 -28.89
N ALA L 84 28.39 55.14 -28.46
CA ALA L 84 28.64 54.88 -27.04
C ALA L 84 30.09 54.42 -26.90
N THR L 85 30.47 54.07 -25.68
CA THR L 85 31.81 53.59 -25.37
C THR L 85 31.77 52.08 -25.17
N TYR L 86 32.65 51.36 -25.86
CA TYR L 86 32.65 49.91 -25.86
C TYR L 86 33.86 49.39 -25.08
N PHE L 87 33.63 48.35 -24.26
CA PHE L 87 34.65 47.78 -23.41
C PHE L 87 34.68 46.26 -23.55
N CYS L 88 35.87 45.69 -23.42
CA CYS L 88 36.06 44.24 -23.42
C CYS L 88 36.42 43.78 -22.01
N LEU L 89 35.65 42.82 -21.50
CA LEU L 89 35.81 42.29 -20.15
C LEU L 89 36.24 40.84 -20.24
N GLN L 90 37.33 40.49 -19.56
CA GLN L 90 37.84 39.13 -19.51
C GLN L 90 37.59 38.55 -18.13
N TYR L 91 37.06 37.31 -18.09
CA TYR L 91 36.78 36.62 -16.83
C TYR L 91 37.26 35.18 -16.86
N ASN L 92 38.22 34.86 -17.72
CA ASN L 92 38.78 33.50 -17.73
C ASN L 92 39.48 33.19 -16.42
N SER L 93 40.26 34.14 -15.91
CA SER L 93 40.96 33.98 -14.64
C SER L 93 40.99 35.32 -13.93
N TYR L 94 41.11 35.27 -12.60
CA TYR L 94 41.09 36.48 -11.81
C TYR L 94 42.42 37.23 -11.93
N PRO L 95 42.42 38.55 -11.72
CA PRO L 95 41.28 39.44 -11.48
C PRO L 95 40.60 39.84 -12.78
N TRP L 96 39.30 40.14 -12.76
CA TRP L 96 38.64 40.64 -13.96
C TRP L 96 39.25 41.98 -14.35
N THR L 97 39.57 42.14 -15.64
CA THR L 97 40.21 43.33 -16.15
C THR L 97 39.43 43.87 -17.33
N PHE L 98 39.32 45.20 -17.40
CA PHE L 98 38.62 45.89 -18.46
C PHE L 98 39.61 46.52 -19.43
N GLY L 99 39.11 46.91 -20.61
CA GLY L 99 39.90 47.59 -21.60
C GLY L 99 39.96 49.08 -21.35
N GLN L 100 40.70 49.77 -22.22
CA GLN L 100 40.85 51.21 -22.12
C GLN L 100 39.63 51.96 -22.66
N GLY L 101 38.71 51.28 -23.35
CA GLY L 101 37.52 51.91 -23.86
C GLY L 101 37.72 52.57 -25.20
N THR L 102 36.76 52.39 -26.11
CA THR L 102 36.77 52.99 -27.43
C THR L 102 35.49 53.79 -27.62
N LYS L 103 35.64 55.08 -27.90
CA LYS L 103 34.52 55.99 -28.05
C LYS L 103 34.21 56.18 -29.52
N VAL L 104 32.94 56.01 -29.88
CA VAL L 104 32.46 56.17 -31.26
C VAL L 104 31.68 57.48 -31.31
N ASP L 105 32.11 58.39 -32.17
CA ASP L 105 31.51 59.71 -32.33
C ASP L 105 30.73 59.77 -33.63
N ILE L 106 29.95 60.84 -33.77
CA ILE L 106 29.08 61.04 -34.93
C ILE L 106 29.85 61.86 -35.96
N LYS L 107 29.88 61.37 -37.20
CA LYS L 107 30.49 62.07 -38.32
C LYS L 107 29.39 62.76 -39.12
N ARG L 108 29.46 64.08 -39.21
CA ARG L 108 28.45 64.89 -39.90
C ARG L 108 29.13 66.07 -40.56
N THR L 109 28.34 66.86 -41.28
CA THR L 109 28.87 68.03 -41.96
C THR L 109 29.38 69.06 -40.96
N VAL L 110 30.43 69.77 -41.36
CA VAL L 110 31.03 70.80 -40.51
C VAL L 110 30.03 71.91 -40.25
C1 NAG M . 14.72 -52.92 2.43
C2 NAG M . 15.14 -54.07 3.33
C3 NAG M . 16.55 -53.84 3.86
C4 NAG M . 17.51 -53.58 2.71
C5 NAG M . 17.01 -52.42 1.87
C6 NAG M . 17.86 -52.15 0.66
C7 NAG M . 13.25 -55.20 4.43
C8 NAG M . 12.38 -55.24 5.65
N2 NAG M . 14.20 -54.26 4.42
O3 NAG M . 16.98 -54.98 4.60
O4 NAG M . 18.81 -53.28 3.22
O5 NAG M . 15.68 -52.72 1.39
O6 NAG M . 17.14 -51.45 -0.35
O7 NAG M . 13.11 -55.98 3.50
C1 NAG M . 19.62 -54.46 3.12
C2 NAG M . 21.06 -54.06 2.81
C3 NAG M . 21.95 -55.30 2.75
C4 NAG M . 21.81 -56.12 4.03
C5 NAG M . 20.34 -56.44 4.28
C6 NAG M . 20.11 -57.15 5.60
C7 NAG M . 21.44 -52.02 1.50
C8 NAG M . 21.48 -51.42 0.12
N2 NAG M . 21.14 -53.31 1.57
O3 NAG M . 23.31 -54.90 2.58
O4 NAG M . 22.54 -57.34 3.91
O5 NAG M . 19.58 -55.22 4.33
O6 NAG M . 19.17 -58.20 5.45
O7 NAG M . 21.66 -51.35 2.50
C1 NAG N . 15.00 -42.76 7.41
C2 NAG N . 15.38 -41.63 6.45
C3 NAG N . 16.90 -41.54 6.31
C4 NAG N . 17.56 -41.42 7.67
C5 NAG N . 17.11 -42.56 8.57
C6 NAG N . 17.64 -42.44 9.98
C7 NAG N . 14.13 -40.82 4.50
C8 NAG N . 13.53 -41.20 3.17
N2 NAG N . 14.75 -41.81 5.16
O3 NAG N . 17.23 -40.42 5.49
O4 NAG N . 18.98 -41.46 7.53
O5 NAG N . 15.68 -42.57 8.67
O6 NAG N . 16.84 -41.57 10.76
O7 NAG N . 14.05 -39.69 4.94
C1 NAG N . 19.53 -40.20 7.96
C2 NAG N . 20.99 -40.41 8.35
C3 NAG N . 21.63 -39.09 8.77
C4 NAG N . 21.43 -38.04 7.68
C5 NAG N . 19.95 -37.93 7.32
C6 NAG N . 19.70 -36.98 6.16
C7 NAG N . 21.82 -42.52 9.31
C8 NAG N . 21.82 -43.41 10.52
N2 NAG N . 21.11 -41.39 9.42
O3 NAG N . 23.01 -39.28 9.01
O4 NAG N . 21.91 -36.78 8.13
O5 NAG N . 19.45 -39.21 6.93
O6 NAG N . 19.69 -35.62 6.59
O7 NAG N . 22.43 -42.82 8.30
C1 NAG O . -17.56 -50.50 -32.28
C2 NAG O . -18.20 -51.63 -31.45
C3 NAG O . -18.74 -52.72 -32.36
C4 NAG O . -19.69 -52.14 -33.40
C5 NAG O . -18.97 -51.05 -34.17
C6 NAG O . -19.85 -50.35 -35.19
C7 NAG O . -17.41 -52.25 -29.20
C8 NAG O . -16.30 -52.86 -28.40
N2 NAG O . -17.22 -52.19 -30.52
O3 NAG O . -19.42 -53.70 -31.58
O4 NAG O . -20.14 -53.15 -34.29
O5 NAG O . -18.51 -50.04 -33.26
O6 NAG O . -20.46 -49.19 -34.63
O7 NAG O . -18.44 -51.83 -28.67
C1 NAG O . -21.58 -53.19 -34.23
C2 NAG O . -22.10 -54.02 -35.40
C3 NAG O . -23.63 -54.12 -35.35
C4 NAG O . -24.08 -54.62 -33.99
C5 NAG O . -23.48 -53.77 -32.87
C6 NAG O . -23.80 -54.30 -31.49
C7 NAG O . -20.60 -53.94 -37.36
C8 NAG O . -20.30 -53.25 -38.65
N2 NAG O . -21.66 -53.47 -36.67
O3 NAG O . -24.08 -54.98 -36.38
O4 NAG O . -25.51 -54.57 -33.91
O5 NAG O . -22.05 -53.75 -33.00
O6 NAG O . -24.58 -53.37 -30.76
O7 NAG O . -19.93 -54.88 -36.94
C1 NAG P . -12.87 -35.79 27.87
C2 NAG P . -13.39 -34.54 28.58
C3 NAG P . -14.32 -34.93 29.73
C4 NAG P . -15.42 -35.84 29.22
C5 NAG P . -14.82 -37.05 28.50
C6 NAG P . -15.87 -37.94 27.87
C7 NAG P . -12.23 -32.40 28.93
C8 NAG P . -11.01 -31.73 29.51
N2 NAG P . -12.29 -33.73 29.08
O3 NAG P . -14.88 -33.75 30.30
O4 NAG P . -16.22 -36.29 30.32
O5 NAG P . -13.97 -36.59 27.44
O6 NAG P . -16.34 -38.91 28.78
O7 NAG P . -13.11 -31.77 28.36
C1 NAG P . -17.61 -36.21 29.96
C2 NAG P . -18.43 -37.07 30.94
C3 NAG P . -19.90 -36.98 30.61
C4 NAG P . -20.36 -35.53 30.57
C5 NAG P . -19.46 -34.72 29.62
C6 NAG P . -19.78 -33.25 29.62
C7 NAG P . -17.05 -38.94 31.74
C8 NAG P . -16.72 -40.40 31.58
N2 NAG P . -17.97 -38.46 30.91
O3 NAG P . -20.66 -37.70 31.58
O4 NAG P . -21.71 -35.45 30.13
O5 NAG P . -18.10 -34.86 30.00
O6 NAG P . -20.90 -32.94 30.45
O7 NAG P . -16.52 -38.24 32.60
C1 NAG Q . -6.22 -58.54 4.97
C2 NAG Q . -7.49 -58.94 4.20
C3 NAG Q . -8.32 -59.92 5.02
C4 NAG Q . -7.47 -61.11 5.43
C5 NAG Q . -6.25 -60.62 6.19
C6 NAG Q . -5.30 -61.74 6.57
C7 NAG Q . -9.15 -57.74 2.84
C8 NAG Q . -9.88 -56.45 2.63
N2 NAG Q . -8.28 -57.76 3.85
O3 NAG Q . -9.44 -60.36 4.26
O4 NAG Q . -8.22 -62.02 6.24
O5 NAG Q . -5.51 -59.72 5.36
O6 NAG Q . -5.17 -62.69 5.53
O7 NAG Q . -9.34 -58.72 2.12
C1 NAG Q . -8.42 -63.22 5.47
C2 NAG Q . -8.80 -64.35 6.42
C3 NAG Q . -9.06 -65.64 5.62
C4 NAG Q . -10.10 -65.38 4.54
C5 NAG Q . -9.67 -64.19 3.67
C6 NAG Q . -10.71 -63.81 2.64
C7 NAG Q . -7.96 -64.53 8.73
C8 NAG Q . -6.76 -64.78 9.59
N2 NAG Q . -7.75 -64.58 7.40
O3 NAG Q . -9.53 -66.65 6.51
O4 NAG Q . -10.23 -66.54 3.72
O5 NAG Q . -9.46 -63.04 4.49
O6 NAG Q . -10.12 -63.15 1.54
O7 NAG Q . -9.06 -64.29 9.21
C1 NAG R . 10.15 -41.21 1.20
C2 NAG R . 9.20 -41.41 0.01
C3 NAG R . 9.82 -42.37 -1.01
C4 NAG R . 11.21 -41.90 -1.40
C5 NAG R . 12.07 -41.70 -0.16
C6 NAG R . 13.44 -41.13 -0.45
C7 NAG R . 6.74 -41.37 0.06
C8 NAG R . 5.51 -42.02 0.61
N2 NAG R . 7.91 -41.91 0.45
O3 NAG R . 8.99 -42.44 -2.16
O4 NAG R . 11.82 -42.86 -2.26
O5 NAG R . 11.43 -40.78 0.74
O6 NAG R . 13.75 -40.04 0.41
O7 NAG R . 6.68 -40.42 -0.71
C1 NAG R . 12.33 -42.21 -3.45
C2 NAG R . 13.42 -43.09 -4.05
C3 NAG R . 13.96 -42.47 -5.33
C4 NAG R . 12.82 -42.18 -6.30
C5 NAG R . 11.74 -41.35 -5.61
C6 NAG R . 10.53 -41.13 -6.48
C7 NAG R . 14.99 -44.52 -2.79
C8 NAG R . 16.09 -44.54 -1.78
N2 NAG R . 14.49 -43.31 -3.08
O3 NAG R . 14.90 -43.35 -5.93
O4 NAG R . 13.32 -41.46 -7.42
O5 NAG R . 11.29 -42.01 -4.42
O6 NAG R . 9.85 -42.36 -6.75
O7 NAG R . 14.56 -45.54 -3.31
C1 BMA R . 12.99 -42.18 -8.64
C2 BMA R . 12.90 -41.15 -9.79
C3 BMA R . 12.72 -41.87 -11.13
C4 BMA R . 13.75 -43.00 -11.29
C5 BMA R . 13.68 -43.95 -10.08
C6 BMA R . 14.69 -45.08 -10.17
O2 BMA R . 14.10 -40.39 -9.89
O3 BMA R . 12.81 -40.98 -12.22
O4 BMA R . 13.48 -43.73 -12.49
O5 BMA R . 13.97 -43.19 -8.90
O6 BMA R . 15.99 -44.51 -10.25
C1 MAN R . 11.66 -41.17 -13.09
C2 MAN R . 11.99 -40.55 -14.47
C3 MAN R . 12.08 -39.03 -14.35
C4 MAN R . 10.80 -38.47 -13.70
C5 MAN R . 10.58 -39.14 -12.34
C6 MAN R . 9.29 -38.70 -11.68
O2 MAN R . 10.94 -40.80 -15.41
O3 MAN R . 12.30 -38.42 -15.61
O4 MAN R . 10.93 -37.07 -13.53
O5 MAN R . 10.51 -40.57 -12.52
O6 MAN R . 9.21 -39.34 -10.40
C1 MAN R . 11.51 -41.31 -16.63
C2 MAN R . 10.74 -40.66 -17.80
C3 MAN R . 9.31 -41.18 -17.85
C4 MAN R . 9.28 -42.72 -17.85
C5 MAN R . 10.06 -43.24 -16.63
C6 MAN R . 10.15 -44.75 -16.59
O2 MAN R . 11.32 -41.00 -19.07
O3 MAN R . 8.60 -40.69 -18.98
O4 MAN R . 7.95 -43.18 -17.79
O5 MAN R . 11.40 -42.72 -16.66
O6 MAN R . 10.99 -45.18 -17.66
C1 NAG S . -6.05 -58.39 -24.86
C2 NAG S . -4.84 -59.31 -24.97
C3 NAG S . -4.11 -59.07 -26.29
C4 NAG S . -5.09 -59.20 -27.46
C5 NAG S . -6.30 -58.31 -27.25
C6 NAG S . -7.38 -58.51 -28.29
C7 NAG S . -3.96 -59.87 -22.75
C8 NAG S . -2.95 -59.53 -21.69
N2 NAG S . -3.92 -59.12 -23.85
O3 NAG S . -3.06 -60.01 -26.43
O4 NAG S . -4.44 -58.83 -28.67
O5 NAG S . -6.91 -58.60 -25.98
O6 NAG S . -8.16 -59.66 -28.01
O7 NAG S . -4.77 -60.78 -22.59
C1 NAG S . -4.44 -59.96 -29.57
C2 NAG S . -4.33 -59.41 -31.00
C3 NAG S . -4.27 -60.57 -32.00
C4 NAG S . -3.16 -61.55 -31.62
C5 NAG S . -3.32 -61.99 -30.17
C6 NAG S . -2.18 -62.86 -29.69
C7 NAG S . -5.27 -57.26 -31.69
C8 NAG S . -6.53 -56.49 -31.97
N2 NAG S . -5.43 -58.52 -31.31
O3 NAG S . -4.05 -60.06 -33.30
O4 NAG S . -3.21 -62.68 -32.47
O5 NAG S . -3.35 -60.85 -29.31
O6 NAG S . -2.66 -63.98 -28.94
O7 NAG S . -4.16 -56.74 -31.80
C1 NAG T . 9.58 -59.23 0.16
C2 NAG T . 10.50 -59.10 -1.06
C3 NAG T . 10.33 -60.32 -1.96
C4 NAG T . 10.56 -61.60 -1.17
C5 NAG T . 9.64 -61.63 0.05
C6 NAG T . 9.90 -62.82 0.95
C7 NAG T . 10.84 -56.72 -1.52
C8 NAG T . 10.44 -55.55 -2.37
N2 NAG T . 10.23 -57.88 -1.78
O3 NAG T . 11.27 -60.23 -3.04
O4 NAG T . 10.30 -62.73 -1.99
O5 NAG T . 9.86 -60.46 0.85
O6 NAG T . 8.89 -62.95 1.94
O7 NAG T . 11.68 -56.62 -0.62
C1 NAG T . 11.55 -63.19 -2.52
C2 NAG T . 11.35 -64.56 -3.18
C3 NAG T . 12.65 -65.04 -3.82
C4 NAG T . 13.20 -63.99 -4.78
C5 NAG T . 13.33 -62.65 -4.06
C6 NAG T . 13.76 -61.53 -4.98
C7 NAG T . 9.56 -65.77 -2.01
C8 NAG T . 9.25 -66.81 -0.96
N2 NAG T . 10.86 -65.52 -2.21
O3 NAG T . 12.41 -66.26 -4.52
O4 NAG T . 14.48 -64.39 -5.26
O5 NAG T . 12.06 -62.26 -3.51
O6 NAG T . 15.14 -61.25 -4.84
O7 NAG T . 8.68 -65.19 -2.63
C1 NAG U . -9.17 -58.20 10.07
C2 NAG U . -9.67 -57.86 8.66
C3 NAG U . -11.10 -58.35 8.47
C4 NAG U . -11.19 -59.83 8.80
C5 NAG U . -10.68 -60.08 10.22
C6 NAG U . -10.67 -61.54 10.60
C7 NAG U . -9.42 -55.91 7.20
C8 NAG U . -9.36 -54.41 7.12
N2 NAG U . -9.58 -56.43 8.41
O3 NAG U . -11.50 -58.13 7.12
O4 NAG U . -12.53 -60.29 8.68
O5 NAG U . -9.33 -59.61 10.32
O6 NAG U . -9.36 -61.98 10.93
O7 NAG U . -9.34 -56.62 6.19
C1 NAG U . -12.66 -60.96 7.41
C2 NAG U . -13.62 -62.14 7.56
C3 NAG U . -13.80 -62.85 6.22
C4 NAG U . -14.24 -61.84 5.15
C5 NAG U . -13.26 -60.67 5.10
C6 NAG U . -13.69 -59.58 4.14
C7 NAG U . -13.82 -63.45 9.64
C8 NAG U . -13.15 -64.43 10.56
N2 NAG U . -13.12 -63.08 8.56
O3 NAG U . -14.78 -63.87 6.35
O4 NAG U . -14.27 -62.48 3.88
O5 NAG U . -13.15 -60.07 6.39
O6 NAG U . -14.89 -59.94 3.45
O7 NAG U . -14.95 -63.02 9.87
C1 NAG V . -53.95 -10.36 -0.28
C2 NAG V . -55.36 -9.82 -0.09
C3 NAG V . -55.60 -9.40 1.36
C4 NAG V . -55.25 -10.55 2.30
C5 NAG V . -53.84 -11.03 2.04
C6 NAG V . -53.46 -12.23 2.88
C7 NAG V . -56.25 -8.85 -2.17
C8 NAG V . -56.43 -7.59 -2.97
N2 NAG V . -55.63 -8.72 -1.00
O3 NAG V . -56.95 -9.01 1.53
O4 NAG V . -55.38 -10.12 3.66
O5 NAG V . -53.70 -11.42 0.67
O6 NAG V . -53.80 -13.44 2.22
O7 NAG V . -56.67 -9.93 -2.57
C1 NAG V . -56.39 -10.94 4.29
C2 NAG V . -56.26 -10.81 5.81
C3 NAG V . -57.35 -11.62 6.50
C4 NAG V . -58.72 -11.22 5.97
C5 NAG V . -58.75 -11.34 4.45
C6 NAG V . -60.05 -10.85 3.86
C7 NAG V . -53.97 -10.38 6.60
C8 NAG V . -52.67 -11.01 7.02
N2 NAG V . -54.94 -11.23 6.24
O3 NAG V . -57.27 -11.39 7.90
O4 NAG V . -59.71 -12.08 6.53
O5 NAG V . -57.71 -10.54 3.88
O6 NAG V . -60.32 -9.50 4.22
O7 NAG V . -54.13 -9.17 6.57
C1 NAG W . -45.66 -3.39 3.02
C2 NAG W . -44.47 -4.10 3.65
C3 NAG W . -44.75 -4.40 5.13
C4 NAG W . -45.14 -3.11 5.85
C5 NAG W . -46.30 -2.44 5.14
C6 NAG W . -46.66 -1.10 5.74
C7 NAG W . -42.93 -5.70 2.59
C8 NAG W . -42.81 -7.00 1.86
N2 NAG W . -44.17 -5.34 2.94
O3 NAG W . -43.59 -4.96 5.72
O4 NAG W . -45.51 -3.40 7.20
O5 NAG W . -45.95 -2.20 3.77
O6 NAG W . -45.82 -0.06 5.25
O7 NAG W . -41.95 -5.01 2.84
C1 NAG W . -44.56 -2.79 8.09
C2 NAG W . -45.22 -2.61 9.46
C3 NAG W . -44.23 -2.02 10.45
C4 NAG W . -42.95 -2.84 10.49
C5 NAG W . -42.38 -3.00 9.09
C6 NAG W . -41.17 -3.90 9.04
C7 NAG W . -47.62 -2.20 9.74
C8 NAG W . -48.74 -1.20 9.57
N2 NAG W . -46.42 -1.79 9.37
O3 NAG W . -44.83 -1.97 11.75
O4 NAG W . -41.99 -2.20 11.32
O5 NAG W . -43.37 -3.58 8.23
O6 NAG W . -40.00 -3.23 9.50
O7 NAG W . -47.83 -3.32 10.21
C1 NAG X . -35.36 -40.18 -32.20
C2 NAG X . -36.51 -39.54 -33.00
C3 NAG X . -37.21 -40.59 -33.86
C4 NAG X . -36.21 -41.33 -34.73
C5 NAG X . -35.11 -41.93 -33.85
C6 NAG X . -34.03 -42.62 -34.65
C7 NAG X . -37.88 -37.63 -32.29
C8 NAG X . -38.87 -37.13 -31.28
N2 NAG X . -37.45 -38.89 -32.13
O3 NAG X . -38.19 -39.96 -34.68
O4 NAG X . -36.85 -42.36 -35.47
O5 NAG X . -34.48 -40.89 -33.09
O6 NAG X . -32.81 -42.66 -33.92
O7 NAG X . -37.49 -36.93 -33.22
C1 NAG X . -36.47 -42.22 -36.86
C2 NAG X . -36.78 -43.51 -37.61
C3 NAG X . -36.44 -43.37 -39.08
C4 NAG X . -37.14 -42.15 -39.68
C5 NAG X . -36.81 -40.90 -38.85
C6 NAG X . -37.57 -39.68 -39.31
C7 NAG X . -36.63 -45.54 -36.21
C8 NAG X . -35.73 -46.62 -35.71
N2 NAG X . -36.06 -44.64 -37.03
O3 NAG X . -36.84 -44.54 -39.78
O4 NAG X . -36.70 -41.94 -41.02
O5 NAG X . -37.17 -41.12 -37.48
O6 NAG X . -36.68 -38.65 -39.70
O7 NAG X . -37.81 -45.48 -35.90
C1 NAG Y . -36.76 21.02 -20.81
C2 NAG Y . -35.52 21.90 -21.04
C3 NAG Y . -35.86 23.08 -21.94
C4 NAG Y . -36.50 22.59 -23.23
C5 NAG Y . -37.71 21.72 -22.91
C6 NAG Y . -38.35 21.12 -24.15
C7 NAG Y . -33.67 22.38 -19.49
C8 NAG Y . -33.29 22.89 -18.13
N2 NAG Y . -34.98 22.36 -19.77
O3 NAG Y . -34.68 23.82 -22.22
O4 NAG Y . -36.89 23.69 -24.04
O5 NAG Y . -37.31 20.63 -22.08
O6 NAG Y . -37.38 20.52 -24.99
O7 NAG Y . -32.83 22.00 -20.30
C1 NAG Y . -36.41 23.46 -25.38
C2 NAG Y . -37.23 24.29 -26.36
C3 NAG Y . -36.70 24.10 -27.77
C4 NAG Y . -35.22 24.39 -27.84
C5 NAG Y . -34.47 23.56 -26.80
C6 NAG Y . -32.99 23.89 -26.71
C7 NAG Y . -39.50 24.52 -25.44
C8 NAG Y . -40.91 24.03 -25.50
N2 NAG Y . -38.64 23.94 -26.28
O3 NAG Y . -37.40 24.97 -28.66
O4 NAG Y . -34.71 24.08 -29.13
O5 NAG Y . -35.01 23.81 -25.49
O6 NAG Y . -32.61 24.83 -27.71
O7 NAG Y . -39.14 25.40 -24.66
C1 NAG Z . -54.36 -6.73 -21.84
C2 NAG Z . -54.27 -7.48 -23.18
C3 NAG Z . -55.20 -6.84 -24.19
C4 NAG Z . -56.62 -6.78 -23.64
C5 NAG Z . -56.62 -6.03 -22.31
C6 NAG Z . -57.97 -6.02 -21.64
C7 NAG Z . -52.44 -8.45 -24.50
C8 NAG Z . -51.00 -8.32 -24.91
N2 NAG Z . -52.90 -7.50 -23.67
O3 NAG Z . -55.18 -7.60 -25.40
O4 NAG Z . -57.48 -6.12 -24.56
O5 NAG Z . -55.72 -6.69 -21.40
O6 NAG Z . -58.64 -7.26 -21.77
O7 NAG Z . -53.15 -9.37 -24.88
C1 NAG Z . -58.32 -7.11 -25.19
C2 NAG Z . -59.55 -6.41 -25.75
C3 NAG Z . -60.44 -7.43 -26.47
C4 NAG Z . -59.64 -8.20 -27.52
C5 NAG Z . -58.40 -8.82 -26.88
C6 NAG Z . -57.49 -9.48 -27.89
C7 NAG Z . -60.71 -4.46 -24.79
C8 NAG Z . -61.46 -3.94 -23.60
N2 NAG Z . -60.30 -5.73 -24.70
O3 NAG Z . -61.53 -6.76 -27.09
O4 NAG Z . -60.44 -9.23 -28.08
O5 NAG Z . -57.62 -7.79 -26.24
O6 NAG Z . -56.72 -10.51 -27.28
O7 NAG Z . -60.47 -3.77 -25.77
C1 NAG AA . -41.59 -8.63 -1.52
C2 NAG AA . -41.22 -9.75 -2.49
C3 NAG AA . -42.03 -11.01 -2.20
C4 NAG AA . -41.87 -11.41 -0.73
C5 NAG AA . -42.24 -10.23 0.16
C6 NAG AA . -42.03 -10.50 1.63
C7 NAG AA . -40.52 -9.45 -4.84
C8 NAG AA . -40.92 -8.94 -6.19
N2 NAG AA . -41.44 -9.32 -3.87
O3 NAG AA . -41.58 -12.07 -3.04
O4 NAG AA . -42.72 -12.51 -0.45
O5 NAG AA . -41.42 -9.10 -0.17
O6 NAG AA . -41.07 -9.60 2.19
O7 NAG AA . -39.41 -9.93 -4.63
C1 NAG AA . -41.96 -13.59 0.13
C2 NAG AA . -42.91 -14.49 0.93
C3 NAG AA . -42.14 -15.65 1.54
C4 NAG AA . -41.35 -16.40 0.47
C5 NAG AA . -40.47 -15.43 -0.33
C6 NAG AA . -39.78 -16.09 -1.49
C7 NAG AA . -44.92 -13.64 2.04
C8 NAG AA . -45.46 -12.81 3.17
N2 NAG AA . -43.60 -13.72 1.95
O3 NAG AA . -43.05 -16.54 2.18
O4 NAG AA . -40.51 -17.38 1.08
O5 NAG AA . -41.28 -14.38 -0.87
O6 NAG AA . -40.70 -16.56 -2.46
O7 NAG AA . -45.67 -14.21 1.24
C1 BMA AA . -40.79 -18.67 0.51
C2 BMA AA . -39.53 -19.55 0.67
C3 BMA AA . -39.83 -20.99 0.24
C4 BMA AA . -41.12 -21.52 0.86
C5 BMA AA . -42.27 -20.55 0.58
C6 BMA AA . -43.59 -20.99 1.20
O2 BMA AA . -39.14 -19.62 2.04
O3 BMA AA . -38.74 -21.86 0.55
O4 BMA AA . -41.44 -22.80 0.35
O5 BMA AA . -41.93 -19.27 1.12
O6 BMA AA . -43.40 -21.12 2.60
C1 MAN AA . -38.36 -22.59 -0.63
C2 MAN AA . -37.82 -23.97 -0.19
C3 MAN AA . -36.50 -23.80 0.57
C4 MAN AA . -35.51 -23.00 -0.29
C5 MAN AA . -36.13 -21.65 -0.66
C6 MAN AA . -35.24 -20.83 -1.59
O2 MAN AA . -37.52 -24.80 -1.32
O3 MAN AA . -35.93 -25.06 0.94
O4 MAN AA . -34.32 -22.78 0.46
O5 MAN AA . -37.38 -21.87 -1.36
O6 MAN AA . -35.84 -19.55 -1.76
C1 MAN AA . -37.93 -26.15 -1.05
C2 MAN AA . -36.85 -27.09 -1.66
C3 MAN AA . -36.89 -27.02 -3.18
C4 MAN AA . -38.32 -27.26 -3.70
C5 MAN AA . -39.29 -26.26 -3.04
C6 MAN AA . -40.74 -26.47 -3.44
O2 MAN AA . -37.10 -28.46 -1.32
O3 MAN AA . -36.00 -27.95 -3.77
O4 MAN AA . -38.36 -27.09 -5.10
O5 MAN AA . -39.21 -26.40 -1.61
O6 MAN AA . -41.18 -27.68 -2.84
C1 NAG BA . -47.47 -35.86 -22.92
C2 NAG BA . -48.61 -36.29 -22.00
C3 NAG BA . -48.26 -37.59 -21.31
C4 NAG BA . -47.88 -38.66 -22.33
C5 NAG BA . -46.78 -38.13 -23.26
C6 NAG BA . -46.47 -39.08 -24.39
C7 NAG BA . -49.88 -34.35 -21.19
C8 NAG BA . -50.05 -33.35 -20.08
N2 NAG BA . -48.91 -35.25 -21.03
O3 NAG BA . -49.37 -38.04 -20.54
O4 NAG BA . -47.40 -39.82 -21.67
O5 NAG BA . -47.20 -36.89 -23.86
O6 NAG BA . -47.42 -38.97 -25.44
O7 NAG BA . -50.59 -34.32 -22.20
C1 NAG BA . -48.23 -40.95 -22.02
C2 NAG BA . -47.42 -42.22 -21.82
C3 NAG BA . -48.28 -43.44 -22.14
C4 NAG BA . -49.57 -43.41 -21.34
C5 NAG BA . -50.29 -42.08 -21.56
C6 NAG BA . -51.52 -41.93 -20.69
C7 NAG BA . -44.99 -42.32 -22.14
C8 NAG BA . -43.88 -42.29 -23.15
N2 NAG BA . -46.22 -42.22 -22.64
O3 NAG BA . -47.55 -44.63 -21.84
O4 NAG BA . -50.42 -44.47 -21.74
O5 NAG BA . -49.42 -40.99 -21.23
O6 NAG BA . -52.58 -41.27 -21.39
O7 NAG BA . -44.78 -42.43 -20.94
C1 NAG CA . -58.01 -13.38 -6.98
C2 NAG CA . -57.81 -14.63 -6.11
C3 NAG CA . -58.68 -15.77 -6.61
C4 NAG CA . -60.13 -15.32 -6.68
C5 NAG CA . -60.25 -14.07 -7.54
C6 NAG CA . -61.65 -13.50 -7.56
C7 NAG CA . -55.54 -14.55 -5.17
C8 NAG CA . -54.13 -15.07 -5.29
N2 NAG CA . -56.41 -15.02 -6.08
O3 NAG CA . -58.55 -16.88 -5.72
O4 NAG CA . -60.93 -16.36 -7.25
O5 NAG CA . -59.40 -13.04 -7.01
O6 NAG CA . -61.77 -12.45 -8.51
O7 NAG CA . -55.86 -13.75 -4.31
C1 NAG CA . -61.54 -17.10 -6.17
C2 NAG CA . -62.63 -18.01 -6.74
C3 NAG CA . -63.25 -18.85 -5.63
C4 NAG CA . -62.18 -19.59 -4.85
C5 NAG CA . -61.11 -18.61 -4.36
C6 NAG CA . -59.95 -19.30 -3.67
C7 NAG CA . -63.60 -16.97 -8.74
C8 NAG CA . -64.74 -16.16 -9.29
N2 NAG CA . -63.64 -17.24 -7.44
O3 NAG CA . -64.17 -19.78 -6.19
O4 NAG CA . -62.75 -20.26 -3.74
O5 NAG CA . -60.58 -17.88 -5.47
O6 NAG CA . -60.08 -19.25 -2.26
O7 NAG CA . -62.67 -17.36 -9.46
C1 NAG DA . -54.54 -1.54 -24.30
C2 NAG DA . -53.84 -2.78 -24.88
C3 NAG DA . -54.01 -2.83 -26.40
C4 NAG DA . -55.49 -2.76 -26.76
C5 NAG DA . -56.11 -1.50 -26.14
C6 NAG DA . -57.59 -1.38 -26.38
C7 NAG DA . -51.75 -3.89 -24.24
C8 NAG DA . -50.29 -3.71 -23.90
N2 NAG DA . -52.42 -2.78 -24.53
O3 NAG DA . -53.45 -4.03 -26.90
O4 NAG DA . -55.65 -2.73 -28.17
O5 NAG DA . -55.91 -1.53 -24.72
O6 NAG DA . -58.33 -1.76 -25.23
O7 NAG DA . -52.28 -5.00 -24.26
C1 NAG DA . -56.04 -4.05 -28.60
C2 NAG DA . -57.00 -3.93 -29.79
C3 NAG DA . -57.40 -5.32 -30.28
C4 NAG DA . -56.16 -6.15 -30.57
C5 NAG DA . -55.24 -6.18 -29.36
C6 NAG DA . -53.94 -6.89 -29.62
C7 NAG DA . -58.67 -2.17 -30.20
C8 NAG DA . -59.88 -1.48 -29.68
N2 NAG DA . -58.17 -3.15 -29.44
O3 NAG DA . -58.20 -5.19 -31.46
O4 NAG DA . -56.55 -7.49 -30.90
O5 NAG DA . -54.91 -4.84 -28.96
O6 NAG DA . -53.54 -7.69 -28.51
O7 NAG DA . -58.15 -1.85 -31.27
C1 NAG EA . 4.18 3.28 -54.71
C2 NAG EA . 5.08 3.68 -55.88
C3 NAG EA . 5.21 5.20 -55.94
C4 NAG EA . 3.84 5.85 -55.99
C5 NAG EA . 3.01 5.39 -54.80
C6 NAG EA . 1.59 5.92 -54.81
C7 NAG EA . 6.73 1.97 -56.49
C8 NAG EA . 8.12 1.47 -56.26
N2 NAG EA . 6.38 3.06 -55.78
O3 NAG EA . 5.96 5.56 -57.11
O4 NAG EA . 3.97 7.27 -55.97
O5 NAG EA . 2.91 3.96 -54.81
O6 NAG EA . 0.66 4.92 -54.43
O7 NAG EA . 5.97 1.45 -57.29
C1 NAG EA . 3.79 7.75 -57.31
C2 NAG EA . 3.06 9.10 -57.26
C3 NAG EA . 2.91 9.67 -58.66
C4 NAG EA . 4.26 9.73 -59.37
C5 NAG EA . 4.94 8.35 -59.33
C6 NAG EA . 6.33 8.37 -59.92
C7 NAG EA . 1.49 9.48 -55.41
C8 NAG EA . 0.10 9.24 -54.91
N2 NAG EA . 1.77 8.97 -56.62
O3 NAG EA . 2.35 10.97 -58.59
O4 NAG EA . 4.08 10.12 -60.73
O5 NAG EA . 5.05 7.91 -57.97
O6 NAG EA . 6.53 7.29 -60.81
O7 NAG EA . 2.32 10.09 -54.75
C1 NAG FA . 7.83 7.08 -44.67
C2 NAG FA . 6.70 7.41 -43.69
C3 NAG FA . 6.16 8.81 -43.97
C4 NAG FA . 7.29 9.83 -43.96
C5 NAG FA . 8.39 9.40 -44.93
C6 NAG FA . 9.59 10.31 -44.89
C7 NAG FA . 5.07 5.88 -42.69
C8 NAG FA . 3.98 4.87 -42.96
N2 NAG FA . 5.64 6.43 -43.77
O3 NAG FA . 5.19 9.14 -42.98
O4 NAG FA . 6.79 11.11 -44.34
O5 NAG FA . 8.84 8.09 -44.60
O6 NAG FA . 10.46 9.97 -43.81
O7 NAG FA . 5.41 6.17 -41.54
C1 NAG FA . 6.93 12.01 -43.22
C2 NAG FA . 6.93 13.45 -43.76
C3 NAG FA . 7.02 14.44 -42.60
C4 NAG FA . 5.92 14.17 -41.58
C5 NAG FA . 5.96 12.71 -41.14
C6 NAG FA . 4.82 12.34 -40.22
C7 NAG FA . 7.86 14.06 -45.95
C8 NAG FA . 9.11 14.21 -46.76
N2 NAG FA . 8.03 13.65 -44.69
O3 NAG FA . 6.91 15.76 -43.10
O4 NAG FA . 6.10 15.01 -40.44
O5 NAG FA . 5.85 11.85 -42.28
O6 NAG FA . 5.08 12.76 -38.88
O7 NAG FA . 6.75 14.29 -46.42
C1 NAG GA . -21.19 -36.02 -46.47
C2 NAG GA . -20.13 -36.58 -47.42
C3 NAG GA . -20.74 -37.56 -48.41
C4 NAG GA . -21.53 -38.64 -47.68
C5 NAG GA . -22.57 -37.98 -46.79
C6 NAG GA . -23.36 -38.98 -45.96
C7 NAG GA . -18.11 -35.31 -48.06
C8 NAG GA . -17.60 -34.15 -48.86
N2 NAG GA . -19.44 -35.51 -48.12
O3 NAG GA . -19.72 -38.15 -49.19
O4 NAG GA . -22.17 -39.50 -48.61
O5 NAG GA . -21.92 -37.10 -45.86
O6 NAG GA . -22.53 -39.60 -44.98
O7 NAG GA . -17.38 -36.03 -47.40
C1 NAG GA . -21.85 -40.87 -48.25
C2 NAG GA . -22.78 -41.81 -49.03
C3 NAG GA . -22.45 -43.26 -48.71
C4 NAG GA . -20.97 -43.53 -48.92
C5 NAG GA . -20.12 -42.52 -48.15
C6 NAG GA . -18.64 -42.67 -48.41
C7 NAG GA . -24.91 -40.70 -49.51
C8 NAG GA . -26.34 -40.53 -49.09
N2 NAG GA . -24.17 -41.52 -48.76
O3 NAG GA . -23.23 -44.11 -49.53
O4 NAG GA . -20.64 -44.85 -48.48
O5 NAG GA . -20.48 -41.18 -48.53
O6 NAG GA . -18.37 -42.80 -49.80
O7 NAG GA . -24.46 -40.13 -50.49
C1 NAG HA . 33.95 -11.89 -30.45
C2 NAG HA . 34.48 -12.07 -29.02
C3 NAG HA . 35.88 -12.67 -29.06
C4 NAG HA . 35.88 -13.97 -29.87
C5 NAG HA . 35.33 -13.69 -31.26
C6 NAG HA . 35.23 -14.93 -32.11
C7 NAG HA . 34.14 -10.69 -27.03
C8 NAG HA . 34.20 -9.31 -26.45
N2 NAG HA . 34.48 -10.81 -28.31
O3 NAG HA . 36.31 -12.94 -27.73
O4 NAG HA . 37.20 -14.50 -29.96
O5 NAG HA . 34.01 -13.14 -31.16
O6 NAG HA . 34.59 -15.99 -31.42
O7 NAG HA . 33.78 -11.65 -26.36
C1 NAG HA . 37.14 -15.89 -29.61
C2 NAG HA . 38.37 -16.61 -30.19
C3 NAG HA . 38.35 -18.08 -29.79
C4 NAG HA . 38.23 -18.21 -28.28
C5 NAG HA . 37.01 -17.44 -27.77
C6 NAG HA . 36.88 -17.44 -26.27
C7 NAG HA . 39.06 -15.48 -32.25
C8 NAG HA . 39.00 -15.49 -33.75
N2 NAG HA . 38.41 -16.47 -31.64
O3 NAG HA . 39.55 -18.70 -30.24
O4 NAG HA . 38.07 -19.59 -27.93
O5 NAG HA . 37.11 -16.06 -28.18
O6 NAG HA . 37.92 -18.19 -25.66
O7 NAG HA . 39.66 -14.60 -31.64
C1 NAG IA . 12.57 -16.89 -55.22
C2 NAG IA . 12.21 -18.36 -55.36
C3 NAG IA . 13.32 -19.11 -56.08
C4 NAG IA . 13.62 -18.46 -57.42
C5 NAG IA . 13.98 -16.99 -57.19
C6 NAG IA . 14.22 -16.23 -58.47
C7 NAG IA . 11.19 -20.05 -53.90
C8 NAG IA . 11.03 -20.52 -52.48
N2 NAG IA . 11.95 -18.96 -54.06
O3 NAG IA . 12.92 -20.47 -56.29
O4 NAG IA . 14.71 -19.12 -58.07
O5 NAG IA . 12.89 -16.34 -56.51
O6 NAG IA . 13.27 -16.56 -59.47
O7 NAG IA . 10.65 -20.62 -54.84
C1 NAG IA . 14.17 -19.73 -59.27
C2 NAG IA . 15.32 -20.01 -60.24
C3 NAG IA . 14.81 -20.70 -61.49
C4 NAG IA . 14.00 -21.94 -61.12
C5 NAG IA . 12.91 -21.58 -60.12
C6 NAG IA . 12.14 -22.78 -59.62
C7 NAG IA . 17.35 -18.63 -60.48
C8 NAG IA . 17.90 -17.29 -60.88
N2 NAG IA . 16.02 -18.78 -60.58
O3 NAG IA . 15.90 -21.06 -62.32
O4 NAG IA . 13.41 -22.49 -62.29
O5 NAG IA . 13.49 -20.95 -58.97
O6 NAG IA . 10.90 -22.93 -60.30
O7 NAG IA . 18.08 -19.54 -60.09
C1 NAG JA . 2.91 1.14 -42.35
C2 NAG JA . 2.04 -0.12 -42.38
C3 NAG JA . 1.01 -0.02 -43.50
C4 NAG JA . 0.20 1.27 -43.38
C5 NAG JA . 1.15 2.47 -43.33
C6 NAG JA . 0.44 3.78 -43.10
C7 NAG JA . 2.73 -2.40 -41.78
C8 NAG JA . 3.66 -3.54 -42.09
N2 NAG JA . 2.85 -1.32 -42.54
O3 NAG JA . 0.13 -1.14 -43.43
O4 NAG JA . -0.67 1.40 -44.50
O5 NAG JA . 2.08 2.30 -42.24
O6 NAG JA . 1.12 4.57 -42.13
O7 NAG JA . 1.90 -2.46 -40.87
C1 NAG JA . -2.01 1.69 -44.03
C2 NAG JA . -2.78 2.38 -45.16
C3 NAG JA . -4.20 2.67 -44.72
C4 NAG JA . -4.88 1.41 -44.22
C5 NAG JA . -4.03 0.75 -43.14
C6 NAG JA . -4.59 -0.59 -42.69
C7 NAG JA . -1.81 3.89 -46.84
C8 NAG JA . -1.10 5.20 -47.08
N2 NAG JA . -2.09 3.60 -45.57
O3 NAG JA . -4.93 3.21 -45.82
O4 NAG JA . -6.16 1.73 -43.68
O5 NAG JA . -2.71 0.50 -43.64
O6 NAG JA . -4.58 -1.53 -43.75
O7 NAG JA . -2.09 3.13 -47.77
C1 BMA JA . -7.17 0.92 -44.34
C2 BMA JA . -8.35 0.74 -43.36
C3 BMA JA . -9.51 0.04 -44.06
C4 BMA JA . -9.84 0.70 -45.41
C5 BMA JA . -8.57 0.77 -46.27
C6 BMA JA . -8.80 1.44 -47.61
O2 BMA JA . -8.84 2.00 -42.92
O3 BMA JA . -10.68 0.01 -43.24
O4 BMA JA . -10.84 -0.04 -46.09
O5 BMA JA . -7.59 1.53 -45.55
O6 BMA JA . -9.30 2.75 -47.38
C1 MAN JA . -11.20 -1.34 -43.22
C2 MAN JA . -12.70 -1.27 -42.84
C3 MAN JA . -12.86 -0.82 -41.39
C4 MAN JA . -12.02 -1.71 -40.46
C5 MAN JA . -10.55 -1.69 -40.91
C6 MAN JA . -9.67 -2.61 -40.09
O2 MAN JA . -13.31 -2.56 -42.90
O3 MAN JA . -14.22 -0.82 -40.97
O4 MAN JA . -12.10 -1.23 -39.12
O5 MAN JA . -10.47 -2.13 -42.29
O6 MAN JA . -8.33 -2.48 -40.55
C1 MAN JA . -14.59 -2.45 -43.58
C2 MAN JA . -15.59 -3.33 -42.81
C3 MAN JA . -15.25 -4.81 -43.00
C4 MAN JA . -15.08 -5.15 -44.49
C5 MAN JA . -14.04 -4.22 -45.12
C6 MAN JA . -13.88 -4.44 -46.62
O2 MAN JA . -16.92 -3.18 -43.32
O3 MAN JA . -16.22 -5.66 -42.40
O4 MAN JA . -14.67 -6.50 -44.64
O5 MAN JA . -14.46 -2.85 -44.93
O6 MAN JA . -15.09 -4.04 -47.26
C1 NAG KA . -16.19 -24.90 -56.41
C2 NAG KA . -16.56 -24.03 -57.60
C3 NAG KA . -18.06 -23.71 -57.58
C4 NAG KA . -18.86 -25.00 -57.49
C5 NAG KA . -18.40 -25.84 -56.31
C6 NAG KA . -19.07 -27.19 -56.26
C7 NAG KA . -14.67 -22.65 -58.34
C8 NAG KA . -14.00 -21.31 -58.24
N2 NAG KA . -15.78 -22.80 -57.62
O3 NAG KA . -18.40 -23.00 -58.76
O4 NAG KA . -20.25 -24.68 -57.33
O5 NAG KA . -16.99 -26.09 -56.41
O6 NAG KA . -18.54 -28.08 -57.23
O7 NAG KA . -14.22 -23.55 -59.05
C1 NAG KA . -20.99 -25.20 -58.45
C2 NAG KA . -22.47 -25.23 -58.06
C3 NAG KA . -23.31 -25.73 -59.23
C4 NAG KA . -23.02 -24.90 -60.48
C5 NAG KA . -21.52 -24.88 -60.77
C6 NAG KA . -21.15 -23.98 -61.92
C7 NAG KA . -23.16 -25.60 -55.73
C8 NAG KA . -23.31 -26.61 -54.63
N2 NAG KA . -22.67 -26.06 -56.89
O3 NAG KA . -24.68 -25.64 -58.89
O4 NAG KA . -23.70 -25.46 -61.60
O5 NAG KA . -20.81 -24.39 -59.62
O6 NAG KA . -21.60 -22.64 -61.71
O7 NAG KA . -23.46 -24.42 -55.57
C1 NAG LA . 4.01 -3.42 -59.77
C2 NAG LA . 2.56 -2.93 -59.83
C3 NAG LA . 1.84 -3.57 -61.02
C4 NAG LA . 2.61 -3.32 -62.31
C5 NAG LA . 4.05 -3.80 -62.14
C6 NAG LA . 4.92 -3.48 -63.35
C7 NAG LA . 1.92 -2.43 -57.52
C8 NAG LA . 1.14 -2.88 -56.32
N2 NAG LA . 1.86 -3.22 -58.60
O3 NAG LA . 0.53 -3.02 -61.12
O4 NAG LA . 1.99 -4.02 -63.39
O5 NAG LA . 4.66 -3.14 -61.02
O6 NAG LA . 6.15 -4.17 -63.29
O7 NAG LA . 2.57 -1.39 -57.51
C1 NAG LA . 1.19 -3.08 -64.12
C2 NAG LA . 0.73 -3.72 -65.42
C3 NAG LA . -0.18 -2.77 -66.20
C4 NAG LA . -1.32 -2.30 -65.32
C5 NAG LA . -0.78 -1.71 -64.02
C6 NAG LA . -1.88 -1.33 -63.04
C7 NAG LA . 2.43 -5.33 -66.18
C8 NAG LA . 3.60 -5.56 -67.09
N2 NAG LA . 1.87 -4.12 -66.24
O3 NAG LA . -0.69 -3.44 -67.35
O4 NAG LA . -2.10 -1.32 -65.99
O5 NAG LA . 0.04 -2.67 -63.35
O6 NAG LA . -2.30 0.02 -63.23
O7 NAG LA . 2.02 -6.20 -65.42
C1 NAG MA . 18.17 -18.17 -53.95
C2 NAG MA . 16.94 -19.01 -53.56
C3 NAG MA . 17.24 -20.50 -53.76
C4 NAG MA . 17.72 -20.76 -55.17
C5 NAG MA . 18.93 -19.88 -55.47
C6 NAG MA . 19.43 -20.03 -56.89
C7 NAG MA . 15.28 -18.77 -51.78
C8 NAG MA . 15.05 -18.46 -50.33
N2 NAG MA . 16.55 -18.74 -52.19
O3 NAG MA . 16.06 -21.24 -53.49
O4 NAG MA . 18.05 -22.13 -55.34
O5 NAG MA . 18.59 -18.51 -55.29
O6 NAG MA . 19.40 -18.78 -57.57
O7 NAG MA . 14.35 -19.03 -52.54
C1 NAG MA . 17.00 -22.74 -56.12
C2 NAG MA . 17.59 -23.85 -56.98
C3 NAG MA . 16.50 -24.54 -57.78
C4 NAG MA . 15.38 -25.02 -56.86
C5 NAG MA . 14.88 -23.86 -56.00
C6 NAG MA . 13.85 -24.29 -54.97
C7 NAG MA . 19.91 -23.67 -57.80
C8 NAG MA . 20.82 -23.04 -58.81
N2 NAG MA . 18.62 -23.33 -57.88
O3 NAG MA . 17.05 -25.65 -58.49
O4 NAG MA . 14.30 -25.54 -57.62
O5 NAG MA . 15.98 -23.28 -55.27
O6 NAG MA . 14.21 -25.51 -54.35
O7 NAG MA . 20.33 -24.47 -56.97
C1 NAG NA . 0.25 -33.12 28.71
C2 NAG NA . 0.91 -31.90 29.37
C3 NAG NA . 0.09 -31.44 30.56
C4 NAG NA . -1.37 -31.22 30.16
C5 NAG NA . -1.92 -32.46 29.46
C6 NAG NA . -3.32 -32.26 28.92
C7 NAG NA . 3.20 -31.25 29.95
C8 NAG NA . 4.56 -31.72 30.37
N2 NAG NA . 2.27 -32.20 29.77
O3 NAG NA . 0.63 -30.24 31.08
O4 NAG NA . -2.16 -30.93 31.31
O5 NAG NA . -1.09 -32.80 28.34
O6 NAG NA . -4.25 -32.03 29.97
O7 NAG NA . 2.96 -30.05 29.78
C1 NAG OA . -2.93 -62.89 13.96
C2 NAG OA . -2.53 -63.65 12.71
C3 NAG OA . -2.80 -65.14 12.89
C4 NAG OA . -2.11 -65.65 14.15
C5 NAG OA . -2.51 -64.80 15.36
C6 NAG OA . -1.76 -65.18 16.61
C7 NAG OA . -2.63 -62.63 10.47
C8 NAG OA . -3.52 -62.16 9.36
N2 NAG OA . -3.23 -63.14 11.54
O3 NAG OA . -2.33 -65.86 11.76
O4 NAG OA . -2.48 -67.01 14.39
O5 NAG OA . -2.22 -63.42 15.09
O6 NAG OA . -2.45 -64.72 17.78
O7 NAG OA . -1.40 -62.56 10.39
C1 NAG PA . 10.71 -55.00 -18.99
C2 NAG PA . 12.10 -55.42 -18.52
C3 NAG PA . 13.17 -54.66 -19.30
C4 NAG PA . 12.96 -54.85 -20.80
C5 NAG PA . 11.53 -54.47 -21.19
C6 NAG PA . 11.21 -54.76 -22.64
C7 NAG PA . 13.06 -55.90 -16.32
C8 NAG PA . 13.10 -55.52 -14.86
N2 NAG PA . 12.26 -55.18 -17.08
O3 NAG PA . 14.46 -55.14 -18.93
O4 NAG PA . 13.87 -54.03 -21.53
O5 NAG PA . 10.60 -55.23 -20.40
O6 NAG PA . 11.52 -56.11 -22.98
O7 NAG PA . 13.74 -56.83 -16.76
C1 NAG QA . -23.18 -44.62 -9.63
C2 NAG QA . -24.07 -44.07 -8.51
C3 NAG QA . -23.69 -44.71 -7.18
C4 NAG QA . -23.73 -46.22 -7.28
C5 NAG QA . -22.86 -46.69 -8.46
C6 NAG QA . -22.95 -48.18 -8.69
C7 NAG QA . -24.99 -41.83 -8.08
C8 NAG QA . -24.71 -40.36 -8.06
N2 NAG QA . -23.96 -42.62 -8.44
O3 NAG QA . -24.59 -44.27 -6.18
O4 NAG QA . -23.25 -46.81 -6.09
O5 NAG QA . -23.28 -46.05 -9.66
O6 NAG QA . -23.95 -48.49 -9.65
O7 NAG QA . -26.09 -42.29 -7.81
C1 NAG RA . 13.07 -15.44 35.49
C2 NAG RA . 13.86 -14.68 36.55
C3 NAG RA . 13.11 -14.71 37.88
C4 NAG RA . 11.68 -14.20 37.69
C5 NAG RA . 10.99 -14.97 36.58
C6 NAG RA . 9.61 -14.44 36.25
C7 NAG RA . 16.25 -14.50 37.09
C8 NAG RA . 17.55 -15.23 37.21
N2 NAG RA . 15.19 -15.23 36.70
O3 NAG RA . 13.79 -13.89 38.83
O4 NAG RA . 10.94 -14.36 38.90
O5 NAG RA . 11.76 -14.88 35.37
O6 NAG RA . 9.69 -13.24 35.49
O7 NAG RA . 16.15 -13.31 37.35
C1 NAG SA . -13.43 -63.72 -14.76
C2 NAG SA . -14.81 -64.34 -15.02
C3 NAG SA . -15.72 -64.07 -13.82
C4 NAG SA . -15.07 -64.55 -12.54
C5 NAG SA . -13.68 -63.94 -12.39
C6 NAG SA . -12.92 -64.47 -11.19
C7 NAG SA . -15.45 -64.42 -17.43
C8 NAG SA . -14.84 -65.80 -17.51
N2 NAG SA . -15.40 -63.80 -16.24
O3 NAG SA . -16.97 -64.74 -14.02
O4 NAG SA . -15.86 -64.18 -11.42
O5 NAG SA . -12.89 -64.23 -13.54
O6 NAG SA . -12.34 -65.74 -11.47
O7 NAG SA . -15.97 -63.89 -18.40
C1 NAG TA . -37.82 20.86 -7.47
C2 NAG TA . -36.99 21.68 -6.48
C3 NAG TA . -36.63 23.04 -7.10
C4 NAG TA . -35.96 22.83 -8.46
C5 NAG TA . -36.83 21.94 -9.35
C6 NAG TA . -36.18 21.61 -10.67
C7 NAG TA . -37.08 22.15 -4.07
C8 NAG TA . -37.95 22.33 -2.87
N2 NAG TA . -37.70 21.89 -5.22
O3 NAG TA . -35.75 23.74 -6.24
O4 NAG TA . -35.76 24.09 -9.10
O5 NAG TA . -37.10 20.71 -8.69
O6 NAG TA . -35.95 22.76 -11.45
O7 NAG TA . -35.86 22.27 -4.00
C1 NAG UA . -61.50 0.58 -19.34
C2 NAG UA . -62.00 -0.85 -19.21
C3 NAG UA . -63.40 -0.98 -19.84
C4 NAG UA . -64.34 0.06 -19.25
C5 NAG UA . -63.73 1.46 -19.36
C6 NAG UA . -64.55 2.52 -18.68
C7 NAG UA . -60.48 -2.78 -19.13
C8 NAG UA . -59.57 -3.65 -19.92
N2 NAG UA . -61.08 -1.80 -19.81
O3 NAG UA . -63.91 -2.29 -19.61
O4 NAG UA . -65.59 0.04 -19.93
O5 NAG UA . -62.44 1.49 -18.75
O6 NAG UA . -65.02 3.50 -19.61
O7 NAG UA . -60.68 -2.96 -17.93
C1 NAG VA . -49.99 -31.19 -5.62
C2 NAG VA . -50.80 -30.94 -4.35
C3 NAG VA . -50.19 -31.68 -3.17
C4 NAG VA . -50.01 -33.16 -3.51
C5 NAG VA . -49.24 -33.33 -4.81
C6 NAG VA . -49.14 -34.75 -5.27
C7 NAG VA . -51.98 -28.95 -3.51
C8 NAG VA . -51.92 -27.47 -3.29
N2 NAG VA . -50.91 -29.52 -4.06
O3 NAG VA . -51.02 -31.54 -2.03
O4 NAG VA . -49.29 -33.81 -2.46
O5 NAG VA . -49.90 -32.60 -5.86
O6 NAG VA . -50.42 -35.37 -5.32
O7 NAG VA . -52.97 -29.61 -3.20
C1 NAG WA . -33.79 -16.39 -34.90
C2 NAG WA . -33.28 -15.09 -35.52
C3 NAG WA . -34.28 -13.96 -35.26
C4 NAG WA . -35.67 -14.36 -35.73
C5 NAG WA . -36.08 -15.68 -35.09
C6 NAG WA . -37.40 -16.20 -35.60
C7 NAG WA . -31.05 -14.10 -35.75
C8 NAG WA . -29.74 -13.83 -35.07
N2 NAG WA . -31.96 -14.75 -35.02
O3 NAG WA . -33.84 -12.78 -35.94
O4 NAG WA . -36.60 -13.35 -35.35
O5 NAG WA . -35.10 -16.68 -35.39
O6 NAG WA . -37.22 -17.14 -36.65
O7 NAG WA . -31.26 -13.77 -36.91
C1 NAG XA . -25.97 30.02 10.51
C2 NAG XA . -25.68 31.10 11.55
C3 NAG XA . -25.83 32.49 10.95
C4 NAG XA . -24.96 32.60 9.69
C5 NAG XA . -25.28 31.47 8.72
C6 NAG XA . -24.37 31.45 7.52
C7 NAG XA . -26.15 31.13 13.97
C8 NAG XA . -27.20 30.94 15.03
N2 NAG XA . -26.56 30.95 12.71
O3 NAG XA . -25.44 33.47 11.90
O4 NAG XA . -25.22 33.85 9.05
O5 NAG XA . -25.11 30.21 9.39
O6 NAG XA . -24.00 30.13 7.16
O7 NAG XA . -24.99 31.44 14.24
C1 NAG YA . -52.97 -26.33 -30.97
C2 NAG YA . -53.13 -26.55 -32.48
C3 NAG YA . -52.92 -25.23 -33.21
C4 NAG YA . -53.85 -24.16 -32.65
C5 NAG YA . -53.68 -24.04 -31.14
C6 NAG YA . -54.66 -23.10 -30.50
C7 NAG YA . -52.46 -28.83 -33.24
C8 NAG YA . -53.88 -29.28 -33.03
N2 NAG YA . -52.18 -27.54 -32.96
O3 NAG YA . -53.17 -25.41 -34.60
O4 NAG YA . -53.56 -22.90 -33.24
O5 NAG YA . -53.88 -25.33 -30.53
O6 NAG YA . -55.99 -23.60 -30.55
O7 NAG YA . -51.59 -29.60 -33.64
C1 NAG ZA . 31.03 1.19 -30.97
C2 NAG ZA . 31.38 2.22 -29.89
C3 NAG ZA . 32.70 1.85 -29.20
C4 NAG ZA . 32.64 0.42 -28.69
C5 NAG ZA . 32.23 -0.54 -29.81
C6 NAG ZA . 32.04 -1.96 -29.34
C7 NAG ZA . 31.26 4.66 -29.73
C8 NAG ZA . 31.38 5.97 -30.47
N2 NAG ZA . 31.45 3.56 -30.45
O3 NAG ZA . 32.93 2.75 -28.13
O4 NAG ZA . 33.91 0.03 -28.19
O5 NAG ZA . 30.98 -0.11 -30.37
O6 NAG ZA . 33.26 -2.50 -28.82
O7 NAG ZA . 31.01 4.62 -28.52
C1 NAG AB . 20.84 -12.22 -59.79
C2 NAG AB . 19.61 -12.35 -60.68
C3 NAG AB . 20.01 -12.87 -62.06
C4 NAG AB . 21.11 -11.99 -62.65
C5 NAG AB . 22.27 -11.87 -61.68
C6 NAG AB . 23.34 -10.91 -62.16
C7 NAG AB . 17.37 -12.83 -59.78
C8 NAG AB . 16.48 -13.86 -59.17
N2 NAG AB . 18.61 -13.22 -60.08
O3 NAG AB . 18.87 -12.87 -62.92
O4 NAG AB . 21.57 -12.56 -63.88
O5 NAG AB . 21.81 -11.37 -60.42
O6 NAG AB . 24.47 -10.92 -61.30
O7 NAG AB . 16.98 -11.67 -59.99
C1 NAG BB . -15.18 -6.75 -56.77
C2 NAG BB . -15.05 -5.39 -57.43
C3 NAG BB . -16.19 -4.46 -57.00
C4 NAG BB . -17.53 -5.12 -57.24
C5 NAG BB . -17.57 -6.51 -56.59
C6 NAG BB . -18.83 -7.27 -56.90
C7 NAG BB . -13.11 -3.98 -57.98
C8 NAG BB . -11.79 -3.45 -57.51
N2 NAG BB . -13.76 -4.79 -57.14
O3 NAG BB . -16.10 -3.23 -57.71
O4 NAG BB . -18.57 -4.32 -56.70
O5 NAG BB . -16.47 -7.30 -57.07
O6 NAG BB . -19.07 -7.34 -58.30
O7 NAG BB . -13.57 -3.68 -59.08
C1 NAG CB . 1.43 -33.82 -38.46
C2 NAG CB . 2.67 -34.22 -37.67
C3 NAG CB . 3.93 -33.62 -38.31
C4 NAG CB . 3.99 -34.00 -39.79
C5 NAG CB . 2.70 -33.62 -40.50
C6 NAG CB . 2.66 -34.09 -41.94
C7 NAG CB . 3.08 -34.48 -35.27
C8 NAG CB . 2.87 -33.90 -33.91
N2 NAG CB . 2.56 -33.79 -36.29
O3 NAG CB . 5.08 -34.09 -37.64
O4 NAG CB . 5.08 -33.34 -40.42
O5 NAG CB . 1.58 -34.22 -39.84
O6 NAG CB . 2.06 -35.38 -42.04
O7 NAG CB . 3.69 -35.54 -35.43
C1 NAG DB . 32.31 18.96 -16.66
C2 NAG DB . 32.95 20.25 -16.16
C3 NAG DB . 34.46 20.08 -16.01
C4 NAG DB . 34.78 18.87 -15.15
C5 NAG DB . 34.05 17.63 -15.69
C6 NAG DB . 34.22 16.41 -14.80
C7 NAG DB . 32.71 22.64 -16.67
C8 NAG DB . 32.37 23.65 -17.73
N2 NAG DB . 32.66 21.37 -17.05
O3 NAG DB . 35.02 21.25 -15.43
O4 NAG DB . 36.17 18.62 -15.15
O5 NAG DB . 32.65 17.90 -15.76
O6 NAG DB . 33.34 16.45 -13.69
O7 NAG DB . 33.02 22.98 -15.53
C1 NAG EB . -3.88 -30.10 -59.46
C2 NAG EB . -3.69 -31.59 -59.73
C3 NAG EB . -2.32 -32.03 -59.21
C4 NAG EB . -1.22 -31.17 -59.80
C5 NAG EB . -1.52 -29.69 -59.55
C6 NAG EB . -0.53 -28.76 -60.23
C7 NAG EB . -5.81 -32.89 -59.72
C8 NAG EB . -5.94 -32.65 -61.20
N2 NAG EB . -4.75 -32.37 -59.10
O3 NAG EB . -2.10 -33.39 -59.56
O4 NAG EB . 0.03 -31.50 -59.22
O5 NAG EB . -2.82 -29.35 -60.06
O6 NAG EB . -0.76 -28.68 -61.62
O7 NAG EB . -6.66 -33.54 -59.11
#